data_6D1S
#
_entry.id   6D1S
#
_cell.length_a   108.517
_cell.length_b   264.846
_cell.length_c   109.153
_cell.angle_alpha   90.00
_cell.angle_beta   110.46
_cell.angle_gamma   90.00
#
_symmetry.space_group_name_H-M   'P 1 21 1'
#
_entity_poly.entity_id   1
_entity_poly.type   'polypeptide(L)'
_entity_poly.pdbx_seq_one_letter_code
;APADNAADARPVDVSVSIFINKIYGVNTLEQTYKVDGYIVAQWTGKPRKTPGDKPLIVENTQIERWINNGLWVPALEFIN
VVGSPDTGNKRLMLFPDGRVIYNARFLGSFSNDMDFRLFPFDRQQFVLELEPFSYNNQQLRFSDIQVYTENIDNEEIDEW
WIRGKASTHISDIRYDHLSSVQPNQNEFSRITVRIDAVRKIGYFVIQTYLPCIMTVILSQVSFWLNRESVPARTVFGVTT
VLTMTTLSISARNSLPKVAYATAMDWFIAVCYAFVFSALIEFATVNYFTKRGVESVSKIDRLSRIAFPLLFGIFNLVYWA
TYLN
;
_entity_poly.pdbx_strand_id   A,B,C,D,E,F,G,H,I,J
#
# COMPACT_ATOMS: atom_id res chain seq x y z
N ARG A 10 30.58 2.20 71.90
CA ARG A 10 29.56 2.41 70.87
C ARG A 10 29.81 1.69 69.52
N PRO A 11 31.03 1.87 68.91
CA PRO A 11 31.20 1.53 67.49
C PRO A 11 30.53 0.23 67.07
N VAL A 12 29.62 0.33 66.10
CA VAL A 12 28.83 -0.82 65.67
C VAL A 12 29.72 -1.80 64.93
N ASP A 13 29.85 -3.01 65.47
CA ASP A 13 30.58 -4.08 64.79
C ASP A 13 29.67 -4.65 63.71
N VAL A 14 30.15 -4.63 62.47
CA VAL A 14 29.38 -5.13 61.34
C VAL A 14 30.11 -6.34 60.78
N SER A 15 29.41 -7.47 60.73
CA SER A 15 29.94 -8.68 60.11
C SER A 15 29.47 -8.71 58.66
N VAL A 16 30.41 -8.94 57.74
CA VAL A 16 30.13 -8.86 56.31
C VAL A 16 30.50 -10.20 55.67
N SER A 17 29.60 -10.71 54.84
CA SER A 17 29.85 -11.90 54.03
C SER A 17 29.48 -11.56 52.60
N ILE A 18 30.40 -11.84 51.67
CA ILE A 18 30.21 -11.49 50.26
C ILE A 18 30.31 -12.78 49.45
N PHE A 19 29.24 -13.11 48.76
CA PHE A 19 29.20 -14.23 47.83
C PHE A 19 29.42 -13.71 46.43
N ILE A 20 30.44 -14.23 45.75
CA ILE A 20 30.75 -13.81 44.39
C ILE A 20 30.15 -14.84 43.45
N ASN A 21 29.14 -14.41 42.68
CA ASN A 21 28.49 -15.32 41.75
C ASN A 21 29.33 -15.54 40.51
N LYS A 22 29.81 -14.45 39.90
CA LYS A 22 30.65 -14.61 38.71
C LYS A 22 31.42 -13.32 38.44
N ILE A 23 32.53 -13.48 37.72
CA ILE A 23 33.34 -12.39 37.21
C ILE A 23 33.39 -12.52 35.69
N TYR A 24 33.20 -11.41 34.98
CA TYR A 24 33.18 -11.45 33.53
C TYR A 24 33.44 -10.05 32.99
N GLY A 25 33.26 -9.89 31.69
CA GLY A 25 33.38 -8.58 31.06
C GLY A 25 34.70 -7.88 31.30
N VAL A 26 35.80 -8.62 31.29
CA VAL A 26 37.11 -8.05 31.60
C VAL A 26 37.59 -7.20 30.42
N ASN A 27 37.41 -5.90 30.55
CA ASN A 27 37.78 -4.95 29.50
C ASN A 27 39.13 -4.35 29.88
N THR A 28 40.18 -4.82 29.22
CA THR A 28 41.52 -4.32 29.52
C THR A 28 41.72 -2.88 29.04
N LEU A 29 40.92 -2.42 28.07
CA LEU A 29 41.08 -1.05 27.60
C LEU A 29 40.69 -0.05 28.68
N GLU A 30 39.49 -0.20 29.24
CA GLU A 30 39.06 0.67 30.33
C GLU A 30 39.54 0.18 31.69
N GLN A 31 40.21 -0.99 31.74
CA GLN A 31 40.70 -1.56 32.98
C GLN A 31 39.56 -1.80 33.97
N THR A 32 38.43 -2.27 33.45
CA THR A 32 37.25 -2.59 34.24
C THR A 32 36.95 -4.08 34.15
N TYR A 33 36.08 -4.52 35.06
CA TYR A 33 35.63 -5.91 35.09
C TYR A 33 34.30 -5.95 35.83
N LYS A 34 33.36 -6.77 35.31
CA LYS A 34 32.04 -6.85 35.89
C LYS A 34 32.00 -7.98 36.90
N VAL A 35 31.45 -7.70 38.08
CA VAL A 35 31.35 -8.67 39.17
C VAL A 35 29.89 -8.75 39.59
N ASP A 36 29.33 -9.95 39.57
CA ASP A 36 27.99 -10.22 40.04
C ASP A 36 28.08 -11.09 41.28
N GLY A 37 27.36 -10.70 42.33
CA GLY A 37 27.38 -11.49 43.54
C GLY A 37 26.34 -11.02 44.53
N TYR A 38 26.44 -11.58 45.74
CA TYR A 38 25.57 -11.22 46.86
C TYR A 38 26.41 -10.64 47.98
N ILE A 39 25.80 -9.77 48.78
CA ILE A 39 26.47 -9.16 49.92
C ILE A 39 25.55 -9.26 51.14
N VAL A 40 26.15 -9.64 52.27
CA VAL A 40 25.44 -9.79 53.54
C VAL A 40 26.18 -8.96 54.58
N ALA A 41 25.44 -8.10 55.29
CA ALA A 41 25.99 -7.27 56.35
C ALA A 41 25.12 -7.43 57.58
N GLN A 42 25.69 -7.93 58.67
CA GLN A 42 24.96 -8.21 59.90
C GLN A 42 25.53 -7.37 61.03
N TRP A 43 24.66 -6.74 61.79
CA TRP A 43 25.06 -6.04 63.01
C TRP A 43 24.02 -6.33 64.09
N THR A 44 24.25 -5.76 65.27
CA THR A 44 23.39 -5.99 66.43
C THR A 44 22.87 -4.64 66.92
N GLY A 45 21.56 -4.42 66.77
CA GLY A 45 20.93 -3.20 67.20
C GLY A 45 20.06 -3.40 68.42
N LYS A 46 19.14 -2.46 68.61
CA LYS A 46 18.23 -2.53 69.75
C LYS A 46 17.16 -3.59 69.52
N PRO A 47 16.78 -4.33 70.55
CA PRO A 47 15.76 -5.37 70.38
C PRO A 47 14.43 -4.78 69.90
N ARG A 48 13.67 -5.61 69.19
CA ARG A 48 12.40 -5.21 68.60
C ARG A 48 11.40 -6.36 68.77
N LYS A 49 10.17 -6.12 68.32
CA LYS A 49 9.06 -7.07 68.46
C LYS A 49 8.70 -7.61 67.08
N THR A 50 9.09 -8.86 66.81
CA THR A 50 8.64 -9.43 65.54
C THR A 50 7.27 -10.06 65.70
N PRO A 51 6.48 -10.14 64.62
CA PRO A 51 5.24 -10.91 64.68
C PRO A 51 5.49 -12.38 64.92
N GLY A 52 5.12 -12.88 66.09
CA GLY A 52 5.51 -14.22 66.49
C GLY A 52 6.98 -14.29 66.85
N ASP A 53 7.39 -15.49 67.26
CA ASP A 53 8.80 -15.70 67.59
C ASP A 53 9.68 -15.70 66.34
N LYS A 54 9.09 -15.88 65.16
CA LYS A 54 9.89 -15.93 63.95
C LYS A 54 10.43 -14.55 63.62
N PRO A 55 11.65 -14.46 63.08
CA PRO A 55 12.18 -13.15 62.69
C PRO A 55 11.45 -12.63 61.48
N LEU A 56 11.49 -11.31 61.31
CA LEU A 56 10.75 -10.67 60.23
C LEU A 56 11.64 -10.47 59.01
N ILE A 57 11.04 -10.61 57.83
CA ILE A 57 11.74 -10.47 56.56
C ILE A 57 11.04 -9.39 55.76
N VAL A 58 11.81 -8.45 55.24
CA VAL A 58 11.27 -7.31 54.51
C VAL A 58 11.97 -7.22 53.16
N GLU A 59 11.20 -7.13 52.08
CA GLU A 59 11.75 -7.17 50.72
C GLU A 59 11.58 -5.80 50.05
N ASN A 60 12.67 -5.03 50.10
CA ASN A 60 12.97 -3.76 49.43
C ASN A 60 12.01 -2.61 49.71
N THR A 61 10.71 -2.87 49.65
CA THR A 61 9.84 -1.72 49.47
C THR A 61 9.28 -1.25 50.79
N GLN A 62 8.75 -2.19 51.57
CA GLN A 62 8.56 -1.95 52.98
C GLN A 62 9.84 -1.44 53.61
N ILE A 63 11.00 -1.76 53.02
CA ILE A 63 12.25 -1.29 53.61
C ILE A 63 12.21 0.23 53.77
N GLU A 64 11.69 0.93 52.76
CA GLU A 64 11.53 2.38 52.87
C GLU A 64 10.77 2.74 54.13
N ARG A 65 9.57 2.17 54.31
CA ARG A 65 8.79 2.46 55.51
C ARG A 65 9.62 2.24 56.77
N TRP A 66 10.40 1.17 56.80
CA TRP A 66 11.16 0.87 58.01
C TRP A 66 12.21 1.94 58.27
N ILE A 67 12.88 2.42 57.22
CA ILE A 67 13.83 3.50 57.43
C ILE A 67 13.13 4.84 57.57
N ASN A 68 11.84 4.90 57.25
CA ASN A 68 11.08 6.12 57.46
C ASN A 68 10.66 6.28 58.92
N ASN A 69 10.52 5.18 59.66
CA ASN A 69 10.15 5.22 61.06
C ASN A 69 11.34 5.20 61.99
N GLY A 70 12.54 5.44 61.48
CA GLY A 70 13.71 5.61 62.32
C GLY A 70 14.68 4.44 62.35
N LEU A 71 14.42 3.36 61.63
CA LEU A 71 15.35 2.24 61.61
C LEU A 71 16.65 2.67 60.95
N TRP A 72 17.77 2.31 61.56
CA TRP A 72 19.07 2.75 61.10
C TRP A 72 19.66 1.69 60.17
N VAL A 73 19.73 2.01 58.88
CA VAL A 73 20.36 1.15 57.88
C VAL A 73 21.48 1.94 57.22
N PRO A 74 22.74 1.59 57.48
CA PRO A 74 23.84 2.36 56.90
C PRO A 74 24.05 2.07 55.42
N ALA A 75 24.43 3.11 54.70
CA ALA A 75 24.69 3.00 53.27
C ALA A 75 26.14 2.58 53.04
N LEU A 76 26.32 1.51 52.29
CA LEU A 76 27.64 1.03 51.91
C LEU A 76 27.91 1.40 50.46
N GLU A 77 29.19 1.47 50.12
CA GLU A 77 29.58 1.99 48.82
C GLU A 77 30.84 1.28 48.34
N PHE A 78 30.87 0.97 47.04
CA PHE A 78 32.08 0.45 46.42
C PHE A 78 32.88 1.61 45.85
N ILE A 79 34.17 1.62 46.10
CA ILE A 79 35.00 2.73 45.63
C ILE A 79 35.49 2.50 44.21
N ASN A 80 35.88 1.26 43.89
CA ASN A 80 36.41 0.94 42.57
C ASN A 80 35.33 0.89 41.49
N VAL A 81 34.06 1.01 41.85
CA VAL A 81 32.98 0.82 40.88
C VAL A 81 32.99 1.94 39.85
N VAL A 82 32.54 1.61 38.64
CA VAL A 82 32.41 2.58 37.54
C VAL A 82 30.91 2.78 37.32
N GLY A 83 30.39 3.90 37.78
CA GLY A 83 28.97 4.16 37.73
C GLY A 83 28.23 3.48 38.86
N SER A 84 26.98 3.91 39.05
CA SER A 84 26.13 3.33 40.08
C SER A 84 25.96 1.84 39.83
N PRO A 85 26.36 0.98 40.76
CA PRO A 85 26.23 -0.47 40.53
C PRO A 85 24.78 -0.89 40.43
N ASP A 86 24.52 -1.90 39.60
CA ASP A 86 23.18 -2.41 39.41
C ASP A 86 22.75 -3.19 40.65
N THR A 87 21.84 -2.61 41.43
CA THR A 87 21.36 -3.25 42.65
C THR A 87 20.08 -4.02 42.35
N GLY A 88 20.10 -5.31 42.63
CA GLY A 88 18.93 -6.15 42.40
C GLY A 88 17.96 -6.09 43.56
N ASN A 89 17.52 -7.24 44.04
CA ASN A 89 16.63 -7.28 45.18
C ASN A 89 17.44 -7.22 46.48
N LYS A 90 16.86 -6.56 47.47
CA LYS A 90 17.43 -6.46 48.81
C LYS A 90 16.49 -7.13 49.79
N ARG A 91 16.97 -7.33 51.01
CA ARG A 91 16.15 -7.92 52.04
C ARG A 91 16.73 -7.58 53.40
N LEU A 92 15.84 -7.42 54.36
CA LEU A 92 16.19 -7.17 55.75
C LEU A 92 15.64 -8.29 56.61
N MET A 93 16.51 -8.93 57.37
CA MET A 93 16.10 -9.86 58.41
C MET A 93 16.25 -9.16 59.76
N LEU A 94 15.13 -9.00 60.44
CA LEU A 94 15.05 -8.32 61.73
C LEU A 94 14.76 -9.37 62.79
N PHE A 95 15.66 -9.50 63.73
CA PHE A 95 15.57 -10.44 64.83
C PHE A 95 15.02 -9.74 66.07
N PRO A 96 14.35 -10.48 66.95
CA PRO A 96 13.81 -9.84 68.17
C PRO A 96 14.90 -9.38 69.13
N ASP A 97 16.04 -10.07 69.17
CA ASP A 97 17.13 -9.67 70.06
C ASP A 97 17.88 -8.43 69.59
N GLY A 98 17.52 -7.85 68.44
CA GLY A 98 18.06 -6.59 67.99
C GLY A 98 18.91 -6.66 66.73
N ARG A 99 19.50 -7.82 66.46
CA ARG A 99 20.41 -7.92 65.33
C ARG A 99 19.67 -7.73 64.01
N VAL A 100 20.26 -6.93 63.13
CA VAL A 100 19.73 -6.63 61.81
C VAL A 100 20.67 -7.23 60.77
N ILE A 101 20.08 -7.73 59.67
CA ILE A 101 20.83 -8.36 58.60
C ILE A 101 20.35 -7.80 57.27
N TYR A 102 21.27 -7.27 56.48
CA TYR A 102 20.99 -6.69 55.17
C TYR A 102 21.62 -7.54 54.10
N ASN A 103 20.81 -8.09 53.21
CA ASN A 103 21.30 -8.98 52.15
C ASN A 103 20.82 -8.47 50.81
N ALA A 104 21.75 -8.28 49.86
CA ALA A 104 21.38 -7.72 48.58
C ALA A 104 22.26 -8.27 47.47
N ARG A 105 21.68 -8.40 46.27
CA ARG A 105 22.44 -8.80 45.09
C ARG A 105 22.96 -7.58 44.37
N PHE A 106 24.22 -7.64 43.94
CA PHE A 106 24.87 -6.54 43.25
C PHE A 106 25.54 -7.02 41.97
N LEU A 107 25.54 -6.12 40.98
CA LEU A 107 26.29 -6.31 39.74
C LEU A 107 26.97 -4.99 39.41
N GLY A 108 28.30 -4.97 39.49
CA GLY A 108 29.05 -3.74 39.37
C GLY A 108 30.22 -3.85 38.41
N SER A 109 30.48 -2.74 37.73
CA SER A 109 31.64 -2.61 36.86
C SER A 109 32.72 -1.92 37.69
N PHE A 110 33.71 -2.70 38.12
CA PHE A 110 34.76 -2.22 39.00
C PHE A 110 36.04 -1.93 38.21
N SER A 111 36.88 -1.09 38.80
CA SER A 111 38.12 -0.65 38.18
C SER A 111 39.28 -0.94 39.13
N ASN A 112 40.47 -1.13 38.55
CA ASN A 112 41.66 -1.35 39.34
C ASN A 112 42.88 -1.03 38.48
N ASP A 113 43.89 -0.43 39.10
CA ASP A 113 45.11 -0.06 38.38
C ASP A 113 45.80 -1.32 37.88
N MET A 114 46.01 -1.40 36.57
CA MET A 114 46.67 -2.55 35.96
C MET A 114 47.97 -2.11 35.29
N ASP A 115 48.99 -2.95 35.41
CA ASP A 115 50.31 -2.69 34.85
C ASP A 115 50.56 -3.71 33.74
N PHE A 116 50.76 -3.23 32.52
CA PHE A 116 50.82 -4.08 31.34
C PHE A 116 52.25 -4.22 30.80
N ARG A 117 53.25 -4.05 31.65
CA ARG A 117 54.63 -4.13 31.18
C ARG A 117 54.96 -5.55 30.70
N LEU A 118 54.45 -6.57 31.40
CA LEU A 118 54.70 -7.95 31.03
C LEU A 118 53.60 -8.55 30.16
N PHE A 119 52.76 -7.70 29.58
CA PHE A 119 51.69 -8.17 28.71
C PHE A 119 52.28 -8.96 27.54
N PRO A 120 51.66 -10.07 27.13
CA PRO A 120 50.43 -10.67 27.67
C PRO A 120 50.67 -11.68 28.79
N PHE A 121 51.87 -11.68 29.36
CA PHE A 121 52.18 -12.57 30.48
C PHE A 121 51.96 -11.89 31.83
N ASP A 122 51.14 -10.85 31.86
CA ASP A 122 50.95 -10.05 33.06
C ASP A 122 50.10 -10.79 34.09
N ARG A 123 50.28 -10.41 35.35
CA ARG A 123 49.46 -10.89 36.45
C ARG A 123 48.72 -9.68 37.02
N GLN A 124 47.41 -9.81 37.20
CA GLN A 124 46.59 -8.70 37.65
C GLN A 124 45.77 -9.13 38.85
N GLN A 125 45.03 -8.18 39.41
CA GLN A 125 44.22 -8.45 40.58
C GLN A 125 42.85 -7.82 40.41
N PHE A 126 41.80 -8.60 40.65
CA PHE A 126 40.44 -8.11 40.69
C PHE A 126 40.11 -7.72 42.12
N VAL A 127 39.72 -6.47 42.32
CA VAL A 127 39.64 -5.87 43.65
C VAL A 127 38.24 -5.35 43.88
N LEU A 128 37.75 -5.57 45.10
CA LEU A 128 36.51 -4.98 45.60
C LEU A 128 36.85 -4.16 46.83
N GLU A 129 36.59 -2.86 46.76
CA GLU A 129 36.85 -1.93 47.86
C GLU A 129 35.50 -1.45 48.40
N LEU A 130 35.05 -2.08 49.48
CA LEU A 130 33.79 -1.73 50.12
C LEU A 130 34.05 -0.82 51.31
N GLU A 131 33.15 0.14 51.52
CA GLU A 131 33.40 1.16 52.54
C GLU A 131 32.09 1.83 52.88
N PRO A 132 31.81 2.12 54.14
CA PRO A 132 30.56 2.77 54.48
C PRO A 132 30.58 4.25 54.12
N PHE A 133 29.39 4.78 53.85
CA PHE A 133 29.21 6.19 53.58
C PHE A 133 28.61 6.87 54.81
N SER A 134 29.02 8.10 55.05
CA SER A 134 28.44 8.98 56.08
C SER A 134 28.83 8.56 57.50
N TYR A 135 29.51 7.43 57.66
CA TYR A 135 29.83 6.93 59.00
C TYR A 135 31.29 6.51 59.07
N ASN A 136 32.01 7.07 60.04
CA ASN A 136 33.43 6.81 60.19
C ASN A 136 33.67 5.56 61.01
N ASN A 137 34.95 5.28 61.30
CA ASN A 137 35.30 4.11 62.10
C ASN A 137 34.90 4.27 63.56
N GLN A 138 34.68 5.50 64.02
CA GLN A 138 34.24 5.73 65.39
C GLN A 138 32.76 5.42 65.58
N GLN A 139 32.00 5.28 64.50
CA GLN A 139 30.58 4.93 64.56
C GLN A 139 30.27 3.55 64.03
N LEU A 140 30.93 3.15 62.93
CA LEU A 140 30.73 1.84 62.31
C LEU A 140 32.09 1.24 62.00
N ARG A 141 32.29 -0.02 62.39
CA ARG A 141 33.55 -0.71 62.19
C ARG A 141 33.28 -2.09 61.62
N PHE A 142 34.04 -2.45 60.58
CA PHE A 142 33.92 -3.77 59.98
C PHE A 142 34.69 -4.77 60.85
N SER A 143 33.98 -5.72 61.44
CA SER A 143 34.61 -6.66 62.35
C SER A 143 35.36 -7.76 61.60
N ASP A 144 34.64 -8.52 60.78
CA ASP A 144 35.23 -9.60 60.02
C ASP A 144 34.60 -9.65 58.64
N ILE A 145 35.24 -10.40 57.75
CA ILE A 145 34.79 -10.61 56.38
C ILE A 145 34.98 -12.06 55.99
N GLN A 146 34.01 -12.61 55.28
CA GLN A 146 34.06 -13.98 54.79
C GLN A 146 33.61 -13.96 53.34
N VAL A 147 34.48 -14.41 52.45
CA VAL A 147 34.20 -14.47 51.02
C VAL A 147 33.94 -15.93 50.66
N TYR A 148 32.86 -16.17 49.93
CA TYR A 148 32.48 -17.52 49.53
C TYR A 148 32.50 -17.56 48.00
N THR A 149 33.67 -17.80 47.44
CA THR A 149 33.83 -17.92 46.00
C THR A 149 33.86 -19.40 45.60
N GLU A 150 32.70 -20.03 45.76
CA GLU A 150 32.58 -21.45 45.46
C GLU A 150 32.20 -21.69 44.00
N ASN A 151 31.47 -20.75 43.39
CA ASN A 151 30.94 -20.97 42.05
C ASN A 151 32.02 -20.83 40.99
N ILE A 152 32.79 -19.75 41.01
CA ILE A 152 33.70 -19.48 39.90
C ILE A 152 35.11 -20.03 40.15
N ASP A 153 35.54 -20.16 41.41
CA ASP A 153 36.91 -20.52 41.71
C ASP A 153 37.29 -21.92 41.23
N ASN A 154 36.32 -22.76 40.90
CA ASN A 154 36.61 -24.13 40.51
C ASN A 154 37.08 -24.25 39.06
N GLU A 155 36.98 -23.17 38.28
CA GLU A 155 37.26 -23.23 36.84
C GLU A 155 37.88 -21.90 36.42
N GLU A 156 37.99 -21.70 35.11
CA GLU A 156 38.56 -20.48 34.55
C GLU A 156 37.47 -19.42 34.48
N ILE A 157 37.81 -18.21 34.04
CA ILE A 157 36.80 -17.17 34.03
C ILE A 157 36.22 -17.08 32.62
N ASP A 158 36.85 -16.30 31.76
CA ASP A 158 36.47 -16.27 30.35
C ASP A 158 37.69 -16.15 29.46
N GLU A 159 38.66 -15.35 29.92
CA GLU A 159 39.96 -15.18 29.28
C GLU A 159 41.11 -15.23 30.28
N TRP A 160 40.81 -15.40 31.56
CA TRP A 160 41.82 -15.36 32.61
C TRP A 160 41.82 -16.66 33.40
N TRP A 161 42.79 -16.76 34.31
CA TRP A 161 43.00 -17.93 35.15
C TRP A 161 43.12 -17.45 36.58
N ILE A 162 42.27 -17.96 37.46
CA ILE A 162 42.27 -17.60 38.88
C ILE A 162 43.28 -18.48 39.61
N ARG A 163 44.19 -17.84 40.34
CA ARG A 163 45.25 -18.53 41.07
C ARG A 163 45.02 -18.32 42.57
N GLY A 164 44.36 -19.28 43.20
CA GLY A 164 44.19 -19.25 44.64
C GLY A 164 42.83 -18.71 45.05
N LYS A 165 42.60 -18.74 46.36
CA LYS A 165 41.38 -18.20 46.94
C LYS A 165 41.50 -16.68 47.04
N ALA A 166 40.45 -16.06 47.57
CA ALA A 166 40.46 -14.60 47.70
C ALA A 166 41.20 -14.19 48.96
N SER A 167 41.72 -12.96 48.93
CA SER A 167 42.42 -12.36 50.07
C SER A 167 41.60 -11.21 50.61
N THR A 168 41.52 -11.11 51.94
CA THR A 168 40.72 -10.10 52.60
C THR A 168 41.59 -9.22 53.47
N HIS A 169 41.24 -7.94 53.57
CA HIS A 169 41.97 -7.02 54.42
C HIS A 169 41.05 -5.90 54.89
N ILE A 170 41.03 -5.64 56.19
CA ILE A 170 40.29 -4.53 56.78
C ILE A 170 41.28 -3.45 57.18
N SER A 171 41.05 -2.23 56.68
CA SER A 171 41.97 -1.12 56.87
C SER A 171 41.20 0.13 57.29
N ASP A 172 41.94 1.20 57.57
CA ASP A 172 41.35 2.49 57.94
C ASP A 172 41.94 3.58 57.05
N ILE A 173 41.07 4.31 56.34
CA ILE A 173 41.48 5.30 55.36
C ILE A 173 41.06 6.68 55.84
N ARG A 174 41.97 7.65 55.71
CA ARG A 174 41.71 9.02 56.12
C ARG A 174 41.34 9.85 54.90
N TYR A 175 40.27 10.65 55.03
CA TYR A 175 39.82 11.55 53.97
C TYR A 175 40.06 12.99 54.41
N ASP A 176 40.78 13.74 53.58
CA ASP A 176 41.08 15.14 53.90
C ASP A 176 39.92 16.08 53.60
N HIS A 177 38.96 15.68 52.78
CA HIS A 177 37.86 16.58 52.45
C HIS A 177 36.77 16.60 53.52
N LEU A 178 36.82 15.68 54.49
CA LEU A 178 35.98 15.78 55.68
C LEU A 178 36.73 16.34 56.87
N SER A 179 38.06 16.47 56.77
CA SER A 179 38.84 17.08 57.86
C SER A 179 38.44 18.52 58.08
N SER A 180 37.91 19.17 57.04
CA SER A 180 37.45 20.55 57.16
C SER A 180 36.28 20.69 58.12
N VAL A 181 35.61 19.59 58.50
CA VAL A 181 34.48 19.69 59.40
C VAL A 181 34.71 18.88 60.68
N GLN A 182 34.66 17.56 60.58
CA GLN A 182 34.90 16.65 61.69
C GLN A 182 36.38 16.58 62.06
N PRO A 183 36.80 17.24 63.13
CA PRO A 183 38.25 17.25 63.46
C PRO A 183 38.69 15.94 64.10
N ASN A 184 39.75 15.36 63.53
CA ASN A 184 40.38 14.12 64.02
C ASN A 184 39.40 12.95 64.08
N GLN A 185 38.33 12.97 63.29
CA GLN A 185 37.35 11.89 63.28
C GLN A 185 36.98 11.53 61.84
N ASN A 186 37.96 11.53 60.95
CA ASN A 186 37.76 11.30 59.52
C ASN A 186 38.45 10.02 59.06
N GLU A 187 38.35 8.96 59.84
CA GLU A 187 38.90 7.66 59.47
C GLU A 187 37.75 6.70 59.20
N PHE A 188 37.79 6.04 58.05
CA PHE A 188 36.74 5.14 57.61
C PHE A 188 37.27 3.73 57.53
N SER A 189 36.45 2.77 57.98
CA SER A 189 36.80 1.36 57.85
C SER A 189 36.56 0.91 56.41
N ARG A 190 37.50 0.13 55.88
CA ARG A 190 37.43 -0.31 54.49
C ARG A 190 37.70 -1.80 54.42
N ILE A 191 36.83 -2.50 53.71
CA ILE A 191 37.03 -3.91 53.38
C ILE A 191 37.62 -4.00 51.98
N THR A 192 38.65 -4.82 51.81
CA THR A 192 39.32 -4.98 50.54
C THR A 192 39.41 -6.46 50.21
N VAL A 193 38.88 -6.85 49.05
CA VAL A 193 38.92 -8.22 48.56
C VAL A 193 39.77 -8.23 47.30
N ARG A 194 40.78 -9.09 47.29
CA ARG A 194 41.72 -9.17 46.17
C ARG A 194 41.73 -10.59 45.64
N ILE A 195 41.66 -10.73 44.32
CA ILE A 195 41.73 -12.03 43.66
C ILE A 195 42.80 -11.96 42.57
N ASP A 196 43.85 -12.75 42.72
CA ASP A 196 44.93 -12.76 41.75
C ASP A 196 44.51 -13.52 40.51
N ALA A 197 44.94 -13.05 39.34
CA ALA A 197 44.58 -13.69 38.09
C ALA A 197 45.72 -13.53 37.10
N VAL A 198 45.82 -14.49 36.19
CA VAL A 198 46.81 -14.48 35.13
C VAL A 198 46.06 -14.54 33.80
N ARG A 199 46.74 -14.16 32.73
CA ARG A 199 46.13 -14.06 31.41
C ARG A 199 46.45 -15.31 30.61
N LYS A 200 45.43 -15.86 29.93
CA LYS A 200 45.66 -16.95 29.00
C LYS A 200 46.12 -16.40 27.67
N ILE A 201 47.19 -16.98 27.11
CA ILE A 201 47.90 -16.39 25.99
C ILE A 201 47.60 -17.07 24.66
N GLY A 202 46.76 -18.10 24.64
CA GLY A 202 46.51 -18.82 23.39
C GLY A 202 46.00 -17.92 22.28
N TYR A 203 45.00 -17.09 22.58
CA TYR A 203 44.48 -16.15 21.60
C TYR A 203 45.59 -15.24 21.07
N PHE A 204 46.41 -14.71 21.98
CA PHE A 204 47.47 -13.80 21.55
C PHE A 204 48.54 -14.54 20.76
N VAL A 205 48.84 -15.77 21.15
CA VAL A 205 49.75 -16.59 20.35
C VAL A 205 49.24 -16.68 18.91
N ILE A 206 48.05 -17.24 18.73
CA ILE A 206 47.51 -17.48 17.40
C ILE A 206 47.35 -16.19 16.61
N GLN A 207 47.05 -15.07 17.28
CA GLN A 207 46.74 -13.84 16.54
C GLN A 207 47.96 -12.99 16.22
N THR A 208 49.01 -13.04 17.04
CA THR A 208 50.17 -12.19 16.73
C THR A 208 51.48 -12.94 16.70
N TYR A 209 51.67 -13.92 17.59
CA TYR A 209 52.99 -14.54 17.73
C TYR A 209 53.28 -15.46 16.56
N LEU A 210 52.39 -16.43 16.33
CA LEU A 210 52.53 -17.29 15.16
C LEU A 210 52.54 -16.49 13.85
N PRO A 211 51.68 -15.48 13.64
CA PRO A 211 51.83 -14.67 12.43
C PRO A 211 53.19 -14.01 12.29
N CYS A 212 53.73 -13.44 13.38
CA CYS A 212 55.05 -12.82 13.30
C CYS A 212 56.13 -13.85 12.98
N ILE A 213 56.04 -15.03 13.61
CA ILE A 213 57.04 -16.06 13.38
C ILE A 213 57.01 -16.52 11.92
N MET A 214 55.81 -16.81 11.40
CA MET A 214 55.70 -17.23 10.01
C MET A 214 56.08 -16.10 9.05
N THR A 215 55.87 -14.85 9.44
CA THR A 215 56.31 -13.74 8.61
C THR A 215 57.84 -13.67 8.54
N VAL A 216 58.49 -13.93 9.68
CA VAL A 216 59.95 -13.99 9.68
C VAL A 216 60.45 -15.15 8.83
N ILE A 217 59.79 -16.30 8.93
CA ILE A 217 60.17 -17.45 8.09
C ILE A 217 60.01 -17.10 6.61
N LEU A 218 58.89 -16.48 6.25
CA LEU A 218 58.66 -16.06 4.87
C LEU A 218 59.73 -15.10 4.40
N SER A 219 60.12 -14.15 5.25
CA SER A 219 61.19 -13.23 4.90
C SER A 219 62.51 -13.97 4.68
N GLN A 220 62.79 -14.97 5.53
CA GLN A 220 64.04 -15.71 5.40
C GLN A 220 64.05 -16.59 4.16
N VAL A 221 62.88 -16.99 3.66
CA VAL A 221 62.81 -17.81 2.45
C VAL A 221 63.54 -17.13 1.30
N SER A 222 63.61 -15.79 1.32
CA SER A 222 64.30 -15.07 0.25
C SER A 222 65.76 -15.47 0.13
N PHE A 223 66.39 -15.82 1.26
CA PHE A 223 67.81 -16.17 1.22
C PHE A 223 68.06 -17.39 0.34
N TRP A 224 67.11 -18.32 0.29
CA TRP A 224 67.26 -19.52 -0.51
C TRP A 224 66.96 -19.28 -1.98
N LEU A 225 66.94 -18.02 -2.37
CA LEU A 225 66.96 -17.63 -3.77
C LEU A 225 68.32 -16.97 -4.03
N ASN A 226 68.91 -17.30 -5.17
CA ASN A 226 70.21 -16.74 -5.52
C ASN A 226 70.06 -15.26 -5.87
N ARG A 227 71.16 -14.65 -6.27
CA ARG A 227 71.15 -13.25 -6.66
C ARG A 227 70.54 -13.15 -8.05
N GLU A 228 69.36 -13.76 -8.16
CA GLU A 228 68.59 -13.96 -9.39
C GLU A 228 67.72 -12.73 -9.60
N SER A 229 66.65 -12.87 -10.39
CA SER A 229 65.71 -11.78 -10.59
C SER A 229 65.38 -11.13 -9.26
N VAL A 230 65.85 -9.89 -9.13
CA VAL A 230 65.71 -9.06 -7.93
C VAL A 230 64.27 -8.76 -7.54
N PRO A 231 63.36 -8.67 -8.58
CA PRO A 231 61.99 -8.35 -8.14
C PRO A 231 61.43 -9.37 -7.16
N ALA A 232 61.70 -10.65 -7.37
CA ALA A 232 61.17 -11.65 -6.44
C ALA A 232 61.57 -11.34 -5.00
N ARG A 233 62.86 -11.12 -4.76
CA ARG A 233 63.33 -10.82 -3.41
C ARG A 233 62.88 -9.44 -2.95
N THR A 234 62.69 -8.51 -3.89
CA THR A 234 62.08 -7.22 -3.57
C THR A 234 60.65 -7.40 -3.06
N VAL A 235 59.88 -8.22 -3.77
CA VAL A 235 58.52 -8.53 -3.34
C VAL A 235 58.54 -9.15 -1.94
N PHE A 236 59.42 -10.13 -1.74
CA PHE A 236 59.60 -10.71 -0.41
C PHE A 236 59.82 -9.64 0.65
N GLY A 237 60.82 -8.79 0.43
CA GLY A 237 61.18 -7.82 1.44
C GLY A 237 60.07 -6.83 1.75
N VAL A 238 59.48 -6.22 0.71
CA VAL A 238 58.48 -5.20 0.94
C VAL A 238 57.21 -5.81 1.54
N THR A 239 56.82 -6.99 1.05
CA THR A 239 55.68 -7.70 1.61
C THR A 239 55.88 -7.97 3.09
N THR A 240 57.07 -8.47 3.46
CA THR A 240 57.29 -8.84 4.85
C THR A 240 57.38 -7.62 5.76
N VAL A 241 58.04 -6.54 5.32
CA VAL A 241 58.14 -5.38 6.19
C VAL A 241 56.76 -4.72 6.37
N LEU A 242 55.96 -4.67 5.31
CA LEU A 242 54.62 -4.12 5.44
C LEU A 242 53.74 -4.99 6.32
N THR A 243 53.86 -6.30 6.18
CA THR A 243 53.11 -7.22 7.03
C THR A 243 53.46 -7.01 8.49
N MET A 244 54.76 -6.90 8.79
CA MET A 244 55.16 -6.70 10.18
C MET A 244 54.68 -5.36 10.72
N THR A 245 54.67 -4.33 9.88
CA THR A 245 54.15 -3.04 10.33
C THR A 245 52.67 -3.14 10.70
N THR A 246 51.86 -3.70 9.79
CA THR A 246 50.44 -3.84 10.08
C THR A 246 50.20 -4.73 11.28
N LEU A 247 51.03 -5.76 11.45
CA LEU A 247 50.86 -6.66 12.60
C LEU A 247 51.17 -5.94 13.90
N SER A 248 52.23 -5.14 13.94
CA SER A 248 52.54 -4.37 15.13
C SER A 248 51.38 -3.43 15.49
N ILE A 249 50.85 -2.74 14.48
CA ILE A 249 49.75 -1.81 14.74
C ILE A 249 48.54 -2.57 15.28
N SER A 250 48.13 -3.62 14.58
CA SER A 250 46.94 -4.36 14.99
C SER A 250 47.14 -5.03 16.34
N ALA A 251 48.39 -5.35 16.70
CA ALA A 251 48.65 -5.97 17.99
C ALA A 251 48.50 -4.95 19.11
N ARG A 252 49.02 -3.74 18.91
CA ARG A 252 48.84 -2.73 19.95
C ARG A 252 47.45 -2.12 19.94
N ASN A 253 46.61 -2.44 18.95
CA ASN A 253 45.24 -1.93 18.95
C ASN A 253 44.40 -2.53 20.08
N SER A 254 44.82 -3.62 20.70
CA SER A 254 44.07 -4.28 21.75
C SER A 254 44.44 -3.82 23.15
N LEU A 255 45.26 -2.78 23.28
CA LEU A 255 45.72 -2.28 24.56
C LEU A 255 45.41 -0.80 24.69
N PRO A 256 45.34 -0.29 25.91
CA PRO A 256 45.21 1.16 26.08
C PRO A 256 46.47 1.90 25.62
N LYS A 257 46.30 3.20 25.40
CA LYS A 257 47.36 4.06 24.88
C LYS A 257 48.31 4.43 26.01
N VAL A 258 49.28 3.56 26.28
CA VAL A 258 50.17 3.76 27.43
C VAL A 258 51.51 4.29 26.93
N ALA A 259 52.42 4.57 27.86
CA ALA A 259 53.73 5.10 27.52
C ALA A 259 54.83 4.07 27.54
N TYR A 260 54.67 2.97 28.27
CA TYR A 260 55.71 1.97 28.38
C TYR A 260 55.52 0.89 27.31
N ALA A 261 56.57 0.10 27.10
CA ALA A 261 56.57 -0.96 26.11
C ALA A 261 56.31 -2.30 26.78
N THR A 262 55.61 -3.17 26.06
CA THR A 262 55.25 -4.48 26.58
C THR A 262 56.17 -5.56 26.00
N ALA A 263 56.01 -6.78 26.51
CA ALA A 263 56.79 -7.90 25.98
C ALA A 263 56.42 -8.20 24.54
N MET A 264 55.13 -8.11 24.20
CA MET A 264 54.71 -8.26 22.82
C MET A 264 55.34 -7.18 21.94
N ASP A 265 55.49 -5.97 22.49
CA ASP A 265 56.14 -4.89 21.76
C ASP A 265 57.58 -5.25 21.42
N TRP A 266 58.33 -5.76 22.39
CA TRP A 266 59.72 -6.11 22.15
C TRP A 266 59.84 -7.28 21.18
N PHE A 267 58.95 -8.27 21.29
CA PHE A 267 58.98 -9.39 20.35
C PHE A 267 58.72 -8.91 18.92
N ILE A 268 57.70 -8.08 18.74
CA ILE A 268 57.40 -7.57 17.41
C ILE A 268 58.54 -6.70 16.90
N ALA A 269 59.17 -5.92 17.78
CA ALA A 269 60.29 -5.07 17.37
C ALA A 269 61.47 -5.91 16.90
N VAL A 270 61.75 -7.01 17.61
CA VAL A 270 62.86 -7.88 17.21
C VAL A 270 62.55 -8.55 15.88
N CYS A 271 61.31 -9.01 15.69
CA CYS A 271 60.94 -9.60 14.41
C CYS A 271 61.05 -8.57 13.29
N TYR A 272 60.64 -7.33 13.55
CA TYR A 272 60.76 -6.27 12.56
C TYR A 272 62.21 -6.01 12.21
N ALA A 273 63.08 -6.00 13.23
CA ALA A 273 64.51 -5.82 12.98
C ALA A 273 65.04 -6.95 12.12
N PHE A 274 64.62 -8.19 12.39
CA PHE A 274 65.08 -9.31 11.59
C PHE A 274 64.62 -9.20 10.13
N VAL A 275 63.36 -8.82 9.92
CA VAL A 275 62.84 -8.71 8.56
C VAL A 275 63.54 -7.59 7.81
N PHE A 276 63.69 -6.43 8.45
CA PHE A 276 64.36 -5.32 7.81
C PHE A 276 65.83 -5.61 7.54
N SER A 277 66.48 -6.38 8.44
CA SER A 277 67.86 -6.77 8.22
C SER A 277 67.98 -7.73 7.05
N ALA A 278 67.00 -8.65 6.90
CA ALA A 278 67.00 -9.51 5.73
C ALA A 278 66.88 -8.71 4.44
N LEU A 279 65.97 -7.73 4.42
CA LEU A 279 65.83 -6.90 3.23
C LEU A 279 67.10 -6.11 2.95
N ILE A 280 67.72 -5.55 4.00
CA ILE A 280 68.94 -4.78 3.83
C ILE A 280 70.08 -5.67 3.35
N GLU A 281 70.10 -6.93 3.81
CA GLU A 281 71.09 -7.88 3.34
C GLU A 281 70.92 -8.14 1.85
N PHE A 282 69.68 -8.33 1.41
CA PHE A 282 69.44 -8.51 -0.02
C PHE A 282 69.88 -7.29 -0.82
N ALA A 283 69.55 -6.09 -0.33
CA ALA A 283 69.97 -4.89 -1.03
C ALA A 283 71.49 -4.80 -1.11
N THR A 284 72.18 -5.18 -0.04
CA THR A 284 73.64 -5.15 -0.03
C THR A 284 74.22 -6.13 -1.05
N VAL A 285 73.74 -7.37 -1.04
CA VAL A 285 74.27 -8.35 -2.00
C VAL A 285 73.86 -8.01 -3.43
N ASN A 286 72.77 -7.27 -3.62
CA ASN A 286 72.45 -6.80 -4.96
C ASN A 286 73.36 -5.67 -5.39
N TYR A 287 73.82 -4.83 -4.46
CA TYR A 287 74.82 -3.85 -4.86
C TYR A 287 76.12 -4.53 -5.24
N PHE A 288 76.33 -5.77 -4.79
CA PHE A 288 77.49 -6.56 -5.18
C PHE A 288 77.13 -7.64 -6.19
N THR A 289 75.88 -7.69 -6.67
CA THR A 289 75.51 -8.67 -7.68
C THR A 289 76.19 -8.42 -9.02
N LYS A 290 76.60 -7.17 -9.27
CA LYS A 290 77.24 -6.83 -10.55
C LYS A 290 78.37 -7.78 -10.89
N ARG A 291 78.16 -8.55 -11.96
CA ARG A 291 78.96 -9.64 -12.48
C ARG A 291 78.14 -10.25 -13.62
N GLY A 292 78.79 -11.10 -14.41
CA GLY A 292 78.09 -11.76 -15.50
C GLY A 292 78.12 -13.26 -15.34
N VAL A 293 78.57 -13.72 -14.17
CA VAL A 293 78.57 -15.12 -13.84
C VAL A 293 77.40 -15.39 -12.92
N GLU A 294 77.09 -16.68 -12.70
CA GLU A 294 76.02 -17.07 -11.81
C GLU A 294 76.54 -17.30 -10.39
N SER A 295 77.58 -16.56 -10.01
CA SER A 295 78.32 -16.84 -8.78
C SER A 295 77.43 -16.60 -7.58
N VAL A 296 77.15 -17.66 -6.83
CA VAL A 296 76.35 -17.55 -5.62
C VAL A 296 77.22 -17.01 -4.50
N SER A 297 76.63 -16.16 -3.66
CA SER A 297 77.37 -15.35 -2.71
C SER A 297 77.39 -16.04 -1.35
N LYS A 298 78.58 -16.07 -0.73
CA LYS A 298 78.72 -16.63 0.60
C LYS A 298 77.85 -15.91 1.62
N ILE A 299 77.48 -14.65 1.36
CA ILE A 299 76.63 -13.91 2.29
C ILE A 299 75.29 -14.63 2.47
N ASP A 300 74.63 -14.95 1.36
CA ASP A 300 73.35 -15.65 1.45
C ASP A 300 73.52 -17.05 2.02
N ARG A 301 74.59 -17.74 1.63
CA ARG A 301 74.81 -19.10 2.11
C ARG A 301 75.00 -19.14 3.63
N LEU A 302 75.64 -18.11 4.19
CA LEU A 302 75.78 -18.08 5.64
C LEU A 302 74.54 -17.50 6.32
N SER A 303 73.80 -16.64 5.61
CA SER A 303 72.56 -16.11 6.18
C SER A 303 71.53 -17.21 6.37
N ARG A 304 71.46 -18.15 5.41
CA ARG A 304 70.53 -19.27 5.49
C ARG A 304 70.66 -20.05 6.80
N ILE A 305 71.76 -19.90 7.50
CA ILE A 305 71.96 -20.53 8.80
C ILE A 305 71.93 -19.51 9.94
N ALA A 306 72.53 -18.35 9.73
CA ALA A 306 72.62 -17.34 10.78
C ALA A 306 71.23 -16.84 11.18
N PHE A 307 70.40 -16.49 10.20
CA PHE A 307 69.08 -15.95 10.52
C PHE A 307 68.19 -16.95 11.23
N PRO A 308 67.98 -18.18 10.74
CA PRO A 308 67.11 -19.11 11.48
C PRO A 308 67.64 -19.46 12.86
N LEU A 309 68.96 -19.64 13.00
CA LEU A 309 69.52 -20.00 14.30
C LEU A 309 69.40 -18.83 15.28
N LEU A 310 69.67 -17.61 14.82
CA LEU A 310 69.51 -16.45 15.68
C LEU A 310 68.06 -16.28 16.11
N PHE A 311 67.12 -16.45 15.18
CA PHE A 311 65.71 -16.35 15.53
C PHE A 311 65.31 -17.43 16.53
N GLY A 312 65.83 -18.64 16.35
CA GLY A 312 65.50 -19.72 17.27
C GLY A 312 66.04 -19.48 18.67
N ILE A 313 67.29 -19.03 18.78
CA ILE A 313 67.85 -18.77 20.11
C ILE A 313 67.15 -17.58 20.75
N PHE A 314 66.75 -16.58 19.95
CA PHE A 314 65.98 -15.48 20.51
C PHE A 314 64.63 -15.95 21.03
N ASN A 315 63.94 -16.81 20.26
CA ASN A 315 62.69 -17.37 20.72
C ASN A 315 62.88 -18.17 22.00
N LEU A 316 63.97 -18.91 22.10
CA LEU A 316 64.25 -19.68 23.31
C LEU A 316 64.43 -18.75 24.50
N VAL A 317 65.25 -17.71 24.34
CA VAL A 317 65.46 -16.75 25.43
C VAL A 317 64.13 -16.12 25.84
N TYR A 318 63.35 -15.66 24.86
CA TYR A 318 62.06 -15.03 25.13
C TYR A 318 61.16 -15.96 25.93
N TRP A 319 60.89 -17.16 25.41
CA TRP A 319 59.93 -18.04 26.05
C TRP A 319 60.45 -18.61 27.37
N ALA A 320 61.77 -18.64 27.56
CA ALA A 320 62.30 -18.99 28.87
C ALA A 320 62.06 -17.87 29.86
N THR A 321 62.23 -16.62 29.43
CA THR A 321 61.75 -15.49 30.22
C THR A 321 60.22 -15.48 30.22
N TYR A 322 59.66 -14.70 31.15
CA TYR A 322 58.22 -14.47 31.22
C TYR A 322 57.42 -15.74 31.50
N LEU A 323 58.10 -16.87 31.71
CA LEU A 323 57.44 -18.13 31.97
C LEU A 323 58.19 -18.94 33.02
N ARG B 10 4.39 -26.53 56.53
CA ARG B 10 4.31 -25.13 56.14
C ARG B 10 4.58 -24.81 54.65
N PRO B 11 5.74 -25.30 54.08
CA PRO B 11 6.26 -24.73 52.83
C PRO B 11 5.20 -24.41 51.77
N VAL B 12 5.13 -23.15 51.38
CA VAL B 12 4.12 -22.69 50.44
C VAL B 12 4.44 -23.26 49.06
N ASP B 13 3.52 -24.06 48.52
CA ASP B 13 3.67 -24.61 47.18
C ASP B 13 3.34 -23.52 46.16
N VAL B 14 4.30 -23.24 45.28
CA VAL B 14 4.16 -22.22 44.24
C VAL B 14 4.22 -22.92 42.89
N SER B 15 3.20 -22.71 42.08
CA SER B 15 3.17 -23.22 40.71
C SER B 15 3.67 -22.14 39.77
N VAL B 16 4.60 -22.50 38.89
CA VAL B 16 5.25 -21.55 38.00
C VAL B 16 5.05 -22.00 36.57
N SER B 17 4.64 -21.08 35.71
CA SER B 17 4.54 -21.30 34.27
C SER B 17 5.24 -20.15 33.56
N ILE B 18 6.10 -20.48 32.60
CA ILE B 18 6.89 -19.48 31.88
C ILE B 18 6.55 -19.58 30.40
N PHE B 19 6.01 -18.50 29.84
CA PHE B 19 5.75 -18.39 28.42
C PHE B 19 6.92 -17.61 27.81
N ILE B 20 7.59 -18.20 26.83
CA ILE B 20 8.74 -17.58 26.19
C ILE B 20 8.26 -16.92 24.92
N ASN B 21 8.32 -15.59 24.89
CA ASN B 21 7.90 -14.87 23.69
C ASN B 21 8.95 -14.98 22.60
N LYS B 22 10.22 -14.71 22.93
CA LYS B 22 11.29 -14.87 21.95
C LYS B 22 12.64 -14.93 22.65
N ILE B 23 13.60 -15.54 21.96
CA ILE B 23 14.99 -15.57 22.35
C ILE B 23 15.80 -14.94 21.22
N TYR B 24 16.73 -14.06 21.57
CA TYR B 24 17.49 -13.34 20.56
C TYR B 24 18.77 -12.81 21.20
N GLY B 25 19.47 -11.94 20.47
CA GLY B 25 20.65 -11.29 21.00
C GLY B 25 21.71 -12.25 21.49
N VAL B 26 21.92 -13.35 20.78
CA VAL B 26 22.87 -14.37 21.19
C VAL B 26 24.28 -13.86 20.94
N ASN B 27 24.93 -13.35 21.98
CA ASN B 27 26.28 -12.81 21.88
C ASN B 27 27.26 -13.89 22.36
N THR B 28 27.92 -14.54 21.41
CA THR B 28 28.86 -15.60 21.76
C THR B 28 30.12 -15.06 22.42
N LEU B 29 30.43 -13.77 22.21
CA LEU B 29 31.61 -13.19 22.84
C LEU B 29 31.43 -13.09 24.35
N GLU B 30 30.34 -12.48 24.78
CA GLU B 30 30.03 -12.34 26.20
C GLU B 30 29.31 -13.56 26.76
N GLN B 31 28.96 -14.54 25.90
CA GLN B 31 28.24 -15.73 26.33
C GLN B 31 26.90 -15.38 26.97
N THR B 32 26.23 -14.38 26.41
CA THR B 32 24.92 -13.94 26.88
C THR B 32 23.87 -14.15 25.79
N TYR B 33 22.62 -14.07 26.22
CA TYR B 33 21.48 -14.17 25.30
C TYR B 33 20.27 -13.53 25.95
N LYS B 34 19.50 -12.79 25.15
CA LYS B 34 18.34 -12.06 25.65
C LYS B 34 17.08 -12.91 25.50
N VAL B 35 16.28 -12.96 26.55
CA VAL B 35 15.04 -13.73 26.58
C VAL B 35 13.91 -12.78 26.97
N ASP B 36 12.89 -12.70 26.12
CA ASP B 36 11.69 -11.92 26.40
C ASP B 36 10.54 -12.91 26.56
N GLY B 37 9.78 -12.76 27.64
CA GLY B 37 8.67 -13.66 27.87
C GLY B 37 7.84 -13.20 29.05
N TYR B 38 6.94 -14.09 29.46
CA TYR B 38 6.08 -13.84 30.61
C TYR B 38 6.37 -14.88 31.68
N ILE B 39 6.12 -14.51 32.93
CA ILE B 39 6.30 -15.40 34.07
C ILE B 39 5.05 -15.35 34.92
N VAL B 40 4.58 -16.53 35.33
CA VAL B 40 3.38 -16.68 36.15
C VAL B 40 3.74 -17.52 37.36
N ALA B 41 3.39 -17.03 38.55
CA ALA B 41 3.64 -17.73 39.81
C ALA B 41 2.32 -17.78 40.58
N GLN B 42 1.83 -18.99 40.84
CA GLN B 42 0.54 -19.19 41.48
C GLN B 42 0.75 -19.95 42.78
N TRP B 43 0.14 -19.45 43.86
CA TRP B 43 0.12 -20.16 45.12
C TRP B 43 -1.27 -20.01 45.74
N THR B 44 -1.45 -20.58 46.92
CA THR B 44 -2.72 -20.58 47.62
C THR B 44 -2.51 -19.95 48.99
N GLY B 45 -3.08 -18.77 49.20
CA GLY B 45 -2.97 -18.06 50.45
C GLY B 45 -4.25 -18.07 51.25
N LYS B 46 -4.36 -17.11 52.16
CA LYS B 46 -5.54 -17.02 53.00
C LYS B 46 -6.72 -16.49 52.19
N PRO B 47 -7.92 -17.03 52.39
CA PRO B 47 -9.08 -16.53 51.63
C PRO B 47 -9.37 -15.07 51.93
N ARG B 48 -9.98 -14.40 50.96
CA ARG B 48 -10.30 -12.99 51.07
C ARG B 48 -11.68 -12.74 50.50
N LYS B 49 -12.16 -11.51 50.61
CA LYS B 49 -13.48 -11.11 50.16
C LYS B 49 -13.30 -10.13 49.01
N THR B 50 -13.54 -10.60 47.78
CA THR B 50 -13.45 -9.68 46.66
C THR B 50 -14.77 -8.96 46.44
N PRO B 51 -14.73 -7.77 45.83
CA PRO B 51 -15.99 -7.12 45.42
C PRO B 51 -16.72 -7.94 44.37
N GLY B 52 -17.86 -8.50 44.75
CA GLY B 52 -18.54 -9.46 43.91
C GLY B 52 -17.82 -10.80 43.92
N ASP B 53 -18.43 -11.77 43.24
CA ASP B 53 -17.84 -13.10 43.10
C ASP B 53 -16.62 -13.10 42.18
N LYS B 54 -16.47 -12.08 41.34
CA LYS B 54 -15.37 -12.06 40.39
C LYS B 54 -14.04 -11.84 41.12
N PRO B 55 -12.96 -12.46 40.66
CA PRO B 55 -11.66 -12.23 41.30
C PRO B 55 -11.16 -10.83 40.98
N LEU B 56 -10.27 -10.34 41.83
CA LEU B 56 -9.79 -8.97 41.67
C LEU B 56 -8.48 -8.94 40.89
N ILE B 57 -8.31 -7.89 40.10
CA ILE B 57 -7.14 -7.72 39.24
C ILE B 57 -6.48 -6.41 39.62
N VAL B 58 -5.16 -6.45 39.83
CA VAL B 58 -4.39 -5.30 40.26
C VAL B 58 -3.22 -5.13 39.31
N GLU B 59 -3.06 -3.91 38.76
CA GLU B 59 -2.06 -3.66 37.73
C GLU B 59 -0.98 -2.71 38.27
N ASN B 60 0.15 -3.32 38.62
CA ASN B 60 1.45 -2.78 39.02
C ASN B 60 1.44 -1.81 40.19
N THR B 61 0.52 -0.85 40.18
CA THR B 61 0.80 0.29 41.03
C THR B 61 0.06 0.15 42.34
N GLN B 62 -1.24 -0.13 42.25
CA GLN B 62 -1.94 -0.66 43.38
C GLN B 62 -1.21 -1.86 43.96
N ILE B 63 -0.40 -2.57 43.15
CA ILE B 63 0.31 -3.73 43.70
C ILE B 63 1.12 -3.30 44.92
N GLU B 64 1.83 -2.18 44.79
CA GLU B 64 2.57 -1.64 45.93
C GLU B 64 1.63 -1.45 47.11
N ARG B 65 0.55 -0.72 46.91
CA ARG B 65 -0.41 -0.48 47.97
C ARG B 65 -0.87 -1.79 48.61
N TRP B 66 -1.09 -2.82 47.80
CA TRP B 66 -1.59 -4.07 48.35
C TRP B 66 -0.55 -4.72 49.26
N ILE B 67 0.73 -4.67 48.89
CA ILE B 67 1.75 -5.21 49.79
C ILE B 67 2.02 -4.27 50.95
N ASN B 68 1.53 -3.03 50.88
CA ASN B 68 1.64 -2.13 52.01
C ASN B 68 0.59 -2.44 53.08
N ASN B 69 -0.52 -3.04 52.68
CA ASN B 69 -1.57 -3.44 53.60
C ASN B 69 -1.41 -4.88 54.09
N GLY B 70 -0.23 -5.47 53.88
CA GLY B 70 0.10 -6.76 54.44
C GLY B 70 0.10 -7.92 53.47
N LEU B 71 -0.19 -7.69 52.19
CA LEU B 71 -0.16 -8.79 51.23
C LEU B 71 1.26 -9.31 51.05
N TRP B 72 1.41 -10.63 51.07
CA TRP B 72 2.71 -11.29 51.01
C TRP B 72 2.98 -11.65 49.55
N VAL B 73 3.93 -10.97 48.93
CA VAL B 73 4.33 -11.27 47.56
C VAL B 73 5.82 -11.63 47.56
N PRO B 74 6.17 -12.89 47.34
CA PRO B 74 7.58 -13.28 47.40
C PRO B 74 8.34 -12.80 46.18
N ALA B 75 9.60 -12.45 46.39
CA ALA B 75 10.46 -11.97 45.33
C ALA B 75 11.15 -13.16 44.66
N LEU B 76 11.01 -13.25 43.35
CA LEU B 76 11.70 -14.26 42.57
C LEU B 76 12.85 -13.60 41.83
N GLU B 77 13.87 -14.41 41.50
CA GLU B 77 15.09 -13.84 40.95
C GLU B 77 15.71 -14.83 39.97
N PHE B 78 16.23 -14.29 38.87
CA PHE B 78 16.96 -15.11 37.91
C PHE B 78 18.45 -15.10 38.28
N ILE B 79 19.07 -16.26 38.26
CA ILE B 79 20.47 -16.37 38.62
C ILE B 79 21.39 -16.07 37.44
N ASN B 80 21.03 -16.55 36.24
CA ASN B 80 21.86 -16.34 35.07
C ASN B 80 21.79 -14.92 34.54
N VAL B 81 20.89 -14.08 35.07
CA VAL B 81 20.68 -12.76 34.49
C VAL B 81 21.90 -11.88 34.69
N VAL B 82 22.10 -10.97 33.75
CA VAL B 82 23.17 -9.98 33.81
C VAL B 82 22.50 -8.64 34.06
N GLY B 83 22.58 -8.15 35.29
CA GLY B 83 21.89 -6.93 35.67
C GLY B 83 20.43 -7.15 35.95
N SER B 84 19.82 -6.15 36.58
CA SER B 84 18.40 -6.21 36.88
C SER B 84 17.62 -6.34 35.58
N PRO B 85 16.86 -7.42 35.39
CA PRO B 85 16.12 -7.58 34.13
C PRO B 85 15.05 -6.51 33.98
N ASP B 86 14.83 -6.11 32.73
CA ASP B 86 13.81 -5.10 32.44
C ASP B 86 12.44 -5.73 32.61
N THR B 87 11.74 -5.37 33.68
CA THR B 87 10.42 -5.90 33.97
C THR B 87 9.36 -4.97 33.41
N GLY B 88 8.47 -5.52 32.59
CA GLY B 88 7.41 -4.73 32.01
C GLY B 88 6.25 -4.57 32.96
N ASN B 89 5.04 -4.85 32.50
CA ASN B 89 3.87 -4.73 33.36
C ASN B 89 3.72 -5.97 34.23
N LYS B 90 3.20 -5.76 35.44
CA LYS B 90 2.91 -6.83 36.38
C LYS B 90 1.41 -6.86 36.61
N ARG B 91 0.94 -7.94 37.23
CA ARG B 91 -0.46 -8.03 37.55
C ARG B 91 -0.65 -9.08 38.63
N LEU B 92 -1.62 -8.83 39.49
CA LEU B 92 -2.02 -9.75 40.54
C LEU B 92 -3.47 -10.13 40.33
N MET B 93 -3.73 -11.43 40.25
CA MET B 93 -5.08 -11.96 40.27
C MET B 93 -5.31 -12.55 41.66
N LEU B 94 -6.27 -11.98 42.37
CA LEU B 94 -6.60 -12.35 43.73
C LEU B 94 -7.94 -13.05 43.74
N PHE B 95 -7.95 -14.30 44.15
CA PHE B 95 -9.15 -15.12 44.20
C PHE B 95 -9.75 -15.10 45.61
N PRO B 96 -11.07 -15.27 45.73
CA PRO B 96 -11.66 -15.30 47.07
C PRO B 96 -11.25 -16.51 47.89
N ASP B 97 -10.99 -17.65 47.26
CA ASP B 97 -10.59 -18.84 48.00
C ASP B 97 -9.16 -18.78 48.50
N GLY B 98 -8.41 -17.70 48.23
CA GLY B 98 -7.09 -17.49 48.80
C GLY B 98 -5.96 -17.52 47.81
N ARG B 99 -6.13 -18.24 46.69
CA ARG B 99 -5.04 -18.40 45.74
C ARG B 99 -4.68 -17.08 45.10
N VAL B 100 -3.39 -16.80 45.02
CA VAL B 100 -2.84 -15.59 44.41
C VAL B 100 -2.06 -15.98 43.17
N ILE B 101 -2.15 -15.14 42.14
CA ILE B 101 -1.44 -15.39 40.88
C ILE B 101 -0.73 -14.10 40.48
N TYR B 102 0.59 -14.20 40.26
CA TYR B 102 1.42 -13.08 39.87
C TYR B 102 1.89 -13.30 38.44
N ASN B 103 1.53 -12.39 37.54
CA ASN B 103 1.88 -12.51 36.13
C ASN B 103 2.61 -11.26 35.69
N ALA B 104 3.80 -11.42 35.11
CA ALA B 104 4.58 -10.25 34.73
C ALA B 104 5.41 -10.56 33.49
N ARG B 105 5.62 -9.53 32.67
CA ARG B 105 6.47 -9.67 31.50
C ARG B 105 7.91 -9.27 31.87
N PHE B 106 8.86 -10.08 31.42
CA PHE B 106 10.27 -9.86 31.70
C PHE B 106 11.08 -9.94 30.41
N LEU B 107 12.13 -9.14 30.36
CA LEU B 107 13.10 -9.19 29.27
C LEU B 107 14.48 -9.11 29.90
N GLY B 108 15.23 -10.20 29.85
CA GLY B 108 16.47 -10.30 30.58
C GLY B 108 17.61 -10.84 29.73
N SER B 109 18.80 -10.33 30.02
CA SER B 109 20.03 -10.82 29.40
C SER B 109 20.64 -11.87 30.32
N PHE B 110 20.53 -13.13 29.94
CA PHE B 110 21.01 -14.24 30.75
C PHE B 110 22.35 -14.74 30.25
N SER B 111 23.08 -15.40 31.14
CA SER B 111 24.41 -15.91 30.85
C SER B 111 24.46 -17.40 31.15
N ASN B 112 25.34 -18.10 30.45
CA ASN B 112 25.53 -19.52 30.70
C ASN B 112 26.89 -19.94 30.16
N ASP B 113 27.57 -20.81 30.90
CA ASP B 113 28.88 -21.29 30.47
C ASP B 113 28.74 -22.06 29.16
N MET B 114 29.43 -21.60 28.12
CA MET B 114 29.38 -22.22 26.81
C MET B 114 30.76 -22.76 26.45
N ASP B 115 30.77 -23.91 25.80
CA ASP B 115 32.00 -24.60 25.42
C ASP B 115 32.13 -24.55 23.89
N PHE B 116 33.19 -23.92 23.41
CA PHE B 116 33.37 -23.65 21.99
C PHE B 116 34.44 -24.53 21.37
N ARG B 117 34.68 -25.72 21.94
CA ARG B 117 35.70 -26.60 21.40
C ARG B 117 35.33 -27.09 20.01
N LEU B 118 34.04 -27.35 19.77
CA LEU B 118 33.56 -27.84 18.49
C LEU B 118 33.09 -26.72 17.57
N PHE B 119 33.44 -25.48 17.88
CA PHE B 119 33.05 -24.36 17.04
C PHE B 119 33.59 -24.54 15.62
N PRO B 120 32.82 -24.19 14.59
CA PRO B 120 31.46 -23.64 14.64
C PRO B 120 30.36 -24.70 14.61
N PHE B 121 30.70 -25.95 14.87
CA PHE B 121 29.74 -27.04 14.93
C PHE B 121 29.26 -27.33 16.35
N ASP B 122 29.38 -26.35 17.25
CA ASP B 122 29.08 -26.59 18.65
C ASP B 122 27.57 -26.66 18.90
N ARG B 123 27.20 -27.37 19.96
CA ARG B 123 25.84 -27.41 20.46
C ARG B 123 25.83 -26.83 21.87
N GLN B 124 24.89 -25.92 22.12
CA GLN B 124 24.85 -25.20 23.38
C GLN B 124 23.46 -25.31 24.00
N GLN B 125 23.32 -24.72 25.19
CA GLN B 125 22.06 -24.73 25.93
C GLN B 125 21.76 -23.34 26.46
N PHE B 126 20.53 -22.89 26.23
CA PHE B 126 20.03 -21.65 26.83
C PHE B 126 19.33 -22.00 28.13
N VAL B 127 19.77 -21.38 29.23
CA VAL B 127 19.39 -21.81 30.57
C VAL B 127 18.75 -20.64 31.32
N LEU B 128 17.67 -20.94 32.03
CA LEU B 128 17.03 -20.02 32.96
C LEU B 128 17.03 -20.65 34.34
N GLU B 129 17.68 -20.00 35.30
CA GLU B 129 17.75 -20.47 36.67
C GLU B 129 16.96 -19.51 37.54
N LEU B 130 15.73 -19.87 37.87
CA LEU B 130 14.84 -19.07 38.69
C LEU B 130 14.89 -19.57 40.13
N GLU B 131 14.80 -18.64 41.08
CA GLU B 131 15.01 -19.00 42.48
C GLU B 131 14.40 -17.93 43.37
N PRO B 132 13.73 -18.30 44.45
CA PRO B 132 13.15 -17.29 45.33
C PRO B 132 14.22 -16.63 46.19
N PHE B 133 13.95 -15.40 46.57
CA PHE B 133 14.81 -14.65 47.47
C PHE B 133 14.19 -14.63 48.86
N SER B 134 15.06 -14.67 49.89
CA SER B 134 14.68 -14.49 51.28
C SER B 134 13.91 -15.68 51.86
N TYR B 135 13.58 -16.66 51.01
CA TYR B 135 12.75 -17.78 51.45
C TYR B 135 13.35 -19.10 51.00
N ASN B 136 13.58 -19.99 51.95
CA ASN B 136 14.23 -21.27 51.69
C ASN B 136 13.19 -22.31 51.27
N ASN B 137 13.65 -23.57 51.11
CA ASN B 137 12.74 -24.64 50.75
C ASN B 137 11.81 -25.02 51.90
N GLN B 138 12.16 -24.66 53.13
CA GLN B 138 11.29 -24.86 54.28
C GLN B 138 10.18 -23.83 54.35
N GLN B 139 10.27 -22.75 53.57
CA GLN B 139 9.24 -21.71 53.50
C GLN B 139 8.53 -21.66 52.17
N LEU B 140 9.25 -21.81 51.06
CA LEU B 140 8.69 -21.75 49.72
C LEU B 140 9.22 -22.92 48.91
N ARG B 141 8.32 -23.64 48.25
CA ARG B 141 8.68 -24.83 47.48
C ARG B 141 8.01 -24.75 46.11
N PHE B 142 8.79 -25.01 45.07
CA PHE B 142 8.26 -25.02 43.71
C PHE B 142 7.56 -26.35 43.44
N SER B 143 6.25 -26.29 43.21
CA SER B 143 5.47 -27.52 43.04
C SER B 143 5.65 -28.11 41.65
N ASP B 144 5.31 -27.35 40.62
CA ASP B 144 5.43 -27.82 39.24
C ASP B 144 5.92 -26.69 38.36
N ILE B 145 6.39 -27.05 37.18
CA ILE B 145 6.89 -26.08 36.20
C ILE B 145 6.41 -26.51 34.82
N GLN B 146 5.93 -25.55 34.04
CA GLN B 146 5.45 -25.80 32.69
C GLN B 146 5.92 -24.67 31.80
N VAL B 147 6.65 -25.00 30.73
CA VAL B 147 7.15 -24.02 29.77
C VAL B 147 6.31 -24.12 28.51
N TYR B 148 5.85 -22.97 28.01
CA TYR B 148 5.01 -22.89 26.83
C TYR B 148 5.78 -22.10 25.77
N THR B 149 6.61 -22.82 25.01
CA THR B 149 7.42 -22.24 23.96
C THR B 149 6.76 -22.45 22.59
N GLU B 150 5.67 -21.71 22.38
CA GLU B 150 4.90 -21.87 21.15
C GLU B 150 5.43 -21.00 20.01
N ASN B 151 6.03 -19.86 20.32
CA ASN B 151 6.49 -18.93 19.30
C ASN B 151 7.79 -19.42 18.66
N ILE B 152 8.73 -19.87 19.48
CA ILE B 152 10.08 -20.17 19.01
C ILE B 152 10.24 -21.61 18.53
N ASP B 153 9.34 -22.51 18.92
CA ASP B 153 9.47 -23.94 18.65
C ASP B 153 9.53 -24.27 17.17
N ASN B 154 9.24 -23.32 16.28
CA ASN B 154 9.23 -23.60 14.85
C ASN B 154 10.63 -23.64 14.23
N GLU B 155 11.67 -23.83 15.04
CA GLU B 155 13.07 -23.73 14.57
C GLU B 155 13.33 -22.35 13.99
N GLU B 156 13.29 -21.38 14.90
CA GLU B 156 13.39 -19.96 14.55
C GLU B 156 14.76 -19.61 13.99
N ILE B 157 14.94 -18.30 13.76
CA ILE B 157 16.05 -17.69 13.05
C ILE B 157 17.06 -17.06 14.02
N ASP B 158 17.98 -16.28 13.46
CA ASP B 158 19.02 -15.53 14.18
C ASP B 158 20.17 -16.42 14.64
N GLU B 159 20.80 -17.10 13.68
CA GLU B 159 22.08 -17.79 13.75
C GLU B 159 21.99 -19.14 14.46
N TRP B 160 20.86 -19.51 15.04
CA TRP B 160 20.78 -20.80 15.72
C TRP B 160 19.58 -21.60 15.22
N TRP B 161 19.54 -22.84 15.67
CA TRP B 161 18.48 -23.79 15.34
C TRP B 161 18.06 -24.44 16.65
N ILE B 162 16.77 -24.33 16.98
CA ILE B 162 16.25 -24.92 18.21
C ILE B 162 15.88 -26.37 17.92
N ARG B 163 16.43 -27.29 18.69
CA ARG B 163 16.22 -28.71 18.48
C ARG B 163 15.48 -29.29 19.69
N GLY B 164 14.16 -29.42 19.58
CA GLY B 164 13.36 -30.06 20.60
C GLY B 164 12.68 -29.05 21.52
N LYS B 165 11.84 -29.59 22.41
CA LYS B 165 11.15 -28.79 23.39
C LYS B 165 12.07 -28.47 24.57
N ALA B 166 11.54 -27.73 25.54
CA ALA B 166 12.31 -27.33 26.70
C ALA B 166 12.36 -28.44 27.74
N SER B 167 13.41 -28.40 28.55
CA SER B 167 13.59 -29.33 29.67
C SER B 167 13.48 -28.57 30.98
N THR B 168 12.78 -29.16 31.95
CA THR B 168 12.57 -28.53 33.24
C THR B 168 13.15 -29.41 34.35
N HIS B 169 13.69 -28.77 35.38
CA HIS B 169 14.22 -29.51 36.51
C HIS B 169 14.13 -28.66 37.78
N ILE B 170 13.60 -29.24 38.84
CA ILE B 170 13.51 -28.59 40.14
C ILE B 170 14.56 -29.21 41.06
N SER B 171 15.42 -28.38 41.64
CA SER B 171 16.54 -28.83 42.45
C SER B 171 16.61 -28.00 43.74
N ASP B 172 17.56 -28.36 44.61
CA ASP B 172 17.79 -27.67 45.87
C ASP B 172 19.27 -27.31 45.98
N ILE B 173 19.55 -26.02 46.17
CA ILE B 173 20.91 -25.49 46.16
C ILE B 173 21.26 -24.98 47.56
N ARG B 174 22.45 -25.32 48.03
CA ARG B 174 22.93 -24.92 49.36
C ARG B 174 23.86 -23.73 49.21
N TYR B 175 23.69 -22.72 50.06
CA TYR B 175 24.52 -21.53 50.09
C TYR B 175 25.35 -21.50 51.36
N ASP B 176 26.68 -21.38 51.20
CA ASP B 176 27.58 -21.32 52.34
C ASP B 176 27.64 -19.94 52.98
N HIS B 177 27.22 -18.90 52.27
CA HIS B 177 27.29 -17.54 52.79
C HIS B 177 26.13 -17.17 53.71
N LEU B 178 25.11 -18.03 53.81
CA LEU B 178 24.08 -17.86 54.83
C LEU B 178 24.31 -18.71 56.07
N SER B 179 25.29 -19.61 56.05
CA SER B 179 25.60 -20.41 57.22
C SER B 179 26.04 -19.56 58.40
N SER B 180 26.59 -18.36 58.14
CA SER B 180 26.96 -17.46 59.22
C SER B 180 25.76 -16.98 60.01
N VAL B 181 24.54 -17.12 59.49
CA VAL B 181 23.35 -16.66 60.20
C VAL B 181 22.38 -17.81 60.41
N GLN B 182 21.73 -18.24 59.34
CA GLN B 182 20.73 -19.30 59.30
C GLN B 182 21.35 -20.69 59.46
N PRO B 183 21.27 -21.31 60.64
CA PRO B 183 21.89 -22.62 60.83
C PRO B 183 21.02 -23.72 60.23
N ASN B 184 21.61 -24.54 59.37
CA ASN B 184 20.96 -25.68 58.73
C ASN B 184 19.70 -25.29 57.97
N GLN B 185 19.59 -24.03 57.55
CA GLN B 185 18.41 -23.56 56.83
C GLN B 185 18.82 -22.71 55.63
N ASN B 186 19.86 -23.14 54.93
CA ASN B 186 20.41 -22.41 53.79
C ASN B 186 20.25 -23.20 52.50
N GLU B 187 19.11 -23.85 52.32
CA GLU B 187 18.79 -24.58 51.10
C GLU B 187 17.62 -23.89 50.39
N PHE B 188 17.80 -23.57 49.11
CA PHE B 188 16.80 -22.88 48.32
C PHE B 188 16.35 -23.75 47.15
N SER B 189 15.05 -23.74 46.88
CA SER B 189 14.50 -24.44 45.72
C SER B 189 14.77 -23.64 44.45
N ARG B 190 15.18 -24.32 43.38
CA ARG B 190 15.55 -23.67 42.14
C ARG B 190 14.90 -24.37 40.95
N ILE B 191 14.29 -23.58 40.07
CA ILE B 191 13.76 -24.05 38.80
C ILE B 191 14.81 -23.81 37.73
N THR B 192 15.04 -24.82 36.88
CA THR B 192 16.01 -24.72 35.80
C THR B 192 15.32 -25.13 34.51
N VAL B 193 15.34 -24.23 33.53
CA VAL B 193 14.78 -24.47 32.20
C VAL B 193 15.92 -24.46 31.20
N ARG B 194 16.04 -25.54 30.43
CA ARG B 194 17.14 -25.70 29.50
C ARG B 194 16.57 -25.91 28.09
N ILE B 195 17.15 -25.21 27.12
CA ILE B 195 16.73 -25.34 25.72
C ILE B 195 17.97 -25.64 24.90
N ASP B 196 18.01 -26.83 24.30
CA ASP B 196 19.15 -27.23 23.49
C ASP B 196 19.09 -26.54 22.13
N ALA B 197 20.25 -26.11 21.63
CA ALA B 197 20.30 -25.43 20.35
C ALA B 197 21.61 -25.75 19.65
N VAL B 198 21.57 -25.70 18.32
CA VAL B 198 22.75 -25.93 17.48
C VAL B 198 22.97 -24.69 16.63
N ARG B 199 24.17 -24.57 16.09
CA ARG B 199 24.57 -23.39 15.32
C ARG B 199 24.44 -23.65 13.83
N LYS B 200 23.87 -22.68 13.12
CA LYS B 200 23.84 -22.72 11.66
C LYS B 200 25.19 -22.25 11.13
N ILE B 201 25.78 -23.02 10.21
CA ILE B 201 27.17 -22.81 9.82
C ILE B 201 27.30 -22.10 8.47
N GLY B 202 26.20 -21.78 7.81
CA GLY B 202 26.29 -21.18 6.48
C GLY B 202 27.11 -19.90 6.45
N TYR B 203 26.84 -19.00 7.39
CA TYR B 203 27.59 -17.75 7.48
C TYR B 203 29.08 -18.03 7.63
N PHE B 204 29.43 -18.96 8.52
CA PHE B 204 30.84 -19.25 8.76
C PHE B 204 31.48 -19.93 7.56
N VAL B 205 30.72 -20.79 6.88
CA VAL B 205 31.19 -21.36 5.61
C VAL B 205 31.58 -20.24 4.66
N ILE B 206 30.61 -19.40 4.31
CA ILE B 206 30.82 -18.34 3.32
C ILE B 206 31.93 -17.39 3.74
N GLN B 207 32.09 -17.16 5.04
CA GLN B 207 33.03 -16.14 5.47
C GLN B 207 34.46 -16.65 5.67
N THR B 208 34.64 -17.93 6.02
CA THR B 208 36.02 -18.37 6.23
C THR B 208 36.36 -19.64 5.46
N TYR B 209 35.43 -20.59 5.35
CA TYR B 209 35.81 -21.90 4.83
C TYR B 209 36.02 -21.84 3.32
N LEU B 210 35.01 -21.37 2.60
CA LEU B 210 35.18 -21.16 1.16
C LEU B 210 36.33 -20.22 0.83
N PRO B 211 36.53 -19.10 1.53
CA PRO B 211 37.75 -18.32 1.26
C PRO B 211 39.03 -19.12 1.46
N CYS B 212 39.12 -19.90 2.53
CA CYS B 212 40.32 -20.71 2.76
C CYS B 212 40.48 -21.78 1.67
N ILE B 213 39.37 -22.41 1.27
CA ILE B 213 39.44 -23.44 0.25
C ILE B 213 39.93 -22.85 -1.07
N MET B 214 39.34 -21.73 -1.48
CA MET B 214 39.77 -21.11 -2.72
C MET B 214 41.18 -20.55 -2.62
N THR B 215 41.61 -20.14 -1.42
CA THR B 215 43.00 -19.70 -1.27
C THR B 215 43.97 -20.86 -1.44
N VAL B 216 43.61 -22.03 -0.91
CA VAL B 216 44.43 -23.23 -1.12
C VAL B 216 44.46 -23.61 -2.60
N ILE B 217 43.31 -23.51 -3.27
CA ILE B 217 43.27 -23.81 -4.70
C ILE B 217 44.19 -22.87 -5.47
N LEU B 218 44.10 -21.57 -5.17
CA LEU B 218 44.95 -20.59 -5.83
C LEU B 218 46.42 -20.87 -5.56
N SER B 219 46.75 -21.25 -4.32
CA SER B 219 48.14 -21.60 -4.01
C SER B 219 48.60 -22.79 -4.82
N GLN B 220 47.73 -23.78 -5.00
CA GLN B 220 48.10 -24.97 -5.76
C GLN B 220 48.26 -24.65 -7.24
N VAL B 221 47.57 -23.61 -7.73
CA VAL B 221 47.67 -23.23 -9.13
C VAL B 221 49.12 -22.96 -9.53
N SER B 222 49.96 -22.57 -8.57
CA SER B 222 51.35 -22.24 -8.89
C SER B 222 52.10 -23.40 -9.55
N PHE B 223 51.73 -24.64 -9.20
CA PHE B 223 52.44 -25.79 -9.73
C PHE B 223 52.37 -25.88 -11.25
N TRP B 224 51.27 -25.41 -11.84
CA TRP B 224 51.10 -25.49 -13.29
C TRP B 224 51.83 -24.39 -14.04
N LEU B 225 52.78 -23.73 -13.39
CA LEU B 225 53.76 -22.88 -14.02
C LEU B 225 55.12 -23.57 -13.89
N ASN B 226 55.94 -23.49 -14.92
CA ASN B 226 57.23 -24.16 -14.85
C ASN B 226 58.12 -23.48 -13.82
N ARG B 227 59.29 -24.07 -13.60
CA ARG B 227 60.25 -23.55 -12.63
C ARG B 227 61.07 -22.40 -13.18
N GLU B 228 60.59 -21.75 -14.23
CA GLU B 228 61.36 -20.71 -14.91
C GLU B 228 61.00 -19.32 -14.39
N SER B 229 59.75 -18.90 -14.55
CA SER B 229 59.32 -17.62 -14.02
C SER B 229 59.16 -17.73 -12.51
N VAL B 230 60.23 -17.36 -11.81
CA VAL B 230 60.25 -17.35 -10.35
C VAL B 230 59.32 -16.31 -9.74
N PRO B 231 59.26 -15.09 -10.41
CA PRO B 231 58.37 -14.10 -9.78
C PRO B 231 56.89 -14.47 -9.71
N ALA B 232 56.35 -15.05 -10.78
CA ALA B 232 54.95 -15.44 -10.75
C ALA B 232 54.64 -16.35 -9.56
N ARG B 233 55.42 -17.41 -9.41
CA ARG B 233 55.20 -18.34 -8.31
C ARG B 233 55.54 -17.71 -6.97
N THR B 234 56.48 -16.76 -6.95
CA THR B 234 56.76 -15.99 -5.75
C THR B 234 55.53 -15.18 -5.33
N VAL B 235 54.91 -14.49 -6.29
CA VAL B 235 53.70 -13.73 -6.03
C VAL B 235 52.60 -14.66 -5.51
N PHE B 236 52.41 -15.79 -6.18
CA PHE B 236 51.44 -16.78 -5.72
C PHE B 236 51.67 -17.14 -4.26
N GLY B 237 52.89 -17.56 -3.92
CA GLY B 237 53.16 -18.03 -2.58
C GLY B 237 52.98 -16.96 -1.52
N VAL B 238 53.57 -15.78 -1.73
CA VAL B 238 53.49 -14.75 -0.70
C VAL B 238 52.06 -14.24 -0.56
N THR B 239 51.37 -14.05 -1.70
CA THR B 239 50.00 -13.62 -1.68
C THR B 239 49.13 -14.60 -0.89
N THR B 240 49.31 -15.90 -1.15
CA THR B 240 48.46 -16.90 -0.50
C THR B 240 48.77 -17.02 0.98
N VAL B 241 50.05 -16.96 1.37
CA VAL B 241 50.35 -17.09 2.80
C VAL B 241 49.84 -15.87 3.56
N LEU B 242 49.96 -14.67 2.98
CA LEU B 242 49.41 -13.49 3.65
C LEU B 242 47.89 -13.56 3.73
N THR B 243 47.24 -14.02 2.67
CA THR B 243 45.80 -14.18 2.68
C THR B 243 45.37 -15.14 3.78
N MET B 244 46.06 -16.27 3.91
CA MET B 244 45.69 -17.23 4.94
C MET B 244 45.94 -16.69 6.34
N THR B 245 47.00 -15.90 6.52
CA THR B 245 47.23 -15.29 7.83
C THR B 245 46.10 -14.34 8.20
N THR B 246 45.75 -13.44 7.29
CA THR B 246 44.65 -12.51 7.56
C THR B 246 43.34 -13.26 7.78
N LEU B 247 43.14 -14.36 7.06
CA LEU B 247 41.91 -15.13 7.24
C LEU B 247 41.86 -15.77 8.62
N SER B 248 42.98 -16.32 9.08
CA SER B 248 43.02 -16.87 10.43
C SER B 248 42.69 -15.81 11.46
N ILE B 249 43.28 -14.62 11.31
CA ILE B 249 43.03 -13.54 12.26
C ILE B 249 41.55 -13.15 12.26
N SER B 250 41.01 -12.87 11.08
CA SER B 250 39.62 -12.43 11.00
C SER B 250 38.67 -13.55 11.43
N ALA B 251 39.09 -14.80 11.30
CA ALA B 251 38.23 -15.91 11.72
C ALA B 251 38.17 -16.02 13.22
N ARG B 252 39.33 -15.88 13.89
CA ARG B 252 39.27 -15.93 15.35
C ARG B 252 38.78 -14.61 15.94
N ASN B 253 38.58 -13.58 15.12
CA ASN B 253 37.99 -12.34 15.63
C ASN B 253 36.54 -12.53 16.07
N SER B 254 35.89 -13.61 15.64
CA SER B 254 34.49 -13.87 15.97
C SER B 254 34.32 -14.73 17.21
N LEU B 255 35.38 -15.03 17.94
CA LEU B 255 35.32 -15.89 19.11
C LEU B 255 35.92 -15.19 20.30
N PRO B 256 35.53 -15.57 21.52
CA PRO B 256 36.19 -15.04 22.71
C PRO B 256 37.60 -15.59 22.86
N LYS B 257 38.38 -14.91 23.70
CA LYS B 257 39.78 -15.27 23.93
C LYS B 257 39.80 -16.44 24.92
N VAL B 258 39.64 -17.65 24.36
CA VAL B 258 39.46 -18.84 25.17
C VAL B 258 40.72 -19.71 25.27
N ALA B 259 41.70 -19.52 24.39
CA ALA B 259 42.99 -20.21 24.37
C ALA B 259 42.94 -21.67 23.91
N TYR B 260 41.78 -22.31 23.88
CA TYR B 260 41.78 -23.69 23.40
C TYR B 260 41.49 -23.69 21.90
N ALA B 261 41.74 -24.82 21.26
CA ALA B 261 41.60 -24.90 19.81
C ALA B 261 40.24 -25.43 19.42
N THR B 262 39.67 -24.86 18.36
CA THR B 262 38.37 -25.22 17.83
C THR B 262 38.55 -26.04 16.56
N ALA B 263 37.43 -26.52 16.02
CA ALA B 263 37.48 -27.20 14.74
C ALA B 263 37.91 -26.25 13.63
N MET B 264 37.41 -25.01 13.67
CA MET B 264 37.84 -23.99 12.73
C MET B 264 39.34 -23.73 12.86
N ASP B 265 39.87 -23.77 14.09
CA ASP B 265 41.30 -23.59 14.30
C ASP B 265 42.09 -24.67 13.59
N TRP B 266 41.69 -25.93 13.74
CA TRP B 266 42.41 -27.03 13.11
C TRP B 266 42.30 -26.95 11.60
N PHE B 267 41.13 -26.59 11.08
CA PHE B 267 40.94 -26.45 9.64
C PHE B 267 41.83 -25.36 9.07
N ILE B 268 41.85 -24.19 9.73
CA ILE B 268 42.68 -23.09 9.26
C ILE B 268 44.16 -23.45 9.35
N ALA B 269 44.55 -24.17 10.40
CA ALA B 269 45.95 -24.59 10.53
C ALA B 269 46.34 -25.53 9.41
N VAL B 270 45.45 -26.46 9.05
CA VAL B 270 45.77 -27.40 7.97
C VAL B 270 45.87 -26.67 6.63
N CYS B 271 44.96 -25.74 6.37
CA CYS B 271 45.04 -24.97 5.13
C CYS B 271 46.31 -24.12 5.09
N TYR B 272 46.67 -23.54 6.23
CA TYR B 272 47.90 -22.75 6.30
C TYR B 272 49.12 -23.63 6.01
N ALA B 273 49.13 -24.83 6.57
CA ALA B 273 50.22 -25.77 6.31
C ALA B 273 50.27 -26.13 4.84
N PHE B 274 49.12 -26.33 4.21
CA PHE B 274 49.10 -26.67 2.79
C PHE B 274 49.68 -25.54 1.94
N VAL B 275 49.29 -24.31 2.23
CA VAL B 275 49.79 -23.17 1.46
C VAL B 275 51.29 -23.01 1.65
N PHE B 276 51.74 -23.07 2.91
CA PHE B 276 53.17 -22.93 3.16
C PHE B 276 53.97 -24.07 2.57
N SER B 277 53.42 -25.28 2.54
CA SER B 277 54.10 -26.40 1.93
C SER B 277 54.22 -26.22 0.42
N ALA B 278 53.18 -25.67 -0.22
CA ALA B 278 53.29 -25.37 -1.64
C ALA B 278 54.40 -24.36 -1.90
N LEU B 279 54.45 -23.31 -1.08
CA LEU B 279 55.52 -22.32 -1.24
C LEU B 279 56.90 -22.93 -1.03
N ILE B 280 57.03 -23.78 -0.01
CA ILE B 280 58.32 -24.41 0.27
C ILE B 280 58.71 -25.35 -0.86
N GLU B 281 57.74 -26.02 -1.47
CA GLU B 281 58.03 -26.88 -2.61
C GLU B 281 58.56 -26.06 -3.78
N PHE B 282 57.91 -24.92 -4.06
CA PHE B 282 58.42 -24.07 -5.12
C PHE B 282 59.83 -23.58 -4.82
N ALA B 283 60.08 -23.17 -3.58
CA ALA B 283 61.43 -22.71 -3.21
C ALA B 283 62.45 -23.81 -3.39
N THR B 284 62.09 -25.05 -3.04
CA THR B 284 63.01 -26.17 -3.18
C THR B 284 63.31 -26.44 -4.65
N VAL B 285 62.28 -26.51 -5.49
CA VAL B 285 62.50 -26.76 -6.90
C VAL B 285 63.21 -25.60 -7.58
N ASN B 286 63.09 -24.37 -7.05
CA ASN B 286 63.90 -23.29 -7.59
C ASN B 286 65.35 -23.41 -7.17
N TYR B 287 65.62 -23.90 -5.96
CA TYR B 287 66.99 -24.20 -5.61
C TYR B 287 67.51 -25.37 -6.42
N PHE B 288 66.60 -26.17 -6.99
CA PHE B 288 66.94 -27.28 -7.86
C PHE B 288 66.73 -26.95 -9.33
N THR B 289 66.44 -25.69 -9.67
CA THR B 289 66.39 -25.32 -11.08
C THR B 289 67.76 -25.53 -11.71
N LYS B 290 68.79 -25.50 -10.89
CA LYS B 290 70.17 -25.79 -11.22
C LYS B 290 70.57 -27.00 -10.39
N ARG B 291 71.75 -27.55 -10.68
CA ARG B 291 72.28 -28.69 -9.94
C ARG B 291 71.44 -29.97 -10.11
N GLY B 292 71.18 -30.35 -11.36
CA GLY B 292 70.57 -31.65 -11.58
C GLY B 292 69.19 -31.81 -12.20
N VAL B 293 68.59 -30.75 -12.74
CA VAL B 293 67.32 -30.86 -13.48
C VAL B 293 67.37 -29.88 -14.64
N GLU B 294 66.42 -30.02 -15.58
CA GLU B 294 66.39 -29.12 -16.73
C GLU B 294 64.96 -29.01 -17.25
N SER B 295 64.30 -27.90 -16.92
CA SER B 295 63.10 -27.38 -17.56
C SER B 295 61.81 -28.15 -17.25
N VAL B 296 61.93 -29.31 -16.61
CA VAL B 296 60.77 -30.11 -16.21
C VAL B 296 61.20 -31.01 -15.06
N SER B 297 60.33 -31.12 -14.05
CA SER B 297 60.68 -31.78 -12.81
C SER B 297 59.54 -32.68 -12.39
N LYS B 298 59.87 -33.92 -12.03
CA LYS B 298 58.86 -34.84 -11.52
C LYS B 298 58.25 -34.35 -10.21
N ILE B 299 58.94 -33.47 -9.48
CA ILE B 299 58.41 -32.95 -8.22
C ILE B 299 57.09 -32.23 -8.45
N ASP B 300 57.06 -31.29 -9.40
CA ASP B 300 55.81 -30.58 -9.69
C ASP B 300 54.77 -31.52 -10.28
N ARG B 301 55.20 -32.46 -11.13
CA ARG B 301 54.25 -33.39 -11.75
C ARG B 301 53.55 -34.23 -10.69
N LEU B 302 54.26 -34.58 -9.62
CA LEU B 302 53.63 -35.34 -8.54
C LEU B 302 52.91 -34.43 -7.55
N SER B 303 53.36 -33.18 -7.40
CA SER B 303 52.68 -32.26 -6.50
C SER B 303 51.29 -31.91 -7.01
N ARG B 304 51.16 -31.71 -8.33
CA ARG B 304 49.87 -31.39 -8.93
C ARG B 304 48.79 -32.41 -8.59
N ILE B 305 49.18 -33.60 -8.12
CA ILE B 305 48.23 -34.60 -7.68
C ILE B 305 48.25 -34.77 -6.16
N ALA B 306 49.44 -34.73 -5.55
CA ALA B 306 49.56 -34.94 -4.12
C ALA B 306 48.83 -33.86 -3.33
N PHE B 307 49.06 -32.60 -3.67
CA PHE B 307 48.42 -31.52 -2.93
C PHE B 307 46.90 -31.52 -3.08
N PRO B 308 46.31 -31.55 -4.29
CA PRO B 308 44.85 -31.55 -4.36
C PRO B 308 44.21 -32.80 -3.77
N LEU B 309 44.81 -33.97 -3.97
CA LEU B 309 44.21 -35.19 -3.43
C LEU B 309 44.28 -35.22 -1.91
N LEU B 310 45.42 -34.81 -1.34
CA LEU B 310 45.53 -34.74 0.11
C LEU B 310 44.53 -33.74 0.68
N PHE B 311 44.41 -32.57 0.04
CA PHE B 311 43.44 -31.60 0.53
C PHE B 311 42.02 -32.13 0.44
N GLY B 312 41.71 -32.86 -0.63
CA GLY B 312 40.37 -33.41 -0.78
C GLY B 312 40.05 -34.47 0.24
N ILE B 313 40.98 -35.39 0.49
CA ILE B 313 40.71 -36.43 1.48
C ILE B 313 40.66 -35.83 2.88
N PHE B 314 41.46 -34.80 3.16
CA PHE B 314 41.36 -34.15 4.46
C PHE B 314 40.02 -33.45 4.62
N ASN B 315 39.55 -32.76 3.57
CA ASN B 315 38.24 -32.14 3.61
C ASN B 315 37.15 -33.17 3.82
N LEU B 316 37.28 -34.33 3.18
CA LEU B 316 36.30 -35.40 3.36
C LEU B 316 36.25 -35.86 4.81
N VAL B 317 37.43 -36.13 5.39
CA VAL B 317 37.48 -36.56 6.79
C VAL B 317 36.89 -35.49 7.70
N TYR B 318 37.30 -34.23 7.50
CA TYR B 318 36.83 -33.12 8.31
C TYR B 318 35.30 -33.00 8.26
N TRP B 319 34.75 -32.84 7.05
CA TRP B 319 33.32 -32.61 6.92
C TRP B 319 32.49 -33.85 7.24
N ALA B 320 33.07 -35.05 7.12
CA ALA B 320 32.36 -36.23 7.58
C ALA B 320 32.28 -36.25 9.11
N THR B 321 33.38 -35.84 9.76
CA THR B 321 33.31 -35.53 11.18
C THR B 321 32.46 -34.28 11.39
N TYR B 322 32.09 -34.03 12.65
CA TYR B 322 31.34 -32.85 13.04
C TYR B 322 29.94 -32.81 12.41
N LEU B 323 29.56 -33.86 11.69
CA LEU B 323 28.26 -33.92 11.05
C LEU B 323 27.66 -35.31 11.13
N ARG C 10 -21.16 -7.25 28.36
CA ARG C 10 -20.11 -6.80 29.26
C ARG C 10 -18.87 -6.23 28.53
N PRO C 11 -18.26 -7.00 27.57
CA PRO C 11 -16.93 -6.63 27.06
C PRO C 11 -16.75 -5.15 26.74
N VAL C 12 -15.77 -4.51 27.38
CA VAL C 12 -15.56 -3.08 27.19
C VAL C 12 -15.00 -2.83 25.80
N ASP C 13 -15.74 -2.09 24.98
CA ASP C 13 -15.29 -1.70 23.65
C ASP C 13 -14.28 -0.57 23.77
N VAL C 14 -13.07 -0.77 23.25
CA VAL C 14 -12.02 0.24 23.30
C VAL C 14 -11.69 0.64 21.88
N SER C 15 -11.81 1.94 21.60
CA SER C 15 -11.44 2.50 20.30
C SER C 15 -10.01 3.04 20.39
N VAL C 16 -9.18 2.66 19.43
CA VAL C 16 -7.76 2.99 19.45
C VAL C 16 -7.40 3.76 18.19
N SER C 17 -6.62 4.83 18.36
CA SER C 17 -6.05 5.57 17.25
C SER C 17 -4.56 5.75 17.53
N ILE C 18 -3.74 5.43 16.53
CA ILE C 18 -2.28 5.48 16.67
C ILE C 18 -1.74 6.45 15.63
N PHE C 19 -1.11 7.51 16.10
CA PHE C 19 -0.41 8.45 15.24
C PHE C 19 1.07 8.09 15.24
N ILE C 20 1.63 7.84 14.08
CA ILE C 20 3.04 7.47 13.94
C ILE C 20 3.79 8.72 13.52
N ASN C 21 4.66 9.22 14.40
CA ASN C 21 5.43 10.41 14.09
C ASN C 21 6.57 10.11 13.15
N LYS C 22 7.34 9.06 13.43
CA LYS C 22 8.44 8.70 12.53
C LYS C 22 8.89 7.26 12.78
N ILE C 23 9.50 6.69 11.76
CA ILE C 23 10.17 5.40 11.84
C ILE C 23 11.63 5.62 11.48
N TYR C 24 12.53 5.03 12.26
CA TYR C 24 13.96 5.27 12.07
C TYR C 24 14.71 4.10 12.71
N GLY C 25 16.03 4.24 12.80
CA GLY C 25 16.84 3.24 13.46
C GLY C 25 16.65 1.83 12.92
N VAL C 26 16.47 1.71 11.61
CA VAL C 26 16.21 0.41 11.01
C VAL C 26 17.48 -0.42 10.99
N ASN C 27 17.62 -1.31 11.96
CA ASN C 27 18.80 -2.16 12.09
C ASN C 27 18.46 -3.53 11.50
N THR C 28 18.97 -3.79 10.29
CA THR C 28 18.70 -5.07 9.64
C THR C 28 19.44 -6.21 10.33
N LEU C 29 20.50 -5.91 11.08
CA LEU C 29 21.23 -6.97 11.78
C LEU C 29 20.39 -7.59 12.88
N GLU C 30 19.86 -6.77 13.78
CA GLU C 30 19.01 -7.23 14.86
C GLU C 30 17.55 -7.33 14.46
N GLN C 31 17.21 -6.92 13.24
CA GLN C 31 15.82 -6.96 12.74
C GLN C 31 14.89 -6.12 13.62
N THR C 32 15.38 -4.97 14.07
CA THR C 32 14.61 -4.04 14.88
C THR C 32 14.43 -2.74 14.12
N TYR C 33 13.52 -1.91 14.63
CA TYR C 33 13.25 -0.60 14.05
C TYR C 33 12.58 0.25 15.11
N LYS C 34 12.98 1.51 15.21
CA LYS C 34 12.43 2.41 16.22
C LYS C 34 11.25 3.16 15.65
N VAL C 35 10.17 3.22 16.42
CA VAL C 35 8.92 3.87 16.03
C VAL C 35 8.59 4.90 17.10
N ASP C 36 8.42 6.15 16.67
CA ASP C 36 7.99 7.24 17.54
C ASP C 36 6.60 7.65 17.12
N GLY C 37 5.69 7.76 18.08
CA GLY C 37 4.35 8.18 17.75
C GLY C 37 3.51 8.43 18.99
N TYR C 38 2.21 8.63 18.75
CA TYR C 38 1.24 8.83 19.81
C TYR C 38 0.20 7.71 19.75
N ILE C 39 -0.39 7.42 20.90
CA ILE C 39 -1.42 6.40 21.00
C ILE C 39 -2.60 6.97 21.78
N VAL C 40 -3.80 6.73 21.27
CA VAL C 40 -5.04 7.18 21.88
C VAL C 40 -5.94 5.96 22.08
N ALA C 41 -6.43 5.78 23.30
CA ALA C 41 -7.33 4.68 23.63
C ALA C 41 -8.53 5.25 24.36
N GLN C 42 -9.71 5.09 23.76
CA GLN C 42 -10.94 5.67 24.29
C GLN C 42 -11.94 4.58 24.60
N TRP C 43 -12.54 4.65 25.78
CA TRP C 43 -13.66 3.78 26.13
C TRP C 43 -14.72 4.62 26.84
N THR C 44 -15.81 3.97 27.23
CA THR C 44 -16.94 4.64 27.87
C THR C 44 -17.22 3.96 29.20
N GLY C 45 -16.97 4.68 30.29
CA GLY C 45 -17.17 4.17 31.62
C GLY C 45 -18.38 4.78 32.30
N LYS C 46 -18.38 4.70 33.63
CA LYS C 46 -19.49 5.24 34.39
C LYS C 46 -19.43 6.77 34.39
N PRO C 47 -20.58 7.44 34.30
CA PRO C 47 -20.57 8.91 34.28
C PRO C 47 -19.95 9.47 35.56
N ARG C 48 -19.38 10.66 35.43
CA ARG C 48 -18.69 11.32 36.52
C ARG C 48 -19.04 12.80 36.51
N LYS C 49 -18.54 13.52 37.50
CA LYS C 49 -18.82 14.94 37.66
C LYS C 49 -17.52 15.72 37.40
N THR C 50 -17.44 16.35 36.21
CA THR C 50 -16.24 17.13 36.02
C THR C 50 -16.40 18.53 36.62
N PRO C 51 -15.29 19.16 37.00
CA PRO C 51 -15.36 20.57 37.41
C PRO C 51 -15.76 21.48 36.26
N GLY C 52 -16.95 22.07 36.34
CA GLY C 52 -17.50 22.81 35.22
C GLY C 52 -17.96 21.90 34.10
N ASP C 53 -18.50 22.53 33.07
CA ASP C 53 -18.93 21.79 31.89
C ASP C 53 -17.76 21.25 31.08
N LYS C 54 -16.57 21.80 31.29
CA LYS C 54 -15.41 21.37 30.51
C LYS C 54 -14.96 19.98 30.96
N PRO C 55 -14.49 19.15 30.05
CA PRO C 55 -13.97 17.84 30.45
C PRO C 55 -12.64 18.02 31.17
N LEU C 56 -12.28 17.04 31.99
CA LEU C 56 -11.10 17.15 32.83
C LEU C 56 -9.88 16.54 32.17
N ILE C 57 -8.72 17.17 32.38
CA ILE C 57 -7.46 16.73 31.80
C ILE C 57 -6.46 16.49 32.93
N VAL C 58 -5.80 15.34 32.89
CA VAL C 58 -4.88 14.91 33.92
C VAL C 58 -3.55 14.53 33.28
N GLU C 59 -2.43 15.09 33.77
CA GLU C 59 -1.11 14.88 33.17
C GLU C 59 -0.23 14.05 34.10
N ASN C 60 -0.12 12.77 33.76
CA ASN C 60 0.74 11.71 34.28
C ASN C 60 0.66 11.48 35.79
N THR C 61 0.70 12.55 36.56
CA THR C 61 1.08 12.35 37.95
C THR C 61 -0.16 12.30 38.82
N GLN C 62 -1.04 13.26 38.62
CA GLN C 62 -2.41 13.13 39.07
C GLN C 62 -3.00 11.80 38.61
N ILE C 63 -2.49 11.23 37.50
CA ILE C 63 -3.04 9.95 37.05
C ILE C 63 -2.95 8.94 38.18
N GLU C 64 -1.81 8.90 38.88
CA GLU C 64 -1.67 8.01 40.03
C GLU C 64 -2.84 8.18 40.99
N ARG C 65 -3.08 9.41 41.44
CA ARG C 65 -4.17 9.64 42.38
C ARG C 65 -5.48 9.08 41.84
N TRP C 66 -5.73 9.28 40.54
CA TRP C 66 -6.99 8.82 39.99
C TRP C 66 -7.09 7.31 40.01
N ILE C 67 -5.99 6.60 39.71
CA ILE C 67 -6.05 5.15 39.81
C ILE C 67 -5.97 4.68 41.25
N ASN C 68 -5.59 5.56 42.18
CA ASN C 68 -5.63 5.18 43.58
C ASN C 68 -7.02 5.29 44.16
N ASN C 69 -7.86 6.15 43.60
CA ASN C 69 -9.24 6.32 44.05
C ASN C 69 -10.23 5.44 43.29
N GLY C 70 -9.74 4.45 42.54
CA GLY C 70 -10.60 3.46 41.92
C GLY C 70 -10.83 3.59 40.44
N LEU C 71 -10.28 4.61 39.79
CA LEU C 71 -10.47 4.74 38.34
C LEU C 71 -9.82 3.58 37.61
N TRP C 72 -10.54 3.01 36.66
CA TRP C 72 -10.09 1.82 35.94
C TRP C 72 -9.40 2.26 34.65
N VAL C 73 -8.08 2.11 34.61
CA VAL C 73 -7.33 2.39 33.39
C VAL C 73 -6.57 1.11 33.01
N PRO C 74 -6.97 0.43 31.94
CA PRO C 74 -6.33 -0.83 31.60
C PRO C 74 -4.95 -0.63 31.01
N ALA C 75 -4.06 -1.58 31.31
CA ALA C 75 -2.70 -1.52 30.82
C ALA C 75 -2.60 -2.20 29.46
N LEU C 76 -2.09 -1.47 28.48
CA LEU C 76 -1.83 -1.98 27.14
C LEU C 76 -0.33 -2.19 26.98
N GLU C 77 0.04 -3.09 26.07
CA GLU C 77 1.44 -3.45 25.91
C GLU C 77 1.71 -3.78 24.45
N PHE C 78 2.90 -3.40 23.99
CA PHE C 78 3.35 -3.77 22.67
C PHE C 78 4.10 -5.09 22.73
N ILE C 79 3.80 -5.97 21.78
CA ILE C 79 4.41 -7.29 21.76
C ILE C 79 5.77 -7.27 21.07
N ASN C 80 5.90 -6.50 19.99
CA ASN C 80 7.15 -6.45 19.24
C ASN C 80 8.22 -5.63 19.93
N VAL C 81 7.90 -4.96 21.04
CA VAL C 81 8.87 -4.05 21.63
C VAL C 81 10.05 -4.83 22.18
N VAL C 82 11.22 -4.19 22.19
CA VAL C 82 12.44 -4.75 22.73
C VAL C 82 12.75 -3.95 24.00
N GLY C 83 12.45 -4.52 25.15
CA GLY C 83 12.59 -3.80 26.40
C GLY C 83 11.42 -2.86 26.64
N SER C 84 11.36 -2.34 27.86
CA SER C 84 10.31 -1.40 28.21
C SER C 84 10.38 -0.21 27.26
N PRO C 85 9.33 0.07 26.49
CA PRO C 85 9.39 1.19 25.53
C PRO C 85 9.53 2.52 26.23
N ASP C 86 10.21 3.45 25.56
CA ASP C 86 10.42 4.78 26.11
C ASP C 86 9.08 5.52 26.08
N THR C 87 8.48 5.68 27.25
CA THR C 87 7.18 6.33 27.38
C THR C 87 7.38 7.80 27.72
N GLY C 88 6.78 8.67 26.90
CA GLY C 88 6.86 10.09 27.15
C GLY C 88 5.81 10.54 28.14
N ASN C 89 5.07 11.59 27.81
CA ASN C 89 4.02 12.08 28.69
C ASN C 89 2.72 11.33 28.44
N LYS C 90 1.92 11.19 29.49
CA LYS C 90 0.60 10.59 29.43
C LYS C 90 -0.45 11.64 29.73
N ARG C 91 -1.70 11.31 29.44
CA ARG C 91 -2.78 12.22 29.78
C ARG C 91 -4.09 11.46 29.75
N LEU C 92 -4.99 11.89 30.63
CA LEU C 92 -6.34 11.35 30.70
C LEU C 92 -7.33 12.48 30.46
N MET C 93 -8.24 12.28 29.52
CA MET C 93 -9.38 13.15 29.35
C MET C 93 -10.61 12.42 29.89
N LEU C 94 -11.21 13.00 30.91
CA LEU C 94 -12.36 12.45 31.61
C LEU C 94 -13.58 13.28 31.26
N PHE C 95 -14.56 12.64 30.62
CA PHE C 95 -15.77 13.30 30.18
C PHE C 95 -16.90 13.09 31.18
N PRO C 96 -17.86 14.02 31.25
CA PRO C 96 -19.00 13.82 32.16
C PRO C 96 -19.91 12.69 31.73
N ASP C 97 -20.03 12.42 30.43
CA ASP C 97 -20.87 11.32 29.97
C ASP C 97 -20.27 9.95 30.22
N GLY C 98 -19.08 9.87 30.82
CA GLY C 98 -18.49 8.61 31.26
C GLY C 98 -17.26 8.19 30.49
N ARG C 99 -17.12 8.62 29.24
CA ARG C 99 -16.02 8.15 28.42
C ARG C 99 -14.69 8.63 28.97
N VAL C 100 -13.72 7.71 29.01
CA VAL C 100 -12.36 7.99 29.45
C VAL C 100 -11.45 7.85 28.25
N ILE C 101 -10.44 8.71 28.16
CA ILE C 101 -9.52 8.74 27.04
C ILE C 101 -8.10 8.81 27.56
N TYR C 102 -7.26 7.88 27.11
CA TYR C 102 -5.86 7.79 27.49
C TYR C 102 -5.00 8.12 26.28
N ASN C 103 -4.19 9.17 26.39
CA ASN C 103 -3.35 9.61 25.27
C ASN C 103 -1.90 9.68 25.74
N ALA C 104 -1.01 9.02 25.01
CA ALA C 104 0.39 8.99 25.45
C ALA C 104 1.32 8.89 24.24
N ARG C 105 2.49 9.50 24.37
CA ARG C 105 3.53 9.37 23.36
C ARG C 105 4.46 8.22 23.71
N PHE C 106 4.83 7.44 22.68
CA PHE C 106 5.69 6.29 22.85
C PHE C 106 6.82 6.35 21.83
N LEU C 107 7.98 5.87 22.24
CA LEU C 107 9.14 5.71 21.37
C LEU C 107 9.71 4.33 21.68
N GLY C 108 9.58 3.39 20.75
CA GLY C 108 9.90 2.01 21.04
C GLY C 108 10.73 1.35 19.95
N SER C 109 11.58 0.43 20.37
CA SER C 109 12.36 -0.39 19.45
C SER C 109 11.58 -1.69 19.26
N PHE C 110 10.93 -1.82 18.11
CA PHE C 110 10.09 -2.97 17.81
C PHE C 110 10.84 -3.97 16.94
N SER C 111 10.35 -5.20 16.97
CA SER C 111 10.97 -6.30 16.24
C SER C 111 9.96 -6.97 15.33
N ASN C 112 10.46 -7.56 14.24
CA ASN C 112 9.62 -8.31 13.33
C ASN C 112 10.50 -9.24 12.50
N ASP C 113 10.02 -10.45 12.27
CA ASP C 113 10.77 -11.42 11.49
C ASP C 113 10.95 -10.94 10.05
N MET C 114 12.19 -10.85 9.60
CA MET C 114 12.51 -10.40 8.25
C MET C 114 13.18 -11.53 7.47
N ASP C 115 12.83 -11.62 6.19
CA ASP C 115 13.33 -12.66 5.29
C ASP C 115 14.24 -12.01 4.25
N PHE C 116 15.51 -12.42 4.24
CA PHE C 116 16.53 -11.74 3.43
C PHE C 116 16.93 -12.55 2.20
N ARG C 117 16.06 -13.43 1.71
CA ARG C 117 16.43 -14.24 0.55
C ARG C 117 16.64 -13.37 -0.69
N LEU C 118 15.83 -12.33 -0.85
CA LEU C 118 15.94 -11.43 -1.99
C LEU C 118 16.77 -10.19 -1.70
N PHE C 119 17.53 -10.20 -0.61
CA PHE C 119 18.37 -9.05 -0.30
C PHE C 119 19.34 -8.77 -1.44
N PRO C 120 19.56 -7.51 -1.82
CA PRO C 120 18.99 -6.27 -1.26
C PRO C 120 17.69 -5.83 -1.93
N PHE C 121 17.03 -6.72 -2.66
CA PHE C 121 15.75 -6.42 -3.28
C PHE C 121 14.58 -6.87 -2.42
N ASP C 122 14.79 -7.04 -1.12
CA ASP C 122 13.77 -7.59 -0.25
C ASP C 122 12.68 -6.56 0.03
N ARG C 123 11.50 -7.07 0.34
CA ARG C 123 10.37 -6.26 0.80
C ARG C 123 10.04 -6.71 2.22
N GLN C 124 9.92 -5.74 3.13
CA GLN C 124 9.70 -6.04 4.53
C GLN C 124 8.51 -5.24 5.05
N GLN C 125 8.13 -5.51 6.30
CA GLN C 125 7.03 -4.78 6.91
C GLN C 125 7.38 -4.43 8.35
N PHE C 126 7.14 -3.18 8.72
CA PHE C 126 7.29 -2.70 10.09
C PHE C 126 5.95 -2.87 10.80
N VAL C 127 5.96 -3.59 11.93
CA VAL C 127 4.76 -4.09 12.57
C VAL C 127 4.70 -3.59 14.02
N LEU C 128 3.50 -3.19 14.43
CA LEU C 128 3.20 -2.88 15.83
C LEU C 128 2.08 -3.79 16.29
N GLU C 129 2.34 -4.59 17.34
CA GLU C 129 1.36 -5.50 17.90
C GLU C 129 0.98 -4.99 19.29
N LEU C 130 -0.15 -4.31 19.38
CA LEU C 130 -0.67 -3.77 20.64
C LEU C 130 -1.72 -4.71 21.20
N GLU C 131 -1.75 -4.86 22.52
CA GLU C 131 -2.61 -5.86 23.11
C GLU C 131 -2.81 -5.55 24.58
N PRO C 132 -4.00 -5.71 25.13
CA PRO C 132 -4.19 -5.41 26.55
C PRO C 132 -3.57 -6.47 27.43
N PHE C 133 -3.18 -6.05 28.63
CA PHE C 133 -2.67 -6.94 29.66
C PHE C 133 -3.77 -7.13 30.71
N SER C 134 -3.81 -8.35 31.27
CA SER C 134 -4.66 -8.69 32.39
C SER C 134 -6.14 -8.80 32.01
N TYR C 135 -6.50 -8.45 30.78
CA TYR C 135 -7.89 -8.41 30.38
C TYR C 135 -8.07 -9.11 29.05
N ASN C 136 -8.96 -10.10 29.01
CA ASN C 136 -9.18 -10.92 27.83
C ASN C 136 -10.22 -10.27 26.92
N ASN C 137 -10.58 -10.99 25.84
CA ASN C 137 -11.58 -10.49 24.92
C ASN C 137 -12.98 -10.49 25.53
N GLN C 138 -13.20 -11.28 26.57
CA GLN C 138 -14.48 -11.27 27.27
C GLN C 138 -14.63 -10.07 28.20
N GLN C 139 -13.55 -9.36 28.49
CA GLN C 139 -13.58 -8.17 29.32
C GLN C 139 -13.23 -6.89 28.55
N LEU C 140 -12.24 -6.95 27.68
CA LEU C 140 -11.84 -5.79 26.90
C LEU C 140 -11.64 -6.23 25.44
N ARG C 141 -12.28 -5.52 24.52
CA ARG C 141 -12.18 -5.86 23.10
C ARG C 141 -11.94 -4.58 22.30
N PHE C 142 -11.02 -4.67 21.34
CA PHE C 142 -10.71 -3.54 20.49
C PHE C 142 -11.79 -3.42 19.41
N SER C 143 -12.52 -2.30 19.45
CA SER C 143 -13.64 -2.10 18.52
C SER C 143 -13.14 -1.68 17.14
N ASP C 144 -12.39 -0.58 17.08
CA ASP C 144 -11.86 -0.09 15.81
C ASP C 144 -10.44 0.42 16.02
N ILE C 145 -9.73 0.55 14.92
CA ILE C 145 -8.35 1.03 14.91
C ILE C 145 -8.16 1.95 13.71
N GLN C 146 -7.49 3.08 13.94
CA GLN C 146 -7.20 4.04 12.88
C GLN C 146 -5.77 4.53 13.03
N VAL C 147 -4.97 4.35 11.99
CA VAL C 147 -3.57 4.77 11.96
C VAL C 147 -3.44 6.00 11.08
N TYR C 148 -2.73 7.01 11.58
CA TYR C 148 -2.53 8.27 10.88
C TYR C 148 -1.04 8.44 10.59
N THR C 149 -0.58 7.87 9.48
CA THR C 149 0.81 7.98 9.07
C THR C 149 0.96 9.07 8.00
N GLU C 150 0.80 10.31 8.47
CA GLU C 150 0.82 11.48 7.59
C GLU C 150 2.22 12.04 7.36
N ASN C 151 3.12 11.87 8.34
CA ASN C 151 4.43 12.50 8.28
C ASN C 151 5.37 11.81 7.32
N ILE C 152 5.47 10.48 7.39
CA ILE C 152 6.54 9.80 6.66
C ILE C 152 6.11 9.40 5.24
N ASP C 153 4.82 9.22 5.02
CA ASP C 153 4.32 8.72 3.74
C ASP C 153 4.58 9.67 2.56
N ASN C 154 5.05 10.89 2.82
CA ASN C 154 5.18 11.89 1.76
C ASN C 154 6.42 11.67 0.88
N GLU C 155 7.56 11.34 1.46
CA GLU C 155 8.80 11.30 0.67
C GLU C 155 9.77 10.18 1.00
N GLU C 156 9.61 9.48 2.13
CA GLU C 156 10.45 8.33 2.49
C GLU C 156 11.94 8.69 2.52
N ILE C 157 12.31 9.47 3.53
CA ILE C 157 13.67 10.00 3.63
C ILE C 157 14.50 9.07 4.49
N ASP C 158 14.01 7.84 4.68
CA ASP C 158 14.73 6.82 5.41
C ASP C 158 15.72 6.11 4.48
N GLU C 159 16.35 5.05 4.97
CA GLU C 159 17.10 4.15 4.10
C GLU C 159 16.19 3.21 3.33
N TRP C 160 14.89 3.29 3.56
CA TRP C 160 13.86 2.46 2.95
C TRP C 160 12.86 3.35 2.23
N TRP C 161 11.90 2.70 1.57
CA TRP C 161 10.84 3.39 0.85
C TRP C 161 9.52 2.79 1.31
N ILE C 162 8.66 3.62 1.88
CA ILE C 162 7.33 3.19 2.33
C ILE C 162 6.38 3.30 1.16
N ARG C 163 5.70 2.21 0.84
CA ARG C 163 4.77 2.18 -0.28
C ARG C 163 3.36 1.96 0.25
N GLY C 164 2.61 3.04 0.36
CA GLY C 164 1.21 2.99 0.73
C GLY C 164 1.00 3.31 2.20
N LYS C 165 -0.29 3.38 2.56
CA LYS C 165 -0.67 3.63 3.94
C LYS C 165 -0.53 2.35 4.75
N ALA C 166 -0.82 2.47 6.04
CA ALA C 166 -0.70 1.32 6.93
C ALA C 166 -1.94 0.44 6.83
N SER C 167 -1.76 -0.81 7.20
CA SER C 167 -2.83 -1.78 7.25
C SER C 167 -3.12 -2.12 8.71
N THR C 168 -4.40 -2.26 9.03
CA THR C 168 -4.84 -2.49 10.40
C THR C 168 -5.49 -3.86 10.48
N HIS C 169 -5.32 -4.52 11.63
CA HIS C 169 -5.91 -5.84 11.81
C HIS C 169 -6.26 -6.05 13.27
N ILE C 170 -7.52 -6.41 13.52
CA ILE C 170 -7.97 -6.76 14.86
C ILE C 170 -8.19 -8.27 14.88
N SER C 171 -7.53 -8.95 15.80
CA SER C 171 -7.55 -10.40 15.86
C SER C 171 -7.74 -10.85 17.30
N ASP C 172 -7.82 -12.17 17.49
CA ASP C 172 -7.94 -12.78 18.80
C ASP C 172 -6.84 -13.82 18.92
N ILE C 173 -6.02 -13.69 19.96
CA ILE C 173 -4.83 -14.50 20.14
C ILE C 173 -5.04 -15.40 21.36
N ARG C 174 -4.69 -16.67 21.23
CA ARG C 174 -4.84 -17.65 22.29
C ARG C 174 -3.50 -17.86 22.98
N TYR C 175 -3.52 -17.81 24.32
CA TYR C 175 -2.33 -18.04 25.13
C TYR C 175 -2.47 -19.32 25.93
N ASP C 176 -1.50 -20.21 25.79
CA ASP C 176 -1.52 -21.47 26.54
C ASP C 176 -1.06 -21.29 27.97
N HIS C 177 -0.39 -20.19 28.31
CA HIS C 177 0.08 -20.03 29.69
C HIS C 177 -1.01 -19.51 30.60
N LEU C 178 -2.16 -19.09 30.07
CA LEU C 178 -3.34 -18.85 30.89
C LEU C 178 -4.32 -20.01 30.85
N SER C 179 -4.11 -20.98 29.95
CA SER C 179 -4.97 -22.16 29.92
C SER C 179 -4.83 -22.98 31.20
N SER C 180 -3.69 -22.87 31.88
CA SER C 180 -3.49 -23.56 33.14
C SER C 180 -4.42 -23.04 34.23
N VAL C 181 -5.01 -21.86 34.06
CA VAL C 181 -5.89 -21.30 35.07
C VAL C 181 -7.28 -21.04 34.46
N GLN C 182 -7.39 -20.04 33.57
CA GLN C 182 -8.64 -19.71 32.87
C GLN C 182 -9.00 -20.74 31.81
N PRO C 183 -9.96 -21.62 32.06
CA PRO C 183 -10.31 -22.65 31.06
C PRO C 183 -11.21 -22.06 29.98
N ASN C 184 -10.79 -22.24 28.72
CA ASN C 184 -11.54 -21.79 27.54
C ASN C 184 -11.83 -20.29 27.57
N GLN C 185 -11.05 -19.51 28.31
CA GLN C 185 -11.24 -18.06 28.41
C GLN C 185 -9.89 -17.35 28.32
N ASN C 186 -9.02 -17.81 27.45
CA ASN C 186 -7.66 -17.31 27.32
C ASN C 186 -7.44 -16.67 25.94
N GLU C 187 -8.41 -15.88 25.48
CA GLU C 187 -8.29 -15.17 24.21
C GLU C 187 -8.19 -13.68 24.45
N PHE C 188 -7.18 -13.05 23.85
CA PHE C 188 -6.93 -11.62 24.00
C PHE C 188 -7.09 -10.91 22.67
N SER C 189 -7.69 -9.73 22.69
CA SER C 189 -7.81 -8.92 21.49
C SER C 189 -6.49 -8.26 21.15
N ARG C 190 -6.14 -8.27 19.87
CA ARG C 190 -4.85 -7.74 19.43
C ARG C 190 -5.03 -6.83 18.23
N ILE C 191 -4.45 -5.64 18.32
CA ILE C 191 -4.35 -4.72 17.19
C ILE C 191 -2.97 -4.88 16.55
N THR C 192 -2.93 -4.96 15.23
CA THR C 192 -1.69 -5.11 14.50
C THR C 192 -1.67 -4.05 13.39
N VAL C 193 -0.62 -3.25 13.37
CA VAL C 193 -0.42 -2.21 12.38
C VAL C 193 0.77 -2.63 11.52
N ARG C 194 0.59 -2.66 10.21
CA ARG C 194 1.61 -3.13 9.28
C ARG C 194 1.93 -2.03 8.29
N ILE C 195 3.22 -1.80 8.06
CA ILE C 195 3.70 -0.79 7.13
C ILE C 195 4.65 -1.48 6.16
N ASP C 196 4.26 -1.56 4.90
CA ASP C 196 5.11 -2.19 3.89
C ASP C 196 6.22 -1.25 3.44
N ALA C 197 7.41 -1.83 3.23
CA ALA C 197 8.56 -1.04 2.83
C ALA C 197 9.46 -1.86 1.93
N VAL C 198 10.17 -1.17 1.05
CA VAL C 198 11.14 -1.77 0.15
C VAL C 198 12.49 -1.11 0.43
N ARG C 199 13.55 -1.78 0.01
CA ARG C 199 14.91 -1.33 0.28
C ARG C 199 15.47 -0.58 -0.92
N LYS C 200 16.11 0.55 -0.67
CA LYS C 200 16.82 1.28 -1.72
C LYS C 200 18.19 0.65 -1.93
N ILE C 201 18.55 0.40 -3.19
CA ILE C 201 19.72 -0.42 -3.51
C ILE C 201 20.92 0.41 -3.94
N GLY C 202 20.78 1.73 -4.03
CA GLY C 202 21.88 2.56 -4.53
C GLY C 202 23.16 2.38 -3.73
N TYR C 203 23.04 2.43 -2.41
CA TYR C 203 24.20 2.20 -1.55
C TYR C 203 24.83 0.86 -1.86
N PHE C 204 23.99 -0.19 -1.97
CA PHE C 204 24.51 -1.52 -2.22
C PHE C 204 25.09 -1.62 -3.63
N VAL C 205 24.47 -0.95 -4.60
CA VAL C 205 25.05 -0.88 -5.94
C VAL C 205 26.48 -0.35 -5.85
N ILE C 206 26.62 0.88 -5.37
CA ILE C 206 27.92 1.55 -5.33
C ILE C 206 28.93 0.77 -4.51
N GLN C 207 28.48 0.08 -3.46
CA GLN C 207 29.42 -0.54 -2.54
C GLN C 207 29.83 -1.95 -2.95
N THR C 208 28.98 -2.70 -3.65
CA THR C 208 29.40 -4.05 -4.02
C THR C 208 29.27 -4.36 -5.50
N TYR C 209 28.22 -3.87 -6.16
CA TYR C 209 27.93 -4.34 -7.52
C TYR C 209 28.91 -3.71 -8.50
N LEU C 210 28.97 -2.39 -8.54
CA LEU C 210 29.97 -1.73 -9.39
C LEU C 210 31.39 -2.16 -9.06
N PRO C 211 31.81 -2.30 -7.80
CA PRO C 211 33.15 -2.87 -7.55
C PRO C 211 33.31 -4.26 -8.13
N CYS C 212 32.33 -5.14 -7.97
CA CYS C 212 32.43 -6.48 -8.52
C CYS C 212 32.49 -6.45 -10.05
N ILE C 213 31.67 -5.60 -10.66
CA ILE C 213 31.63 -5.51 -12.12
C ILE C 213 32.97 -5.03 -12.65
N MET C 214 33.51 -3.97 -12.06
CA MET C 214 34.81 -3.47 -12.52
C MET C 214 35.93 -4.46 -12.20
N THR C 215 35.79 -5.25 -11.14
CA THR C 215 36.80 -6.28 -10.87
C THR C 215 36.75 -7.38 -11.93
N VAL C 216 35.55 -7.76 -12.37
CA VAL C 216 35.42 -8.72 -13.45
C VAL C 216 36.02 -8.17 -14.74
N ILE C 217 35.77 -6.89 -15.03
CA ILE C 217 36.35 -6.26 -16.21
C ILE C 217 37.87 -6.29 -16.11
N LEU C 218 38.40 -5.93 -14.93
CA LEU C 218 39.85 -5.95 -14.72
C LEU C 218 40.42 -7.34 -14.94
N SER C 219 39.73 -8.37 -14.45
CA SER C 219 40.19 -9.74 -14.67
C SER C 219 40.21 -10.07 -16.15
N GLN C 220 39.19 -9.61 -16.90
CA GLN C 220 39.14 -9.88 -18.32
C GLN C 220 40.21 -9.12 -19.10
N VAL C 221 40.67 -7.99 -18.56
CA VAL C 221 41.72 -7.22 -19.24
C VAL C 221 42.96 -8.06 -19.50
N SER C 222 43.17 -9.11 -18.70
CA SER C 222 44.36 -9.95 -18.86
C SER C 222 44.44 -10.58 -20.25
N PHE C 223 43.30 -10.84 -20.87
CA PHE C 223 43.30 -11.49 -22.18
C PHE C 223 44.03 -10.67 -23.23
N TRP C 224 44.00 -9.34 -23.10
CA TRP C 224 44.62 -8.45 -24.08
C TRP C 224 46.13 -8.29 -23.91
N LEU C 225 46.76 -9.17 -23.14
CA LEU C 225 48.21 -9.33 -23.15
C LEU C 225 48.54 -10.69 -23.74
N ASN C 226 49.60 -10.75 -24.56
CA ASN C 226 49.95 -12.02 -25.17
C ASN C 226 50.47 -12.99 -24.12
N ARG C 227 50.80 -14.21 -24.55
CA ARG C 227 51.20 -15.25 -23.62
C ARG C 227 52.65 -15.15 -23.14
N GLU C 228 53.33 -14.04 -23.33
CA GLU C 228 54.74 -14.07 -22.95
C GLU C 228 54.96 -13.55 -21.53
N SER C 229 54.50 -12.33 -21.22
CA SER C 229 54.66 -11.84 -19.87
C SER C 229 53.69 -12.53 -18.91
N VAL C 230 54.16 -13.60 -18.30
CA VAL C 230 53.41 -14.38 -17.32
C VAL C 230 53.13 -13.59 -16.04
N PRO C 231 54.17 -12.80 -15.58
CA PRO C 231 53.88 -12.08 -14.32
C PRO C 231 52.73 -11.11 -14.38
N ALA C 232 52.62 -10.32 -15.44
CA ALA C 232 51.51 -9.37 -15.55
C ALA C 232 50.16 -10.06 -15.35
N ARG C 233 49.93 -11.14 -16.09
CA ARG C 233 48.65 -11.84 -15.97
C ARG C 233 48.53 -12.57 -14.64
N THR C 234 49.66 -12.99 -14.06
CA THR C 234 49.65 -13.55 -12.70
C THR C 234 49.17 -12.50 -11.70
N VAL C 235 49.73 -11.29 -11.79
CA VAL C 235 49.29 -10.20 -10.93
C VAL C 235 47.81 -9.93 -11.12
N PHE C 236 47.37 -9.85 -12.39
CA PHE C 236 45.95 -9.68 -12.67
C PHE C 236 45.11 -10.72 -11.96
N GLY C 237 45.43 -11.99 -12.16
CA GLY C 237 44.60 -13.06 -11.61
C GLY C 237 44.54 -13.04 -10.09
N VAL C 238 45.71 -12.95 -9.44
CA VAL C 238 45.72 -13.01 -7.98
C VAL C 238 45.07 -11.77 -7.39
N THR C 239 45.35 -10.60 -7.99
CA THR C 239 44.73 -9.37 -7.53
C THR C 239 43.21 -9.45 -7.60
N THR C 240 42.69 -9.93 -8.73
CA THR C 240 41.23 -9.96 -8.90
C THR C 240 40.59 -11.01 -7.99
N VAL C 241 41.21 -12.18 -7.83
CA VAL C 241 40.59 -13.18 -6.97
C VAL C 241 40.61 -12.72 -5.50
N LEU C 242 41.70 -12.08 -5.07
CA LEU C 242 41.74 -11.58 -3.70
C LEU C 242 40.74 -10.45 -3.50
N THR C 243 40.61 -9.56 -4.48
CA THR C 243 39.62 -8.49 -4.40
C THR C 243 38.21 -9.05 -4.30
N MET C 244 37.90 -10.06 -5.13
CA MET C 244 36.57 -10.65 -5.07
C MET C 244 36.34 -11.37 -3.75
N THR C 245 37.36 -12.00 -3.18
CA THR C 245 37.23 -12.63 -1.88
C THR C 245 36.90 -11.59 -0.80
N THR C 246 37.67 -10.50 -0.77
CA THR C 246 37.40 -9.46 0.22
C THR C 246 36.01 -8.86 0.02
N LEU C 247 35.56 -8.73 -1.22
CA LEU C 247 34.23 -8.20 -1.46
C LEU C 247 33.15 -9.16 -0.97
N SER C 248 33.34 -10.46 -1.22
CA SER C 248 32.40 -11.45 -0.71
C SER C 248 32.31 -11.39 0.81
N ILE C 249 33.46 -11.27 1.47
CA ILE C 249 33.46 -11.18 2.93
C ILE C 249 32.73 -9.93 3.39
N SER C 250 33.12 -8.77 2.86
CA SER C 250 32.57 -7.50 3.29
C SER C 250 31.09 -7.32 2.95
N ALA C 251 30.58 -8.02 1.94
CA ALA C 251 29.19 -7.81 1.55
C ALA C 251 28.22 -8.37 2.59
N ARG C 252 28.49 -9.55 3.11
CA ARG C 252 27.60 -10.14 4.11
C ARG C 252 27.81 -9.54 5.50
N ASN C 253 28.77 -8.63 5.67
CA ASN C 253 28.98 -7.99 6.95
C ASN C 253 27.80 -7.10 7.36
N SER C 254 26.94 -6.72 6.42
CA SER C 254 25.79 -5.87 6.70
C SER C 254 24.52 -6.66 6.98
N LEU C 255 24.62 -7.99 7.10
CA LEU C 255 23.48 -8.86 7.28
C LEU C 255 23.65 -9.71 8.51
N PRO C 256 22.56 -10.20 9.10
CA PRO C 256 22.67 -11.20 10.16
C PRO C 256 23.18 -12.52 9.61
N LYS C 257 23.63 -13.38 10.52
CA LYS C 257 24.23 -14.66 10.16
C LYS C 257 23.12 -15.65 9.86
N VAL C 258 22.61 -15.60 8.63
CA VAL C 258 21.47 -16.41 8.20
C VAL C 258 21.98 -17.55 7.32
N ALA C 259 21.51 -18.77 7.61
CA ALA C 259 21.92 -19.96 6.86
C ALA C 259 21.64 -19.85 5.36
N TYR C 260 20.67 -19.03 4.95
CA TYR C 260 20.31 -19.02 3.54
C TYR C 260 21.10 -17.98 2.75
N ALA C 261 21.06 -18.14 1.43
CA ALA C 261 21.80 -17.30 0.50
C ALA C 261 20.90 -16.23 -0.11
N THR C 262 21.48 -15.06 -0.36
CA THR C 262 20.77 -13.93 -0.92
C THR C 262 21.09 -13.78 -2.40
N ALA C 263 20.39 -12.84 -3.04
CA ALA C 263 20.65 -12.53 -4.44
C ALA C 263 22.04 -11.92 -4.62
N MET C 264 22.45 -11.04 -3.70
CA MET C 264 23.80 -10.52 -3.74
C MET C 264 24.82 -11.63 -3.60
N ASP C 265 24.52 -12.66 -2.81
CA ASP C 265 25.41 -13.80 -2.68
C ASP C 265 25.62 -14.49 -4.02
N TRP C 266 24.53 -14.76 -4.75
CA TRP C 266 24.65 -15.42 -6.04
C TRP C 266 25.37 -14.54 -7.05
N PHE C 267 25.12 -13.24 -7.02
CA PHE C 267 25.82 -12.33 -7.92
C PHE C 267 27.33 -12.37 -7.66
N ILE C 268 27.71 -12.31 -6.38
CA ILE C 268 29.12 -12.36 -6.01
C ILE C 268 29.72 -13.71 -6.41
N ALA C 269 28.95 -14.79 -6.25
CA ALA C 269 29.45 -16.10 -6.62
C ALA C 269 29.71 -16.19 -8.12
N VAL C 270 28.81 -15.62 -8.93
CA VAL C 270 29.00 -15.64 -10.37
C VAL C 270 30.22 -14.82 -10.77
N CYS C 271 30.37 -13.64 -10.16
CA CYS C 271 31.54 -12.82 -10.46
C CYS C 271 32.83 -13.53 -10.04
N TYR C 272 32.82 -14.19 -8.89
CA TYR C 272 33.99 -14.93 -8.42
C TYR C 272 34.32 -16.08 -9.37
N ALA C 273 33.29 -16.79 -9.84
CA ALA C 273 33.50 -17.86 -10.80
C ALA C 273 34.10 -17.32 -12.09
N PHE C 274 33.64 -16.17 -12.55
CA PHE C 274 34.18 -15.58 -13.76
C PHE C 274 35.65 -15.21 -13.59
N VAL C 275 35.99 -14.60 -12.45
CA VAL C 275 37.37 -14.19 -12.21
C VAL C 275 38.29 -15.41 -12.12
N PHE C 276 37.88 -16.41 -11.35
CA PHE C 276 38.70 -17.61 -11.20
C PHE C 276 38.79 -18.38 -12.50
N SER C 277 37.73 -18.37 -13.31
CA SER C 277 37.77 -19.03 -14.61
C SER C 277 38.71 -18.31 -15.56
N ALA C 278 38.75 -16.97 -15.49
CA ALA C 278 39.73 -16.24 -16.28
C ALA C 278 41.15 -16.61 -15.88
N LEU C 279 41.40 -16.70 -14.58
CA LEU C 279 42.74 -17.09 -14.12
C LEU C 279 43.09 -18.50 -14.58
N ILE C 280 42.15 -19.43 -14.48
CA ILE C 280 42.40 -20.79 -14.92
C ILE C 280 42.62 -20.85 -16.43
N GLU C 281 41.91 -20.01 -17.19
CA GLU C 281 42.15 -19.93 -18.63
C GLU C 281 43.57 -19.47 -18.92
N PHE C 282 44.04 -18.44 -18.19
CA PHE C 282 45.42 -18.02 -18.35
C PHE C 282 46.38 -19.15 -18.01
N ALA C 283 46.10 -19.89 -16.93
CA ALA C 283 46.95 -21.01 -16.57
C ALA C 283 46.97 -22.06 -17.69
N THR C 284 45.82 -22.29 -18.32
CA THR C 284 45.73 -23.25 -19.42
C THR C 284 46.58 -22.80 -20.60
N VAL C 285 46.42 -21.54 -21.02
CA VAL C 285 47.20 -21.05 -22.15
C VAL C 285 48.68 -20.98 -21.81
N ASN C 286 49.01 -20.87 -20.52
CA ASN C 286 50.40 -20.97 -20.10
C ASN C 286 50.89 -22.41 -20.18
N TYR C 287 50.00 -23.38 -19.98
CA TYR C 287 50.37 -24.78 -20.15
C TYR C 287 50.72 -25.14 -21.59
N PHE C 288 50.36 -24.30 -22.56
CA PHE C 288 50.72 -24.55 -23.95
C PHE C 288 51.92 -23.73 -24.39
N THR C 289 52.58 -23.04 -23.46
CA THR C 289 53.81 -22.31 -23.72
C THR C 289 54.97 -23.25 -24.07
N LYS C 290 54.83 -24.56 -23.82
CA LYS C 290 55.91 -25.51 -24.08
C LYS C 290 56.32 -25.46 -25.55
N ARG C 291 57.18 -24.50 -25.86
CA ARG C 291 57.66 -24.14 -27.19
C ARG C 291 58.55 -22.91 -27.08
N GLY C 292 59.12 -22.49 -28.19
CA GLY C 292 59.89 -21.26 -28.23
C GLY C 292 59.18 -20.39 -29.25
N VAL C 293 58.00 -20.85 -29.64
CA VAL C 293 57.12 -20.11 -30.51
C VAL C 293 56.01 -19.48 -29.71
N GLU C 294 55.28 -18.56 -30.33
CA GLU C 294 54.14 -17.94 -29.66
C GLU C 294 52.86 -18.68 -30.01
N SER C 295 52.50 -18.67 -31.29
CA SER C 295 51.20 -19.16 -31.74
C SER C 295 50.10 -18.61 -30.83
N VAL C 296 49.88 -17.29 -30.97
CA VAL C 296 48.86 -16.57 -30.22
C VAL C 296 47.64 -17.47 -30.15
N SER C 297 47.02 -17.53 -28.98
CA SER C 297 46.12 -18.62 -28.69
C SER C 297 44.70 -18.25 -29.07
N LYS C 298 44.04 -19.16 -29.80
CA LYS C 298 42.63 -18.96 -30.10
C LYS C 298 41.81 -18.88 -28.83
N ILE C 299 42.34 -19.43 -27.73
CA ILE C 299 41.63 -19.38 -26.46
C ILE C 299 41.40 -17.93 -26.03
N ASP C 300 42.45 -17.12 -25.99
CA ASP C 300 42.30 -15.72 -25.61
C ASP C 300 41.51 -14.93 -26.65
N ARG C 301 41.75 -15.22 -27.94
CA ARG C 301 41.07 -14.49 -29.00
C ARG C 301 39.56 -14.69 -28.93
N LEU C 302 39.12 -15.90 -28.55
CA LEU C 302 37.71 -16.15 -28.38
C LEU C 302 37.21 -15.76 -27.00
N SER C 303 38.09 -15.75 -25.99
CA SER C 303 37.69 -15.35 -24.65
C SER C 303 37.35 -13.87 -24.61
N ARG C 304 38.11 -13.04 -25.34
CA ARG C 304 37.83 -11.61 -25.40
C ARG C 304 36.40 -11.32 -25.82
N ILE C 305 35.70 -12.30 -26.39
CA ILE C 305 34.30 -12.18 -26.74
C ILE C 305 33.42 -13.01 -25.81
N ALA C 306 33.84 -14.22 -25.49
CA ALA C 306 33.03 -15.12 -24.67
C ALA C 306 32.82 -14.57 -23.27
N PHE C 307 33.90 -14.15 -22.61
CA PHE C 307 33.77 -13.66 -21.24
C PHE C 307 32.91 -12.41 -21.15
N PRO C 308 33.17 -11.34 -21.92
CA PRO C 308 32.30 -10.15 -21.81
C PRO C 308 30.87 -10.41 -22.22
N LEU C 309 30.65 -11.20 -23.27
CA LEU C 309 29.28 -11.45 -23.72
C LEU C 309 28.51 -12.27 -22.70
N LEU C 310 29.14 -13.29 -22.13
CA LEU C 310 28.49 -14.07 -21.08
C LEU C 310 28.20 -13.20 -19.86
N PHE C 311 29.14 -12.35 -19.48
CA PHE C 311 28.91 -11.46 -18.34
C PHE C 311 27.75 -10.51 -18.62
N GLY C 312 27.66 -10.00 -19.85
CA GLY C 312 26.58 -9.09 -20.19
C GLY C 312 25.21 -9.76 -20.17
N ILE C 313 25.12 -10.97 -20.76
CA ILE C 313 23.83 -11.65 -20.75
C ILE C 313 23.46 -12.08 -19.33
N PHE C 314 24.45 -12.41 -18.49
CA PHE C 314 24.15 -12.72 -17.10
C PHE C 314 23.63 -11.49 -16.37
N ASN C 315 24.25 -10.34 -16.61
CA ASN C 315 23.76 -9.10 -16.01
C ASN C 315 22.34 -8.80 -16.48
N LEU C 316 22.05 -9.05 -17.76
CA LEU C 316 20.70 -8.82 -18.24
C LEU C 316 19.69 -9.70 -17.51
N VAL C 317 19.98 -11.00 -17.41
CA VAL C 317 19.08 -11.91 -16.72
C VAL C 317 18.92 -11.48 -15.25
N TYR C 318 20.04 -11.22 -14.58
CA TYR C 318 20.00 -10.82 -13.17
C TYR C 318 19.14 -9.60 -12.96
N TRP C 319 19.47 -8.49 -13.63
CA TRP C 319 18.79 -7.23 -13.40
C TRP C 319 17.37 -7.22 -13.94
N ALA C 320 17.04 -8.08 -14.91
CA ALA C 320 15.65 -8.23 -15.30
C ALA C 320 14.87 -8.95 -14.21
N THR C 321 15.47 -9.97 -13.61
CA THR C 321 14.96 -10.52 -12.38
C THR C 321 15.17 -9.50 -11.25
N TYR C 322 14.55 -9.77 -10.10
CA TYR C 322 14.72 -8.99 -8.88
C TYR C 322 14.24 -7.55 -9.01
N LEU C 323 13.62 -7.19 -10.12
CA LEU C 323 13.15 -5.83 -10.34
C LEU C 323 11.78 -5.83 -11.01
N ARG D 10 -10.19 32.60 26.68
CA ARG D 10 -9.36 31.78 27.57
C ARG D 10 -7.86 31.69 27.24
N PRO D 11 -7.50 31.36 25.97
CA PRO D 11 -6.16 30.83 25.69
C PRO D 11 -5.02 31.48 26.45
N VAL D 12 -4.30 30.68 27.23
CA VAL D 12 -3.23 31.16 28.07
C VAL D 12 -2.05 31.55 27.19
N ASP D 13 -1.67 32.82 27.23
CA ASP D 13 -0.50 33.28 26.50
C ASP D 13 0.75 32.84 27.26
N VAL D 14 1.60 32.07 26.60
CA VAL D 14 2.82 31.56 27.19
C VAL D 14 4.00 32.17 26.43
N SER D 15 4.89 32.85 27.14
CA SER D 15 6.11 33.38 26.57
C SER D 15 7.23 32.39 26.84
N VAL D 16 7.99 32.06 25.81
CA VAL D 16 9.02 31.03 25.89
C VAL D 16 10.36 31.63 25.50
N SER D 17 11.38 31.34 26.30
CA SER D 17 12.75 31.70 26.00
C SER D 17 13.61 30.46 26.12
N ILE D 18 14.43 30.19 25.11
CA ILE D 18 15.27 29.00 25.07
C ILE D 18 16.72 29.45 24.99
N PHE D 19 17.51 29.08 26.01
CA PHE D 19 18.94 29.33 26.01
C PHE D 19 19.62 28.05 25.52
N ILE D 20 20.42 28.16 24.47
CA ILE D 20 21.11 27.01 23.89
C ILE D 20 22.54 27.01 24.43
N ASN D 21 22.85 26.02 25.26
CA ASN D 21 24.20 25.94 25.84
C ASN D 21 25.20 25.41 24.83
N LYS D 22 24.87 24.31 24.16
CA LYS D 22 25.78 23.77 23.16
C LYS D 22 25.06 22.80 22.23
N ILE D 23 25.63 22.65 21.04
CA ILE D 23 25.22 21.64 20.07
C ILE D 23 26.40 20.74 19.81
N TYR D 24 26.17 19.44 19.79
CA TYR D 24 27.26 18.49 19.64
C TYR D 24 26.69 17.17 19.14
N GLY D 25 27.53 16.14 19.10
CA GLY D 25 27.08 14.81 18.73
C GLY D 25 26.36 14.74 17.40
N VAL D 26 26.82 15.54 16.42
CA VAL D 26 26.15 15.60 15.13
C VAL D 26 26.51 14.32 14.38
N ASN D 27 25.60 13.34 14.39
CA ASN D 27 25.80 12.05 13.74
C ASN D 27 25.08 12.07 12.40
N THR D 28 25.84 12.21 11.31
CA THR D 28 25.24 12.25 9.98
C THR D 28 24.67 10.89 9.57
N LEU D 29 25.14 9.80 10.16
CA LEU D 29 24.58 8.48 9.82
C LEU D 29 23.16 8.35 10.33
N GLU D 30 22.95 8.62 11.61
CA GLU D 30 21.62 8.56 12.19
C GLU D 30 20.83 9.85 12.01
N GLN D 31 21.46 10.89 11.46
CA GLN D 31 20.83 12.18 11.21
C GLN D 31 20.28 12.79 12.50
N THR D 32 21.02 12.63 13.59
CA THR D 32 20.68 13.19 14.89
C THR D 32 21.75 14.18 15.33
N TYR D 33 21.41 14.97 16.34
CA TYR D 33 22.35 15.91 16.93
C TYR D 33 21.88 16.24 18.34
N LYS D 34 22.82 16.34 19.27
CA LYS D 34 22.51 16.56 20.67
C LYS D 34 22.53 18.06 20.97
N VAL D 35 21.51 18.52 21.70
CA VAL D 35 21.35 19.91 22.08
C VAL D 35 21.23 19.99 23.59
N ASP D 36 22.10 20.79 24.20
CA ASP D 36 22.06 21.09 25.63
C ASP D 36 21.65 22.54 25.80
N GLY D 37 20.66 22.77 26.65
CA GLY D 37 20.24 24.15 26.87
C GLY D 37 19.23 24.25 28.00
N TYR D 38 18.68 25.46 28.13
CA TYR D 38 17.66 25.76 29.13
C TYR D 38 16.38 26.21 28.43
N ILE D 39 15.24 25.98 29.08
CA ILE D 39 13.95 26.39 28.58
C ILE D 39 13.20 27.12 29.70
N VAL D 40 12.60 28.25 29.35
CA VAL D 40 11.84 29.08 30.27
C VAL D 40 10.46 29.28 29.67
N ALA D 41 9.42 29.00 30.45
CA ALA D 41 8.04 29.16 30.01
C ALA D 41 7.30 30.00 31.03
N GLN D 42 6.80 31.15 30.60
CA GLN D 42 6.17 32.12 31.48
C GLN D 42 4.72 32.33 31.05
N TRP D 43 3.81 32.26 32.02
CA TRP D 43 2.42 32.64 31.80
C TRP D 43 1.96 33.43 33.01
N THR D 44 0.69 33.85 32.99
CA THR D 44 0.15 34.71 34.04
C THR D 44 -1.07 34.04 34.65
N GLY D 45 -0.96 33.67 35.93
CA GLY D 45 -2.02 33.06 36.67
C GLY D 45 -2.63 34.01 37.69
N LYS D 46 -3.25 33.43 38.70
CA LYS D 46 -3.89 34.25 39.73
C LYS D 46 -2.81 34.89 40.60
N PRO D 47 -3.00 36.14 41.02
CA PRO D 47 -1.99 36.80 41.86
C PRO D 47 -1.82 36.05 43.17
N ARG D 48 -0.63 36.18 43.74
CA ARG D 48 -0.30 35.47 44.98
C ARG D 48 0.47 36.40 45.91
N LYS D 49 0.65 35.94 47.15
CA LYS D 49 1.44 36.64 48.15
C LYS D 49 2.59 35.74 48.58
N THR D 50 3.76 36.06 48.12
CA THR D 50 4.98 35.36 48.50
C THR D 50 5.54 35.95 49.79
N PRO D 51 6.34 35.19 50.53
CA PRO D 51 7.05 35.78 51.68
C PRO D 51 8.00 36.88 51.22
N GLY D 52 7.68 38.12 51.56
CA GLY D 52 8.34 39.27 50.99
C GLY D 52 7.88 39.50 49.57
N ASP D 53 8.37 40.58 48.98
CA ASP D 53 8.03 40.87 47.59
C ASP D 53 8.69 39.91 46.62
N LYS D 54 9.75 39.23 47.04
CA LYS D 54 10.48 38.35 46.13
C LYS D 54 9.65 37.11 45.81
N PRO D 55 9.74 36.61 44.58
CA PRO D 55 8.96 35.41 44.21
C PRO D 55 9.51 34.15 44.87
N LEU D 56 8.65 33.14 44.92
CA LEU D 56 8.97 31.87 45.56
C LEU D 56 9.56 30.90 44.54
N ILE D 57 10.50 30.09 44.98
CA ILE D 57 11.24 29.18 44.11
C ILE D 57 11.09 27.75 44.61
N VAL D 58 10.76 26.84 43.69
CA VAL D 58 10.52 25.44 44.01
C VAL D 58 11.41 24.58 43.11
N GLU D 59 12.14 23.62 43.72
CA GLU D 59 13.14 22.82 43.01
C GLU D 59 12.69 21.37 42.87
N ASN D 60 12.20 21.04 41.69
CA ASN D 60 11.84 19.75 41.10
C ASN D 60 10.85 18.90 41.89
N THR D 61 11.09 18.75 43.17
CA THR D 61 10.45 17.62 43.83
C THR D 61 9.20 18.05 44.55
N GLN D 62 9.31 19.14 45.33
CA GLN D 62 8.13 19.87 45.72
C GLN D 62 7.26 20.20 44.52
N ILE D 63 7.85 20.29 43.32
CA ILE D 63 7.02 20.60 42.16
C ILE D 63 5.89 19.59 42.06
N GLU D 64 6.20 18.31 42.29
CA GLU D 64 5.18 17.28 42.30
C GLU D 64 4.04 17.68 43.23
N ARG D 65 4.38 17.95 44.49
CA ARG D 65 3.37 18.34 45.47
C ARG D 65 2.55 19.52 44.96
N TRP D 66 3.22 20.49 44.33
CA TRP D 66 2.49 21.67 43.87
C TRP D 66 1.48 21.33 42.80
N ILE D 67 1.85 20.45 41.86
CA ILE D 67 0.87 20.03 40.84
C ILE D 67 -0.09 19.00 41.39
N ASN D 68 0.20 18.41 42.56
CA ASN D 68 -0.74 17.49 43.18
C ASN D 68 -1.85 18.22 43.90
N ASN D 69 -1.58 19.45 44.35
CA ASN D 69 -2.58 20.26 45.04
C ASN D 69 -3.32 21.20 44.12
N GLY D 70 -3.21 21.00 42.80
CA GLY D 70 -4.03 21.72 41.84
C GLY D 70 -3.34 22.81 41.05
N LEU D 71 -2.06 23.07 41.27
CA LEU D 71 -1.37 24.08 40.48
C LEU D 71 -1.26 23.61 39.03
N TRP D 72 -1.52 24.52 38.10
CA TRP D 72 -1.55 24.19 36.68
C TRP D 72 -0.17 24.43 36.08
N VAL D 73 0.54 23.35 35.78
CA VAL D 73 1.82 23.43 35.09
C VAL D 73 1.69 22.61 33.82
N PRO D 74 1.63 23.23 32.64
CA PRO D 74 1.45 22.45 31.42
C PRO D 74 2.73 21.74 31.01
N ALA D 75 2.56 20.54 30.45
CA ALA D 75 3.69 19.73 30.00
C ALA D 75 4.00 20.10 28.56
N LEU D 76 5.25 20.47 28.30
CA LEU D 76 5.74 20.75 26.96
C LEU D 76 6.62 19.60 26.49
N GLU D 77 6.72 19.44 25.18
CA GLU D 77 7.43 18.30 24.62
C GLU D 77 8.08 18.72 23.30
N PHE D 78 9.27 18.18 23.06
CA PHE D 78 9.95 18.37 21.79
C PHE D 78 9.55 17.27 20.82
N ILE D 79 9.31 17.66 19.56
CA ILE D 79 8.87 16.70 18.55
C ILE D 79 10.07 15.99 17.90
N ASN D 80 11.18 16.70 17.67
CA ASN D 80 12.33 16.10 17.02
C ASN D 80 13.10 15.13 17.91
N VAL D 81 12.75 15.02 19.19
CA VAL D 81 13.57 14.26 20.11
C VAL D 81 13.51 12.77 19.76
N VAL D 82 14.60 12.07 20.05
CA VAL D 82 14.71 10.63 19.88
C VAL D 82 14.77 10.04 21.28
N GLY D 83 13.66 9.47 21.73
CA GLY D 83 13.55 9.01 23.10
C GLY D 83 13.28 10.18 24.03
N SER D 84 12.87 9.83 25.25
CA SER D 84 12.61 10.86 26.25
C SER D 84 13.87 11.68 26.49
N PRO D 85 13.83 12.99 26.27
CA PRO D 85 15.05 13.79 26.45
C PRO D 85 15.52 13.77 27.89
N ASP D 86 16.83 13.86 28.06
CA ASP D 86 17.42 13.86 29.39
C ASP D 86 17.09 15.18 30.08
N THR D 87 16.18 15.13 31.04
CA THR D 87 15.74 16.31 31.76
C THR D 87 16.53 16.43 33.05
N GLY D 88 17.20 17.57 33.22
CA GLY D 88 17.97 17.82 34.43
C GLY D 88 17.09 18.34 35.54
N ASN D 89 17.51 19.43 36.19
CA ASN D 89 16.74 20.03 37.24
C ASN D 89 15.66 20.95 36.67
N LYS D 90 14.54 21.03 37.36
CA LYS D 90 13.43 21.91 37.02
C LYS D 90 13.28 22.95 38.13
N ARG D 91 12.49 23.98 37.87
CA ARG D 91 12.26 24.96 38.90
C ARG D 91 11.00 25.74 38.54
N LEU D 92 10.29 26.14 39.58
CA LEU D 92 9.11 26.97 39.45
C LEU D 92 9.35 28.28 40.18
N MET D 93 9.19 29.39 39.46
CA MET D 93 9.18 30.72 40.05
C MET D 93 7.75 31.23 40.08
N LEU D 94 7.24 31.48 41.29
CA LEU D 94 5.89 31.95 41.52
C LEU D 94 5.98 33.40 41.94
N PHE D 95 5.40 34.26 41.15
CA PHE D 95 5.45 35.69 41.37
C PHE D 95 4.21 36.17 42.11
N PRO D 96 4.34 37.25 42.88
CA PRO D 96 3.15 37.80 43.54
C PRO D 96 2.16 38.43 42.57
N ASP D 97 2.64 38.98 41.44
CA ASP D 97 1.74 39.56 40.45
C ASP D 97 1.00 38.50 39.64
N GLY D 98 1.24 37.22 39.88
CA GLY D 98 0.48 36.14 39.28
C GLY D 98 1.25 35.29 38.30
N ARG D 99 2.29 35.86 37.68
CA ARG D 99 3.01 35.14 36.64
C ARG D 99 3.75 33.94 37.22
N VAL D 100 3.63 32.82 36.53
CA VAL D 100 4.31 31.58 36.88
C VAL D 100 5.33 31.30 35.78
N ILE D 101 6.49 30.79 36.20
CA ILE D 101 7.58 30.51 35.27
C ILE D 101 8.14 29.12 35.57
N TYR D 102 8.23 28.30 34.53
CA TYR D 102 8.78 26.95 34.60
C TYR D 102 10.10 26.95 33.84
N ASN D 103 11.18 26.63 34.54
CA ASN D 103 12.52 26.66 33.96
C ASN D 103 13.17 25.31 34.13
N ALA D 104 13.70 24.75 33.03
CA ALA D 104 14.29 23.43 33.11
C ALA D 104 15.45 23.31 32.14
N ARG D 105 16.44 22.51 32.53
CA ARG D 105 17.56 22.20 31.66
C ARG D 105 17.26 20.92 30.89
N PHE D 106 17.59 20.92 29.60
CA PHE D 106 17.34 19.78 28.75
C PHE D 106 18.61 19.39 28.01
N LEU D 107 18.74 18.07 27.82
CA LEU D 107 19.80 17.44 27.04
C LEU D 107 19.08 16.46 26.14
N GLY D 108 19.01 16.76 24.85
CA GLY D 108 18.19 15.98 23.95
C GLY D 108 18.87 15.62 22.65
N SER D 109 18.55 14.44 22.16
CA SER D 109 19.00 13.99 20.84
C SER D 109 17.88 14.27 19.86
N PHE D 110 18.05 15.33 19.06
CA PHE D 110 17.04 15.78 18.12
C PHE D 110 17.35 15.27 16.72
N SER D 111 16.30 15.22 15.90
CA SER D 111 16.39 14.73 14.53
C SER D 111 15.86 15.78 13.57
N ASN D 112 16.38 15.75 12.34
CA ASN D 112 15.90 16.64 11.30
C ASN D 112 16.30 16.06 9.96
N ASP D 113 15.40 16.16 8.98
CA ASP D 113 15.67 15.63 7.66
C ASP D 113 16.83 16.37 7.01
N MET D 114 17.85 15.63 6.61
CA MET D 114 19.04 16.21 5.98
C MET D 114 19.18 15.69 4.56
N ASP D 115 19.60 16.57 3.66
CA ASP D 115 19.75 16.27 2.24
C ASP D 115 21.23 16.29 1.89
N PHE D 116 21.76 15.15 1.43
CA PHE D 116 23.19 14.99 1.22
C PHE D 116 23.57 15.01 -0.26
N ARG D 117 22.76 15.62 -1.11
CA ARG D 117 23.07 15.64 -2.53
C ARG D 117 24.34 16.43 -2.81
N LEU D 118 24.55 17.52 -2.07
CA LEU D 118 25.75 18.34 -2.24
C LEU D 118 26.85 17.97 -1.27
N PHE D 119 26.76 16.82 -0.62
CA PHE D 119 27.81 16.39 0.30
C PHE D 119 29.15 16.30 -0.43
N PRO D 120 30.25 16.73 0.18
CA PRO D 120 30.37 17.27 1.55
C PRO D 120 30.21 18.79 1.64
N PHE D 121 29.65 19.41 0.61
CA PHE D 121 29.37 20.84 0.61
C PHE D 121 27.95 21.17 1.03
N ASP D 122 27.29 20.27 1.75
CA ASP D 122 25.87 20.44 2.05
C ASP D 122 25.66 21.51 3.12
N ARG D 123 24.46 22.08 3.10
CA ARG D 123 24.00 23.03 4.10
C ARG D 123 22.81 22.42 4.83
N GLN D 124 22.84 22.44 6.17
CA GLN D 124 21.81 21.80 6.98
C GLN D 124 21.29 22.78 8.02
N GLN D 125 20.27 22.35 8.77
CA GLN D 125 19.67 23.16 9.81
C GLN D 125 19.45 22.31 11.05
N PHE D 126 19.86 22.82 12.21
CA PHE D 126 19.54 22.21 13.49
C PHE D 126 18.24 22.83 13.99
N VAL D 127 17.24 21.97 14.24
CA VAL D 127 15.87 22.42 14.45
C VAL D 127 15.36 21.90 15.78
N LEU D 128 14.64 22.76 16.50
CA LEU D 128 13.90 22.40 17.70
C LEU D 128 12.43 22.71 17.47
N GLU D 129 11.58 21.69 17.57
CA GLU D 129 10.14 21.82 17.41
C GLU D 129 9.49 21.54 18.77
N LEU D 130 9.14 22.61 19.47
CA LEU D 130 8.52 22.53 20.79
C LEU D 130 7.01 22.68 20.67
N GLU D 131 6.27 21.95 21.52
CA GLU D 131 4.82 21.89 21.38
C GLU D 131 4.22 21.44 22.69
N PRO D 132 3.11 22.03 23.13
CA PRO D 132 2.49 21.59 24.38
C PRO D 132 1.73 20.28 24.20
N PHE D 133 1.67 19.52 25.28
CA PHE D 133 0.88 18.31 25.35
C PHE D 133 -0.39 18.59 26.12
N SER D 134 -1.47 17.92 25.72
CA SER D 134 -2.75 17.91 26.42
C SER D 134 -3.53 19.22 26.30
N TYR D 135 -2.94 20.25 25.70
CA TYR D 135 -3.58 21.56 25.63
C TYR D 135 -3.46 22.09 24.21
N ASN D 136 -4.59 22.41 23.60
CA ASN D 136 -4.64 22.84 22.21
C ASN D 136 -4.42 24.35 22.14
N ASN D 137 -4.54 24.91 20.93
CA ASN D 137 -4.35 26.35 20.75
C ASN D 137 -5.49 27.15 21.36
N GLN D 138 -6.65 26.52 21.59
CA GLN D 138 -7.74 27.19 22.26
C GLN D 138 -7.56 27.26 23.77
N GLN D 139 -6.60 26.51 24.32
CA GLN D 139 -6.29 26.52 25.74
C GLN D 139 -4.93 27.13 26.05
N LEU D 140 -3.92 26.82 25.23
CA LEU D 140 -2.57 27.32 25.42
C LEU D 140 -2.04 27.82 24.08
N ARG D 141 -1.53 29.05 24.07
CA ARG D 141 -1.00 29.65 22.86
C ARG D 141 0.33 30.30 23.15
N PHE D 142 1.31 30.07 22.27
CA PHE D 142 2.63 30.67 22.41
C PHE D 142 2.60 32.11 21.92
N SER D 143 2.86 33.05 22.82
CA SER D 143 2.81 34.47 22.49
C SER D 143 4.07 34.92 21.75
N ASP D 144 5.24 34.73 22.35
CA ASP D 144 6.49 35.09 21.74
C ASP D 144 7.54 34.03 22.04
N ILE D 145 8.61 34.06 21.25
CA ILE D 145 9.73 33.13 21.40
C ILE D 145 11.02 33.91 21.19
N GLN D 146 12.00 33.68 22.05
CA GLN D 146 13.29 34.35 21.97
C GLN D 146 14.38 33.32 22.24
N VAL D 147 15.29 33.17 21.29
CA VAL D 147 16.41 32.24 21.41
C VAL D 147 17.67 33.04 21.71
N TYR D 148 18.42 32.59 22.72
CA TYR D 148 19.65 33.25 23.16
C TYR D 148 20.77 32.26 22.94
N THR D 149 21.31 32.28 21.72
CA THR D 149 22.43 31.41 21.33
C THR D 149 23.74 32.19 21.41
N GLU D 150 24.14 32.49 22.66
CA GLU D 150 25.34 33.27 22.87
C GLU D 150 26.59 32.39 22.99
N ASN D 151 26.43 31.14 23.41
CA ASN D 151 27.58 30.28 23.66
C ASN D 151 28.22 29.79 22.37
N ILE D 152 27.40 29.30 21.43
CA ILE D 152 27.97 28.67 20.24
C ILE D 152 28.22 29.68 19.12
N ASP D 153 27.47 30.79 19.10
CA ASP D 153 27.58 31.75 18.00
C ASP D 153 28.95 32.44 17.95
N ASN D 154 29.76 32.31 18.99
CA ASN D 154 31.04 33.01 19.07
C ASN D 154 32.10 32.35 18.21
N GLU D 155 32.11 31.02 18.14
CA GLU D 155 33.19 30.29 17.50
C GLU D 155 32.75 29.09 16.67
N GLU D 156 31.49 28.65 16.78
CA GLU D 156 30.98 27.52 16.01
C GLU D 156 31.91 26.31 16.14
N ILE D 157 31.91 25.75 17.36
CA ILE D 157 32.84 24.70 17.72
C ILE D 157 32.16 23.36 17.44
N ASP D 158 32.55 22.74 16.33
CA ASP D 158 32.07 21.44 15.84
C ASP D 158 32.77 21.09 14.53
N GLU D 159 32.49 19.90 14.00
CA GLU D 159 32.87 19.66 12.60
C GLU D 159 32.02 20.49 11.63
N TRP D 160 31.13 21.33 12.13
CA TRP D 160 30.26 22.19 11.35
C TRP D 160 30.55 23.65 11.67
N TRP D 161 29.91 24.52 10.91
CA TRP D 161 30.08 25.96 11.01
C TRP D 161 28.68 26.58 11.05
N ILE D 162 28.39 27.35 12.10
CA ILE D 162 27.09 27.99 12.21
C ILE D 162 27.12 29.28 11.41
N ARG D 163 26.18 29.43 10.48
CA ARG D 163 26.15 30.58 9.59
C ARG D 163 24.89 31.39 9.86
N GLY D 164 25.04 32.47 10.63
CA GLY D 164 23.95 33.38 10.90
C GLY D 164 23.30 33.15 12.25
N LYS D 165 22.36 34.02 12.56
CA LYS D 165 21.61 33.95 13.81
C LYS D 165 20.53 32.88 13.70
N ALA D 166 19.79 32.69 14.80
CA ALA D 166 18.72 31.70 14.81
C ALA D 166 17.45 32.29 14.23
N SER D 167 16.60 31.41 13.71
CA SER D 167 15.30 31.79 13.19
C SER D 167 14.20 31.19 14.05
N THR D 168 13.18 31.98 14.35
CA THR D 168 12.06 31.55 15.19
C THR D 168 10.77 31.66 14.41
N HIS D 169 9.86 30.72 14.65
CA HIS D 169 8.56 30.77 13.99
C HIS D 169 7.53 30.07 14.86
N ILE D 170 6.39 30.72 15.07
CA ILE D 170 5.27 30.14 15.79
C ILE D 170 4.19 29.78 14.78
N SER D 171 3.75 28.53 14.81
CA SER D 171 2.81 28.00 13.83
C SER D 171 1.71 27.22 14.54
N ASP D 172 0.74 26.75 13.78
CA ASP D 172 -0.37 25.95 14.31
C ASP D 172 -0.49 24.67 13.51
N ILE D 173 -0.40 23.53 14.20
CA ILE D 173 -0.34 22.22 13.57
C ILE D 173 -1.62 21.46 13.92
N ARG D 174 -2.25 20.85 12.92
CA ARG D 174 -3.49 20.11 13.12
C ARG D 174 -3.20 18.62 13.20
N TYR D 175 -3.79 17.96 14.21
CA TYR D 175 -3.65 16.52 14.41
C TYR D 175 -4.99 15.85 14.17
N ASP D 176 -5.03 14.90 13.23
CA ASP D 176 -6.27 14.19 12.93
C ASP D 176 -6.60 13.09 13.92
N HIS D 177 -5.62 12.63 14.71
CA HIS D 177 -5.89 11.53 15.62
C HIS D 177 -6.57 12.00 16.91
N LEU D 178 -6.70 13.30 17.14
CA LEU D 178 -7.53 13.82 18.22
C LEU D 178 -8.90 14.27 17.77
N SER D 179 -9.15 14.36 16.45
CA SER D 179 -10.48 14.75 15.99
C SER D 179 -11.53 13.74 16.43
N SER D 180 -11.12 12.47 16.61
CA SER D 180 -11.99 11.46 17.15
C SER D 180 -12.36 11.72 18.60
N VAL D 181 -11.64 12.64 19.26
CA VAL D 181 -11.88 12.97 20.66
C VAL D 181 -12.26 14.43 20.77
N GLN D 182 -11.28 15.31 20.57
CA GLN D 182 -11.47 16.76 20.57
C GLN D 182 -12.10 17.20 19.26
N PRO D 183 -13.41 17.48 19.23
CA PRO D 183 -14.03 17.83 17.94
C PRO D 183 -13.73 19.27 17.57
N ASN D 184 -13.17 19.47 16.38
CA ASN D 184 -12.84 20.79 15.85
C ASN D 184 -11.93 21.59 16.79
N GLN D 185 -11.20 20.91 17.67
CA GLN D 185 -10.33 21.56 18.65
C GLN D 185 -9.00 20.84 18.73
N ASN D 186 -8.47 20.40 17.61
CA ASN D 186 -7.26 19.59 17.58
C ASN D 186 -6.11 20.31 16.88
N GLU D 187 -5.96 21.60 17.14
CA GLU D 187 -4.85 22.39 16.62
C GLU D 187 -3.97 22.81 17.78
N PHE D 188 -2.67 22.56 17.65
CA PHE D 188 -1.71 22.86 18.70
C PHE D 188 -0.73 23.91 18.22
N SER D 189 -0.36 24.83 19.13
CA SER D 189 0.64 25.83 18.82
C SER D 189 2.04 25.20 18.89
N ARG D 190 2.90 25.56 17.95
CA ARG D 190 4.24 24.98 17.85
C ARG D 190 5.27 26.08 17.69
N ILE D 191 6.34 26.00 18.48
CA ILE D 191 7.51 26.86 18.33
C ILE D 191 8.57 26.11 17.53
N THR D 192 9.16 26.78 16.56
CA THR D 192 10.18 26.19 15.70
C THR D 192 11.41 27.08 15.70
N VAL D 193 12.54 26.52 16.09
CA VAL D 193 13.83 27.21 16.13
C VAL D 193 14.75 26.53 15.13
N ARG D 194 15.33 27.32 14.22
CA ARG D 194 16.21 26.80 13.17
C ARG D 194 17.55 27.50 13.23
N ILE D 195 18.63 26.72 13.12
CA ILE D 195 19.99 27.24 13.12
C ILE D 195 20.68 26.71 11.87
N ASP D 196 21.05 27.60 10.95
CA ASP D 196 21.70 27.21 9.72
C ASP D 196 23.17 26.88 9.95
N ALA D 197 23.63 25.82 9.28
CA ALA D 197 25.02 25.39 9.43
C ALA D 197 25.51 24.81 8.11
N VAL D 198 26.82 24.93 7.90
CA VAL D 198 27.50 24.39 6.74
C VAL D 198 28.58 23.44 7.24
N ARG D 199 29.04 22.58 6.35
CA ARG D 199 30.01 21.55 6.71
C ARG D 199 31.41 22.02 6.33
N LYS D 200 32.36 21.86 7.25
CA LYS D 200 33.75 22.13 6.95
C LYS D 200 34.37 20.91 6.27
N ILE D 201 35.10 21.15 5.17
CA ILE D 201 35.50 20.07 4.27
C ILE D 201 36.94 19.64 4.46
N GLY D 202 37.67 20.24 5.40
CA GLY D 202 39.09 19.91 5.54
C GLY D 202 39.33 18.43 5.79
N TYR D 203 38.59 17.85 6.74
CA TYR D 203 38.72 16.42 7.01
C TYR D 203 38.45 15.60 5.77
N PHE D 204 37.38 15.94 5.06
CA PHE D 204 37.03 15.18 3.86
C PHE D 204 38.05 15.38 2.76
N VAL D 205 38.58 16.59 2.62
CA VAL D 205 39.68 16.82 1.68
C VAL D 205 40.81 15.85 1.98
N ILE D 206 41.36 15.93 3.18
CA ILE D 206 42.53 15.13 3.55
C ILE D 206 42.25 13.63 3.43
N GLN D 207 41.02 13.21 3.72
CA GLN D 207 40.74 11.78 3.79
C GLN D 207 40.35 11.16 2.46
N THR D 208 39.73 11.92 1.55
CA THR D 208 39.34 11.30 0.30
C THR D 208 39.81 12.06 -0.94
N TYR D 209 39.81 13.39 -0.92
CA TYR D 209 40.06 14.14 -2.14
C TYR D 209 41.53 14.09 -2.51
N LEU D 210 42.39 14.52 -1.58
CA LEU D 210 43.83 14.40 -1.81
C LEU D 210 44.27 12.96 -2.08
N PRO D 211 43.79 11.93 -1.36
CA PRO D 211 44.14 10.56 -1.76
C PRO D 211 43.76 10.23 -3.18
N CYS D 212 42.55 10.61 -3.61
CA CYS D 212 42.15 10.35 -5.00
C CYS D 212 43.02 11.12 -5.98
N ILE D 213 43.35 12.38 -5.65
CA ILE D 213 44.17 13.19 -6.55
C ILE D 213 45.55 12.56 -6.73
N MET D 214 46.19 12.19 -5.61
CA MET D 214 47.50 11.57 -5.70
C MET D 214 47.44 10.19 -6.34
N THR D 215 46.32 9.48 -6.20
CA THR D 215 46.17 8.20 -6.87
C THR D 215 46.08 8.39 -8.38
N VAL D 216 45.36 9.42 -8.82
CA VAL D 216 45.30 9.73 -10.24
C VAL D 216 46.68 10.13 -10.76
N ILE D 217 47.42 10.92 -9.97
CA ILE D 217 48.78 11.29 -10.35
C ILE D 217 49.64 10.05 -10.50
N LEU D 218 49.56 9.14 -9.53
CA LEU D 218 50.31 7.89 -9.59
C LEU D 218 49.94 7.09 -10.83
N SER D 219 48.65 7.03 -11.17
CA SER D 219 48.23 6.34 -12.37
C SER D 219 48.85 6.98 -13.61
N GLN D 220 48.89 8.32 -13.63
CA GLN D 220 49.45 9.03 -14.78
C GLN D 220 50.95 8.82 -14.89
N VAL D 221 51.62 8.55 -13.77
CA VAL D 221 53.07 8.32 -13.79
C VAL D 221 53.42 7.20 -14.77
N SER D 222 52.49 6.27 -15.00
CA SER D 222 52.73 5.16 -15.92
C SER D 222 53.03 5.66 -17.33
N PHE D 223 52.43 6.78 -17.74
CA PHE D 223 52.62 7.27 -19.10
C PHE D 223 54.08 7.61 -19.40
N TRP D 224 54.82 8.06 -18.40
CA TRP D 224 56.21 8.44 -18.63
C TRP D 224 57.15 7.26 -18.64
N LEU D 225 56.63 6.06 -18.80
CA LEU D 225 57.44 4.89 -19.15
C LEU D 225 57.09 4.47 -20.57
N ASN D 226 58.13 4.07 -21.31
CA ASN D 226 57.97 3.61 -22.68
C ASN D 226 57.26 2.26 -22.64
N ARG D 227 57.10 1.61 -23.80
CA ARG D 227 56.46 0.30 -23.80
C ARG D 227 57.48 -0.62 -23.14
N GLU D 228 57.65 -0.37 -21.84
CA GLU D 228 58.69 -0.93 -20.98
C GLU D 228 58.15 -2.19 -20.34
N SER D 229 58.78 -2.63 -19.24
CA SER D 229 58.30 -3.78 -18.49
C SER D 229 56.81 -3.63 -18.27
N VAL D 230 56.05 -4.51 -18.91
CA VAL D 230 54.59 -4.51 -18.83
C VAL D 230 54.17 -4.71 -17.39
N PRO D 231 54.97 -5.57 -16.65
CA PRO D 231 54.53 -5.74 -15.25
C PRO D 231 54.53 -4.41 -14.50
N ALA D 232 55.53 -3.56 -14.73
CA ALA D 232 55.55 -2.29 -14.01
C ALA D 232 54.28 -1.48 -14.24
N ARG D 233 53.90 -1.29 -15.51
CA ARG D 233 52.70 -0.51 -15.80
C ARG D 233 51.44 -1.28 -15.41
N THR D 234 51.50 -2.62 -15.45
CA THR D 234 50.42 -3.45 -14.93
C THR D 234 50.23 -3.22 -13.43
N VAL D 235 51.33 -3.21 -12.68
CA VAL D 235 51.27 -2.92 -11.25
C VAL D 235 50.66 -1.54 -11.04
N PHE D 236 51.12 -0.56 -11.81
CA PHE D 236 50.51 0.77 -11.74
C PHE D 236 49.00 0.70 -11.90
N GLY D 237 48.54 0.07 -12.99
CA GLY D 237 47.12 0.05 -13.29
C GLY D 237 46.30 -0.64 -12.23
N VAL D 238 46.69 -1.87 -11.86
CA VAL D 238 45.87 -2.64 -10.92
C VAL D 238 45.92 -2.01 -9.53
N THR D 239 47.11 -1.57 -9.11
CA THR D 239 47.24 -0.88 -7.84
C THR D 239 46.34 0.33 -7.77
N THR D 240 46.34 1.14 -8.83
CA THR D 240 45.56 2.37 -8.81
C THR D 240 44.07 2.11 -8.85
N VAL D 241 43.62 1.13 -9.65
CA VAL D 241 42.19 0.86 -9.71
C VAL D 241 41.68 0.27 -8.40
N LEU D 242 42.47 -0.61 -7.77
CA LEU D 242 42.06 -1.15 -6.48
C LEU D 242 42.04 -0.06 -5.42
N THR D 243 43.03 0.83 -5.45
CA THR D 243 43.05 1.95 -4.51
C THR D 243 41.82 2.81 -4.68
N MET D 244 41.44 3.13 -5.92
CA MET D 244 40.26 3.95 -6.15
C MET D 244 38.99 3.25 -5.71
N THR D 245 38.91 1.93 -5.91
CA THR D 245 37.74 1.19 -5.44
C THR D 245 37.61 1.26 -3.92
N THR D 246 38.69 0.96 -3.21
CA THR D 246 38.65 1.04 -1.75
C THR D 246 38.36 2.46 -1.29
N LEU D 247 38.85 3.46 -2.01
CA LEU D 247 38.59 4.84 -1.63
C LEU D 247 37.11 5.18 -1.80
N SER D 248 36.50 4.76 -2.89
CA SER D 248 35.06 5.00 -3.08
C SER D 248 34.26 4.35 -1.96
N ILE D 249 34.59 3.10 -1.62
CA ILE D 249 33.86 2.40 -0.57
C ILE D 249 34.03 3.13 0.77
N SER D 250 35.27 3.39 1.16
CA SER D 250 35.53 4.02 2.45
C SER D 250 34.96 5.43 2.51
N ALA D 251 34.84 6.10 1.37
CA ALA D 251 34.27 7.44 1.35
C ALA D 251 32.77 7.41 1.52
N ARG D 252 32.09 6.49 0.84
CA ARG D 252 30.64 6.44 0.99
C ARG D 252 30.21 5.75 2.28
N ASN D 253 31.15 5.13 3.01
CA ASN D 253 30.81 4.54 4.29
C ASN D 253 30.47 5.57 5.36
N SER D 254 30.81 6.85 5.14
CA SER D 254 30.58 7.89 6.13
C SER D 254 29.22 8.58 6.00
N LEU D 255 28.34 8.05 5.16
CA LEU D 255 27.02 8.61 4.90
C LEU D 255 25.98 7.53 5.11
N PRO D 256 24.73 7.91 5.35
CA PRO D 256 23.65 6.91 5.36
C PRO D 256 23.45 6.33 3.97
N LYS D 257 22.75 5.20 3.92
CA LYS D 257 22.57 4.48 2.66
C LYS D 257 21.48 5.18 1.84
N VAL D 258 21.91 6.19 1.10
CA VAL D 258 21.01 7.06 0.36
C VAL D 258 21.05 6.70 -1.12
N ALA D 259 19.88 6.46 -1.70
CA ALA D 259 19.79 6.12 -3.12
C ALA D 259 20.44 7.14 -4.04
N TYR D 260 20.57 8.39 -3.61
CA TYR D 260 21.10 9.39 -4.54
C TYR D 260 22.62 9.55 -4.42
N ALA D 261 23.20 10.20 -5.41
CA ALA D 261 24.63 10.40 -5.50
C ALA D 261 25.02 11.80 -5.02
N THR D 262 26.18 11.88 -4.38
CA THR D 262 26.68 13.13 -3.82
C THR D 262 27.74 13.73 -4.74
N ALA D 263 28.22 14.92 -4.37
CA ALA D 263 29.31 15.54 -5.12
C ALA D 263 30.61 14.74 -4.96
N MET D 264 30.87 14.24 -3.75
CA MET D 264 32.01 13.37 -3.55
C MET D 264 31.91 12.11 -4.40
N ASP D 265 30.69 11.59 -4.56
CA ASP D 265 30.48 10.43 -5.40
C ASP D 265 30.89 10.73 -6.85
N TRP D 266 30.46 11.87 -7.38
CA TRP D 266 30.80 12.22 -8.75
C TRP D 266 32.29 12.46 -8.90
N PHE D 267 32.93 13.09 -7.92
CA PHE D 267 34.38 13.30 -7.97
C PHE D 267 35.12 11.97 -8.00
N ILE D 268 34.72 11.05 -7.13
CA ILE D 268 35.36 9.74 -7.09
C ILE D 268 35.12 8.99 -8.40
N ALA D 269 33.92 9.14 -8.96
CA ALA D 269 33.63 8.46 -10.22
C ALA D 269 34.51 8.99 -11.34
N VAL D 270 34.73 10.30 -11.39
CA VAL D 270 35.58 10.87 -12.43
C VAL D 270 37.02 10.43 -12.25
N CYS D 271 37.51 10.43 -11.02
CA CYS D 271 38.88 9.95 -10.78
C CYS D 271 39.03 8.48 -11.15
N TYR D 272 38.01 7.67 -10.83
CA TYR D 272 38.03 6.26 -11.20
C TYR D 272 38.06 6.09 -12.71
N ALA D 273 37.27 6.90 -13.42
CA ALA D 273 37.27 6.84 -14.87
C ALA D 273 38.63 7.21 -15.44
N PHE D 274 39.28 8.22 -14.86
CA PHE D 274 40.61 8.61 -15.33
C PHE D 274 41.63 7.49 -15.12
N VAL D 275 41.60 6.86 -13.94
CA VAL D 275 42.55 5.78 -13.66
C VAL D 275 42.31 4.59 -14.59
N PHE D 276 41.04 4.21 -14.75
CA PHE D 276 40.72 3.07 -15.62
C PHE D 276 41.07 3.39 -17.06
N SER D 277 40.91 4.64 -17.48
CA SER D 277 41.28 5.04 -18.83
C SER D 277 42.79 4.98 -19.01
N ALA D 278 43.55 5.32 -17.98
CA ALA D 278 45.00 5.17 -18.05
C ALA D 278 45.38 3.71 -18.24
N LEU D 279 44.76 2.81 -17.48
CA LEU D 279 45.06 1.39 -17.63
C LEU D 279 44.69 0.89 -19.02
N ILE D 280 43.52 1.29 -19.51
CA ILE D 280 43.09 0.85 -20.84
C ILE D 280 44.01 1.43 -21.92
N GLU D 281 44.50 2.65 -21.71
CA GLU D 281 45.46 3.23 -22.64
C GLU D 281 46.74 2.42 -22.68
N PHE D 282 47.25 2.02 -21.51
CA PHE D 282 48.45 1.17 -21.52
C PHE D 282 48.18 -0.14 -22.24
N ALA D 283 47.03 -0.76 -21.99
CA ALA D 283 46.72 -2.01 -22.67
C ALA D 283 46.66 -1.82 -24.18
N THR D 284 46.08 -0.69 -24.61
CA THR D 284 45.98 -0.40 -26.04
C THR D 284 47.36 -0.22 -26.67
N VAL D 285 48.21 0.61 -26.05
CA VAL D 285 49.54 0.83 -26.62
C VAL D 285 50.39 -0.42 -26.56
N ASN D 286 50.12 -1.32 -25.62
CA ASN D 286 50.81 -2.60 -25.63
C ASN D 286 50.29 -3.51 -26.74
N TYR D 287 48.99 -3.41 -27.05
CA TYR D 287 48.46 -4.18 -28.18
C TYR D 287 49.00 -3.71 -29.53
N PHE D 288 49.54 -2.51 -29.61
CA PHE D 288 50.10 -2.00 -30.86
C PHE D 288 51.63 -2.03 -30.92
N THR D 289 52.30 -2.61 -29.93
CA THR D 289 53.75 -2.70 -30.03
C THR D 289 54.18 -3.61 -31.18
N LYS D 290 53.83 -4.89 -31.12
CA LYS D 290 54.07 -5.90 -32.15
C LYS D 290 55.40 -5.72 -32.87
N ARG D 291 56.47 -5.42 -32.15
CA ARG D 291 57.76 -5.14 -32.78
C ARG D 291 58.90 -4.89 -31.80
N GLY D 292 60.06 -5.46 -32.11
CA GLY D 292 61.32 -5.31 -31.39
C GLY D 292 62.02 -4.00 -31.66
N VAL D 293 61.33 -3.04 -32.25
CA VAL D 293 61.88 -1.72 -32.52
C VAL D 293 61.39 -0.78 -31.42
N GLU D 294 61.96 0.43 -31.39
CA GLU D 294 61.57 1.38 -30.35
C GLU D 294 60.30 2.10 -30.76
N SER D 295 60.36 2.93 -31.81
CA SER D 295 59.23 3.75 -32.25
C SER D 295 58.37 4.25 -31.10
N VAL D 296 58.92 5.14 -30.26
CA VAL D 296 58.15 5.73 -29.16
C VAL D 296 56.79 6.19 -29.69
N SER D 297 55.75 5.98 -28.90
CA SER D 297 54.39 6.11 -29.39
C SER D 297 53.85 7.50 -29.07
N LYS D 298 53.28 8.14 -30.09
CA LYS D 298 52.65 9.43 -29.88
C LYS D 298 51.46 9.34 -28.92
N ILE D 299 50.87 8.16 -28.77
CA ILE D 299 49.74 8.00 -27.85
C ILE D 299 50.15 8.38 -26.43
N ASP D 300 51.22 7.77 -25.93
CA ASP D 300 51.68 8.11 -24.58
C ASP D 300 52.20 9.53 -24.51
N ARG D 301 52.88 9.99 -25.55
CA ARG D 301 53.43 11.35 -25.53
C ARG D 301 52.34 12.39 -25.43
N LEU D 302 51.19 12.15 -26.06
CA LEU D 302 50.08 13.09 -25.94
C LEU D 302 49.26 12.82 -24.69
N SER D 303 49.24 11.58 -24.19
CA SER D 303 48.52 11.29 -22.96
C SER D 303 49.17 11.99 -21.77
N ARG D 304 50.51 12.01 -21.75
CA ARG D 304 51.24 12.68 -20.67
C ARG D 304 50.84 14.13 -20.50
N ILE D 305 50.17 14.71 -21.49
CA ILE D 305 49.66 16.07 -21.40
C ILE D 305 48.14 16.09 -21.28
N ALA D 306 47.45 15.23 -22.03
CA ALA D 306 46.00 15.22 -22.03
C ALA D 306 45.45 14.86 -20.66
N PHE D 307 45.97 13.80 -20.05
CA PHE D 307 45.45 13.38 -18.75
C PHE D 307 45.67 14.43 -17.68
N PRO D 308 46.88 14.96 -17.46
CA PRO D 308 47.03 16.00 -16.42
C PRO D 308 46.24 17.25 -16.72
N LEU D 309 46.21 17.70 -17.98
CA LEU D 309 45.48 18.91 -18.31
C LEU D 309 43.97 18.73 -18.13
N LEU D 310 43.45 17.59 -18.58
CA LEU D 310 42.04 17.31 -18.37
C LEU D 310 41.71 17.22 -16.89
N PHE D 311 42.56 16.57 -16.10
CA PHE D 311 42.32 16.48 -14.66
C PHE D 311 42.34 17.87 -14.02
N GLY D 312 43.26 18.73 -14.47
CA GLY D 312 43.34 20.07 -13.91
C GLY D 312 42.13 20.91 -14.24
N ILE D 313 41.68 20.88 -15.51
CA ILE D 313 40.51 21.67 -15.87
C ILE D 313 39.25 21.11 -15.22
N PHE D 314 39.18 19.79 -15.06
CA PHE D 314 38.04 19.21 -14.35
C PHE D 314 38.03 19.63 -12.89
N ASN D 315 39.20 19.62 -12.24
CA ASN D 315 39.27 20.11 -10.86
C ASN D 315 38.89 21.58 -10.78
N LEU D 316 39.30 22.38 -11.76
CA LEU D 316 38.92 23.79 -11.75
C LEU D 316 37.40 23.94 -11.82
N VAL D 317 36.77 23.23 -12.76
CA VAL D 317 35.31 23.27 -12.86
C VAL D 317 34.67 22.81 -11.56
N TYR D 318 35.13 21.67 -11.04
CA TYR D 318 34.58 21.11 -9.80
C TYR D 318 34.64 22.12 -8.66
N TRP D 319 35.84 22.60 -8.34
CA TRP D 319 36.03 23.46 -7.19
C TRP D 319 35.46 24.86 -7.40
N ALA D 320 35.28 25.29 -8.66
CA ALA D 320 34.55 26.53 -8.89
C ALA D 320 33.07 26.33 -8.61
N THR D 321 32.52 25.19 -9.00
CA THR D 321 31.23 24.77 -8.48
C THR D 321 31.38 24.40 -7.00
N TYR D 322 30.24 24.26 -6.32
CA TYR D 322 30.23 23.80 -4.93
C TYR D 322 30.94 24.77 -3.98
N LEU D 323 31.42 25.90 -4.50
CA LEU D 323 32.11 26.88 -3.67
C LEU D 323 31.72 28.30 -4.09
N ARG E 10 22.59 39.61 52.81
CA ARG E 10 21.90 38.32 52.72
C ARG E 10 22.69 37.16 52.12
N PRO E 11 23.31 37.35 50.90
CA PRO E 11 23.74 36.19 50.11
C PRO E 11 24.38 35.06 50.90
N VAL E 12 23.81 33.86 50.80
CA VAL E 12 24.27 32.71 51.57
C VAL E 12 25.62 32.28 51.04
N ASP E 13 26.64 32.35 51.90
CA ASP E 13 27.97 31.87 51.55
C ASP E 13 27.99 30.35 51.63
N VAL E 14 28.35 29.69 50.52
CA VAL E 14 28.42 28.24 50.43
C VAL E 14 29.87 27.86 50.19
N SER E 15 30.41 27.00 51.06
CA SER E 15 31.75 26.46 50.91
C SER E 15 31.67 25.12 50.20
N VAL E 16 32.50 24.95 49.18
CA VAL E 16 32.47 23.77 48.33
C VAL E 16 33.83 23.10 48.35
N SER E 17 33.84 21.79 48.53
CA SER E 17 35.05 20.98 48.43
C SER E 17 34.78 19.83 47.48
N ILE E 18 35.69 19.61 46.54
CA ILE E 18 35.53 18.59 45.52
C ILE E 18 36.67 17.60 45.63
N PHE E 19 36.34 16.35 45.94
CA PHE E 19 37.31 15.26 45.97
C PHE E 19 37.21 14.52 44.65
N ILE E 20 38.33 14.42 43.94
CA ILE E 20 38.38 13.75 42.65
C ILE E 20 38.92 12.34 42.88
N ASN E 21 38.06 11.35 42.71
CA ASN E 21 38.49 9.97 42.88
C ASN E 21 39.32 9.50 41.69
N LYS E 22 38.82 9.75 40.47
CA LYS E 22 39.58 9.38 39.29
C LYS E 22 39.05 10.11 38.06
N ILE E 23 39.93 10.25 37.08
CA ILE E 23 39.59 10.76 35.75
C ILE E 23 39.95 9.68 34.74
N TYR E 24 39.04 9.41 33.81
CA TYR E 24 39.26 8.33 32.86
C TYR E 24 38.36 8.58 31.65
N GLY E 25 38.28 7.60 30.77
CA GLY E 25 37.39 7.66 29.62
C GLY E 25 37.58 8.88 28.75
N VAL E 26 38.82 9.32 28.57
CA VAL E 26 39.08 10.52 27.76
C VAL E 26 38.92 10.16 26.30
N ASN E 27 37.77 10.50 25.74
CA ASN E 27 37.46 10.22 24.33
C ASN E 27 37.76 11.48 23.56
N THR E 28 38.88 11.49 22.83
CA THR E 28 39.26 12.68 22.08
C THR E 28 38.34 12.93 20.90
N LEU E 29 37.65 11.91 20.40
CA LEU E 29 36.73 12.12 19.28
C LEU E 29 35.56 12.98 19.70
N GLU E 30 34.89 12.60 20.78
CA GLU E 30 33.78 13.35 21.33
C GLU E 30 34.22 14.47 22.26
N GLN E 31 35.51 14.57 22.56
CA GLN E 31 36.06 15.61 23.44
C GLN E 31 35.41 15.56 24.83
N THR E 32 35.17 14.35 25.33
CA THR E 32 34.60 14.14 26.65
C THR E 32 35.59 13.39 27.53
N TYR E 33 35.30 13.40 28.83
CA TYR E 33 36.10 12.69 29.80
C TYR E 33 35.26 12.44 31.04
N LYS E 34 35.37 11.24 31.60
CA LYS E 34 34.57 10.84 32.75
C LYS E 34 35.32 11.16 34.03
N VAL E 35 34.63 11.77 34.98
CA VAL E 35 35.19 12.16 36.26
C VAL E 35 34.34 11.53 37.35
N ASP E 36 34.97 10.74 38.21
CA ASP E 36 34.31 10.16 39.37
C ASP E 36 34.90 10.80 40.62
N GLY E 37 34.04 11.25 41.52
CA GLY E 37 34.53 11.85 42.74
C GLY E 37 33.42 12.11 43.73
N TYR E 38 33.76 12.84 44.79
CA TYR E 38 32.83 13.24 45.82
C TYR E 38 32.74 14.76 45.86
N ILE E 39 31.58 15.27 46.29
CA ILE E 39 31.38 16.71 46.40
C ILE E 39 30.77 17.01 47.76
N VAL E 40 31.29 18.05 48.42
CA VAL E 40 30.82 18.50 49.72
C VAL E 40 30.48 19.98 49.61
N ALA E 41 29.28 20.34 50.06
CA ALA E 41 28.82 21.72 50.05
C ALA E 41 28.31 22.05 51.44
N GLN E 42 28.95 23.03 52.09
CA GLN E 42 28.63 23.39 53.46
C GLN E 42 28.18 24.84 53.51
N TRP E 43 27.08 25.09 54.22
CA TRP E 43 26.63 26.45 54.50
C TRP E 43 26.19 26.51 55.95
N THR E 44 25.72 27.68 56.38
CA THR E 44 25.34 27.91 57.76
C THR E 44 23.88 28.36 57.81
N GLY E 45 23.02 27.51 58.37
CA GLY E 45 21.62 27.80 58.50
C GLY E 45 21.20 28.12 59.93
N LYS E 46 19.91 27.96 60.19
CA LYS E 46 19.39 28.24 61.51
C LYS E 46 19.78 27.12 62.48
N PRO E 47 20.15 27.44 63.71
CA PRO E 47 20.54 26.40 64.66
C PRO E 47 19.41 25.43 64.96
N ARG E 48 19.78 24.18 65.27
CA ARG E 48 18.82 23.13 65.54
C ARG E 48 19.33 22.27 66.69
N LYS E 49 18.49 21.33 67.12
CA LYS E 49 18.80 20.39 68.19
C LYS E 49 18.85 19.00 67.60
N THR E 50 20.05 18.47 67.46
CA THR E 50 20.24 17.11 67.02
C THR E 50 20.13 16.18 68.22
N PRO E 51 19.87 14.88 67.99
CA PRO E 51 19.91 13.94 69.12
C PRO E 51 21.29 13.93 69.74
N GLY E 52 21.39 14.47 70.95
CA GLY E 52 22.68 14.74 71.54
C GLY E 52 23.34 15.91 70.84
N ASP E 53 24.52 16.28 71.36
CA ASP E 53 25.28 17.33 70.71
C ASP E 53 25.85 16.87 69.38
N LYS E 54 25.87 15.56 69.13
CA LYS E 54 26.45 15.01 67.93
C LYS E 54 25.59 15.38 66.72
N PRO E 55 26.20 15.65 65.57
CA PRO E 55 25.42 16.05 64.39
C PRO E 55 24.60 14.89 63.84
N LEU E 56 23.56 15.26 63.11
CA LEU E 56 22.63 14.29 62.55
C LEU E 56 23.05 13.91 61.14
N ILE E 57 22.82 12.66 60.79
CA ILE E 57 23.25 12.10 59.50
C ILE E 57 22.03 11.54 58.78
N VAL E 58 21.88 11.92 57.52
CA VAL E 58 20.73 11.54 56.70
C VAL E 58 21.23 10.90 55.41
N GLU E 59 20.73 9.71 55.09
CA GLU E 59 21.21 8.92 53.96
C GLU E 59 20.12 8.85 52.89
N ASN E 60 20.21 9.77 51.92
CA ASN E 60 19.46 9.91 50.67
C ASN E 60 17.95 10.00 50.83
N THR E 61 17.36 9.16 51.67
CA THR E 61 15.94 8.93 51.49
C THR E 61 15.14 9.82 52.41
N GLN E 62 15.52 9.84 53.69
CA GLN E 62 15.09 10.90 54.57
C GLN E 62 15.33 12.27 53.94
N ILE E 63 16.31 12.37 53.02
CA ILE E 63 16.57 13.69 52.42
C ILE E 63 15.27 14.24 51.84
N GLU E 64 14.54 13.40 51.11
CA GLU E 64 13.25 13.80 50.57
C GLU E 64 12.37 14.37 51.68
N ARG E 65 12.15 13.57 52.73
CA ARG E 65 11.33 14.01 53.84
C ARG E 65 11.80 15.35 54.38
N TRP E 66 13.12 15.53 54.51
CA TRP E 66 13.62 16.76 55.10
C TRP E 66 13.31 17.96 54.21
N ILE E 67 13.43 17.81 52.90
CA ILE E 67 13.07 18.93 52.03
C ILE E 67 11.56 19.07 51.90
N ASN E 68 10.80 18.06 52.32
CA ASN E 68 9.36 18.18 52.35
C ASN E 68 8.88 18.95 53.57
N ASN E 69 9.66 18.94 54.65
CA ASN E 69 9.33 19.66 55.86
C ASN E 69 9.95 21.05 55.92
N GLY E 70 10.48 21.55 54.81
CA GLY E 70 10.95 22.92 54.73
C GLY E 70 12.45 23.11 54.75
N LEU E 71 13.24 22.03 54.83
CA LEU E 71 14.68 22.17 54.81
C LEU E 71 15.15 22.70 53.45
N TRP E 72 16.07 23.66 53.48
CA TRP E 72 16.53 24.32 52.28
C TRP E 72 17.80 23.62 51.81
N VAL E 73 17.69 22.86 50.73
CA VAL E 73 18.85 22.21 50.11
C VAL E 73 18.93 22.67 48.66
N PRO E 74 19.89 23.51 48.30
CA PRO E 74 19.95 24.03 46.93
C PRO E 74 20.47 22.99 45.94
N ALA E 75 19.93 23.02 44.73
CA ALA E 75 20.35 22.12 43.68
C ALA E 75 21.50 22.74 42.91
N LEU E 76 22.61 22.02 42.83
CA LEU E 76 23.78 22.45 42.07
C LEU E 76 23.89 21.62 40.79
N GLU E 77 24.53 22.19 39.78
CA GLU E 77 24.57 21.56 38.47
C GLU E 77 25.88 21.85 37.78
N PHE E 78 26.40 20.85 37.06
CA PHE E 78 27.59 21.02 36.25
C PHE E 78 27.20 21.48 34.85
N ILE E 79 27.92 22.47 34.34
CA ILE E 79 27.61 23.03 33.03
C ILE E 79 28.26 22.22 31.92
N ASN E 80 29.49 21.76 32.13
CA ASN E 80 30.21 20.99 31.10
C ASN E 80 29.68 19.58 30.95
N VAL E 81 28.79 19.12 31.82
CA VAL E 81 28.37 17.73 31.79
C VAL E 81 27.56 17.45 30.53
N VAL E 82 27.63 16.21 30.06
CA VAL E 82 26.84 15.74 28.93
C VAL E 82 25.83 14.75 29.48
N GLY E 83 24.57 15.19 29.60
CA GLY E 83 23.54 14.38 30.21
C GLY E 83 23.57 14.45 31.73
N SER E 84 22.49 13.97 32.32
CA SER E 84 22.35 13.94 33.76
C SER E 84 23.47 13.11 34.38
N PRO E 85 24.29 13.69 35.25
CA PRO E 85 25.39 12.91 35.84
C PRO E 85 24.87 11.79 36.73
N ASP E 86 25.61 10.69 36.73
CA ASP E 86 25.26 9.53 37.54
C ASP E 86 25.53 9.86 39.01
N THR E 87 24.47 10.05 39.78
CA THR E 87 24.59 10.41 41.19
C THR E 87 24.50 9.14 42.03
N GLY E 88 25.52 8.92 42.85
CA GLY E 88 25.56 7.76 43.74
C GLY E 88 24.80 8.03 45.02
N ASN E 89 25.42 7.76 46.15
CA ASN E 89 24.78 8.02 47.44
C ASN E 89 24.97 9.47 47.84
N LYS E 90 23.97 10.01 48.53
CA LYS E 90 23.99 11.36 49.07
C LYS E 90 23.93 11.28 50.59
N ARG E 91 24.20 12.41 51.24
CA ARG E 91 24.14 12.45 52.69
C ARG E 91 24.02 13.90 53.14
N LEU E 92 23.32 14.07 54.25
CA LEU E 92 23.18 15.36 54.92
C LEU E 92 23.75 15.24 56.31
N MET E 93 24.70 16.13 56.64
CA MET E 93 25.17 16.29 58.00
C MET E 93 24.61 17.60 58.53
N LEU E 94 23.79 17.50 59.57
CA LEU E 94 23.10 18.63 60.17
C LEU E 94 23.74 18.91 61.53
N PHE E 95 24.31 20.08 61.66
CA PHE E 95 24.95 20.36 62.93
C PHE E 95 24.03 21.17 63.84
N PRO E 96 24.21 21.05 65.16
CA PRO E 96 23.37 21.85 66.08
C PRO E 96 23.67 23.33 66.00
N ASP E 97 24.90 23.72 65.70
CA ASP E 97 25.23 25.14 65.59
C ASP E 97 24.69 25.78 64.30
N GLY E 98 23.99 25.02 63.46
CA GLY E 98 23.28 25.56 62.32
C GLY E 98 23.84 25.14 60.97
N ARG E 99 25.14 24.82 60.90
CA ARG E 99 25.75 24.52 59.62
C ARG E 99 25.20 23.23 59.03
N VAL E 100 24.89 23.27 57.73
CA VAL E 100 24.39 22.12 56.98
C VAL E 100 25.46 21.72 55.97
N ILE E 101 25.58 20.41 55.75
CA ILE E 101 26.58 19.87 54.83
C ILE E 101 25.90 18.83 53.94
N TYR E 102 26.05 19.00 52.64
CA TYR E 102 25.52 18.09 51.63
C TYR E 102 26.69 17.41 50.94
N ASN E 103 26.78 16.08 51.07
CA ASN E 103 27.90 15.34 50.51
C ASN E 103 27.36 14.23 49.62
N ALA E 104 27.85 14.17 48.38
CA ALA E 104 27.34 13.19 47.45
C ALA E 104 28.45 12.74 46.50
N ARG E 105 28.39 11.47 46.09
CA ARG E 105 29.31 10.96 45.10
C ARG E 105 28.70 11.12 43.71
N PHE E 106 29.51 11.57 42.77
CA PHE E 106 29.08 11.80 41.41
C PHE E 106 30.03 11.14 40.43
N LEU E 107 29.48 10.67 39.32
CA LEU E 107 30.27 10.15 38.21
C LEU E 107 29.67 10.74 36.95
N GLY E 108 30.39 11.64 36.30
CA GLY E 108 29.84 12.41 35.20
C GLY E 108 30.77 12.45 34.00
N SER E 109 30.15 12.47 32.82
CA SER E 109 30.89 12.62 31.57
C SER E 109 30.88 14.10 31.21
N PHE E 110 32.02 14.75 31.39
CA PHE E 110 32.15 16.19 31.18
C PHE E 110 32.78 16.45 29.82
N SER E 111 32.54 17.67 29.33
CA SER E 111 33.01 18.11 28.03
C SER E 111 33.81 19.40 28.19
N ASN E 112 34.73 19.63 27.27
CA ASN E 112 35.50 20.86 27.29
C ASN E 112 36.06 21.11 25.90
N ASP E 113 36.05 22.37 25.48
CA ASP E 113 36.56 22.73 24.16
C ASP E 113 38.06 22.42 24.09
N MET E 114 38.44 21.58 23.14
CA MET E 114 39.83 21.18 22.99
C MET E 114 40.35 21.60 21.61
N ASP E 115 41.60 22.03 21.58
CA ASP E 115 42.25 22.49 20.36
C ASP E 115 43.35 21.50 20.00
N PHE E 116 43.22 20.88 18.83
CA PHE E 116 44.10 19.78 18.44
C PHE E 116 45.10 20.19 17.37
N ARG E 117 45.42 21.47 17.28
CA ARG E 117 46.38 21.91 16.26
C ARG E 117 47.77 21.36 16.53
N LEU E 118 48.16 21.24 17.80
CA LEU E 118 49.48 20.72 18.16
C LEU E 118 49.45 19.22 18.43
N PHE E 119 48.38 18.54 18.02
CA PHE E 119 48.27 17.10 18.22
C PHE E 119 49.41 16.38 17.50
N PRO E 120 49.99 15.32 18.10
CA PRO E 120 49.65 14.76 19.41
C PRO E 120 50.42 15.35 20.57
N PHE E 121 51.05 16.50 20.36
CA PHE E 121 51.78 17.19 21.42
C PHE E 121 50.92 18.26 22.08
N ASP E 122 49.60 18.15 21.98
CA ASP E 122 48.73 19.20 22.47
C ASP E 122 48.67 19.19 23.99
N ARG E 123 48.35 20.35 24.56
CA ARG E 123 48.11 20.50 25.98
C ARG E 123 46.65 20.90 26.16
N GLN E 124 45.95 20.18 27.02
CA GLN E 124 44.53 20.40 27.22
C GLN E 124 44.26 20.57 28.70
N GLN E 125 43.02 20.87 29.04
CA GLN E 125 42.63 21.03 30.44
C GLN E 125 41.28 20.37 30.67
N PHE E 126 41.21 19.61 31.76
CA PHE E 126 39.95 19.02 32.20
C PHE E 126 39.25 20.00 33.11
N VAL E 127 38.02 20.36 32.77
CA VAL E 127 37.32 21.48 33.40
C VAL E 127 36.02 20.99 34.00
N LEU E 128 35.73 21.47 35.21
CA LEU E 128 34.45 21.28 35.89
C LEU E 128 33.87 22.65 36.18
N GLU E 129 32.70 22.95 35.64
CA GLU E 129 32.03 24.21 35.87
C GLU E 129 30.76 23.92 36.68
N LEU E 130 30.85 24.14 37.99
CA LEU E 130 29.73 23.92 38.88
C LEU E 130 29.03 25.25 39.14
N GLU E 131 27.70 25.20 39.26
CA GLU E 131 26.95 26.44 39.31
C GLU E 131 25.60 26.13 39.91
N PRO E 132 25.07 26.97 40.80
CA PRO E 132 23.78 26.68 41.39
C PRO E 132 22.66 26.96 40.42
N PHE E 133 21.57 26.24 40.61
CA PHE E 133 20.34 26.46 39.86
C PHE E 133 19.36 27.21 40.73
N SER E 134 18.57 28.07 40.10
CA SER E 134 17.45 28.77 40.73
C SER E 134 17.90 29.89 41.66
N TYR E 135 19.20 30.03 41.91
CA TYR E 135 19.66 31.01 42.89
C TYR E 135 20.81 31.81 42.30
N ASN E 136 20.65 33.14 42.28
CA ASN E 136 21.64 34.03 41.68
C ASN E 136 22.71 34.38 42.71
N ASN E 137 23.63 35.28 42.34
CA ASN E 137 24.68 35.68 43.27
C ASN E 137 24.14 36.53 44.41
N GLN E 138 22.97 37.15 44.24
CA GLN E 138 22.33 37.90 45.30
C GLN E 138 21.65 37.01 46.33
N GLN E 139 21.45 35.72 46.02
CA GLN E 139 20.84 34.76 46.92
C GLN E 139 21.80 33.69 47.42
N LEU E 140 22.66 33.18 46.55
CA LEU E 140 23.64 32.16 46.90
C LEU E 140 24.97 32.56 46.29
N ARG E 141 26.03 32.56 47.09
CA ARG E 141 27.35 32.98 46.65
C ARG E 141 28.38 31.95 47.11
N PHE E 142 29.29 31.60 46.22
CA PHE E 142 30.35 30.64 46.53
C PHE E 142 31.45 31.34 47.32
N SER E 143 31.66 30.90 48.55
CA SER E 143 32.65 31.52 49.42
C SER E 143 34.06 31.04 49.09
N ASP E 144 34.29 29.73 49.15
CA ASP E 144 35.60 29.16 48.85
C ASP E 144 35.43 27.85 48.09
N ILE E 145 36.52 27.42 47.47
CA ILE E 145 36.56 26.16 46.73
C ILE E 145 37.90 25.49 47.01
N GLN E 146 37.87 24.19 47.27
CA GLN E 146 39.08 23.41 47.54
C GLN E 146 38.98 22.07 46.85
N VAL E 147 39.96 21.76 46.00
CA VAL E 147 40.02 20.49 45.28
C VAL E 147 41.09 19.62 45.92
N TYR E 148 40.74 18.36 46.20
CA TYR E 148 41.65 17.41 46.82
C TYR E 148 41.87 16.26 45.84
N THR E 149 42.82 16.43 44.93
CA THR E 149 43.17 15.41 43.95
C THR E 149 44.40 14.63 44.41
N GLU E 150 44.21 13.84 45.47
CA GLU E 150 45.32 13.10 46.05
C GLU E 150 45.53 11.73 45.43
N ASN E 151 44.47 11.09 44.95
CA ASN E 151 44.58 9.72 44.46
C ASN E 151 45.21 9.67 43.07
N ILE E 152 44.75 10.51 42.15
CA ILE E 152 45.16 10.36 40.75
C ILE E 152 46.41 11.16 40.42
N ASP E 153 46.71 12.23 41.18
CA ASP E 153 47.83 13.11 40.84
C ASP E 153 49.18 12.41 40.89
N ASN E 154 49.25 11.21 41.49
CA ASN E 154 50.53 10.52 41.60
C ASN E 154 50.91 9.82 40.30
N GLU E 155 49.96 9.19 39.62
CA GLU E 155 50.25 8.34 38.47
C GLU E 155 50.33 9.08 37.14
N GLU E 156 49.41 10.02 36.87
CA GLU E 156 49.25 10.62 35.54
C GLU E 156 49.06 9.49 34.54
N ILE E 157 48.03 8.71 34.80
CA ILE E 157 47.76 7.48 34.10
C ILE E 157 46.68 7.70 33.02
N ASP E 158 46.45 6.69 32.20
CA ASP E 158 45.39 6.69 31.17
C ASP E 158 45.67 7.75 30.10
N GLU E 159 46.75 7.48 29.36
CA GLU E 159 47.15 8.13 28.09
C GLU E 159 47.41 9.63 28.22
N TRP E 160 47.26 10.18 29.43
CA TRP E 160 47.59 11.59 29.63
C TRP E 160 48.58 11.71 30.77
N TRP E 161 49.10 12.93 30.94
CA TRP E 161 50.06 13.26 31.98
C TRP E 161 49.56 14.52 32.67
N ILE E 162 49.36 14.44 33.98
CA ILE E 162 48.86 15.57 34.74
C ILE E 162 50.05 16.45 35.12
N ARG E 163 49.99 17.72 34.77
CA ARG E 163 51.08 18.66 35.03
C ARG E 163 50.58 19.68 36.04
N GLY E 164 50.86 19.44 37.32
CA GLY E 164 50.53 20.36 38.37
C GLY E 164 49.24 20.00 39.09
N LYS E 165 48.96 20.76 40.15
CA LYS E 165 47.75 20.59 40.93
C LYS E 165 46.59 21.28 40.21
N ALA E 166 45.41 21.24 40.82
CA ALA E 166 44.24 21.84 40.18
C ALA E 166 44.19 23.34 40.42
N SER E 167 43.56 24.06 39.48
CA SER E 167 43.37 25.49 39.56
C SER E 167 41.89 25.82 39.68
N THR E 168 41.56 26.80 40.52
CA THR E 168 40.19 27.20 40.77
C THR E 168 39.95 28.64 40.38
N HIS E 169 38.72 28.94 39.98
CA HIS E 169 38.32 30.30 39.64
C HIS E 169 36.84 30.43 39.98
N ILE E 170 36.52 31.40 40.84
CA ILE E 170 35.13 31.70 41.18
C ILE E 170 34.77 33.01 40.50
N SER E 171 33.72 32.98 39.70
CA SER E 171 33.33 34.13 38.88
C SER E 171 31.82 34.32 38.98
N ASP E 172 31.34 35.35 38.30
CA ASP E 172 29.90 35.64 38.23
C ASP E 172 29.54 35.75 36.76
N ILE E 173 28.58 34.94 36.33
CA ILE E 173 28.20 34.82 34.93
C ILE E 173 26.80 35.40 34.77
N ARG E 174 26.62 36.23 33.75
CA ARG E 174 25.35 36.88 33.47
C ARG E 174 24.62 36.12 32.37
N TYR E 175 23.34 35.87 32.59
CA TYR E 175 22.49 35.19 31.61
C TYR E 175 21.47 36.20 31.08
N ASP E 176 21.45 36.38 29.77
CA ASP E 176 20.53 37.34 29.16
C ASP E 176 19.12 36.79 29.03
N HIS E 177 18.93 35.47 29.09
CA HIS E 177 17.60 34.90 28.96
C HIS E 177 16.80 34.95 30.25
N LEU E 178 17.41 35.36 31.37
CA LEU E 178 16.67 35.64 32.59
C LEU E 178 16.36 37.12 32.77
N SER E 179 16.90 38.00 31.93
CA SER E 179 16.56 39.42 32.04
C SER E 179 15.09 39.66 31.76
N SER E 180 14.46 38.79 30.96
CA SER E 180 13.02 38.90 30.72
C SER E 180 12.21 38.62 31.97
N VAL E 181 12.82 37.99 32.98
CA VAL E 181 12.16 37.67 34.24
C VAL E 181 12.87 38.30 35.43
N GLN E 182 14.19 38.14 35.50
CA GLN E 182 14.97 38.69 36.62
C GLN E 182 15.74 39.92 36.14
N PRO E 183 15.22 41.13 36.34
CA PRO E 183 15.95 42.32 35.91
C PRO E 183 17.03 42.69 36.91
N ASN E 184 18.26 42.86 36.41
CA ASN E 184 19.42 43.21 37.23
C ASN E 184 19.69 42.20 38.32
N GLN E 185 19.16 40.98 38.17
CA GLN E 185 19.34 39.90 39.13
C GLN E 185 19.64 38.60 38.39
N ASN E 186 20.40 38.68 37.30
CA ASN E 186 20.68 37.54 36.46
C ASN E 186 22.17 37.20 36.45
N GLU E 187 22.81 37.30 37.60
CA GLU E 187 24.21 36.90 37.74
C GLU E 187 24.29 35.71 38.69
N PHE E 188 24.95 34.66 38.25
CA PHE E 188 25.09 33.44 39.03
C PHE E 188 26.56 33.22 39.37
N SER E 189 26.83 32.80 40.60
CA SER E 189 28.18 32.47 41.00
C SER E 189 28.57 31.12 40.42
N ARG E 190 29.79 31.03 39.90
CA ARG E 190 30.24 29.82 39.22
C ARG E 190 31.62 29.44 39.72
N ILE E 191 31.77 28.16 40.08
CA ILE E 191 33.06 27.58 40.41
C ILE E 191 33.60 26.89 39.18
N THR E 192 34.87 27.12 38.88
CA THR E 192 35.51 26.53 37.71
C THR E 192 36.81 25.87 38.17
N VAL E 193 36.92 24.58 37.92
CA VAL E 193 38.10 23.81 38.29
C VAL E 193 38.76 23.36 36.99
N ARG E 194 40.02 23.70 36.81
CA ARG E 194 40.76 23.37 35.61
C ARG E 194 42.00 22.60 35.99
N ILE E 195 42.27 21.51 35.28
CA ILE E 195 43.43 20.66 35.52
C ILE E 195 44.18 20.55 34.21
N ASP E 196 45.39 21.11 34.15
CA ASP E 196 46.17 21.06 32.93
C ASP E 196 46.81 19.70 32.76
N ALA E 197 46.84 19.22 31.50
CA ALA E 197 47.38 17.91 31.18
C ALA E 197 47.97 17.94 29.80
N VAL E 198 48.94 17.05 29.57
CA VAL E 198 49.59 16.88 28.28
C VAL E 198 49.37 15.43 27.85
N ARG E 199 49.59 15.18 26.56
CA ARG E 199 49.32 13.88 25.97
C ARG E 199 50.60 13.04 25.89
N LYS E 200 50.49 11.77 26.28
CA LYS E 200 51.59 10.84 26.10
C LYS E 200 51.61 10.33 24.67
N ILE E 201 52.79 10.36 24.04
CA ILE E 201 52.91 10.15 22.61
C ILE E 201 53.43 8.77 22.24
N GLY E 202 53.70 7.91 23.23
CA GLY E 202 54.26 6.60 22.92
C GLY E 202 53.39 5.80 21.98
N TYR E 203 52.08 5.72 22.29
CA TYR E 203 51.15 5.03 21.41
C TYR E 203 51.18 5.61 20.01
N PHE E 204 51.13 6.94 19.90
CA PHE E 204 51.12 7.57 18.59
C PHE E 204 52.45 7.39 17.88
N VAL E 205 53.57 7.42 18.62
CA VAL E 205 54.86 7.10 18.03
C VAL E 205 54.79 5.73 17.36
N ILE E 206 54.50 4.69 18.15
CA ILE E 206 54.50 3.32 17.66
C ILE E 206 53.50 3.12 16.53
N GLN E 207 52.38 3.85 16.55
CA GLN E 207 51.33 3.58 15.57
C GLN E 207 51.48 4.36 14.28
N THR E 208 52.09 5.54 14.30
CA THR E 208 52.19 6.28 13.04
C THR E 208 53.59 6.75 12.72
N TYR E 209 54.37 7.18 13.71
CA TYR E 209 55.64 7.84 13.43
C TYR E 209 56.68 6.83 12.99
N LEU E 210 56.93 5.82 13.81
CA LEU E 210 57.84 4.75 13.40
C LEU E 210 57.40 4.08 12.10
N PRO E 211 56.12 3.77 11.88
CA PRO E 211 55.73 3.26 10.55
C PRO E 211 56.06 4.21 9.41
N CYS E 212 55.77 5.51 9.57
CA CYS E 212 56.09 6.46 8.51
C CYS E 212 57.58 6.57 8.29
N ILE E 213 58.36 6.58 9.37
CA ILE E 213 59.82 6.70 9.24
C ILE E 213 60.38 5.49 8.50
N MET E 214 59.97 4.29 8.91
CA MET E 214 60.43 3.09 8.23
C MET E 214 59.93 3.00 6.80
N THR E 215 58.76 3.58 6.52
CA THR E 215 58.29 3.62 5.15
C THR E 215 59.15 4.54 4.30
N VAL E 216 59.58 5.67 4.86
CA VAL E 216 60.50 6.55 4.15
C VAL E 216 61.82 5.85 3.90
N ILE E 217 62.32 5.10 4.90
CA ILE E 217 63.55 4.33 4.71
C ILE E 217 63.38 3.32 3.59
N LEU E 218 62.26 2.60 3.60
CA LEU E 218 61.98 1.62 2.56
C LEU E 218 61.93 2.27 1.18
N SER E 219 61.32 3.44 1.08
CA SER E 219 61.28 4.16 -0.18
C SER E 219 62.68 4.53 -0.63
N GLN E 220 63.53 4.97 0.31
CA GLN E 220 64.89 5.38 -0.04
C GLN E 220 65.74 4.19 -0.45
N VAL E 221 65.41 2.99 0.02
CA VAL E 221 66.18 1.79 -0.35
C VAL E 221 66.23 1.63 -1.86
N SER E 222 65.24 2.16 -2.59
CA SER E 222 65.20 2.02 -4.04
C SER E 222 66.44 2.61 -4.71
N PHE E 223 67.04 3.64 -4.12
CA PHE E 223 68.20 4.27 -4.74
C PHE E 223 69.37 3.31 -4.87
N TRP E 224 69.50 2.35 -3.94
CA TRP E 224 70.60 1.41 -3.95
C TRP E 224 70.38 0.25 -4.91
N LEU E 225 69.42 0.37 -5.83
CA LEU E 225 69.28 -0.52 -6.96
C LEU E 225 69.58 0.26 -8.23
N ASN E 226 70.28 -0.37 -9.16
CA ASN E 226 70.58 0.34 -10.40
C ASN E 226 69.31 0.51 -11.23
N ARG E 227 69.42 1.23 -12.34
CA ARG E 227 68.26 1.44 -13.19
C ARG E 227 67.99 0.26 -14.13
N GLU E 228 68.12 -0.97 -13.62
CA GLU E 228 67.98 -2.11 -14.51
C GLU E 228 66.58 -2.69 -14.41
N SER E 229 66.29 -3.31 -13.26
CA SER E 229 64.97 -3.86 -12.99
C SER E 229 64.03 -2.71 -12.64
N VAL E 230 63.29 -2.26 -13.65
CA VAL E 230 62.31 -1.19 -13.47
C VAL E 230 61.19 -1.65 -12.55
N PRO E 231 60.77 -2.96 -12.72
CA PRO E 231 59.67 -3.36 -11.83
C PRO E 231 60.00 -3.34 -10.33
N ALA E 232 61.18 -3.79 -9.94
CA ALA E 232 61.54 -3.77 -8.53
C ALA E 232 61.36 -2.37 -7.92
N ARG E 233 61.95 -1.36 -8.55
CA ARG E 233 61.82 -0.01 -8.02
C ARG E 233 60.40 0.52 -8.21
N THR E 234 59.70 0.04 -9.22
CA THR E 234 58.28 0.36 -9.38
C THR E 234 57.47 -0.15 -8.20
N VAL E 235 57.71 -1.41 -7.82
CA VAL E 235 57.06 -1.99 -6.64
C VAL E 235 57.39 -1.18 -5.40
N PHE E 236 58.67 -0.84 -5.24
CA PHE E 236 59.08 0.02 -4.12
C PHE E 236 58.23 1.28 -4.07
N GLY E 237 58.18 2.01 -5.18
CA GLY E 237 57.50 3.30 -5.19
C GLY E 237 56.01 3.17 -4.90
N VAL E 238 55.33 2.28 -5.61
CA VAL E 238 53.87 2.20 -5.46
C VAL E 238 53.51 1.66 -4.07
N THR E 239 54.25 0.65 -3.60
CA THR E 239 54.03 0.12 -2.26
C THR E 239 54.19 1.21 -1.21
N THR E 240 55.26 2.00 -1.32
CA THR E 240 55.52 3.00 -0.29
C THR E 240 54.50 4.13 -0.33
N VAL E 241 54.10 4.59 -1.52
CA VAL E 241 53.11 5.67 -1.56
C VAL E 241 51.75 5.18 -1.07
N LEU E 242 51.38 3.95 -1.40
CA LEU E 242 50.12 3.41 -0.90
C LEU E 242 50.16 3.23 0.62
N THR E 243 51.30 2.77 1.13
CA THR E 243 51.45 2.63 2.58
C THR E 243 51.28 3.97 3.26
N MET E 244 51.91 5.02 2.71
CA MET E 244 51.78 6.33 3.33
C MET E 244 50.36 6.86 3.24
N THR E 245 49.66 6.56 2.14
CA THR E 245 48.27 7.00 2.02
C THR E 245 47.40 6.35 3.10
N THR E 246 47.49 5.01 3.22
CA THR E 246 46.70 4.32 4.24
C THR E 246 47.09 4.78 5.64
N LEU E 247 48.38 5.07 5.86
CA LEU E 247 48.79 5.52 7.17
C LEU E 247 48.22 6.90 7.51
N SER E 248 48.22 7.82 6.55
CA SER E 248 47.59 9.12 6.79
C SER E 248 46.12 8.97 7.12
N ILE E 249 45.42 8.12 6.35
CA ILE E 249 44.00 7.92 6.57
C ILE E 249 43.76 7.36 7.96
N SER E 250 44.45 6.26 8.30
CA SER E 250 44.26 5.62 9.59
C SER E 250 44.71 6.52 10.74
N ALA E 251 45.65 7.43 10.48
CA ALA E 251 46.11 8.32 11.53
C ALA E 251 45.06 9.38 11.85
N ARG E 252 44.45 9.97 10.82
CA ARG E 252 43.40 10.92 11.12
C ARG E 252 42.08 10.26 11.49
N ASN E 253 41.98 8.92 11.36
CA ASN E 253 40.77 8.25 11.80
C ASN E 253 40.57 8.32 13.32
N SER E 254 41.61 8.63 14.08
CA SER E 254 41.53 8.69 15.53
C SER E 254 41.21 10.08 16.06
N LEU E 255 40.85 11.02 15.20
CA LEU E 255 40.56 12.40 15.57
C LEU E 255 39.18 12.81 15.10
N PRO E 256 38.59 13.83 15.71
CA PRO E 256 37.36 14.39 15.16
C PRO E 256 37.63 15.09 13.84
N LYS E 257 36.55 15.30 13.09
CA LYS E 257 36.64 15.86 11.75
C LYS E 257 36.83 17.38 11.86
N VAL E 258 38.07 17.79 12.08
CA VAL E 258 38.39 19.18 12.34
C VAL E 258 39.02 19.79 11.10
N ALA E 259 38.46 20.91 10.65
CA ALA E 259 38.96 21.61 9.46
C ALA E 259 40.44 21.91 9.48
N TYR E 260 41.08 22.01 10.64
CA TYR E 260 42.47 22.39 10.66
C TYR E 260 43.41 21.18 10.63
N ALA E 261 44.67 21.45 10.32
CA ALA E 261 45.71 20.44 10.22
C ALA E 261 46.53 20.40 11.50
N THR E 262 46.95 19.20 11.89
CA THR E 262 47.72 19.01 13.11
C THR E 262 49.20 18.85 12.78
N ALA E 263 50.01 18.76 13.83
CA ALA E 263 51.44 18.51 13.62
C ALA E 263 51.68 17.13 13.02
N MET E 264 50.93 16.13 13.47
CA MET E 264 51.02 14.81 12.84
C MET E 264 50.63 14.88 11.38
N ASP E 265 49.67 15.74 11.04
CA ASP E 265 49.28 15.92 9.65
C ASP E 265 50.47 16.43 8.83
N TRP E 266 51.17 17.45 9.33
CA TRP E 266 52.30 17.99 8.59
C TRP E 266 53.44 16.99 8.48
N PHE E 267 53.69 16.22 9.55
CA PHE E 267 54.72 15.19 9.48
C PHE E 267 54.39 14.15 8.41
N ILE E 268 53.13 13.69 8.39
CA ILE E 268 52.72 12.72 7.39
C ILE E 268 52.82 13.33 6.00
N ALA E 269 52.48 14.60 5.86
CA ALA E 269 52.56 15.25 4.56
C ALA E 269 53.99 15.32 4.05
N VAL E 270 54.93 15.64 4.95
CA VAL E 270 56.33 15.71 4.53
C VAL E 270 56.85 14.32 4.17
N CYS E 271 56.49 13.30 4.96
CA CYS E 271 56.90 11.94 4.61
C CYS E 271 56.32 11.51 3.27
N TYR E 272 55.06 11.83 3.02
CA TYR E 272 54.43 11.52 1.74
C TYR E 272 55.14 12.22 0.60
N ALA E 273 55.48 13.50 0.80
CA ALA E 273 56.20 14.24 -0.23
C ALA E 273 57.56 13.62 -0.51
N PHE E 274 58.26 13.18 0.54
CA PHE E 274 59.57 12.56 0.34
C PHE E 274 59.43 11.25 -0.44
N VAL E 275 58.46 10.41 -0.10
CA VAL E 275 58.28 9.15 -0.79
C VAL E 275 57.90 9.38 -2.25
N PHE E 276 56.95 10.28 -2.48
CA PHE E 276 56.53 10.54 -3.86
C PHE E 276 57.66 11.17 -4.67
N SER E 277 58.48 12.00 -4.03
CA SER E 277 59.63 12.57 -4.72
C SER E 277 60.66 11.50 -5.07
N ALA E 278 60.85 10.53 -4.18
CA ALA E 278 61.73 9.41 -4.50
C ALA E 278 61.23 8.64 -5.72
N LEU E 279 59.92 8.36 -5.75
CA LEU E 279 59.36 7.66 -6.90
C LEU E 279 59.51 8.48 -8.18
N ILE E 280 59.25 9.79 -8.11
CA ILE E 280 59.38 10.64 -9.28
C ILE E 280 60.83 10.71 -9.75
N GLU E 281 61.77 10.71 -8.80
CA GLU E 281 63.18 10.69 -9.16
C GLU E 281 63.54 9.41 -9.90
N PHE E 282 63.05 8.26 -9.41
CA PHE E 282 63.30 7.01 -10.13
C PHE E 282 62.70 7.05 -11.54
N ALA E 283 61.47 7.57 -11.67
CA ALA E 283 60.86 7.66 -13.00
C ALA E 283 61.69 8.54 -13.92
N THR E 284 62.22 9.65 -13.38
CA THR E 284 63.07 10.53 -14.16
C THR E 284 64.33 9.82 -14.61
N VAL E 285 64.98 9.11 -13.69
CA VAL E 285 66.21 8.39 -14.03
C VAL E 285 65.91 7.27 -15.02
N ASN E 286 64.69 6.75 -15.02
CA ASN E 286 64.30 5.79 -16.04
C ASN E 286 64.07 6.45 -17.39
N TYR E 287 63.62 7.71 -17.39
CA TYR E 287 63.50 8.45 -18.65
C TYR E 287 64.86 8.69 -19.30
N PHE E 288 65.94 8.51 -18.56
CA PHE E 288 67.31 8.65 -19.04
C PHE E 288 67.94 7.30 -19.38
N THR E 289 67.12 6.26 -19.57
CA THR E 289 67.60 4.92 -19.91
C THR E 289 68.44 4.89 -21.17
N LYS E 290 68.37 5.92 -22.02
CA LYS E 290 69.18 6.02 -23.23
C LYS E 290 70.66 5.76 -22.90
N ARG E 291 71.49 5.50 -23.92
CA ARG E 291 72.88 5.10 -23.71
C ARG E 291 72.93 3.76 -22.97
N GLY E 292 72.57 2.71 -23.72
CA GLY E 292 72.48 1.35 -23.25
C GLY E 292 73.72 0.72 -22.63
N VAL E 293 74.74 1.54 -22.37
CA VAL E 293 75.93 1.11 -21.66
C VAL E 293 75.60 1.34 -20.20
N GLU E 294 76.43 0.84 -19.27
CA GLU E 294 76.17 0.97 -17.84
C GLU E 294 75.52 2.30 -17.50
N SER E 295 76.19 3.40 -17.83
CA SER E 295 75.75 4.76 -17.53
C SER E 295 74.95 4.88 -16.23
N VAL E 296 75.60 4.65 -15.10
CA VAL E 296 74.92 4.82 -13.82
C VAL E 296 74.83 6.31 -13.53
N SER E 297 73.70 6.74 -12.97
CA SER E 297 73.37 8.15 -12.94
C SER E 297 73.79 8.79 -11.63
N LYS E 298 74.42 9.95 -11.74
CA LYS E 298 74.79 10.73 -10.57
C LYS E 298 73.58 11.11 -9.73
N ILE E 299 72.37 11.07 -10.32
CA ILE E 299 71.15 11.37 -9.58
C ILE E 299 71.02 10.44 -8.39
N ASP E 300 71.14 9.13 -8.62
CA ASP E 300 71.05 8.19 -7.51
C ASP E 300 72.23 8.35 -6.55
N ARG E 301 73.42 8.64 -7.09
CA ARG E 301 74.59 8.79 -6.22
C ARG E 301 74.41 9.93 -5.24
N LEU E 302 73.78 11.02 -5.68
CA LEU E 302 73.52 12.14 -4.78
C LEU E 302 72.26 11.95 -3.97
N SER E 303 71.28 11.20 -4.47
CA SER E 303 70.06 10.96 -3.72
C SER E 303 70.33 10.09 -2.50
N ARG E 304 71.17 9.06 -2.65
CA ARG E 304 71.51 8.19 -1.53
C ARG E 304 72.05 8.94 -0.33
N ILE E 305 72.47 10.19 -0.50
CA ILE E 305 72.91 11.04 0.59
C ILE E 305 71.91 12.15 0.88
N ALA E 306 71.38 12.79 -0.16
CA ALA E 306 70.46 13.91 0.03
C ALA E 306 69.19 13.48 0.74
N PHE E 307 68.57 12.39 0.27
CA PHE E 307 67.31 11.95 0.88
C PHE E 307 67.49 11.58 2.34
N PRO E 308 68.42 10.72 2.74
CA PRO E 308 68.57 10.44 4.17
C PRO E 308 68.99 11.66 4.97
N LEU E 309 69.89 12.50 4.44
CA LEU E 309 70.33 13.67 5.19
C LEU E 309 69.21 14.69 5.33
N LEU E 310 68.47 14.95 4.26
CA LEU E 310 67.34 15.86 4.35
C LEU E 310 66.28 15.33 5.30
N PHE E 311 66.00 14.03 5.25
CA PHE E 311 65.04 13.45 6.16
C PHE E 311 65.52 13.55 7.60
N GLY E 312 66.81 13.36 7.84
CA GLY E 312 67.33 13.45 9.19
C GLY E 312 67.27 14.86 9.74
N ILE E 313 67.65 15.85 8.94
CA ILE E 313 67.58 17.23 9.43
C ILE E 313 66.13 17.67 9.59
N PHE E 314 65.23 17.17 8.75
CA PHE E 314 63.82 17.47 8.93
C PHE E 314 63.29 16.86 10.23
N ASN E 315 63.66 15.61 10.51
CA ASN E 315 63.26 15.00 11.77
C ASN E 315 63.84 15.75 12.96
N LEU E 316 65.08 16.22 12.85
CA LEU E 316 65.67 16.98 13.94
C LEU E 316 64.90 18.26 14.20
N VAL E 317 64.61 19.03 13.14
CA VAL E 317 63.83 20.26 13.31
C VAL E 317 62.46 19.94 13.90
N TYR E 318 61.78 18.94 13.35
CA TYR E 318 60.45 18.57 13.82
C TYR E 318 60.47 18.24 15.31
N TRP E 319 61.28 17.25 15.70
CA TRP E 319 61.26 16.78 17.07
C TRP E 319 61.86 17.79 18.04
N ALA E 320 62.72 18.69 17.57
CA ALA E 320 63.17 19.78 18.42
C ALA E 320 62.05 20.77 18.68
N THR E 321 61.26 21.07 17.64
CA THR E 321 60.00 21.74 17.86
C THR E 321 59.04 20.78 18.56
N TYR E 322 57.93 21.33 19.07
CA TYR E 322 56.87 20.53 19.69
C TYR E 322 57.36 19.79 20.93
N LEU E 323 58.60 20.04 21.32
CA LEU E 323 59.18 19.38 22.50
C LEU E 323 60.05 20.36 23.29
N ARG F 10 -60.99 -40.66 -26.00
CA ARG F 10 -59.80 -40.45 -25.16
C ARG F 10 -59.57 -39.02 -24.64
N PRO F 11 -59.56 -38.00 -25.55
CA PRO F 11 -58.96 -36.69 -25.20
C PRO F 11 -59.27 -36.20 -23.80
N VAL F 12 -58.22 -35.98 -23.01
CA VAL F 12 -58.40 -35.57 -21.61
C VAL F 12 -58.92 -34.14 -21.60
N ASP F 13 -60.12 -33.95 -21.04
CA ASP F 13 -60.68 -32.62 -20.88
C ASP F 13 -59.98 -31.96 -19.69
N VAL F 14 -59.37 -30.81 -19.95
CA VAL F 14 -58.63 -30.07 -18.93
C VAL F 14 -59.35 -28.75 -18.71
N SER F 15 -59.73 -28.49 -17.47
CA SER F 15 -60.32 -27.21 -17.09
C SER F 15 -59.20 -26.31 -16.56
N VAL F 16 -59.15 -25.09 -17.06
CA VAL F 16 -58.06 -24.17 -16.76
C VAL F 16 -58.65 -22.90 -16.15
N SER F 17 -58.03 -22.44 -15.07
CA SER F 17 -58.37 -21.18 -14.44
C SER F 17 -57.08 -20.39 -14.28
N ILE F 18 -57.10 -19.13 -14.72
CA ILE F 18 -55.92 -18.27 -14.70
C ILE F 18 -56.24 -17.05 -13.86
N PHE F 19 -55.52 -16.89 -12.76
CA PHE F 19 -55.61 -15.72 -11.92
C PHE F 19 -54.49 -14.77 -12.29
N ILE F 20 -54.83 -13.53 -12.63
CA ILE F 20 -53.85 -12.54 -13.02
C ILE F 20 -53.57 -11.67 -11.79
N ASN F 21 -52.36 -11.76 -11.26
CA ASN F 21 -52.01 -10.99 -10.08
C ASN F 21 -51.74 -9.53 -10.45
N LYS F 22 -50.94 -9.30 -11.48
CA LYS F 22 -50.66 -7.93 -11.90
C LYS F 22 -50.09 -7.92 -13.32
N ILE F 23 -50.27 -6.77 -13.98
CA ILE F 23 -49.67 -6.48 -15.28
C ILE F 23 -48.83 -5.23 -15.14
N TYR F 24 -47.63 -5.26 -15.71
CA TYR F 24 -46.70 -4.15 -15.59
C TYR F 24 -45.69 -4.22 -16.73
N GLY F 25 -44.67 -3.37 -16.67
CA GLY F 25 -43.58 -3.41 -17.63
C GLY F 25 -44.00 -3.30 -19.08
N VAL F 26 -45.00 -2.47 -19.38
CA VAL F 26 -45.51 -2.34 -20.75
C VAL F 26 -44.48 -1.53 -21.54
N ASN F 27 -43.62 -2.21 -22.29
CA ASN F 27 -42.56 -1.58 -23.07
C ASN F 27 -43.03 -1.46 -24.52
N THR F 28 -43.42 -0.24 -24.92
CA THR F 28 -43.89 -0.04 -26.28
C THR F 28 -42.78 -0.16 -27.31
N LEU F 29 -41.51 0.02 -26.90
CA LEU F 29 -40.41 -0.11 -27.85
C LEU F 29 -40.25 -1.55 -28.31
N GLU F 30 -40.12 -2.47 -27.35
CA GLU F 30 -39.99 -3.89 -27.67
C GLU F 30 -41.34 -4.58 -27.82
N GLN F 31 -42.44 -3.86 -27.58
CA GLN F 31 -43.79 -4.41 -27.71
C GLN F 31 -44.00 -5.62 -26.80
N THR F 32 -43.45 -5.53 -25.58
CA THR F 32 -43.60 -6.56 -24.57
C THR F 32 -44.32 -5.99 -23.36
N TYR F 33 -44.75 -6.91 -22.49
CA TYR F 33 -45.42 -6.55 -21.23
C TYR F 33 -45.29 -7.72 -20.27
N LYS F 34 -45.03 -7.41 -19.00
CA LYS F 34 -44.81 -8.45 -17.99
C LYS F 34 -46.14 -8.74 -17.30
N VAL F 35 -46.44 -10.04 -17.16
CA VAL F 35 -47.67 -10.51 -16.53
C VAL F 35 -47.29 -11.47 -15.42
N ASP F 36 -47.76 -11.18 -14.21
CA ASP F 36 -47.60 -12.04 -13.04
C ASP F 36 -48.96 -12.58 -12.65
N GLY F 37 -49.04 -13.89 -12.43
CA GLY F 37 -50.31 -14.45 -12.03
C GLY F 37 -50.16 -15.91 -11.62
N TYR F 38 -51.31 -16.55 -11.42
CA TYR F 38 -51.38 -17.96 -11.08
C TYR F 38 -52.14 -18.69 -12.17
N ILE F 39 -51.84 -19.98 -12.33
CA ILE F 39 -52.52 -20.83 -13.30
C ILE F 39 -52.93 -22.11 -12.60
N VAL F 40 -54.17 -22.53 -12.84
CA VAL F 40 -54.73 -23.75 -12.28
C VAL F 40 -55.26 -24.58 -13.42
N ALA F 41 -54.86 -25.85 -13.46
CA ALA F 41 -55.29 -26.79 -14.49
C ALA F 41 -55.79 -28.04 -13.81
N GLN F 42 -57.07 -28.37 -14.01
CA GLN F 42 -57.70 -29.50 -13.35
C GLN F 42 -58.18 -30.47 -14.42
N TRP F 43 -57.86 -31.75 -14.23
CA TRP F 43 -58.39 -32.80 -15.09
C TRP F 43 -58.77 -33.99 -14.22
N THR F 44 -59.24 -35.06 -14.86
CA THR F 44 -59.70 -36.26 -14.17
C THR F 44 -58.89 -37.45 -14.66
N GLY F 45 -58.07 -38.00 -13.78
CA GLY F 45 -57.24 -39.13 -14.08
C GLY F 45 -57.71 -40.41 -13.42
N LYS F 46 -56.79 -41.35 -13.30
CA LYS F 46 -57.12 -42.62 -12.66
C LYS F 46 -57.25 -42.45 -11.16
N PRO F 47 -58.24 -43.09 -10.53
CA PRO F 47 -58.38 -42.97 -9.08
C PRO F 47 -57.15 -43.51 -8.36
N ARG F 48 -56.91 -42.96 -7.17
CA ARG F 48 -55.75 -43.34 -6.38
C ARG F 48 -56.17 -43.42 -4.92
N LYS F 49 -55.25 -43.84 -4.07
CA LYS F 49 -55.50 -44.00 -2.64
C LYS F 49 -54.67 -42.97 -1.90
N THR F 50 -55.32 -41.92 -1.44
CA THR F 50 -54.66 -40.91 -0.63
C THR F 50 -54.68 -41.33 0.84
N PRO F 51 -53.74 -40.83 1.66
CA PRO F 51 -53.85 -41.07 3.10
C PRO F 51 -55.11 -40.44 3.66
N GLY F 52 -56.06 -41.27 4.07
CA GLY F 52 -57.38 -40.80 4.40
C GLY F 52 -58.15 -40.40 3.16
N ASP F 53 -59.40 -40.02 3.37
CA ASP F 53 -60.22 -39.53 2.26
C ASP F 53 -59.76 -38.16 1.77
N LYS F 54 -58.99 -37.46 2.59
CA LYS F 54 -58.56 -36.11 2.23
C LYS F 54 -57.55 -36.14 1.10
N PRO F 55 -57.57 -35.17 0.20
CA PRO F 55 -56.63 -35.15 -0.92
C PRO F 55 -55.21 -34.82 -0.46
N LEU F 56 -54.26 -35.24 -1.29
CA LEU F 56 -52.83 -35.06 -1.03
C LEU F 56 -52.31 -33.81 -1.71
N ILE F 57 -51.32 -33.17 -1.07
CA ILE F 57 -50.73 -31.93 -1.56
C ILE F 57 -49.23 -32.15 -1.72
N VAL F 58 -48.70 -31.78 -2.89
CA VAL F 58 -47.30 -31.99 -3.23
C VAL F 58 -46.71 -30.66 -3.71
N GLU F 59 -45.56 -30.28 -3.13
CA GLU F 59 -44.95 -28.97 -3.42
C GLU F 59 -43.65 -29.14 -4.20
N ASN F 60 -43.76 -28.89 -5.51
CA ASN F 60 -42.75 -28.79 -6.57
C ASN F 60 -41.83 -29.98 -6.73
N THR F 61 -41.28 -30.47 -5.63
CA THR F 61 -40.07 -31.26 -5.79
C THR F 61 -40.39 -32.74 -5.78
N GLN F 62 -41.17 -33.15 -4.78
CA GLN F 62 -41.85 -34.42 -4.88
C GLN F 62 -42.60 -34.53 -6.20
N ILE F 63 -42.99 -33.40 -6.81
CA ILE F 63 -43.71 -33.50 -8.08
C ILE F 63 -42.87 -34.31 -9.07
N GLU F 64 -41.57 -34.00 -9.14
CA GLU F 64 -40.68 -34.78 -9.98
C GLU F 64 -40.77 -36.26 -9.64
N ARG F 65 -40.57 -36.58 -8.36
CA ARG F 65 -40.64 -37.98 -7.92
C ARG F 65 -41.97 -38.60 -8.35
N TRP F 66 -43.06 -37.84 -8.25
CA TRP F 66 -44.36 -38.40 -8.60
C TRP F 66 -44.45 -38.74 -10.08
N ILE F 67 -43.87 -37.91 -10.95
CA ILE F 67 -43.88 -38.25 -12.37
C ILE F 67 -42.86 -39.33 -12.69
N ASN F 68 -41.98 -39.65 -11.74
CA ASN F 68 -41.06 -40.76 -11.91
C ASN F 68 -41.74 -42.10 -11.68
N ASN F 69 -42.82 -42.12 -10.91
CA ASN F 69 -43.58 -43.34 -10.66
C ASN F 69 -44.75 -43.50 -11.63
N GLY F 70 -44.78 -42.73 -12.71
CA GLY F 70 -45.76 -42.90 -13.76
C GLY F 70 -46.88 -41.89 -13.80
N LEU F 71 -46.90 -40.93 -12.88
CA LEU F 71 -47.95 -39.92 -12.90
C LEU F 71 -47.85 -39.05 -14.14
N TRP F 72 -48.99 -38.80 -14.77
CA TRP F 72 -49.03 -38.05 -16.02
C TRP F 72 -49.32 -36.59 -15.69
N VAL F 73 -48.31 -35.73 -15.88
CA VAL F 73 -48.48 -34.29 -15.71
C VAL F 73 -48.11 -33.63 -17.02
N PRO F 74 -49.09 -33.10 -17.76
CA PRO F 74 -48.79 -32.50 -19.07
C PRO F 74 -48.13 -31.14 -18.94
N ALA F 75 -47.22 -30.86 -19.86
CA ALA F 75 -46.51 -29.59 -19.88
C ALA F 75 -47.28 -28.56 -20.69
N LEU F 76 -47.54 -27.42 -20.06
CA LEU F 76 -48.19 -26.30 -20.73
C LEU F 76 -47.15 -25.23 -21.04
N GLU F 77 -47.46 -24.41 -22.03
CA GLU F 77 -46.47 -23.49 -22.56
C GLU F 77 -47.16 -22.21 -23.01
N PHE F 78 -46.53 -21.07 -22.74
CA PHE F 78 -47.00 -19.80 -23.28
C PHE F 78 -46.31 -19.56 -24.61
N ILE F 79 -47.08 -19.19 -25.63
CA ILE F 79 -46.52 -19.00 -26.96
C ILE F 79 -45.99 -17.58 -27.16
N ASN F 80 -46.72 -16.57 -26.67
CA ASN F 80 -46.34 -15.18 -26.83
C ASN F 80 -45.19 -14.76 -25.92
N VAL F 81 -44.73 -15.66 -25.04
CA VAL F 81 -43.72 -15.29 -24.06
C VAL F 81 -42.40 -14.99 -24.74
N VAL F 82 -41.60 -14.12 -24.13
CA VAL F 82 -40.27 -13.76 -24.59
C VAL F 82 -39.29 -14.38 -23.60
N GLY F 83 -38.65 -15.46 -24.00
CA GLY F 83 -37.78 -16.21 -23.13
C GLY F 83 -38.56 -17.12 -22.20
N SER F 84 -37.83 -18.05 -21.59
CA SER F 84 -38.45 -18.97 -20.64
C SER F 84 -39.10 -18.19 -19.51
N PRO F 85 -40.40 -18.28 -19.32
CA PRO F 85 -41.05 -17.51 -18.25
C PRO F 85 -40.57 -17.95 -16.87
N ASP F 86 -40.50 -16.98 -15.98
CA ASP F 86 -40.06 -17.22 -14.61
C ASP F 86 -41.14 -17.99 -13.86
N THR F 87 -40.89 -19.27 -13.59
CA THR F 87 -41.87 -20.10 -12.91
C THR F 87 -41.57 -20.12 -11.42
N GLY F 88 -42.55 -19.75 -10.61
CA GLY F 88 -42.40 -19.74 -9.17
C GLY F 88 -42.63 -21.10 -8.57
N ASN F 89 -43.47 -21.16 -7.53
CA ASN F 89 -43.78 -22.44 -6.90
C ASN F 89 -44.88 -23.17 -7.67
N LYS F 90 -44.81 -24.50 -7.65
CA LYS F 90 -45.80 -25.37 -8.24
C LYS F 90 -46.44 -26.21 -7.14
N ARG F 91 -47.56 -26.84 -7.45
CA ARG F 91 -48.19 -27.71 -6.48
C ARG F 91 -49.15 -28.65 -7.22
N LEU F 92 -49.27 -29.85 -6.68
CA LEU F 92 -50.19 -30.86 -7.17
C LEU F 92 -51.16 -31.23 -6.07
N MET F 93 -52.46 -31.13 -6.37
CA MET F 93 -53.51 -31.65 -5.52
C MET F 93 -54.02 -32.95 -6.14
N LEU F 94 -53.86 -34.05 -5.41
CA LEU F 94 -54.23 -35.38 -5.87
C LEU F 94 -55.44 -35.85 -5.08
N PHE F 95 -56.54 -36.08 -5.77
CA PHE F 95 -57.75 -36.54 -5.13
C PHE F 95 -57.87 -38.06 -5.26
N PRO F 96 -58.55 -38.72 -4.32
CA PRO F 96 -58.72 -40.17 -4.45
C PRO F 96 -59.61 -40.58 -5.61
N ASP F 97 -60.58 -39.75 -5.98
CA ASP F 97 -61.46 -40.06 -7.10
C ASP F 97 -60.80 -39.91 -8.46
N GLY F 98 -59.53 -39.51 -8.53
CA GLY F 98 -58.77 -39.50 -9.77
C GLY F 98 -58.40 -38.12 -10.28
N ARG F 99 -59.17 -37.09 -9.92
CA ARG F 99 -58.93 -35.76 -10.46
C ARG F 99 -57.59 -35.23 -9.97
N VAL F 100 -56.81 -34.67 -10.89
CA VAL F 100 -55.51 -34.08 -10.60
C VAL F 100 -55.60 -32.58 -10.82
N ILE F 101 -54.92 -31.81 -9.98
CA ILE F 101 -54.95 -30.36 -10.06
C ILE F 101 -53.52 -29.84 -9.98
N TYR F 102 -53.13 -29.05 -10.98
CA TYR F 102 -51.80 -28.45 -11.06
C TYR F 102 -51.93 -26.94 -10.92
N ASN F 103 -51.31 -26.39 -9.87
CA ASN F 103 -51.40 -24.96 -9.59
C ASN F 103 -49.99 -24.38 -9.50
N ALA F 104 -49.72 -23.33 -10.28
CA ALA F 104 -48.38 -22.77 -10.30
C ALA F 104 -48.44 -21.27 -10.55
N ARG F 105 -47.49 -20.55 -9.96
CA ARG F 105 -47.33 -19.12 -10.22
C ARG F 105 -46.37 -18.88 -11.36
N PHE F 106 -46.71 -17.94 -12.23
CA PHE F 106 -45.91 -17.59 -13.38
C PHE F 106 -45.69 -16.08 -13.43
N LEU F 107 -44.51 -15.70 -13.90
CA LEU F 107 -44.15 -14.31 -14.16
C LEU F 107 -43.44 -14.29 -15.49
N GLY F 108 -44.07 -13.73 -16.52
CA GLY F 108 -43.54 -13.84 -17.86
C GLY F 108 -43.57 -12.51 -18.61
N SER F 109 -42.58 -12.34 -19.48
CA SER F 109 -42.55 -11.20 -20.40
C SER F 109 -43.17 -11.67 -21.71
N PHE F 110 -44.41 -11.24 -21.96
CA PHE F 110 -45.18 -11.65 -23.12
C PHE F 110 -45.13 -10.59 -24.20
N SER F 111 -45.42 -11.02 -25.42
CA SER F 111 -45.36 -10.16 -26.59
C SER F 111 -46.70 -10.20 -27.33
N ASN F 112 -46.99 -9.10 -28.03
CA ASN F 112 -48.19 -9.03 -28.86
C ASN F 112 -47.99 -7.94 -29.90
N ASP F 113 -48.42 -8.22 -31.12
CA ASP F 113 -48.29 -7.26 -32.22
C ASP F 113 -49.13 -6.02 -31.94
N MET F 114 -48.48 -4.86 -31.93
CA MET F 114 -49.16 -3.60 -31.67
C MET F 114 -49.07 -2.69 -32.88
N ASP F 115 -50.17 -1.98 -33.13
CA ASP F 115 -50.31 -1.06 -34.26
C ASP F 115 -50.42 0.35 -33.71
N PHE F 116 -49.49 1.23 -34.09
CA PHE F 116 -49.38 2.55 -33.49
C PHE F 116 -49.88 3.65 -34.42
N ARG F 117 -50.80 3.31 -35.33
CA ARG F 117 -51.32 4.32 -36.25
C ARG F 117 -52.10 5.39 -35.51
N LEU F 118 -52.85 5.00 -34.47
CA LEU F 118 -53.63 5.94 -33.68
C LEU F 118 -52.87 6.44 -32.45
N PHE F 119 -51.58 6.20 -32.39
CA PHE F 119 -50.77 6.66 -31.27
C PHE F 119 -50.85 8.18 -31.15
N PRO F 120 -50.94 8.74 -29.93
CA PRO F 120 -51.01 8.06 -28.62
C PRO F 120 -52.41 7.76 -28.14
N PHE F 121 -53.40 7.81 -29.04
CA PHE F 121 -54.77 7.48 -28.71
C PHE F 121 -55.10 6.03 -29.04
N ASP F 122 -54.09 5.19 -29.17
CA ASP F 122 -54.24 3.82 -29.63
C ASP F 122 -54.84 2.92 -28.54
N ARG F 123 -55.47 1.84 -29.01
CA ARG F 123 -55.96 0.77 -28.15
C ARG F 123 -55.17 -0.49 -28.48
N GLN F 124 -54.69 -1.16 -27.45
CA GLN F 124 -53.88 -2.35 -27.61
C GLN F 124 -54.49 -3.47 -26.77
N GLN F 125 -53.90 -4.66 -26.88
CA GLN F 125 -54.39 -5.81 -26.14
C GLN F 125 -53.22 -6.57 -25.53
N PHE F 126 -53.36 -6.88 -24.25
CA PHE F 126 -52.42 -7.74 -23.55
C PHE F 126 -52.94 -9.17 -23.66
N VAL F 127 -52.11 -10.06 -24.20
CA VAL F 127 -52.54 -11.37 -24.65
C VAL F 127 -51.74 -12.44 -23.93
N LEU F 128 -52.42 -13.51 -23.53
CA LEU F 128 -51.80 -14.72 -23.01
C LEU F 128 -52.23 -15.87 -23.91
N GLU F 129 -51.27 -16.53 -24.55
CA GLU F 129 -51.53 -17.65 -25.44
C GLU F 129 -50.96 -18.91 -24.78
N LEU F 130 -51.83 -19.69 -24.15
CA LEU F 130 -51.45 -20.93 -23.48
C LEU F 130 -51.77 -22.13 -24.38
N GLU F 131 -50.91 -23.14 -24.35
CA GLU F 131 -51.06 -24.25 -25.27
C GLU F 131 -50.24 -25.42 -24.75
N PRO F 132 -50.75 -26.65 -24.81
CA PRO F 132 -49.97 -27.79 -24.32
C PRO F 132 -48.87 -28.19 -25.29
N PHE F 133 -47.82 -28.76 -24.73
CA PHE F 133 -46.73 -29.33 -25.50
C PHE F 133 -46.85 -30.84 -25.51
N SER F 134 -46.44 -31.44 -26.62
CA SER F 134 -46.32 -32.89 -26.78
C SER F 134 -47.66 -33.61 -26.90
N TYR F 135 -48.76 -32.90 -26.72
CA TYR F 135 -50.07 -33.54 -26.72
C TYR F 135 -51.03 -32.72 -27.56
N ASN F 136 -51.65 -33.35 -28.56
CA ASN F 136 -52.53 -32.69 -29.50
C ASN F 136 -53.96 -32.66 -28.95
N ASN F 137 -54.89 -32.13 -29.75
CA ASN F 137 -56.28 -32.05 -29.32
C ASN F 137 -56.94 -33.41 -29.25
N GLN F 138 -56.39 -34.40 -29.95
CA GLN F 138 -56.87 -35.77 -29.84
C GLN F 138 -56.41 -36.46 -28.57
N GLN F 139 -55.45 -35.88 -27.86
CA GLN F 139 -54.97 -36.41 -26.58
C GLN F 139 -55.31 -35.52 -25.40
N LEU F 140 -55.18 -34.21 -25.54
CA LEU F 140 -55.49 -33.25 -24.48
C LEU F 140 -56.28 -32.10 -25.09
N ARG F 141 -57.41 -31.77 -24.48
CA ARG F 141 -58.27 -30.71 -25.00
C ARG F 141 -58.71 -29.81 -23.87
N PHE F 142 -58.66 -28.50 -24.11
CA PHE F 142 -59.07 -27.51 -23.13
C PHE F 142 -60.59 -27.40 -23.13
N SER F 143 -61.23 -27.75 -22.01
CA SER F 143 -62.68 -27.75 -21.92
C SER F 143 -63.22 -26.34 -21.70
N ASP F 144 -62.78 -25.69 -20.62
CA ASP F 144 -63.22 -24.34 -20.29
C ASP F 144 -62.04 -23.53 -19.76
N ILE F 145 -62.21 -22.22 -19.78
CA ILE F 145 -61.21 -21.29 -19.28
C ILE F 145 -61.92 -20.16 -18.52
N GLN F 146 -61.38 -19.78 -17.38
CA GLN F 146 -61.96 -18.73 -16.56
C GLN F 146 -60.83 -17.83 -16.05
N VAL F 147 -60.94 -16.54 -16.36
CA VAL F 147 -59.95 -15.54 -15.94
C VAL F 147 -60.52 -14.73 -14.80
N TYR F 148 -59.73 -14.55 -13.75
CA TYR F 148 -60.13 -13.83 -12.54
C TYR F 148 -59.22 -12.62 -12.41
N THR F 149 -59.59 -11.52 -13.08
CA THR F 149 -58.82 -10.28 -13.00
C THR F 149 -59.48 -9.33 -12.00
N GLU F 150 -59.40 -9.72 -10.74
CA GLU F 150 -60.03 -8.97 -9.65
C GLU F 150 -59.11 -7.91 -9.05
N ASN F 151 -57.79 -8.13 -9.11
CA ASN F 151 -56.84 -7.24 -8.46
C ASN F 151 -56.64 -5.95 -9.23
N ILE F 152 -56.50 -6.04 -10.56
CA ILE F 152 -56.07 -4.89 -11.36
C ILE F 152 -57.21 -3.98 -11.80
N ASP F 153 -58.45 -4.46 -11.77
CA ASP F 153 -59.59 -3.73 -12.31
C ASP F 153 -59.87 -2.39 -11.62
N ASN F 154 -59.19 -2.06 -10.52
CA ASN F 154 -59.55 -0.85 -9.78
C ASN F 154 -59.05 0.44 -10.42
N GLU F 155 -57.79 0.48 -10.90
CA GLU F 155 -57.24 1.75 -11.35
C GLU F 155 -56.35 1.69 -12.58
N GLU F 156 -55.86 0.51 -13.00
CA GLU F 156 -55.06 0.35 -14.21
C GLU F 156 -53.80 1.23 -14.19
N ILE F 157 -52.88 0.85 -13.32
CA ILE F 157 -51.67 1.63 -13.12
C ILE F 157 -50.75 1.43 -14.32
N ASP F 158 -49.68 2.23 -14.38
CA ASP F 158 -48.64 2.14 -15.41
C ASP F 158 -49.16 2.47 -16.82
N GLU F 159 -49.56 3.73 -16.99
CA GLU F 159 -49.75 4.37 -18.30
C GLU F 159 -50.93 3.86 -19.12
N TRP F 160 -51.63 2.83 -18.67
CA TRP F 160 -52.73 2.30 -19.46
C TRP F 160 -54.03 2.26 -18.66
N TRP F 161 -55.10 1.96 -19.38
CA TRP F 161 -56.45 1.88 -18.81
C TRP F 161 -57.12 0.63 -19.34
N ILE F 162 -57.59 -0.22 -18.43
CA ILE F 162 -58.27 -1.46 -18.82
C ILE F 162 -59.74 -1.15 -19.08
N ARG F 163 -60.23 -1.55 -20.24
CA ARG F 163 -61.62 -1.30 -20.65
C ARG F 163 -62.33 -2.65 -20.71
N GLY F 164 -63.01 -3.00 -19.63
CA GLY F 164 -63.80 -4.21 -19.56
C GLY F 164 -63.05 -5.35 -18.92
N LYS F 165 -63.77 -6.46 -18.74
CA LYS F 165 -63.17 -7.66 -18.20
C LYS F 165 -62.41 -8.38 -19.30
N ALA F 166 -61.81 -9.52 -18.95
CA ALA F 166 -60.99 -10.25 -19.91
C ALA F 166 -61.87 -11.07 -20.85
N SER F 167 -61.33 -11.34 -22.04
CA SER F 167 -61.98 -12.15 -23.05
C SER F 167 -61.22 -13.45 -23.21
N THR F 168 -61.97 -14.54 -23.36
CA THR F 168 -61.40 -15.88 -23.47
C THR F 168 -61.73 -16.46 -24.83
N HIS F 169 -60.82 -17.27 -25.35
CA HIS F 169 -61.03 -17.91 -26.64
C HIS F 169 -60.33 -19.26 -26.64
N ILE F 170 -61.07 -20.32 -26.94
CA ILE F 170 -60.49 -21.65 -27.11
C ILE F 170 -60.53 -22.00 -28.59
N SER F 171 -59.38 -22.34 -29.14
CA SER F 171 -59.27 -22.61 -30.57
C SER F 171 -58.42 -23.86 -30.77
N ASP F 172 -58.30 -24.28 -32.03
CA ASP F 172 -57.47 -25.41 -32.42
C ASP F 172 -56.56 -24.95 -33.53
N ILE F 173 -55.25 -25.08 -33.32
CA ILE F 173 -54.24 -24.56 -34.23
C ILE F 173 -53.52 -25.75 -34.85
N ARG F 174 -53.36 -25.75 -36.16
CA ARG F 174 -52.71 -26.84 -36.86
C ARG F 174 -51.26 -26.43 -37.16
N TYR F 175 -50.33 -27.34 -36.88
CA TYR F 175 -48.91 -27.10 -37.11
C TYR F 175 -48.45 -27.99 -38.25
N ASP F 176 -47.87 -27.38 -39.29
CA ASP F 176 -47.40 -28.14 -40.43
C ASP F 176 -46.05 -28.80 -40.17
N HIS F 177 -45.31 -28.35 -39.15
CA HIS F 177 -44.02 -28.96 -38.86
C HIS F 177 -44.16 -30.25 -38.05
N LEU F 178 -45.36 -30.57 -37.58
CA LEU F 178 -45.67 -31.87 -37.01
C LEU F 178 -46.34 -32.81 -38.02
N SER F 179 -46.68 -32.31 -39.22
CA SER F 179 -47.35 -33.14 -40.22
C SER F 179 -46.53 -34.36 -40.63
N SER F 180 -45.21 -34.33 -40.49
CA SER F 180 -44.42 -35.51 -40.82
C SER F 180 -44.71 -36.69 -39.90
N VAL F 181 -45.29 -36.45 -38.73
CA VAL F 181 -45.65 -37.51 -37.78
C VAL F 181 -47.13 -37.41 -37.47
N GLN F 182 -47.80 -38.56 -37.34
CA GLN F 182 -49.24 -38.59 -37.04
C GLN F 182 -49.97 -37.74 -38.07
N PRO F 183 -50.30 -38.32 -39.22
CA PRO F 183 -50.87 -37.53 -40.32
C PRO F 183 -52.29 -37.09 -40.02
N ASN F 184 -52.56 -35.80 -40.28
CA ASN F 184 -53.85 -35.17 -40.04
C ASN F 184 -54.22 -35.17 -38.56
N GLN F 185 -53.21 -35.24 -37.69
CA GLN F 185 -53.39 -35.27 -36.24
C GLN F 185 -52.40 -34.32 -35.58
N ASN F 186 -52.17 -33.17 -36.21
CA ASN F 186 -51.19 -32.18 -35.75
C ASN F 186 -51.88 -30.88 -35.34
N GLU F 187 -53.01 -30.99 -34.66
CA GLU F 187 -53.76 -29.85 -34.17
C GLU F 187 -53.72 -29.82 -32.65
N PHE F 188 -53.40 -28.65 -32.10
CA PHE F 188 -53.26 -28.44 -30.67
C PHE F 188 -54.32 -27.46 -30.18
N SER F 189 -54.87 -27.75 -29.01
CA SER F 189 -55.82 -26.85 -28.38
C SER F 189 -55.10 -25.65 -27.77
N ARG F 190 -55.67 -24.46 -27.96
CA ARG F 190 -55.02 -23.23 -27.51
C ARG F 190 -56.02 -22.36 -26.77
N ILE F 191 -55.63 -21.90 -25.59
CA ILE F 191 -56.36 -20.90 -24.82
C ILE F 191 -55.76 -19.54 -25.10
N THR F 192 -56.61 -18.55 -25.34
CA THR F 192 -56.17 -17.19 -25.62
C THR F 192 -56.94 -16.26 -24.69
N VAL F 193 -56.22 -15.48 -23.91
CA VAL F 193 -56.82 -14.50 -22.99
C VAL F 193 -56.42 -13.13 -23.51
N ARG F 194 -57.42 -12.28 -23.71
CA ARG F 194 -57.22 -10.95 -24.27
C ARG F 194 -57.73 -9.91 -23.31
N ILE F 195 -56.93 -8.86 -23.09
CA ILE F 195 -57.30 -7.76 -22.20
C ILE F 195 -57.14 -6.47 -22.99
N ASP F 196 -58.26 -5.78 -23.25
CA ASP F 196 -58.22 -4.53 -23.99
C ASP F 196 -57.73 -3.41 -23.09
N ALA F 197 -56.93 -2.51 -23.65
CA ALA F 197 -56.40 -1.39 -22.88
C ALA F 197 -56.24 -0.20 -23.81
N VAL F 198 -56.34 0.99 -23.22
CA VAL F 198 -56.14 2.25 -23.93
C VAL F 198 -54.99 2.99 -23.26
N ARG F 199 -54.43 3.94 -23.98
CA ARG F 199 -53.25 4.66 -23.52
C ARG F 199 -53.66 5.97 -22.86
N LYS F 200 -53.08 6.26 -21.70
CA LYS F 200 -53.28 7.55 -21.06
C LYS F 200 -52.35 8.58 -21.69
N ILE F 201 -52.90 9.74 -22.06
CA ILE F 201 -52.20 10.70 -22.89
C ILE F 201 -51.66 11.88 -22.11
N GLY F 202 -51.88 11.92 -20.79
CA GLY F 202 -51.43 13.07 -20.02
C GLY F 202 -49.94 13.31 -20.15
N TYR F 203 -49.15 12.25 -19.97
CA TYR F 203 -47.70 12.36 -20.15
C TYR F 203 -47.37 12.87 -21.55
N PHE F 204 -48.02 12.29 -22.57
CA PHE F 204 -47.72 12.68 -23.94
C PHE F 204 -48.19 14.11 -24.21
N VAL F 205 -49.33 14.51 -23.63
CA VAL F 205 -49.76 15.90 -23.72
C VAL F 205 -48.65 16.81 -23.21
N ILE F 206 -48.28 16.63 -21.92
CA ILE F 206 -47.31 17.51 -21.28
C ILE F 206 -45.97 17.51 -21.99
N GLN F 207 -45.58 16.37 -22.57
CA GLN F 207 -44.24 16.27 -23.14
C GLN F 207 -44.16 16.71 -24.59
N THR F 208 -45.23 16.61 -25.36
CA THR F 208 -45.11 16.99 -26.77
C THR F 208 -46.16 17.99 -27.23
N TYR F 209 -47.40 17.85 -26.79
CA TYR F 209 -48.48 18.66 -27.36
C TYR F 209 -48.41 20.09 -26.84
N LEU F 210 -48.43 20.25 -25.52
CA LEU F 210 -48.26 21.59 -24.94
C LEU F 210 -46.96 22.25 -25.37
N PRO F 211 -45.80 21.58 -25.41
CA PRO F 211 -44.61 22.24 -25.97
C PRO F 211 -44.81 22.70 -27.41
N CYS F 212 -45.39 21.85 -28.26
CA CYS F 212 -45.63 22.25 -29.64
C CYS F 212 -46.62 23.40 -29.73
N ILE F 213 -47.69 23.34 -28.93
CA ILE F 213 -48.70 24.39 -28.96
C ILE F 213 -48.10 25.73 -28.55
N MET F 214 -47.37 25.74 -27.43
CA MET F 214 -46.75 26.98 -26.97
C MET F 214 -45.65 27.44 -27.92
N THR F 215 -44.98 26.52 -28.64
CA THR F 215 -44.02 26.94 -29.64
C THR F 215 -44.71 27.62 -30.82
N VAL F 216 -45.88 27.10 -31.21
CA VAL F 216 -46.65 27.76 -32.26
C VAL F 216 -47.10 29.14 -31.79
N ILE F 217 -47.53 29.24 -30.52
CA ILE F 217 -47.91 30.54 -29.97
C ILE F 217 -46.72 31.50 -30.01
N LEU F 218 -45.55 31.03 -29.59
CA LEU F 218 -44.34 31.85 -29.61
C LEU F 218 -44.02 32.32 -31.02
N SER F 219 -44.16 31.43 -32.01
CA SER F 219 -43.91 31.83 -33.40
C SER F 219 -44.90 32.90 -33.83
N GLN F 220 -46.17 32.75 -33.43
CA GLN F 220 -47.18 33.73 -33.85
C GLN F 220 -46.99 35.07 -33.16
N VAL F 221 -46.39 35.08 -31.97
CA VAL F 221 -46.16 36.34 -31.26
C VAL F 221 -45.33 37.31 -32.10
N SER F 222 -44.51 36.79 -33.01
CA SER F 222 -43.67 37.65 -33.83
C SER F 222 -44.52 38.61 -34.68
N PHE F 223 -45.72 38.19 -35.08
CA PHE F 223 -46.57 39.03 -35.91
C PHE F 223 -46.92 40.35 -35.23
N TRP F 224 -47.00 40.35 -33.90
CA TRP F 224 -47.34 41.56 -33.16
C TRP F 224 -46.15 42.48 -32.99
N LEU F 225 -45.11 42.28 -33.79
CA LEU F 225 -44.05 43.25 -33.96
C LEU F 225 -44.12 43.81 -35.37
N ASN F 226 -43.93 45.12 -35.50
CA ASN F 226 -43.97 45.79 -36.79
C ASN F 226 -42.73 45.39 -37.59
N ARG F 227 -42.55 46.00 -38.76
CA ARG F 227 -41.38 45.68 -39.59
C ARG F 227 -40.18 46.26 -38.86
N GLU F 228 -39.90 45.68 -37.71
CA GLU F 228 -38.97 46.15 -36.71
C GLU F 228 -37.61 45.50 -36.97
N SER F 229 -36.73 45.50 -35.98
CA SER F 229 -35.44 44.83 -36.08
C SER F 229 -35.69 43.43 -36.63
N VAL F 230 -35.23 43.20 -37.85
CA VAL F 230 -35.39 41.95 -38.56
C VAL F 230 -34.73 40.81 -37.79
N PRO F 231 -33.55 41.15 -37.14
CA PRO F 231 -32.93 40.02 -36.42
C PRO F 231 -33.87 39.46 -35.35
N ALA F 232 -34.60 40.30 -34.64
CA ALA F 232 -35.50 39.78 -33.61
C ALA F 232 -36.45 38.73 -34.18
N ARG F 233 -37.16 39.08 -35.26
CA ARG F 233 -38.09 38.13 -35.86
C ARG F 233 -37.36 36.97 -36.52
N THR F 234 -36.12 37.21 -36.98
CA THR F 234 -35.26 36.13 -37.46
C THR F 234 -34.99 35.13 -36.35
N VAL F 235 -34.64 35.65 -35.16
CA VAL F 235 -34.43 34.81 -33.99
C VAL F 235 -35.70 34.02 -33.69
N PHE F 236 -36.85 34.70 -33.69
CA PHE F 236 -38.13 34.03 -33.51
C PHE F 236 -38.27 32.84 -34.45
N GLY F 237 -38.12 33.09 -35.75
CA GLY F 237 -38.35 32.05 -36.74
C GLY F 237 -37.41 30.87 -36.59
N VAL F 238 -36.10 31.14 -36.51
CA VAL F 238 -35.14 30.04 -36.48
C VAL F 238 -35.26 29.27 -35.16
N THR F 239 -35.46 30.00 -34.05
CA THR F 239 -35.65 29.36 -32.76
C THR F 239 -36.85 28.42 -32.78
N THR F 240 -37.97 28.89 -33.35
CA THR F 240 -39.18 28.08 -33.33
C THR F 240 -39.06 26.86 -34.25
N VAL F 241 -38.47 27.03 -35.43
CA VAL F 241 -38.35 25.88 -36.33
C VAL F 241 -37.41 24.84 -35.75
N LEU F 242 -36.31 25.27 -35.12
CA LEU F 242 -35.40 24.33 -34.50
C LEU F 242 -36.05 23.62 -33.32
N THR F 243 -36.82 24.36 -32.52
CA THR F 243 -37.55 23.73 -31.42
C THR F 243 -38.51 22.68 -31.93
N MET F 244 -39.25 22.98 -33.00
CA MET F 244 -40.19 21.99 -33.53
C MET F 244 -39.46 20.78 -34.09
N THR F 245 -38.30 20.98 -34.70
CA THR F 245 -37.53 19.85 -35.21
C THR F 245 -37.09 18.92 -34.08
N THR F 246 -36.48 19.49 -33.04
CA THR F 246 -36.06 18.68 -31.90
C THR F 246 -37.25 18.03 -31.22
N LEU F 247 -38.40 18.70 -31.18
CA LEU F 247 -39.58 18.13 -30.57
C LEU F 247 -40.09 16.93 -31.37
N SER F 248 -40.09 17.03 -32.70
CA SER F 248 -40.49 15.90 -33.53
C SER F 248 -39.57 14.70 -33.30
N ILE F 249 -38.26 14.94 -33.28
CA ILE F 249 -37.32 13.84 -33.08
C ILE F 249 -37.53 13.20 -31.72
N SER F 250 -37.53 14.02 -30.66
CA SER F 250 -37.68 13.47 -29.31
C SER F 250 -39.03 12.81 -29.12
N ALA F 251 -40.04 13.25 -29.86
CA ALA F 251 -41.36 12.64 -29.74
C ALA F 251 -41.40 11.28 -30.39
N ARG F 252 -40.82 11.14 -31.58
CA ARG F 252 -40.84 9.84 -32.21
C ARG F 252 -39.79 8.88 -31.66
N ASN F 253 -38.88 9.38 -30.80
CA ASN F 253 -37.91 8.49 -30.18
C ASN F 253 -38.53 7.51 -29.19
N SER F 254 -39.77 7.73 -28.77
CA SER F 254 -40.42 6.89 -27.78
C SER F 254 -41.18 5.72 -28.39
N LEU F 255 -41.04 5.49 -29.69
CA LEU F 255 -41.73 4.44 -30.43
C LEU F 255 -40.71 3.57 -31.15
N PRO F 256 -41.07 2.34 -31.49
CA PRO F 256 -40.17 1.53 -32.32
C PRO F 256 -40.03 2.13 -33.71
N LYS F 257 -38.98 1.72 -34.41
CA LYS F 257 -38.66 2.28 -35.72
C LYS F 257 -39.58 1.66 -36.75
N VAL F 258 -40.78 2.23 -36.86
CA VAL F 258 -41.81 1.68 -37.73
C VAL F 258 -41.86 2.56 -38.97
N ALA F 259 -42.70 2.21 -39.94
CA ALA F 259 -42.79 2.97 -41.19
C ALA F 259 -43.99 3.87 -41.31
N TYR F 260 -45.06 3.63 -40.57
CA TYR F 260 -46.26 4.43 -40.72
C TYR F 260 -46.24 5.64 -39.79
N ALA F 261 -47.12 6.59 -40.06
CA ALA F 261 -47.21 7.82 -39.32
C ALA F 261 -48.33 7.73 -38.29
N THR F 262 -48.11 8.36 -37.14
CA THR F 262 -49.06 8.35 -36.04
C THR F 262 -49.84 9.66 -36.02
N ALA F 263 -50.82 9.74 -35.12
CA ALA F 263 -51.56 10.98 -34.95
C ALA F 263 -50.64 12.08 -34.42
N MET F 264 -49.74 11.72 -33.51
CA MET F 264 -48.73 12.68 -33.05
C MET F 264 -47.86 13.15 -34.19
N ASP F 265 -47.55 12.27 -35.14
CA ASP F 265 -46.74 12.66 -36.30
C ASP F 265 -47.44 13.74 -37.12
N TRP F 266 -48.73 13.55 -37.43
CA TRP F 266 -49.44 14.55 -38.20
C TRP F 266 -49.62 15.84 -37.41
N PHE F 267 -49.86 15.74 -36.10
CA PHE F 267 -49.99 16.95 -35.29
C PHE F 267 -48.69 17.76 -35.33
N ILE F 268 -47.55 17.08 -35.15
CA ILE F 268 -46.26 17.75 -35.20
C ILE F 268 -46.00 18.33 -36.58
N ALA F 269 -46.41 17.60 -37.62
CA ALA F 269 -46.20 18.08 -38.99
C ALA F 269 -47.00 19.35 -39.25
N VAL F 270 -48.24 19.40 -38.76
CA VAL F 270 -49.05 20.60 -38.95
C VAL F 270 -48.46 21.77 -38.16
N CYS F 271 -48.00 21.51 -36.94
CA CYS F 271 -47.38 22.59 -36.17
C CYS F 271 -46.13 23.11 -36.86
N TYR F 272 -45.31 22.20 -37.41
CA TYR F 272 -44.13 22.61 -38.16
C TYR F 272 -44.51 23.41 -39.39
N ALA F 273 -45.57 22.99 -40.09
CA ALA F 273 -46.02 23.74 -41.25
C ALA F 273 -46.44 25.16 -40.86
N PHE F 274 -47.15 25.29 -39.73
CA PHE F 274 -47.54 26.63 -39.29
C PHE F 274 -46.34 27.50 -38.95
N VAL F 275 -45.36 26.93 -38.25
CA VAL F 275 -44.18 27.70 -37.85
C VAL F 275 -43.40 28.13 -39.09
N PHE F 276 -43.18 27.19 -40.02
CA PHE F 276 -42.41 27.51 -41.22
C PHE F 276 -43.16 28.51 -42.10
N SER F 277 -44.49 28.43 -42.13
CA SER F 277 -45.26 29.41 -42.89
C SER F 277 -45.18 30.78 -42.28
N ALA F 278 -45.16 30.86 -40.94
CA ALA F 278 -44.95 32.14 -40.27
C ALA F 278 -43.59 32.73 -40.62
N LEU F 279 -42.55 31.89 -40.60
CA LEU F 279 -41.21 32.38 -40.93
C LEU F 279 -41.14 32.86 -42.38
N ILE F 280 -41.71 32.10 -43.31
CA ILE F 280 -41.69 32.49 -44.71
C ILE F 280 -42.50 33.76 -44.93
N GLU F 281 -43.61 33.90 -44.19
CA GLU F 281 -44.41 35.12 -44.27
C GLU F 281 -43.59 36.32 -43.81
N PHE F 282 -42.85 36.18 -42.70
CA PHE F 282 -42.01 37.29 -42.26
C PHE F 282 -40.95 37.62 -43.30
N ALA F 283 -40.32 36.60 -43.89
CA ALA F 283 -39.31 36.88 -44.91
C ALA F 283 -39.92 37.60 -46.10
N THR F 284 -41.12 37.20 -46.50
CA THR F 284 -41.80 37.84 -47.63
C THR F 284 -42.14 39.29 -47.31
N VAL F 285 -42.74 39.55 -46.14
CA VAL F 285 -43.12 40.91 -45.79
C VAL F 285 -41.89 41.78 -45.58
N ASN F 286 -40.75 41.18 -45.22
CA ASN F 286 -39.50 41.94 -45.17
C ASN F 286 -38.99 42.24 -46.57
N TYR F 287 -39.23 41.34 -47.53
CA TYR F 287 -38.86 41.64 -48.91
C TYR F 287 -39.66 42.82 -49.47
N PHE F 288 -40.78 43.16 -48.86
CA PHE F 288 -41.56 44.33 -49.25
C PHE F 288 -41.32 45.53 -48.34
N THR F 289 -40.71 45.32 -47.19
CA THR F 289 -40.37 46.40 -46.28
C THR F 289 -39.33 47.35 -46.87
N LYS F 290 -38.52 46.87 -47.81
CA LYS F 290 -37.46 47.67 -48.42
C LYS F 290 -38.00 49.01 -48.89
N ARG F 291 -37.70 50.08 -48.13
CA ARG F 291 -38.22 51.42 -48.35
C ARG F 291 -37.71 52.31 -47.23
N GLY F 292 -38.12 53.57 -47.21
CA GLY F 292 -37.75 54.50 -46.17
C GLY F 292 -38.97 54.98 -45.41
N VAL F 293 -40.06 54.25 -45.59
CA VAL F 293 -41.31 54.53 -44.93
C VAL F 293 -41.48 53.58 -43.73
N GLU F 294 -42.47 53.86 -42.89
CA GLU F 294 -42.75 53.04 -41.72
C GLU F 294 -43.71 51.91 -42.08
N SER F 295 -44.89 52.25 -42.60
CA SER F 295 -45.67 51.34 -43.44
C SER F 295 -46.00 50.04 -42.71
N VAL F 296 -46.89 50.13 -41.72
CA VAL F 296 -47.31 48.93 -41.03
C VAL F 296 -48.22 48.15 -41.97
N SER F 297 -48.04 46.83 -42.01
CA SER F 297 -48.58 46.01 -43.09
C SER F 297 -49.88 45.34 -42.67
N LYS F 298 -50.89 45.46 -43.53
CA LYS F 298 -52.13 44.72 -43.32
C LYS F 298 -51.89 43.21 -43.42
N ILE F 299 -50.81 42.79 -44.09
CA ILE F 299 -50.50 41.37 -44.20
C ILE F 299 -50.30 40.75 -42.82
N ASP F 300 -49.40 41.34 -42.03
CA ASP F 300 -49.20 40.87 -40.67
C ASP F 300 -50.43 41.13 -39.82
N ARG F 301 -51.12 42.24 -40.07
CA ARG F 301 -52.30 42.59 -39.28
C ARG F 301 -53.40 41.54 -39.43
N LEU F 302 -53.52 40.96 -40.62
CA LEU F 302 -54.49 39.89 -40.84
C LEU F 302 -53.91 38.53 -40.45
N SER F 303 -52.59 38.36 -40.50
CA SER F 303 -52.01 37.11 -40.05
C SER F 303 -52.23 36.93 -38.55
N ARG F 304 -52.12 38.03 -37.79
CA ARG F 304 -52.36 38.01 -36.34
C ARG F 304 -53.72 37.42 -35.98
N ILE F 305 -54.63 37.32 -36.93
CA ILE F 305 -55.93 36.70 -36.73
C ILE F 305 -56.03 35.36 -37.45
N ALA F 306 -55.49 35.28 -38.67
CA ALA F 306 -55.59 34.06 -39.46
C ALA F 306 -54.87 32.91 -38.79
N PHE F 307 -53.63 33.14 -38.33
CA PHE F 307 -52.86 32.06 -37.73
C PHE F 307 -53.50 31.54 -36.45
N PRO F 308 -53.86 32.37 -35.45
CA PRO F 308 -54.49 31.80 -34.24
C PRO F 308 -55.83 31.14 -34.52
N LEU F 309 -56.66 31.72 -35.40
CA LEU F 309 -57.96 31.13 -35.68
C LEU F 309 -57.82 29.81 -36.44
N LEU F 310 -56.91 29.75 -37.41
CA LEU F 310 -56.65 28.51 -38.11
C LEU F 310 -56.12 27.44 -37.17
N PHE F 311 -55.19 27.82 -36.29
CA PHE F 311 -54.67 26.86 -35.32
C PHE F 311 -55.77 26.37 -34.38
N GLY F 312 -56.67 27.27 -33.97
CA GLY F 312 -57.74 26.86 -33.09
C GLY F 312 -58.72 25.90 -33.75
N ILE F 313 -59.11 26.19 -34.98
CA ILE F 313 -60.03 25.29 -35.67
C ILE F 313 -59.34 23.97 -36.00
N PHE F 314 -58.04 24.00 -36.29
CA PHE F 314 -57.33 22.75 -36.51
C PHE F 314 -57.25 21.93 -35.24
N ASN F 315 -56.99 22.57 -34.11
CA ASN F 315 -56.98 21.87 -32.83
C ASN F 315 -58.36 21.29 -32.52
N LEU F 316 -59.42 22.03 -32.84
CA LEU F 316 -60.76 21.50 -32.63
C LEU F 316 -60.98 20.24 -33.45
N VAL F 317 -60.65 20.30 -34.74
CA VAL F 317 -60.82 19.13 -35.61
C VAL F 317 -60.00 17.96 -35.08
N TYR F 318 -58.72 18.20 -34.77
CA TYR F 318 -57.85 17.15 -34.26
C TYR F 318 -58.41 16.51 -33.00
N TRP F 319 -58.65 17.30 -31.96
CA TRP F 319 -59.06 16.73 -30.68
C TRP F 319 -60.47 16.16 -30.73
N ALA F 320 -61.31 16.62 -31.66
CA ALA F 320 -62.60 15.95 -31.87
C ALA F 320 -62.39 14.59 -32.52
N THR F 321 -61.46 14.51 -33.47
CA THR F 321 -60.99 13.23 -33.95
C THR F 321 -60.20 12.53 -32.83
N TYR F 322 -59.97 11.23 -33.00
CA TYR F 322 -59.16 10.45 -32.06
C TYR F 322 -59.80 10.39 -30.68
N LEU F 323 -61.00 10.96 -30.54
CA LEU F 323 -61.70 10.98 -29.26
C LEU F 323 -63.19 10.73 -29.45
N ARG G 10 -56.70 -28.58 13.94
CA ARG G 10 -55.49 -28.82 13.15
C ARG G 10 -54.57 -27.61 12.91
N PRO G 11 -55.12 -26.45 12.43
CA PRO G 11 -54.27 -25.42 11.81
C PRO G 11 -52.94 -25.18 12.51
N VAL G 12 -51.85 -25.39 11.77
CA VAL G 12 -50.51 -25.26 12.31
C VAL G 12 -50.22 -23.78 12.56
N ASP G 13 -49.97 -23.43 13.82
CA ASP G 13 -49.57 -22.07 14.15
C ASP G 13 -48.11 -21.90 13.78
N VAL G 14 -47.83 -20.92 12.92
CA VAL G 14 -46.49 -20.64 12.43
C VAL G 14 -46.10 -19.26 12.91
N SER G 15 -44.98 -19.17 13.62
CA SER G 15 -44.43 -17.90 14.05
C SER G 15 -43.39 -17.44 13.04
N VAL G 16 -43.48 -16.19 12.62
CA VAL G 16 -42.63 -15.66 11.57
C VAL G 16 -41.88 -14.45 12.12
N SER G 17 -40.57 -14.41 11.86
CA SER G 17 -39.73 -13.27 12.18
C SER G 17 -38.95 -12.88 10.93
N ILE G 18 -38.95 -11.59 10.62
CA ILE G 18 -38.32 -11.09 9.40
C ILE G 18 -37.23 -10.09 9.80
N PHE G 19 -35.99 -10.41 9.46
CA PHE G 19 -34.87 -9.50 9.63
C PHE G 19 -34.61 -8.82 8.30
N ILE G 20 -34.65 -7.49 8.29
CA ILE G 20 -34.42 -6.71 7.07
C ILE G 20 -32.97 -6.24 7.08
N ASN G 21 -32.19 -6.76 6.14
CA ASN G 21 -30.79 -6.37 6.07
C ASN G 21 -30.66 -4.99 5.43
N LYS G 22 -31.30 -4.77 4.28
CA LYS G 22 -31.25 -3.46 3.64
C LYS G 22 -32.37 -3.33 2.62
N ILE G 23 -32.71 -2.07 2.34
CA ILE G 23 -33.63 -1.70 1.28
C ILE G 23 -32.87 -0.79 0.32
N TYR G 24 -33.00 -1.05 -0.97
CA TYR G 24 -32.25 -0.28 -1.96
C TYR G 24 -32.95 -0.42 -3.31
N GLY G 25 -32.28 0.05 -4.35
CA GLY G 25 -32.81 -0.10 -5.70
C GLY G 25 -34.22 0.43 -5.87
N VAL G 26 -34.54 1.53 -5.20
CA VAL G 26 -35.88 2.11 -5.24
C VAL G 26 -36.03 2.80 -6.58
N ASN G 27 -36.67 2.13 -7.54
CA ASN G 27 -36.86 2.66 -8.88
C ASN G 27 -38.27 3.22 -8.94
N THR G 28 -38.36 4.55 -8.89
CA THR G 28 -39.67 5.20 -8.91
C THR G 28 -40.37 5.05 -10.26
N LEU G 29 -39.63 4.81 -11.33
CA LEU G 29 -40.27 4.62 -12.63
C LEU G 29 -41.06 3.32 -12.68
N GLU G 30 -40.42 2.20 -12.31
CA GLU G 30 -41.09 0.91 -12.29
C GLU G 30 -41.86 0.65 -11.00
N GLN G 31 -41.77 1.55 -10.01
CA GLN G 31 -42.45 1.40 -8.73
C GLN G 31 -42.03 0.09 -8.03
N THR G 32 -40.76 -0.26 -8.14
CA THR G 32 -40.19 -1.43 -7.49
C THR G 32 -39.13 -1.00 -6.49
N TYR G 33 -38.75 -1.93 -5.63
CA TYR G 33 -37.70 -1.69 -4.65
C TYR G 33 -37.14 -3.03 -4.19
N LYS G 34 -35.82 -3.10 -4.05
CA LYS G 34 -35.16 -4.34 -3.68
C LYS G 34 -35.00 -4.40 -2.17
N VAL G 35 -35.35 -5.56 -1.60
CA VAL G 35 -35.26 -5.80 -0.17
C VAL G 35 -34.41 -7.04 0.03
N ASP G 36 -33.34 -6.90 0.80
CA ASP G 36 -32.48 -8.01 1.19
C ASP G 36 -32.66 -8.23 2.68
N GLY G 37 -32.92 -9.48 3.06
CA GLY G 37 -33.09 -9.77 4.47
C GLY G 37 -33.15 -11.25 4.73
N TYR G 38 -33.51 -11.58 5.97
CA TYR G 38 -33.66 -12.96 6.41
C TYR G 38 -35.10 -13.22 6.83
N ILE G 39 -35.53 -14.47 6.73
CA ILE G 39 -36.85 -14.88 7.15
C ILE G 39 -36.71 -16.12 8.02
N VAL G 40 -37.44 -16.14 9.14
CA VAL G 40 -37.45 -17.24 10.08
C VAL G 40 -38.90 -17.65 10.29
N ALA G 41 -39.18 -18.95 10.16
CA ALA G 41 -40.52 -19.48 10.36
C ALA G 41 -40.42 -20.68 11.29
N GLN G 42 -41.05 -20.59 12.45
CA GLN G 42 -40.98 -21.63 13.47
C GLN G 42 -42.37 -22.14 13.75
N TRP G 43 -42.52 -23.46 13.77
CA TRP G 43 -43.77 -24.09 14.21
C TRP G 43 -43.41 -25.29 15.08
N THR G 44 -44.44 -25.99 15.54
CA THR G 44 -44.25 -27.14 16.42
C THR G 44 -44.92 -28.33 15.75
N GLY G 45 -44.11 -29.28 15.30
CA GLY G 45 -44.57 -30.46 14.62
C GLY G 45 -44.44 -31.71 15.46
N LYS G 46 -44.40 -32.85 14.78
CA LYS G 46 -44.26 -34.12 15.46
C LYS G 46 -42.83 -34.29 15.98
N PRO G 47 -42.66 -34.85 17.18
CA PRO G 47 -41.31 -35.02 17.73
C PRO G 47 -40.45 -35.91 16.83
N ARG G 48 -39.13 -35.71 16.93
CA ARG G 48 -38.17 -36.41 16.11
C ARG G 48 -37.00 -36.83 16.98
N LYS G 49 -36.07 -37.57 16.37
CA LYS G 49 -34.90 -38.10 17.07
C LYS G 49 -33.66 -37.39 16.50
N THR G 50 -33.14 -36.44 17.27
CA THR G 50 -31.91 -35.80 16.82
C THR G 50 -30.70 -36.58 17.32
N PRO G 51 -29.56 -36.48 16.64
CA PRO G 51 -28.33 -37.03 17.20
C PRO G 51 -27.94 -36.27 18.46
N GLY G 52 -28.04 -36.93 19.61
CA GLY G 52 -27.92 -36.25 20.88
C GLY G 52 -29.15 -35.42 21.16
N ASP G 53 -29.15 -34.81 22.34
CA ASP G 53 -30.25 -33.93 22.72
C ASP G 53 -30.23 -32.62 21.93
N LYS G 54 -29.09 -32.26 21.34
CA LYS G 54 -28.99 -31.00 20.62
C LYS G 54 -29.78 -31.06 19.31
N PRO G 55 -30.38 -29.96 18.89
CA PRO G 55 -31.14 -29.95 17.65
C PRO G 55 -30.24 -30.07 16.43
N LEU G 56 -30.81 -30.56 15.35
CA LEU G 56 -30.07 -30.82 14.11
C LEU G 56 -30.19 -29.64 13.16
N ILE G 57 -29.12 -29.41 12.40
CA ILE G 57 -29.04 -28.29 11.47
C ILE G 57 -28.77 -28.84 10.07
N VAL G 58 -29.55 -28.39 9.10
CA VAL G 58 -29.49 -28.88 7.72
C VAL G 58 -29.35 -27.69 6.79
N GLU G 59 -28.34 -27.73 5.89
CA GLU G 59 -28.04 -26.59 5.02
C GLU G 59 -28.35 -26.92 3.56
N ASN G 60 -29.50 -26.43 3.11
CA ASN G 60 -30.07 -26.37 1.77
C ASN G 60 -30.22 -27.71 1.04
N THR G 61 -29.18 -28.52 1.04
CA THR G 61 -29.18 -29.56 0.03
C THR G 61 -29.69 -30.86 0.61
N GLN G 62 -29.13 -31.21 1.77
CA GLN G 62 -29.76 -32.17 2.63
C GLN G 62 -31.23 -31.82 2.87
N ILE G 63 -31.60 -30.53 2.74
CA ILE G 63 -33.01 -30.19 2.95
C ILE G 63 -33.89 -31.02 2.03
N GLU G 64 -33.49 -31.15 0.77
CA GLU G 64 -34.24 -31.99 -0.16
C GLU G 64 -34.45 -33.38 0.40
N ARG G 65 -33.36 -34.04 0.82
CA ARG G 65 -33.49 -35.38 1.34
C ARG G 65 -34.52 -35.45 2.46
N TRP G 66 -34.52 -34.44 3.35
CA TRP G 66 -35.45 -34.49 4.48
C TRP G 66 -36.88 -34.36 4.01
N ILE G 67 -37.15 -33.49 3.03
CA ILE G 67 -38.51 -33.42 2.51
C ILE G 67 -38.81 -34.58 1.58
N ASN G 68 -37.78 -35.33 1.16
CA ASN G 68 -38.03 -36.53 0.37
C ASN G 68 -38.46 -37.70 1.24
N ASN G 69 -38.06 -37.68 2.52
CA ASN G 69 -38.44 -38.72 3.46
C ASN G 69 -39.68 -38.37 4.26
N GLY G 70 -40.42 -37.34 3.85
CA GLY G 70 -41.71 -37.04 4.44
C GLY G 70 -41.77 -35.86 5.39
N LEU G 71 -40.64 -35.19 5.64
CA LEU G 71 -40.69 -34.02 6.51
C LEU G 71 -41.50 -32.93 5.84
N TRP G 72 -42.39 -32.29 6.61
CA TRP G 72 -43.32 -31.31 6.08
C TRP G 72 -42.74 -29.92 6.25
N VAL G 73 -42.33 -29.31 5.14
CA VAL G 73 -41.86 -27.92 5.14
C VAL G 73 -42.73 -27.14 4.16
N PRO G 74 -43.61 -26.27 4.64
CA PRO G 74 -44.52 -25.56 3.73
C PRO G 74 -43.78 -24.46 2.98
N ALA G 75 -44.20 -24.25 1.73
CA ALA G 75 -43.61 -23.24 0.88
C ALA G 75 -44.32 -21.91 1.10
N LEU G 76 -43.55 -20.88 1.41
CA LEU G 76 -44.06 -19.53 1.58
C LEU G 76 -43.70 -18.70 0.35
N GLU G 77 -44.48 -17.64 0.13
CA GLU G 77 -44.36 -16.90 -1.11
C GLU G 77 -44.62 -15.42 -0.86
N PHE G 78 -43.85 -14.57 -1.54
CA PHE G 78 -44.08 -13.14 -1.50
C PHE G 78 -45.01 -12.75 -2.64
N ILE G 79 -46.00 -11.92 -2.34
CA ILE G 79 -46.97 -11.51 -3.34
C ILE G 79 -46.48 -10.31 -4.14
N ASN G 80 -45.82 -9.36 -3.48
CA ASN G 80 -45.37 -8.13 -4.14
C ASN G 80 -44.17 -8.36 -5.05
N VAL G 81 -43.57 -9.55 -5.04
CA VAL G 81 -42.32 -9.77 -5.73
C VAL G 81 -42.52 -9.67 -7.24
N VAL G 82 -41.47 -9.23 -7.93
CA VAL G 82 -41.42 -9.15 -9.38
C VAL G 82 -40.40 -10.20 -9.81
N GLY G 83 -40.88 -11.33 -10.31
CA GLY G 83 -40.02 -12.45 -10.62
C GLY G 83 -39.67 -13.26 -9.39
N SER G 84 -39.14 -14.44 -9.63
CA SER G 84 -38.72 -15.31 -8.54
C SER G 84 -37.64 -14.60 -7.73
N PRO G 85 -37.85 -14.38 -6.42
CA PRO G 85 -36.84 -13.68 -5.64
C PRO G 85 -35.56 -14.49 -5.55
N ASP G 86 -34.43 -13.78 -5.50
CA ASP G 86 -33.13 -14.43 -5.41
C ASP G 86 -32.96 -14.99 -4.01
N THR G 87 -33.05 -16.32 -3.88
CA THR G 87 -32.96 -16.99 -2.60
C THR G 87 -31.54 -17.47 -2.37
N GLY G 88 -30.94 -17.06 -1.25
CA GLY G 88 -29.60 -17.47 -0.90
C GLY G 88 -29.58 -18.83 -0.22
N ASN G 89 -28.88 -18.91 0.92
CA ASN G 89 -28.82 -20.16 1.66
C ASN G 89 -30.04 -20.32 2.57
N LYS G 90 -30.44 -21.57 2.76
CA LYS G 90 -31.53 -21.96 3.64
C LYS G 90 -30.97 -22.85 4.74
N ARG G 91 -31.78 -23.07 5.77
CA ARG G 91 -31.36 -23.95 6.85
C ARG G 91 -32.59 -24.41 7.60
N LEU G 92 -32.51 -25.63 8.11
CA LEU G 92 -33.55 -26.22 8.94
C LEU G 92 -32.95 -26.56 10.29
N MET G 93 -33.57 -26.06 11.36
CA MET G 93 -33.28 -26.49 12.72
C MET G 93 -34.40 -27.40 13.19
N LEU G 94 -34.05 -28.64 13.48
CA LEU G 94 -34.99 -29.68 13.88
C LEU G 94 -34.79 -29.96 15.37
N PHE G 95 -35.84 -29.72 16.16
CA PHE G 95 -35.82 -29.95 17.59
C PHE G 95 -36.41 -31.31 17.94
N PRO G 96 -35.95 -31.92 19.03
CA PRO G 96 -36.53 -33.21 19.43
C PRO G 96 -37.96 -33.10 19.92
N ASP G 97 -38.34 -31.98 20.55
CA ASP G 97 -39.70 -31.81 21.04
C ASP G 97 -40.71 -31.53 19.93
N GLY G 98 -40.29 -31.48 18.67
CA GLY G 98 -41.19 -31.40 17.54
C GLY G 98 -41.11 -30.11 16.75
N ARG G 99 -40.68 -29.01 17.39
CA ARG G 99 -40.68 -27.72 16.71
C ARG G 99 -39.67 -27.73 15.57
N VAL G 100 -40.10 -27.22 14.41
CA VAL G 100 -39.27 -27.10 13.22
C VAL G 100 -39.06 -25.62 12.93
N ILE G 101 -37.86 -25.27 12.47
CA ILE G 101 -37.52 -23.88 12.20
C ILE G 101 -36.84 -23.79 10.84
N TYR G 102 -37.38 -22.94 9.97
CA TYR G 102 -36.87 -22.73 8.62
C TYR G 102 -36.33 -21.31 8.53
N ASN G 103 -35.04 -21.18 8.22
CA ASN G 103 -34.40 -19.86 8.16
C ASN G 103 -33.74 -19.71 6.79
N ALA G 104 -34.03 -18.61 6.10
CA ALA G 104 -33.48 -18.44 4.77
C ALA G 104 -33.26 -16.97 4.46
N ARG G 105 -32.22 -16.68 3.67
CA ARG G 105 -31.95 -15.33 3.21
C ARG G 105 -32.61 -15.09 1.86
N PHE G 106 -33.23 -13.92 1.69
CA PHE G 106 -33.93 -13.58 0.48
C PHE G 106 -33.51 -12.21 -0.02
N LEU G 107 -33.52 -12.06 -1.35
CA LEU G 107 -33.32 -10.78 -2.02
C LEU G 107 -34.39 -10.67 -3.11
N GLY G 108 -35.33 -9.76 -2.92
CA GLY G 108 -36.48 -9.68 -3.82
C GLY G 108 -36.75 -8.25 -4.26
N SER G 109 -37.20 -8.14 -5.51
CA SER G 109 -37.66 -6.86 -6.05
C SER G 109 -39.18 -6.82 -5.90
N PHE G 110 -39.65 -6.04 -4.94
CA PHE G 110 -41.06 -5.97 -4.62
C PHE G 110 -41.69 -4.74 -5.28
N SER G 111 -43.00 -4.82 -5.45
CA SER G 111 -43.77 -3.75 -6.08
C SER G 111 -44.91 -3.34 -5.16
N ASN G 112 -45.30 -2.08 -5.27
CA ASN G 112 -46.43 -1.57 -4.52
C ASN G 112 -46.92 -0.29 -5.20
N ASP G 113 -48.24 -0.13 -5.26
CA ASP G 113 -48.82 1.04 -5.90
C ASP G 113 -48.44 2.30 -5.13
N MET G 114 -47.82 3.24 -5.84
CA MET G 114 -47.38 4.51 -5.26
C MET G 114 -48.15 5.65 -5.91
N ASP G 115 -48.49 6.65 -5.10
CA ASP G 115 -49.27 7.80 -5.56
C ASP G 115 -48.38 9.04 -5.54
N PHE G 116 -48.20 9.64 -6.72
CA PHE G 116 -47.23 10.72 -6.90
C PHE G 116 -47.90 12.08 -7.02
N ARG G 117 -49.10 12.25 -6.46
CA ARG G 117 -49.78 13.54 -6.59
C ARG G 117 -49.02 14.63 -5.84
N LEU G 118 -48.43 14.30 -4.69
CA LEU G 118 -47.66 15.26 -3.91
C LEU G 118 -46.18 15.23 -4.24
N PHE G 119 -45.80 14.60 -5.34
CA PHE G 119 -44.39 14.54 -5.72
C PHE G 119 -43.84 15.95 -5.92
N PRO G 120 -42.59 16.23 -5.47
CA PRO G 120 -41.66 15.31 -4.80
C PRO G 120 -41.78 15.32 -3.28
N PHE G 121 -42.91 15.80 -2.75
CA PHE G 121 -43.16 15.79 -1.32
C PHE G 121 -43.98 14.57 -0.90
N ASP G 122 -43.98 13.52 -1.72
CA ASP G 122 -44.85 12.37 -1.48
C ASP G 122 -44.35 11.51 -0.32
N ARG G 123 -45.30 10.78 0.27
CA ARG G 123 -45.03 9.80 1.30
C ARG G 123 -45.42 8.43 0.78
N GLN G 124 -44.52 7.46 0.92
CA GLN G 124 -44.77 6.13 0.38
C GLN G 124 -44.51 5.09 1.46
N GLN G 125 -44.82 3.84 1.15
CA GLN G 125 -44.57 2.75 2.08
C GLN G 125 -44.02 1.56 1.32
N PHE G 126 -42.98 0.97 1.87
CA PHE G 126 -42.40 -0.27 1.36
C PHE G 126 -43.09 -1.44 2.06
N VAL G 127 -43.68 -2.33 1.27
CA VAL G 127 -44.60 -3.34 1.79
C VAL G 127 -44.11 -4.72 1.40
N LEU G 128 -44.20 -5.65 2.35
CA LEU G 128 -43.95 -7.07 2.11
C LEU G 128 -45.21 -7.85 2.46
N GLU G 129 -45.76 -8.56 1.48
CA GLU G 129 -46.96 -9.37 1.64
C GLU G 129 -46.55 -10.83 1.50
N LEU G 130 -46.38 -11.50 2.63
CA LEU G 130 -45.99 -12.90 2.67
C LEU G 130 -47.21 -13.77 2.89
N GLU G 131 -47.22 -14.95 2.26
CA GLU G 131 -48.43 -15.76 2.24
C GLU G 131 -48.06 -17.20 1.92
N PRO G 132 -48.66 -18.18 2.60
CA PRO G 132 -48.30 -19.57 2.30
C PRO G 132 -48.94 -20.03 1.00
N PHE G 133 -48.28 -21.00 0.38
CA PHE G 133 -48.78 -21.65 -0.82
C PHE G 133 -49.33 -23.02 -0.44
N SER G 134 -50.40 -23.41 -1.14
CA SER G 134 -50.96 -24.77 -1.06
C SER G 134 -51.70 -25.04 0.25
N TYR G 135 -51.67 -24.10 1.19
CA TYR G 135 -52.23 -24.35 2.51
C TYR G 135 -53.08 -23.18 2.93
N ASN G 136 -54.35 -23.45 3.28
CA ASN G 136 -55.28 -22.40 3.64
C ASN G 136 -55.16 -22.09 5.13
N ASN G 137 -56.02 -21.19 5.62
CA ASN G 137 -56.00 -20.82 7.03
C ASN G 137 -56.48 -21.96 7.91
N GLN G 138 -57.25 -22.90 7.35
CA GLN G 138 -57.69 -24.07 8.09
C GLN G 138 -56.60 -25.12 8.22
N GLN G 139 -55.50 -24.99 7.47
CA GLN G 139 -54.36 -25.89 7.55
C GLN G 139 -53.12 -25.23 8.12
N LEU G 140 -52.84 -23.99 7.73
CA LEU G 140 -51.69 -23.24 8.20
C LEU G 140 -52.15 -21.83 8.57
N ARG G 141 -51.79 -21.39 9.76
CA ARG G 141 -52.21 -20.08 10.28
C ARG G 141 -51.00 -19.37 10.85
N PHE G 142 -50.84 -18.11 10.49
CA PHE G 142 -49.76 -17.30 11.04
C PHE G 142 -50.14 -16.79 12.42
N SER G 143 -49.40 -17.21 13.44
CA SER G 143 -49.72 -16.84 14.82
C SER G 143 -49.26 -15.41 15.13
N ASP G 144 -47.97 -15.14 14.96
CA ASP G 144 -47.42 -13.83 15.23
C ASP G 144 -46.37 -13.50 14.17
N ILE G 145 -46.06 -12.21 14.09
CA ILE G 145 -45.05 -11.70 13.17
C ILE G 145 -44.23 -10.64 13.90
N GLN G 146 -42.92 -10.70 13.74
CA GLN G 146 -42.01 -9.75 14.38
C GLN G 146 -40.95 -9.34 13.38
N VAL G 147 -40.85 -8.04 13.11
CA VAL G 147 -39.89 -7.49 12.18
C VAL G 147 -38.76 -6.83 12.96
N TYR G 148 -37.52 -7.13 12.58
CA TYR G 148 -36.33 -6.60 13.24
C TYR G 148 -35.56 -5.78 12.22
N THR G 149 -35.90 -4.50 12.09
CA THR G 149 -35.20 -3.58 11.19
C THR G 149 -34.19 -2.76 11.99
N GLU G 150 -33.15 -3.47 12.46
CA GLU G 150 -32.13 -2.85 13.30
C GLU G 150 -30.99 -2.28 12.48
N ASN G 151 -30.69 -2.87 11.33
CA ASN G 151 -29.54 -2.44 10.54
C ASN G 151 -29.81 -1.15 9.77
N ILE G 152 -30.95 -1.07 9.09
CA ILE G 152 -31.19 0.03 8.16
C ILE G 152 -31.86 1.24 8.81
N ASP G 153 -32.58 1.04 9.93
CA ASP G 153 -33.37 2.13 10.51
C ASP G 153 -32.52 3.30 10.99
N ASN G 154 -31.20 3.12 11.11
CA ASN G 154 -30.30 4.18 11.56
C ASN G 154 -29.85 5.10 10.43
N GLU G 155 -29.52 4.54 9.27
CA GLU G 155 -28.84 5.28 8.20
C GLU G 155 -29.78 5.89 7.16
N GLU G 156 -30.54 5.06 6.44
CA GLU G 156 -31.39 5.50 5.33
C GLU G 156 -30.55 6.22 4.26
N ILE G 157 -29.66 5.47 3.64
CA ILE G 157 -28.70 6.02 2.69
C ILE G 157 -29.31 5.82 1.30
N ASP G 158 -30.16 6.78 0.90
CA ASP G 158 -30.77 6.80 -0.42
C ASP G 158 -31.52 8.11 -0.62
N GLU G 159 -32.17 8.25 -1.78
CA GLU G 159 -33.07 9.35 -2.04
C GLU G 159 -34.30 9.36 -1.12
N TRP G 160 -34.43 8.40 -0.21
CA TRP G 160 -35.56 8.37 0.70
C TRP G 160 -35.08 8.40 2.15
N TRP G 161 -36.04 8.59 3.05
CA TRP G 161 -35.83 8.66 4.49
C TRP G 161 -36.89 7.83 5.18
N ILE G 162 -36.48 6.88 6.01
CA ILE G 162 -37.44 6.04 6.74
C ILE G 162 -37.89 6.80 7.98
N ARG G 163 -39.19 6.98 8.11
CA ARG G 163 -39.79 7.73 9.22
C ARG G 163 -40.63 6.79 10.08
N GLY G 164 -40.06 6.34 11.19
CA GLY G 164 -40.77 5.52 12.15
C GLY G 164 -40.44 4.05 12.01
N LYS G 165 -40.98 3.27 12.94
CA LYS G 165 -40.79 1.83 12.96
C LYS G 165 -41.74 1.16 11.96
N ALA G 166 -41.64 -0.17 11.88
CA ALA G 166 -42.45 -0.93 10.95
C ALA G 166 -43.83 -1.22 11.53
N SER G 167 -44.79 -1.42 10.64
CA SER G 167 -46.14 -1.82 11.01
C SER G 167 -46.41 -3.24 10.51
N THR G 168 -47.03 -4.06 11.35
CA THR G 168 -47.31 -5.44 11.03
C THR G 168 -48.81 -5.69 11.08
N HIS G 169 -49.29 -6.57 10.20
CA HIS G 169 -50.70 -6.92 10.19
C HIS G 169 -50.89 -8.34 9.67
N ILE G 170 -51.63 -9.16 10.41
CA ILE G 170 -51.98 -10.50 9.99
C ILE G 170 -53.44 -10.50 9.57
N SER G 171 -53.70 -10.95 8.33
CA SER G 171 -55.02 -10.91 7.74
C SER G 171 -55.35 -12.26 7.11
N ASP G 172 -56.57 -12.38 6.59
CA ASP G 172 -57.03 -13.58 5.90
C ASP G 172 -57.60 -13.17 4.55
N ILE G 173 -57.05 -13.75 3.48
CA ILE G 173 -57.38 -13.36 2.11
C ILE G 173 -58.10 -14.52 1.44
N ARG G 174 -59.22 -14.22 0.78
CA ARG G 174 -60.01 -15.22 0.07
C ARG G 174 -59.74 -15.11 -1.42
N TYR G 175 -59.53 -16.26 -2.07
CA TYR G 175 -59.29 -16.33 -3.51
C TYR G 175 -60.49 -16.99 -4.19
N ASP G 176 -61.06 -16.29 -5.17
CA ASP G 176 -62.19 -16.84 -5.92
C ASP G 176 -61.75 -17.81 -7.02
N HIS G 177 -60.49 -17.77 -7.43
CA HIS G 177 -60.04 -18.65 -8.50
C HIS G 177 -59.72 -20.06 -8.02
N LEU G 178 -59.64 -20.27 -6.70
CA LEU G 178 -59.57 -21.61 -6.13
C LEU G 178 -60.92 -22.10 -5.62
N SER G 179 -61.93 -21.22 -5.57
CA SER G 179 -63.26 -21.64 -5.15
C SER G 179 -63.82 -22.69 -6.08
N SER G 180 -63.35 -22.72 -7.33
CA SER G 180 -63.76 -23.75 -8.27
C SER G 180 -63.28 -25.13 -7.85
N VAL G 181 -62.36 -25.21 -6.89
CA VAL G 181 -61.86 -26.50 -6.42
C VAL G 181 -62.13 -26.64 -4.93
N GLN G 182 -61.38 -25.89 -4.11
CA GLN G 182 -61.50 -25.90 -2.66
C GLN G 182 -62.76 -25.17 -2.19
N PRO G 183 -63.82 -25.89 -1.81
CA PRO G 183 -65.07 -25.23 -1.40
C PRO G 183 -64.98 -24.73 0.03
N ASN G 184 -65.24 -23.44 0.23
CA ASN G 184 -65.26 -22.80 1.55
C ASN G 184 -63.95 -22.99 2.31
N GLN G 185 -62.86 -23.27 1.61
CA GLN G 185 -61.55 -23.48 2.22
C GLN G 185 -60.47 -22.76 1.44
N ASN G 186 -60.78 -21.56 0.94
CA ASN G 186 -59.87 -20.80 0.10
C ASN G 186 -59.48 -19.50 0.79
N GLU G 187 -59.23 -19.56 2.10
CA GLU G 187 -58.75 -18.43 2.86
C GLU G 187 -57.33 -18.71 3.31
N PHE G 188 -56.42 -17.79 3.02
CA PHE G 188 -55.01 -17.94 3.34
C PHE G 188 -54.62 -16.84 4.33
N SER G 189 -53.80 -17.21 5.31
CA SER G 189 -53.28 -16.21 6.24
C SER G 189 -52.18 -15.43 5.55
N ARG G 190 -52.17 -14.12 5.75
CA ARG G 190 -51.22 -13.24 5.08
C ARG G 190 -50.58 -12.32 6.09
N ILE G 191 -49.26 -12.23 6.05
CA ILE G 191 -48.51 -11.27 6.83
C ILE G 191 -48.22 -10.07 5.94
N THR G 192 -48.46 -8.88 6.47
CA THR G 192 -48.23 -7.64 5.73
C THR G 192 -47.36 -6.74 6.60
N VAL G 193 -46.22 -6.35 6.05
CA VAL G 193 -45.29 -5.45 6.72
C VAL G 193 -45.22 -4.17 5.92
N ARG G 194 -45.46 -3.04 6.58
CA ARG G 194 -45.49 -1.74 5.94
C ARG G 194 -44.48 -0.84 6.60
N ILE G 195 -43.70 -0.13 5.79
CA ILE G 195 -42.66 0.79 6.28
C ILE G 195 -42.88 2.15 5.64
N ASP G 196 -43.21 3.15 6.45
CA ASP G 196 -43.43 4.49 5.92
C ASP G 196 -42.10 5.16 5.62
N ALA G 197 -42.07 5.93 4.53
CA ALA G 197 -40.87 6.63 4.09
C ALA G 197 -41.28 7.93 3.38
N VAL G 198 -40.39 8.91 3.44
CA VAL G 198 -40.58 10.20 2.78
C VAL G 198 -39.43 10.40 1.81
N ARG G 199 -39.62 11.33 0.87
CA ARG G 199 -38.64 11.58 -0.18
C ARG G 199 -37.77 12.78 0.18
N LYS G 200 -36.47 12.63 -0.02
CA LYS G 200 -35.54 13.75 0.14
C LYS G 200 -35.56 14.59 -1.13
N ILE G 201 -35.70 15.91 -0.96
CA ILE G 201 -35.98 16.79 -2.09
C ILE G 201 -34.75 17.56 -2.56
N GLY G 202 -33.60 17.37 -1.90
CA GLY G 202 -32.42 18.14 -2.28
C GLY G 202 -32.03 17.96 -3.74
N TYR G 203 -31.99 16.70 -4.19
CA TYR G 203 -31.67 16.43 -5.59
C TYR G 203 -32.66 17.12 -6.52
N PHE G 204 -33.95 17.01 -6.23
CA PHE G 204 -34.94 17.62 -7.09
C PHE G 204 -34.88 19.14 -7.04
N VAL G 205 -34.60 19.69 -5.85
CA VAL G 205 -34.36 21.13 -5.75
C VAL G 205 -33.26 21.53 -6.73
N ILE G 206 -32.06 20.95 -6.55
CA ILE G 206 -30.89 21.32 -7.35
C ILE G 206 -31.14 21.10 -8.84
N GLN G 207 -31.93 20.09 -9.19
CA GLN G 207 -32.06 19.74 -10.60
C GLN G 207 -33.18 20.49 -11.32
N THR G 208 -34.25 20.88 -10.62
CA THR G 208 -35.33 21.56 -11.34
C THR G 208 -35.76 22.87 -10.69
N TYR G 209 -35.79 22.95 -9.35
CA TYR G 209 -36.40 24.09 -8.70
C TYR G 209 -35.51 25.32 -8.82
N LEU G 210 -34.27 25.21 -8.36
CA LEU G 210 -33.32 26.30 -8.54
C LEU G 210 -33.15 26.70 -10.00
N PRO G 211 -33.03 25.77 -10.96
CA PRO G 211 -33.01 26.21 -12.36
C PRO G 211 -34.26 26.98 -12.76
N CYS G 212 -35.44 26.52 -12.35
CA CYS G 212 -36.68 27.25 -12.68
C CYS G 212 -36.71 28.62 -12.03
N ILE G 213 -36.29 28.70 -10.76
CA ILE G 213 -36.30 29.98 -10.05
C ILE G 213 -35.36 30.96 -10.71
N MET G 214 -34.13 30.53 -10.99
CA MET G 214 -33.18 31.41 -11.65
C MET G 214 -33.61 31.75 -13.08
N THR G 215 -34.35 30.85 -13.74
CA THR G 215 -34.87 31.20 -15.06
C THR G 215 -35.93 32.28 -14.96
N VAL G 216 -36.77 32.22 -13.93
CA VAL G 216 -37.76 33.28 -13.71
C VAL G 216 -37.05 34.60 -13.41
N ILE G 217 -35.99 34.55 -12.60
CA ILE G 217 -35.23 35.76 -12.30
C ILE G 217 -34.64 36.34 -13.59
N LEU G 218 -34.04 35.47 -14.41
CA LEU G 218 -33.47 35.90 -15.69
C LEU G 218 -34.54 36.52 -16.57
N SER G 219 -35.73 35.94 -16.62
CA SER G 219 -36.83 36.50 -17.39
C SER G 219 -37.21 37.88 -16.87
N GLN G 220 -37.24 38.05 -15.54
CA GLN G 220 -37.61 39.34 -14.98
C GLN G 220 -36.53 40.39 -15.23
N VAL G 221 -35.28 39.97 -15.40
CA VAL G 221 -34.22 40.94 -15.68
C VAL G 221 -34.55 41.79 -16.91
N SER G 222 -35.35 41.26 -17.83
CA SER G 222 -35.71 42.01 -19.02
C SER G 222 -36.45 43.30 -18.69
N PHE G 223 -37.22 43.31 -17.60
CA PHE G 223 -38.00 44.50 -17.26
C PHE G 223 -37.11 45.70 -17.02
N TRP G 224 -35.90 45.48 -16.50
CA TRP G 224 -35.00 46.60 -16.21
C TRP G 224 -34.23 47.06 -17.43
N LEU G 225 -34.66 46.69 -18.62
CA LEU G 225 -34.22 47.34 -19.85
C LEU G 225 -35.41 48.09 -20.44
N ASN G 226 -35.19 49.31 -20.89
CA ASN G 226 -36.29 50.07 -21.47
C ASN G 226 -36.62 49.52 -22.86
N ARG G 227 -37.61 50.14 -23.50
CA ARG G 227 -38.09 49.71 -24.80
C ARG G 227 -37.19 50.23 -25.92
N GLU G 228 -35.87 50.12 -25.77
CA GLU G 228 -34.94 50.72 -26.71
C GLU G 228 -34.44 49.72 -27.75
N SER G 229 -34.07 48.51 -27.34
CA SER G 229 -33.57 47.47 -28.23
C SER G 229 -34.44 46.23 -28.03
N VAL G 230 -35.32 46.00 -28.98
CA VAL G 230 -36.24 44.86 -28.97
C VAL G 230 -35.51 43.53 -29.07
N PRO G 231 -34.38 43.50 -29.88
CA PRO G 231 -33.72 42.19 -29.96
C PRO G 231 -33.21 41.66 -28.62
N ALA G 232 -32.63 42.52 -27.79
CA ALA G 232 -32.14 42.04 -26.49
C ALA G 232 -33.25 41.39 -25.69
N ARG G 233 -34.37 42.09 -25.53
CA ARG G 233 -35.48 41.54 -24.75
C ARG G 233 -36.14 40.37 -25.48
N THR G 234 -36.08 40.37 -26.81
CA THR G 234 -36.53 39.21 -27.58
C THR G 234 -35.69 37.99 -27.25
N VAL G 235 -34.37 38.16 -27.24
CA VAL G 235 -33.47 37.06 -26.85
C VAL G 235 -33.81 36.59 -25.44
N PHE G 236 -33.98 37.54 -24.51
CA PHE G 236 -34.38 37.19 -23.15
C PHE G 236 -35.62 36.30 -23.16
N GLY G 237 -36.69 36.77 -23.81
CA GLY G 237 -37.96 36.06 -23.78
C GLY G 237 -37.88 34.68 -24.40
N VAL G 238 -37.33 34.58 -25.61
CA VAL G 238 -37.34 33.29 -26.31
C VAL G 238 -36.40 32.31 -25.61
N THR G 239 -35.21 32.78 -25.18
CA THR G 239 -34.30 31.93 -24.44
C THR G 239 -34.94 31.40 -23.17
N THR G 240 -35.62 32.27 -22.42
CA THR G 240 -36.19 31.84 -21.15
C THR G 240 -37.35 30.87 -21.36
N VAL G 241 -38.20 31.12 -22.36
CA VAL G 241 -39.32 30.20 -22.59
C VAL G 241 -38.81 28.85 -23.08
N LEU G 242 -37.78 28.85 -23.93
CA LEU G 242 -37.22 27.57 -24.37
C LEU G 242 -36.58 26.81 -23.23
N THR G 243 -35.86 27.52 -22.36
CA THR G 243 -35.27 26.88 -21.19
C THR G 243 -36.34 26.27 -20.29
N MET G 244 -37.42 27.02 -20.05
CA MET G 244 -38.49 26.48 -19.22
C MET G 244 -39.18 25.29 -19.89
N THR G 245 -39.31 25.30 -21.22
CA THR G 245 -39.90 24.17 -21.91
C THR G 245 -39.04 22.92 -21.74
N THR G 246 -37.73 23.04 -21.99
CA THR G 246 -36.85 21.89 -21.81
C THR G 246 -36.83 21.43 -20.37
N LEU G 247 -36.91 22.37 -19.42
CA LEU G 247 -36.93 21.97 -18.01
C LEU G 247 -38.20 21.21 -17.66
N SER G 248 -39.35 21.69 -18.15
CA SER G 248 -40.59 20.97 -17.93
C SER G 248 -40.52 19.56 -18.50
N ILE G 249 -39.97 19.44 -19.71
CA ILE G 249 -39.86 18.11 -20.33
C ILE G 249 -38.95 17.21 -19.50
N SER G 250 -37.75 17.68 -19.20
CA SER G 250 -36.76 16.88 -18.48
C SER G 250 -37.16 16.56 -17.05
N ALA G 251 -38.03 17.36 -16.43
CA ALA G 251 -38.38 17.11 -15.03
C ALA G 251 -39.24 15.86 -14.89
N ARG G 252 -40.18 15.65 -15.80
CA ARG G 252 -41.04 14.48 -15.72
C ARG G 252 -40.34 13.20 -16.18
N ASN G 253 -39.10 13.30 -16.67
CA ASN G 253 -38.36 12.11 -17.08
C ASN G 253 -38.05 11.20 -15.90
N SER G 254 -38.13 11.70 -14.67
CA SER G 254 -37.85 10.90 -13.49
C SER G 254 -39.10 10.28 -12.90
N LEU G 255 -40.23 10.37 -13.60
CA LEU G 255 -41.49 9.85 -13.11
C LEU G 255 -42.11 8.93 -14.16
N PRO G 256 -42.95 8.00 -13.75
CA PRO G 256 -43.70 7.21 -14.73
C PRO G 256 -44.75 8.04 -15.43
N LYS G 257 -45.22 7.51 -16.56
CA LYS G 257 -46.22 8.19 -17.39
C LYS G 257 -47.57 7.95 -16.72
N VAL G 258 -47.87 8.80 -15.74
CA VAL G 258 -49.02 8.57 -14.86
C VAL G 258 -50.22 9.47 -15.19
N ALA G 259 -50.03 10.51 -16.00
CA ALA G 259 -51.07 11.41 -16.49
C ALA G 259 -51.65 12.39 -15.46
N TYR G 260 -51.45 12.16 -14.16
CA TYR G 260 -52.00 13.14 -13.23
C TYR G 260 -50.93 14.19 -12.91
N ALA G 261 -51.36 15.29 -12.30
CA ALA G 261 -50.45 16.39 -12.04
C ALA G 261 -49.90 16.34 -10.62
N THR G 262 -48.62 16.68 -10.49
CA THR G 262 -47.89 16.68 -9.23
C THR G 262 -47.71 18.10 -8.74
N ALA G 263 -47.13 18.24 -7.55
CA ALA G 263 -46.78 19.56 -7.05
C ALA G 263 -45.69 20.20 -7.90
N MET G 264 -44.70 19.41 -8.31
CA MET G 264 -43.68 19.90 -9.22
C MET G 264 -44.29 20.35 -10.53
N ASP G 265 -45.33 19.65 -11.00
CA ASP G 265 -46.03 20.07 -12.20
C ASP G 265 -46.61 21.47 -12.03
N TRP G 266 -47.27 21.72 -10.90
CA TRP G 266 -47.87 23.03 -10.68
C TRP G 266 -46.80 24.12 -10.57
N PHE G 267 -45.68 23.81 -9.90
CA PHE G 267 -44.59 24.79 -9.80
C PHE G 267 -44.04 25.12 -11.19
N ILE G 268 -43.81 24.11 -12.01
CA ILE G 268 -43.28 24.33 -13.36
C ILE G 268 -44.27 25.12 -14.19
N ALA G 269 -45.56 24.83 -14.05
CA ALA G 269 -46.56 25.56 -14.81
C ALA G 269 -46.61 27.02 -14.40
N VAL G 270 -46.49 27.31 -13.11
CA VAL G 270 -46.51 28.69 -12.64
C VAL G 270 -45.27 29.44 -13.13
N CYS G 271 -44.11 28.81 -13.08
CA CYS G 271 -42.90 29.46 -13.58
C CYS G 271 -43.01 29.72 -15.08
N TYR G 272 -43.56 28.75 -15.83
CA TYR G 272 -43.76 28.95 -17.26
C TYR G 272 -44.70 30.12 -17.53
N ALA G 273 -45.77 30.20 -16.75
CA ALA G 273 -46.71 31.31 -16.89
C ALA G 273 -46.03 32.64 -16.62
N PHE G 274 -45.18 32.70 -15.59
CA PHE G 274 -44.47 33.94 -15.29
C PHE G 274 -43.55 34.36 -16.42
N VAL G 275 -42.80 33.40 -16.97
CA VAL G 275 -41.87 33.72 -18.05
C VAL G 275 -42.64 34.19 -19.30
N PHE G 276 -43.70 33.47 -19.65
CA PHE G 276 -44.49 33.85 -20.82
C PHE G 276 -45.16 35.19 -20.62
N SER G 277 -45.58 35.50 -19.38
CA SER G 277 -46.17 36.80 -19.11
C SER G 277 -45.14 37.90 -19.25
N ALA G 278 -43.89 37.65 -18.84
CA ALA G 278 -42.83 38.63 -19.07
C ALA G 278 -42.64 38.89 -20.55
N LEU G 279 -42.60 37.83 -21.36
CA LEU G 279 -42.44 38.01 -22.79
C LEU G 279 -43.61 38.78 -23.40
N ILE G 280 -44.83 38.44 -22.98
CA ILE G 280 -46.01 39.14 -23.49
C ILE G 280 -46.02 40.60 -23.07
N GLU G 281 -45.52 40.90 -21.86
CA GLU G 281 -45.39 42.29 -21.43
C GLU G 281 -44.42 43.04 -22.33
N PHE G 282 -43.27 42.42 -22.66
CA PHE G 282 -42.36 43.08 -23.59
C PHE G 282 -43.02 43.32 -24.93
N ALA G 283 -43.76 42.32 -25.45
CA ALA G 283 -44.45 42.50 -26.72
C ALA G 283 -45.47 43.63 -26.65
N THR G 284 -46.16 43.74 -25.52
CA THR G 284 -47.16 44.79 -25.34
C THR G 284 -46.52 46.16 -25.34
N VAL G 285 -45.47 46.34 -24.54
CA VAL G 285 -44.80 47.65 -24.49
C VAL G 285 -44.11 47.96 -25.81
N ASN G 286 -43.75 46.95 -26.60
CA ASN G 286 -43.26 47.24 -27.94
C ASN G 286 -44.39 47.67 -28.87
N TYR G 287 -45.59 47.12 -28.69
CA TYR G 287 -46.73 47.60 -29.45
C TYR G 287 -47.11 49.03 -29.08
N PHE G 288 -46.67 49.51 -27.93
CA PHE G 288 -46.90 50.87 -27.48
C PHE G 288 -45.68 51.78 -27.64
N THR G 289 -44.66 51.33 -28.38
CA THR G 289 -43.51 52.20 -28.60
C THR G 289 -43.91 53.47 -29.33
N LYS G 290 -44.98 53.42 -30.13
CA LYS G 290 -45.47 54.62 -30.79
C LYS G 290 -45.72 55.75 -29.81
N ARG G 291 -45.96 55.42 -28.53
CA ARG G 291 -46.25 56.42 -27.51
C ARG G 291 -45.24 57.55 -27.53
N GLY G 292 -45.76 58.78 -27.40
CA GLY G 292 -44.92 59.96 -27.39
C GLY G 292 -43.94 60.07 -26.24
N VAL G 293 -43.79 59.01 -25.45
CA VAL G 293 -42.78 58.97 -24.41
C VAL G 293 -41.63 58.13 -24.96
N GLU G 294 -40.46 58.31 -24.36
CA GLU G 294 -39.26 57.60 -24.78
C GLU G 294 -38.22 57.74 -23.68
N SER G 295 -37.77 56.62 -23.13
CA SER G 295 -38.42 55.34 -23.33
C SER G 295 -38.62 54.68 -21.98
N VAL G 296 -39.64 55.10 -21.23
CA VAL G 296 -39.94 54.46 -19.96
C VAL G 296 -41.41 54.06 -19.96
N SER G 297 -41.67 52.82 -19.57
CA SER G 297 -43.00 52.23 -19.67
C SER G 297 -43.61 52.16 -18.29
N LYS G 298 -44.85 52.63 -18.14
CA LYS G 298 -45.55 52.44 -16.87
C LYS G 298 -45.75 50.95 -16.61
N ILE G 299 -45.89 50.17 -17.69
CA ILE G 299 -46.05 48.72 -17.56
C ILE G 299 -44.83 48.11 -16.92
N ASP G 300 -43.64 48.40 -17.45
CA ASP G 300 -42.41 47.86 -16.87
C ASP G 300 -42.15 48.42 -15.48
N ARG G 301 -42.47 49.71 -15.28
CA ARG G 301 -42.23 50.32 -13.98
C ARG G 301 -43.05 49.63 -12.90
N LEU G 302 -44.26 49.21 -13.22
CA LEU G 302 -45.04 48.48 -12.22
C LEU G 302 -44.70 46.99 -12.22
N SER G 303 -44.24 46.43 -13.35
CA SER G 303 -43.89 45.03 -13.41
C SER G 303 -42.66 44.72 -12.55
N ARG G 304 -41.66 45.61 -12.56
CA ARG G 304 -40.47 45.40 -11.75
C ARG G 304 -40.77 45.17 -10.28
N ILE G 305 -41.99 45.51 -9.84
CA ILE G 305 -42.42 45.24 -8.47
C ILE G 305 -43.45 44.13 -8.41
N ALA G 306 -44.41 44.13 -9.36
CA ALA G 306 -45.48 43.13 -9.32
C ALA G 306 -44.94 41.73 -9.56
N PHE G 307 -44.11 41.56 -10.59
CA PHE G 307 -43.62 40.22 -10.91
C PHE G 307 -42.76 39.62 -9.81
N PRO G 308 -41.71 40.28 -9.30
CA PRO G 308 -40.93 39.66 -8.22
C PRO G 308 -41.73 39.42 -6.96
N LEU G 309 -42.61 40.36 -6.59
CA LEU G 309 -43.42 40.19 -5.39
C LEU G 309 -44.43 39.06 -5.55
N LEU G 310 -45.08 38.98 -6.71
CA LEU G 310 -46.00 37.89 -6.97
C LEU G 310 -45.29 36.54 -6.97
N PHE G 311 -44.10 36.48 -7.58
CA PHE G 311 -43.33 35.25 -7.56
C PHE G 311 -42.94 34.87 -6.14
N GLY G 312 -42.58 35.86 -5.33
CA GLY G 312 -42.21 35.59 -3.95
C GLY G 312 -43.37 35.08 -3.13
N ILE G 313 -44.55 35.70 -3.27
CA ILE G 313 -45.71 35.23 -2.51
C ILE G 313 -46.14 33.85 -3.00
N PHE G 314 -46.00 33.57 -4.31
CA PHE G 314 -46.31 32.23 -4.79
C PHE G 314 -45.35 31.22 -4.19
N ASN G 315 -44.06 31.55 -4.13
CA ASN G 315 -43.09 30.66 -3.50
C ASN G 315 -43.43 30.44 -2.04
N LEU G 316 -43.85 31.50 -1.34
CA LEU G 316 -44.22 31.36 0.06
C LEU G 316 -45.39 30.40 0.22
N VAL G 317 -46.45 30.60 -0.56
CA VAL G 317 -47.61 29.71 -0.48
C VAL G 317 -47.21 28.28 -0.80
N TYR G 318 -46.48 28.10 -1.91
CA TYR G 318 -46.05 26.77 -2.33
C TYR G 318 -45.27 26.05 -1.24
N TRP G 319 -44.16 26.66 -0.79
CA TRP G 319 -43.27 25.99 0.15
C TRP G 319 -43.88 25.89 1.55
N ALA G 320 -44.84 26.76 1.90
CA ALA G 320 -45.57 26.56 3.15
C ALA G 320 -46.51 25.38 3.05
N THR G 321 -47.20 25.24 1.91
CA THR G 321 -47.89 24.00 1.62
C THR G 321 -46.89 22.88 1.36
N TYR G 322 -47.38 21.65 1.35
CA TYR G 322 -46.58 20.47 1.02
C TYR G 322 -45.47 20.25 2.05
N LEU G 323 -45.44 21.05 3.11
CA LEU G 323 -44.43 20.94 4.15
C LEU G 323 -45.04 21.16 5.52
N ARG H 10 -15.33 -26.94 22.23
CA ARG H 10 -15.74 -27.34 20.89
C ARG H 10 -15.40 -26.40 19.72
N PRO H 11 -15.76 -25.08 19.82
CA PRO H 11 -15.88 -24.25 18.62
C PRO H 11 -14.82 -24.47 17.55
N VAL H 12 -15.29 -24.84 16.36
CA VAL H 12 -14.41 -25.19 15.25
C VAL H 12 -13.71 -23.94 14.74
N ASP H 13 -12.39 -23.92 14.84
CA ASP H 13 -11.58 -22.83 14.32
C ASP H 13 -11.46 -22.98 12.81
N VAL H 14 -11.89 -21.95 12.08
CA VAL H 14 -11.85 -21.95 10.63
C VAL H 14 -10.86 -20.86 10.20
N SER H 15 -9.87 -21.25 9.41
CA SER H 15 -8.90 -20.32 8.85
C SER H 15 -9.34 -19.91 7.45
N VAL H 16 -9.32 -18.61 7.17
CA VAL H 16 -9.81 -18.08 5.92
C VAL H 16 -8.71 -17.28 5.24
N SER H 17 -8.52 -17.52 3.95
CA SER H 17 -7.62 -16.73 3.12
C SER H 17 -8.39 -16.30 1.87
N ILE H 18 -8.32 -15.02 1.55
CA ILE H 18 -9.08 -14.46 0.43
C ILE H 18 -8.11 -13.86 -0.56
N PHE H 19 -8.10 -14.39 -1.78
CA PHE H 19 -7.30 -13.86 -2.88
C PHE H 19 -8.22 -12.99 -3.73
N ILE H 20 -7.85 -11.73 -3.90
CA ILE H 20 -8.63 -10.79 -4.70
C ILE H 20 -7.99 -10.69 -6.07
N ASN H 21 -8.68 -11.20 -7.09
CA ASN H 21 -8.14 -11.13 -8.45
C ASN H 21 -8.31 -9.73 -9.02
N LYS H 22 -9.50 -9.15 -8.90
CA LYS H 22 -9.70 -7.79 -9.40
C LYS H 22 -10.94 -7.18 -8.77
N ILE H 23 -10.94 -5.85 -8.74
CA ILE H 23 -12.09 -5.04 -8.36
C ILE H 23 -12.41 -4.15 -9.55
N TYR H 24 -13.68 -4.06 -9.90
CA TYR H 24 -14.07 -3.31 -11.08
C TYR H 24 -15.54 -2.95 -10.95
N GLY H 25 -16.11 -2.40 -12.02
CA GLY H 25 -17.54 -2.11 -12.04
C GLY H 25 -17.99 -1.25 -10.89
N VAL H 26 -17.17 -0.27 -10.50
CA VAL H 26 -17.49 0.58 -9.36
C VAL H 26 -18.60 1.54 -9.78
N ASN H 27 -19.83 1.21 -9.43
CA ASN H 27 -21.00 2.00 -9.80
C ASN H 27 -21.38 2.88 -8.62
N THR H 28 -21.04 4.17 -8.72
CA THR H 28 -21.34 5.09 -7.62
C THR H 28 -22.83 5.37 -7.50
N LEU H 29 -23.61 5.14 -8.56
CA LEU H 29 -25.05 5.37 -8.46
C LEU H 29 -25.69 4.37 -7.51
N GLU H 30 -25.44 3.09 -7.73
CA GLU H 30 -25.97 2.04 -6.87
C GLU H 30 -25.08 1.79 -5.66
N GLN H 31 -23.92 2.45 -5.58
CA GLN H 31 -22.97 2.25 -4.47
C GLN H 31 -22.55 0.80 -4.40
N THR H 32 -22.37 0.17 -5.56
CA THR H 32 -21.90 -1.21 -5.65
C THR H 32 -20.57 -1.26 -6.37
N TYR H 33 -19.93 -2.42 -6.25
CA TYR H 33 -18.65 -2.68 -6.90
C TYR H 33 -18.48 -4.18 -7.04
N LYS H 34 -17.96 -4.62 -8.18
CA LYS H 34 -17.80 -6.04 -8.44
C LYS H 34 -16.40 -6.48 -8.02
N VAL H 35 -16.32 -7.59 -7.30
CA VAL H 35 -15.08 -8.15 -6.80
C VAL H 35 -15.00 -9.58 -7.29
N ASP H 36 -13.92 -9.90 -8.02
CA ASP H 36 -13.63 -11.25 -8.46
C ASP H 36 -12.39 -11.74 -7.73
N GLY H 37 -12.48 -12.94 -7.16
CA GLY H 37 -11.34 -13.48 -6.45
C GLY H 37 -11.56 -14.92 -6.06
N TYR H 38 -10.65 -15.42 -5.22
CA TYR H 38 -10.73 -16.77 -4.71
C TYR H 38 -10.86 -16.72 -3.20
N ILE H 39 -11.50 -17.73 -2.63
CA ILE H 39 -11.67 -17.83 -1.19
C ILE H 39 -11.30 -19.23 -0.75
N VAL H 40 -10.53 -19.31 0.34
CA VAL H 40 -10.08 -20.57 0.91
C VAL H 40 -10.50 -20.59 2.38
N ALA H 41 -11.15 -21.67 2.78
CA ALA H 41 -11.61 -21.85 4.15
C ALA H 41 -11.12 -23.19 4.64
N GLN H 42 -10.29 -23.19 5.67
CA GLN H 42 -9.63 -24.38 6.17
C GLN H 42 -10.04 -24.60 7.62
N TRP H 43 -10.42 -25.84 7.94
CA TRP H 43 -10.65 -26.21 9.33
C TRP H 43 -10.04 -27.59 9.56
N THR H 44 -10.18 -28.08 10.80
CA THR H 44 -9.60 -29.35 11.19
C THR H 44 -10.70 -30.24 11.75
N GLY H 45 -11.01 -31.33 11.03
CA GLY H 45 -11.99 -32.27 11.44
C GLY H 45 -11.38 -33.58 11.89
N LYS H 46 -12.18 -34.63 11.87
CA LYS H 46 -11.68 -35.93 12.27
C LYS H 46 -10.77 -36.48 11.17
N PRO H 47 -9.66 -37.14 11.53
CA PRO H 47 -8.76 -37.67 10.52
C PRO H 47 -9.49 -38.65 9.61
N ARG H 48 -9.00 -38.78 8.38
CA ARG H 48 -9.61 -39.63 7.37
C ARG H 48 -8.51 -40.38 6.62
N LYS H 49 -8.93 -41.28 5.74
CA LYS H 49 -8.02 -42.09 4.94
C LYS H 49 -8.17 -41.71 3.47
N THR H 50 -7.22 -40.97 2.95
CA THR H 50 -7.17 -40.61 1.55
C THR H 50 -6.45 -41.72 0.77
N PRO H 51 -6.71 -41.82 -0.54
CA PRO H 51 -5.91 -42.76 -1.34
C PRO H 51 -4.45 -42.37 -1.35
N GLY H 52 -3.61 -43.17 -0.71
CA GLY H 52 -2.24 -42.78 -0.47
C GLY H 52 -2.17 -41.71 0.60
N ASP H 53 -0.94 -41.32 0.92
CA ASP H 53 -0.74 -40.23 1.88
C ASP H 53 -1.16 -38.89 1.30
N LYS H 54 -1.27 -38.78 -0.01
CA LYS H 54 -1.61 -37.51 -0.64
C LYS H 54 -3.06 -37.16 -0.34
N PRO H 55 -3.37 -35.88 -0.15
CA PRO H 55 -4.76 -35.50 0.11
C PRO H 55 -5.61 -35.63 -1.14
N LEU H 56 -6.92 -35.78 -0.92
CA LEU H 56 -7.84 -35.99 -2.01
C LEU H 56 -8.44 -34.67 -2.47
N ILE H 57 -8.67 -34.56 -3.77
CA ILE H 57 -9.15 -33.33 -4.39
C ILE H 57 -10.47 -33.61 -5.09
N VAL H 58 -11.46 -32.76 -4.84
CA VAL H 58 -12.81 -32.94 -5.34
C VAL H 58 -13.24 -31.68 -6.07
N GLU H 59 -13.72 -31.80 -7.31
CA GLU H 59 -14.06 -30.64 -8.14
C GLU H 59 -15.57 -30.59 -8.33
N ASN H 60 -16.20 -29.75 -7.51
CA ASN H 60 -17.60 -29.31 -7.49
C ASN H 60 -18.64 -30.42 -7.36
N THR H 61 -18.50 -31.49 -8.13
CA THR H 61 -19.68 -32.28 -8.36
C THR H 61 -19.74 -33.46 -7.40
N GLN H 62 -18.63 -34.19 -7.32
CA GLN H 62 -18.43 -35.09 -6.20
C GLN H 62 -18.68 -34.38 -4.88
N ILE H 63 -18.55 -33.03 -4.84
CA ILE H 63 -18.78 -32.34 -3.58
C ILE H 63 -20.15 -32.70 -3.03
N GLU H 64 -21.16 -32.70 -3.91
CA GLU H 64 -22.51 -33.08 -3.50
C GLU H 64 -22.49 -34.44 -2.80
N ARG H 65 -21.94 -35.45 -3.47
CA ARG H 65 -21.92 -36.79 -2.89
C ARG H 65 -21.29 -36.76 -1.50
N TRP H 66 -20.22 -35.99 -1.33
CA TRP H 66 -19.55 -35.99 -0.03
C TRP H 66 -20.44 -35.39 1.05
N ILE H 67 -21.17 -34.32 0.73
CA ILE H 67 -22.09 -33.77 1.73
C ILE H 67 -23.36 -34.60 1.84
N ASN H 68 -23.60 -35.50 0.89
CA ASN H 68 -24.73 -36.42 1.02
C ASN H 68 -24.42 -37.58 1.94
N ASN H 69 -23.14 -37.93 2.08
CA ASN H 69 -22.72 -39.03 2.94
C ASN H 69 -22.32 -38.56 4.33
N GLY H 70 -22.65 -37.33 4.71
CA GLY H 70 -22.45 -36.87 6.07
C GLY H 70 -21.29 -35.94 6.31
N LEU H 71 -20.52 -35.60 5.28
CA LEU H 71 -19.40 -34.68 5.46
C LEU H 71 -19.93 -33.30 5.83
N TRP H 72 -19.31 -32.69 6.83
CA TRP H 72 -19.77 -31.41 7.36
C TRP H 72 -19.02 -30.28 6.68
N VAL H 73 -19.71 -29.55 5.80
CA VAL H 73 -19.15 -28.37 5.15
C VAL H 73 -20.06 -27.19 5.48
N PRO H 74 -19.64 -26.26 6.32
CA PRO H 74 -20.51 -25.15 6.70
C PRO H 74 -20.64 -24.12 5.58
N ALA H 75 -21.84 -23.54 5.50
CA ALA H 75 -22.11 -22.54 4.48
C ALA H 75 -21.73 -21.16 4.99
N LEU H 76 -20.90 -20.47 4.21
CA LEU H 76 -20.50 -19.10 4.49
C LEU H 76 -21.22 -18.16 3.52
N GLU H 77 -21.36 -16.91 3.93
CA GLU H 77 -22.15 -15.96 3.15
C GLU H 77 -21.55 -14.56 3.29
N PHE H 78 -21.58 -13.82 2.20
CA PHE H 78 -21.19 -12.42 2.22
C PHE H 78 -22.40 -11.57 2.55
N ILE H 79 -22.21 -10.60 3.43
CA ILE H 79 -23.34 -9.77 3.85
C ILE H 79 -23.55 -8.62 2.88
N ASN H 80 -22.47 -8.03 2.37
CA ASN H 80 -22.58 -6.89 1.47
C ASN H 80 -23.03 -7.27 0.07
N VAL H 81 -23.12 -8.56 -0.25
CA VAL H 81 -23.38 -8.96 -1.62
C VAL H 81 -24.78 -8.54 -2.02
N VAL H 82 -24.96 -8.28 -3.32
CA VAL H 82 -26.25 -7.94 -3.91
C VAL H 82 -26.65 -9.12 -4.78
N GLY H 83 -27.55 -9.94 -4.29
CA GLY H 83 -27.93 -11.15 -4.98
C GLY H 83 -26.92 -12.27 -4.79
N SER H 84 -27.35 -13.47 -5.15
CA SER H 84 -26.48 -14.64 -5.06
C SER H 84 -25.24 -14.41 -5.91
N PRO H 85 -24.04 -14.44 -5.33
CA PRO H 85 -22.83 -14.19 -6.11
C PRO H 85 -22.59 -15.28 -7.15
N ASP H 86 -21.99 -14.88 -8.26
CA ASP H 86 -21.65 -15.80 -9.33
C ASP H 86 -20.48 -16.66 -8.85
N THR H 87 -20.76 -17.92 -8.53
CA THR H 87 -19.74 -18.84 -8.03
C THR H 87 -19.19 -19.65 -9.20
N GLY H 88 -17.86 -19.60 -9.37
CA GLY H 88 -17.23 -20.34 -10.44
C GLY H 88 -17.01 -21.78 -10.02
N ASN H 89 -15.80 -22.30 -10.19
CA ASN H 89 -15.51 -23.65 -9.76
C ASN H 89 -15.18 -23.71 -8.28
N LYS H 90 -15.56 -24.80 -7.64
CA LYS H 90 -15.26 -25.06 -6.25
C LYS H 90 -14.38 -26.31 -6.15
N ARG H 91 -13.82 -26.52 -4.97
CA ARG H 91 -13.00 -27.70 -4.76
C ARG H 91 -12.87 -27.97 -3.28
N LEU H 92 -12.76 -29.24 -2.94
CA LEU H 92 -12.51 -29.70 -1.58
C LEU H 92 -11.20 -30.48 -1.56
N MET H 93 -10.30 -30.05 -0.68
CA MET H 93 -9.08 -30.81 -0.38
C MET H 93 -9.25 -31.46 0.98
N LEU H 94 -9.20 -32.78 1.00
CA LEU H 94 -9.37 -33.59 2.19
C LEU H 94 -8.03 -34.17 2.59
N PHE H 95 -7.55 -33.81 3.76
CA PHE H 95 -6.28 -34.31 4.23
C PHE H 95 -6.47 -35.50 5.15
N PRO H 96 -5.48 -36.41 5.20
CA PRO H 96 -5.61 -37.56 6.11
C PRO H 96 -5.55 -37.17 7.58
N ASP H 97 -4.83 -36.10 7.92
CA ASP H 97 -4.76 -35.66 9.31
C ASP H 97 -6.04 -34.98 9.81
N GLY H 98 -7.07 -34.85 8.96
CA GLY H 98 -8.36 -34.36 9.37
C GLY H 98 -8.75 -33.02 8.79
N ARG H 99 -7.76 -32.19 8.45
CA ARG H 99 -8.07 -30.85 7.99
C ARG H 99 -8.78 -30.89 6.65
N VAL H 100 -9.84 -30.09 6.53
CA VAL H 100 -10.63 -29.96 5.31
C VAL H 100 -10.42 -28.54 4.79
N ILE H 101 -10.36 -28.41 3.46
CA ILE H 101 -10.11 -27.13 2.82
C ILE H 101 -11.13 -26.95 1.69
N TYR H 102 -11.84 -25.83 1.72
CA TYR H 102 -12.82 -25.48 0.70
C TYR H 102 -12.29 -24.28 -0.06
N ASN H 103 -12.08 -24.44 -1.36
CA ASN H 103 -11.52 -23.37 -2.18
C ASN H 103 -12.47 -23.12 -3.35
N ALA H 104 -12.87 -21.86 -3.52
CA ALA H 104 -13.84 -21.57 -4.56
C ALA H 104 -13.59 -20.18 -5.13
N ARG H 105 -13.86 -20.03 -6.42
CA ARG H 105 -13.79 -18.73 -7.06
C ARG H 105 -15.15 -18.06 -6.98
N PHE H 106 -15.14 -16.77 -6.64
CA PHE H 106 -16.36 -16.00 -6.50
C PHE H 106 -16.24 -14.69 -7.28
N LEU H 107 -17.36 -14.25 -7.83
CA LEU H 107 -17.46 -12.95 -8.48
C LEU H 107 -18.77 -12.34 -8.01
N GLY H 108 -18.69 -11.29 -7.19
CA GLY H 108 -19.87 -10.76 -6.53
C GLY H 108 -19.96 -9.26 -6.63
N SER H 109 -21.19 -8.77 -6.71
CA SER H 109 -21.48 -7.33 -6.68
C SER H 109 -21.79 -6.97 -5.24
N PHE H 110 -20.84 -6.32 -4.58
CA PHE H 110 -20.95 -5.96 -3.18
C PHE H 110 -21.34 -4.49 -3.03
N SER H 111 -21.88 -4.16 -1.86
CA SER H 111 -22.34 -2.82 -1.53
C SER H 111 -21.67 -2.33 -0.25
N ASN H 112 -21.56 -1.01 -0.13
CA ASN H 112 -21.03 -0.41 1.07
C ASN H 112 -21.49 1.05 1.12
N ASP H 113 -21.83 1.52 2.32
CA ASP H 113 -22.30 2.89 2.48
C ASP H 113 -21.20 3.89 2.10
N MET H 114 -21.51 4.75 1.14
CA MET H 114 -20.58 5.75 0.66
C MET H 114 -21.11 7.15 0.94
N ASP H 115 -20.21 8.05 1.31
CA ASP H 115 -20.54 9.44 1.65
C ASP H 115 -19.92 10.34 0.58
N PHE H 116 -20.77 11.09 -0.13
CA PHE H 116 -20.34 11.86 -1.28
C PHE H 116 -20.29 13.36 -1.01
N ARG H 117 -20.14 13.75 0.25
CA ARG H 117 -20.11 15.17 0.58
C ARG H 117 -18.89 15.85 -0.02
N LEU H 118 -17.75 15.17 -0.05
CA LEU H 118 -16.51 15.72 -0.59
C LEU H 118 -16.30 15.35 -2.05
N PHE H 119 -17.34 14.87 -2.73
CA PHE H 119 -17.23 14.51 -4.13
C PHE H 119 -16.78 15.73 -4.96
N PRO H 120 -15.90 15.54 -5.96
CA PRO H 120 -15.30 14.28 -6.39
C PRO H 120 -13.99 13.96 -5.68
N PHE H 121 -13.72 14.63 -4.57
CA PHE H 121 -12.53 14.36 -3.77
C PHE H 121 -12.79 13.37 -2.64
N ASP H 122 -13.85 12.56 -2.76
CA ASP H 122 -14.24 11.68 -1.67
C ASP H 122 -13.28 10.50 -1.54
N ARG H 123 -13.23 9.95 -0.33
CA ARG H 123 -12.47 8.74 -0.04
C ARG H 123 -13.47 7.68 0.41
N GLN H 124 -13.38 6.49 -0.17
CA GLN H 124 -14.32 5.42 0.11
C GLN H 124 -13.57 4.16 0.48
N GLN H 125 -14.33 3.13 0.86
CA GLN H 125 -13.74 1.84 1.22
C GLN H 125 -14.58 0.71 0.63
N PHE H 126 -13.91 -0.24 -0.01
CA PHE H 126 -14.53 -1.44 -0.53
C PHE H 126 -14.47 -2.52 0.56
N VAL H 127 -15.63 -3.06 0.92
CA VAL H 127 -15.78 -3.89 2.11
C VAL H 127 -16.32 -5.26 1.72
N LEU H 128 -15.76 -6.28 2.35
CA LEU H 128 -16.26 -7.65 2.27
C LEU H 128 -16.60 -8.10 3.69
N GLU H 129 -17.86 -8.44 3.93
CA GLU H 129 -18.30 -8.93 5.23
C GLU H 129 -18.69 -10.39 5.07
N LEU H 130 -17.79 -11.29 5.45
CA LEU H 130 -18.02 -12.72 5.38
C LEU H 130 -18.46 -13.23 6.74
N GLU H 131 -19.39 -14.19 6.75
CA GLU H 131 -19.99 -14.61 8.00
C GLU H 131 -20.64 -15.97 7.79
N PRO H 132 -20.51 -16.90 8.73
CA PRO H 132 -21.12 -18.22 8.54
C PRO H 132 -22.62 -18.17 8.75
N PHE H 133 -23.30 -19.08 8.08
CA PHE H 133 -24.74 -19.29 8.24
C PHE H 133 -24.97 -20.52 9.11
N SER H 134 -26.02 -20.47 9.92
CA SER H 134 -26.51 -21.61 10.70
C SER H 134 -25.61 -21.96 11.88
N TYR H 135 -24.46 -21.31 12.03
CA TYR H 135 -23.52 -21.67 13.08
C TYR H 135 -23.02 -20.43 13.79
N ASN H 136 -23.18 -20.39 15.10
CA ASN H 136 -22.82 -19.21 15.88
C ASN H 136 -21.35 -19.26 16.27
N ASN H 137 -20.91 -18.28 17.06
CA ASN H 137 -19.52 -18.26 17.51
C ASN H 137 -19.22 -19.36 18.51
N GLN H 138 -20.25 -19.90 19.17
CA GLN H 138 -20.08 -21.02 20.06
C GLN H 138 -19.93 -22.35 19.31
N GLN H 139 -20.24 -22.37 18.02
CA GLN H 139 -20.08 -23.55 17.18
C GLN H 139 -19.00 -23.41 16.14
N LEU H 140 -18.90 -22.25 15.49
CA LEU H 140 -17.91 -21.99 14.46
C LEU H 140 -17.28 -20.63 14.74
N ARG H 141 -15.95 -20.58 14.76
CA ARG H 141 -15.23 -19.37 15.07
C ARG H 141 -14.12 -19.16 14.06
N PHE H 142 -13.99 -17.93 13.57
CA PHE H 142 -12.94 -17.58 12.62
C PHE H 142 -11.63 -17.37 13.37
N SER H 143 -10.63 -18.19 13.05
CA SER H 143 -9.35 -18.13 13.73
C SER H 143 -8.49 -16.98 13.20
N ASP H 144 -8.21 -16.98 11.90
CA ASP H 144 -7.39 -15.94 11.29
C ASP H 144 -7.94 -15.59 9.91
N ILE H 145 -7.50 -14.44 9.40
CA ILE H 145 -7.91 -13.96 8.09
C ILE H 145 -6.70 -13.33 7.40
N GLN H 146 -6.51 -13.66 6.11
CA GLN H 146 -5.42 -13.12 5.31
C GLN H 146 -5.94 -12.81 3.91
N VAL H 147 -5.78 -11.56 3.48
CA VAL H 147 -6.18 -11.12 2.15
C VAL H 147 -4.93 -10.99 1.29
N TYR H 148 -4.97 -11.54 0.08
CA TYR H 148 -3.83 -11.56 -0.84
C TYR H 148 -4.14 -10.80 -2.14
N THR H 149 -3.91 -9.49 -2.12
CA THR H 149 -4.01 -8.66 -3.30
C THR H 149 -2.59 -8.47 -3.81
N GLU H 150 -2.29 -9.03 -4.98
CA GLU H 150 -0.89 -8.98 -5.42
C GLU H 150 -0.67 -8.52 -6.87
N ASN H 151 -1.60 -8.79 -7.78
CA ASN H 151 -1.30 -8.50 -9.18
C ASN H 151 -1.49 -7.02 -9.50
N ILE H 152 -2.71 -6.52 -9.36
CA ILE H 152 -3.03 -5.16 -9.79
C ILE H 152 -3.01 -4.16 -8.64
N ASP H 153 -3.16 -4.61 -7.39
CA ASP H 153 -3.39 -3.74 -6.25
C ASP H 153 -2.31 -2.70 -6.01
N ASN H 154 -1.15 -2.79 -6.66
CA ASN H 154 -0.14 -1.78 -6.43
C ASN H 154 -0.48 -0.49 -7.15
N GLU H 155 -1.49 -0.54 -8.00
CA GLU H 155 -1.97 0.57 -8.82
C GLU H 155 -3.47 0.36 -8.96
N GLU H 156 -4.16 1.25 -9.65
CA GLU H 156 -5.61 1.06 -9.78
C GLU H 156 -6.14 1.83 -10.98
N ILE H 157 -6.55 1.09 -12.00
CA ILE H 157 -7.08 1.67 -13.20
C ILE H 157 -8.61 1.63 -13.08
N ASP H 158 -9.30 2.30 -14.01
CA ASP H 158 -10.75 2.32 -14.03
C ASP H 158 -11.35 3.05 -12.84
N GLU H 159 -11.07 4.35 -12.74
CA GLU H 159 -11.70 5.39 -11.95
C GLU H 159 -11.31 5.45 -10.46
N TRP H 160 -10.54 4.53 -9.91
CA TRP H 160 -10.17 4.65 -8.51
C TRP H 160 -8.68 4.44 -8.29
N TRP H 161 -8.25 4.71 -7.06
CA TRP H 161 -6.86 4.57 -6.64
C TRP H 161 -6.83 3.88 -5.28
N ILE H 162 -6.18 2.72 -5.21
CA ILE H 162 -6.05 2.00 -3.95
C ILE H 162 -4.80 2.49 -3.23
N ARG H 163 -4.96 2.89 -1.96
CA ARG H 163 -3.85 3.39 -1.16
C ARG H 163 -3.62 2.39 -0.04
N GLY H 164 -2.70 1.45 -0.26
CA GLY H 164 -2.31 0.48 0.73
C GLY H 164 -3.02 -0.86 0.56
N LYS H 165 -2.57 -1.84 1.34
CA LYS H 165 -3.19 -3.15 1.31
C LYS H 165 -4.47 -3.16 2.15
N ALA H 166 -5.10 -4.33 2.24
CA ALA H 166 -6.37 -4.45 2.93
C ALA H 166 -6.19 -4.55 4.43
N SER H 167 -7.24 -4.14 5.15
CA SER H 167 -7.31 -4.21 6.60
C SER H 167 -8.37 -5.23 6.99
N THR H 168 -8.09 -6.00 8.03
CA THR H 168 -8.95 -7.08 8.47
C THR H 168 -9.47 -6.82 9.87
N HIS H 169 -10.67 -7.34 10.15
CA HIS H 169 -11.29 -7.21 11.46
C HIS H 169 -12.14 -8.45 11.72
N ILE H 170 -11.90 -9.10 12.84
CA ILE H 170 -12.70 -10.24 13.28
C ILE H 170 -13.55 -9.78 14.45
N SER H 171 -14.86 -9.94 14.33
CA SER H 171 -15.78 -9.43 15.33
C SER H 171 -16.84 -10.49 15.62
N ASP H 172 -17.71 -10.19 16.58
CA ASP H 172 -18.84 -11.04 16.95
C ASP H 172 -20.09 -10.19 16.91
N ILE H 173 -21.06 -10.62 16.10
CA ILE H 173 -22.26 -9.83 15.82
C ILE H 173 -23.46 -10.56 16.41
N ARG H 174 -24.32 -9.82 17.11
CA ARG H 174 -25.52 -10.38 17.72
C ARG H 174 -26.73 -10.13 16.84
N TYR H 175 -27.54 -11.17 16.62
CA TYR H 175 -28.77 -11.06 15.85
C TYR H 175 -29.96 -11.28 16.78
N ASP H 176 -30.87 -10.31 16.82
CA ASP H 176 -32.05 -10.43 17.66
C ASP H 176 -33.13 -11.31 17.05
N HIS H 177 -33.08 -11.58 15.75
CA HIS H 177 -34.10 -12.40 15.12
C HIS H 177 -33.86 -13.89 15.32
N LEU H 178 -32.71 -14.28 15.87
CA LEU H 178 -32.50 -15.65 16.33
C LEU H 178 -32.70 -15.77 17.84
N SER H 179 -32.83 -14.66 18.56
CA SER H 179 -33.08 -14.73 20.00
C SER H 179 -34.43 -15.38 20.28
N SER H 180 -35.38 -15.29 19.32
CA SER H 180 -36.65 -15.97 19.45
C SER H 180 -36.49 -17.49 19.43
N VAL H 181 -35.33 -17.98 19.00
CA VAL H 181 -35.09 -19.41 18.91
C VAL H 181 -33.89 -19.79 19.76
N GLN H 182 -32.69 -19.41 19.32
CA GLN H 182 -31.43 -19.65 19.99
C GLN H 182 -31.27 -18.76 21.21
N PRO H 183 -31.48 -19.27 22.43
CA PRO H 183 -31.39 -18.40 23.61
C PRO H 183 -29.93 -18.21 24.02
N ASN H 184 -29.52 -16.94 24.11
CA ASN H 184 -28.17 -16.55 24.54
C ASN H 184 -27.08 -17.18 23.67
N GLN H 185 -27.43 -17.58 22.44
CA GLN H 185 -26.49 -18.22 21.52
C GLN H 185 -26.63 -17.62 20.13
N ASN H 186 -26.80 -16.30 20.07
CA ASN H 186 -27.04 -15.59 18.83
C ASN H 186 -25.89 -14.65 18.48
N GLU H 187 -24.66 -15.09 18.71
CA GLU H 187 -23.48 -14.34 18.32
C GLU H 187 -22.75 -15.10 17.22
N PHE H 188 -22.48 -14.41 16.13
CA PHE H 188 -21.82 -15.01 14.97
C PHE H 188 -20.48 -14.34 14.74
N SER H 189 -19.48 -15.13 14.40
CA SER H 189 -18.17 -14.59 14.06
C SER H 189 -18.22 -13.98 12.66
N ARG H 190 -17.62 -12.80 12.49
CA ARG H 190 -17.67 -12.09 11.23
C ARG H 190 -16.28 -11.62 10.85
N ILE H 191 -15.89 -11.88 9.61
CA ILE H 191 -14.67 -11.37 9.01
C ILE H 191 -15.03 -10.14 8.19
N THR H 192 -14.26 -9.08 8.33
CA THR H 192 -14.48 -7.83 7.60
C THR H 192 -13.17 -7.43 6.94
N VAL H 193 -13.20 -7.25 5.63
CA VAL H 193 -12.05 -6.83 4.84
C VAL H 193 -12.37 -5.45 4.27
N ARG H 194 -11.47 -4.50 4.51
CA ARG H 194 -11.67 -3.11 4.08
C ARG H 194 -10.49 -2.70 3.22
N ILE H 195 -10.78 -2.07 2.09
CA ILE H 195 -9.76 -1.59 1.16
C ILE H 195 -10.06 -0.12 0.89
N ASP H 196 -9.17 0.77 1.34
CA ASP H 196 -9.38 2.19 1.15
C ASP H 196 -9.03 2.60 -0.28
N ALA H 197 -9.83 3.52 -0.83
CA ALA H 197 -9.63 3.98 -2.20
C ALA H 197 -10.03 5.44 -2.29
N VAL H 198 -9.42 6.13 -3.24
CA VAL H 198 -9.70 7.53 -3.53
C VAL H 198 -10.13 7.61 -4.99
N ARG H 199 -10.79 8.71 -5.33
CA ARG H 199 -11.34 8.91 -6.66
C ARG H 199 -10.38 9.73 -7.52
N LYS H 200 -10.18 9.29 -8.77
CA LYS H 200 -9.40 10.06 -9.71
C LYS H 200 -10.27 11.15 -10.33
N ILE H 201 -9.76 12.39 -10.34
CA ILE H 201 -10.57 13.55 -10.67
C ILE H 201 -10.35 14.07 -12.08
N GLY H 202 -9.45 13.44 -12.85
CA GLY H 202 -9.17 13.95 -14.18
C GLY H 202 -10.41 14.03 -15.05
N TYR H 203 -11.19 12.95 -15.08
CA TYR H 203 -12.44 12.95 -15.82
C TYR H 203 -13.35 14.07 -15.35
N PHE H 204 -13.50 14.22 -14.04
CA PHE H 204 -14.40 15.25 -13.51
C PHE H 204 -13.85 16.64 -13.77
N VAL H 205 -12.53 16.81 -13.68
CA VAL H 205 -11.92 18.09 -14.08
C VAL H 205 -12.36 18.43 -15.49
N ILE H 206 -12.02 17.57 -16.45
CA ILE H 206 -12.30 17.85 -17.87
C ILE H 206 -13.78 18.04 -18.12
N GLN H 207 -14.64 17.34 -17.37
CA GLN H 207 -16.07 17.34 -17.68
C GLN H 207 -16.83 18.48 -17.02
N THR H 208 -16.37 18.98 -15.88
CA THR H 208 -17.14 20.07 -15.26
C THR H 208 -16.30 21.28 -14.91
N TYR H 209 -15.07 21.10 -14.46
CA TYR H 209 -14.33 22.23 -13.89
C TYR H 209 -13.82 23.17 -14.99
N LEU H 210 -13.07 22.62 -15.95
CA LEU H 210 -12.63 23.43 -17.08
C LEU H 210 -13.79 24.06 -17.84
N PRO H 211 -14.90 23.36 -18.13
CA PRO H 211 -16.05 24.06 -18.73
C PRO H 211 -16.57 25.19 -17.88
N CYS H 212 -16.72 24.99 -16.56
CA CYS H 212 -17.20 26.06 -15.70
C CYS H 212 -16.23 27.23 -15.67
N ILE H 213 -14.93 26.95 -15.59
CA ILE H 213 -13.94 28.01 -15.52
C ILE H 213 -13.96 28.85 -16.79
N MET H 214 -13.92 28.18 -17.95
CA MET H 214 -13.94 28.92 -19.20
C MET H 214 -15.27 29.62 -19.44
N THR H 215 -16.37 29.07 -18.90
CA THR H 215 -17.65 29.77 -19.01
C THR H 215 -17.65 31.04 -18.18
N VAL H 216 -17.04 31.00 -16.99
CA VAL H 216 -16.91 32.21 -16.18
C VAL H 216 -16.03 33.23 -16.90
N ILE H 217 -14.96 32.75 -17.55
CA ILE H 217 -14.11 33.65 -18.33
C ILE H 217 -14.92 34.31 -19.45
N LEU H 218 -15.74 33.51 -20.14
CA LEU H 218 -16.60 34.03 -21.20
C LEU H 218 -17.57 35.07 -20.65
N SER H 219 -18.13 34.82 -19.46
CA SER H 219 -19.02 35.80 -18.84
C SER H 219 -18.27 37.09 -18.56
N GLN H 220 -17.02 36.99 -18.10
CA GLN H 220 -16.24 38.18 -17.80
C GLN H 220 -15.85 38.95 -19.07
N VAL H 221 -15.78 38.26 -20.21
CA VAL H 221 -15.45 38.92 -21.47
C VAL H 221 -16.39 40.09 -21.74
N SER H 222 -17.61 40.03 -21.21
CA SER H 222 -18.58 41.10 -21.43
C SER H 222 -18.08 42.44 -20.92
N PHE H 223 -17.27 42.43 -19.86
CA PHE H 223 -16.78 43.69 -19.29
C PHE H 223 -15.95 44.48 -20.30
N TRP H 224 -15.25 43.78 -21.19
CA TRP H 224 -14.39 44.40 -22.20
C TRP H 224 -15.17 44.92 -23.40
N LEU H 225 -16.48 45.04 -23.27
CA LEU H 225 -17.31 45.76 -24.21
C LEU H 225 -17.87 46.99 -23.53
N ASN H 226 -17.92 48.11 -24.27
CA ASN H 226 -18.47 49.32 -23.68
C ASN H 226 -19.98 49.16 -23.52
N ARG H 227 -20.63 50.16 -22.93
CA ARG H 227 -22.07 50.07 -22.76
C ARG H 227 -22.82 50.44 -24.03
N GLU H 228 -22.34 49.98 -25.18
CA GLU H 228 -22.95 50.38 -26.44
C GLU H 228 -23.92 49.31 -26.94
N SER H 229 -23.37 48.17 -27.33
CA SER H 229 -24.17 47.04 -27.80
C SER H 229 -24.80 46.33 -26.61
N VAL H 230 -26.04 46.67 -26.32
CA VAL H 230 -26.77 46.03 -25.24
C VAL H 230 -27.02 44.58 -25.64
N PRO H 231 -27.37 44.37 -26.97
CA PRO H 231 -27.63 42.96 -27.33
C PRO H 231 -26.42 42.04 -27.22
N ALA H 232 -25.25 42.47 -27.66
CA ALA H 232 -24.06 41.63 -27.57
C ALA H 232 -23.83 41.15 -26.14
N ARG H 233 -23.82 42.07 -25.19
CA ARG H 233 -23.61 41.68 -23.80
C ARG H 233 -24.81 40.93 -23.25
N THR H 234 -26.00 41.19 -23.79
CA THR H 234 -27.16 40.37 -23.44
C THR H 234 -26.94 38.92 -23.85
N VAL H 235 -26.46 38.72 -25.09
CA VAL H 235 -26.13 37.37 -25.57
C VAL H 235 -25.08 36.74 -24.66
N PHE H 236 -24.03 37.48 -24.35
CA PHE H 236 -23.00 37.00 -23.42
C PHE H 236 -23.63 36.48 -22.13
N GLY H 237 -24.42 37.35 -21.48
CA GLY H 237 -24.97 36.99 -20.19
C GLY H 237 -25.88 35.77 -20.24
N VAL H 238 -26.84 35.77 -21.18
CA VAL H 238 -27.80 34.68 -21.22
C VAL H 238 -27.12 33.38 -21.64
N THR H 239 -26.21 33.45 -22.60
CA THR H 239 -25.46 32.26 -23.00
C THR H 239 -24.69 31.67 -21.83
N THR H 240 -24.01 32.53 -21.05
CA THR H 240 -23.20 32.02 -19.95
C THR H 240 -24.06 31.46 -18.83
N VAL H 241 -25.16 32.13 -18.49
CA VAL H 241 -26.00 31.61 -17.40
C VAL H 241 -26.68 30.30 -17.81
N LEU H 242 -27.11 30.20 -19.07
CA LEU H 242 -27.70 28.93 -19.52
C LEU H 242 -26.67 27.82 -19.54
N THR H 243 -25.44 28.13 -19.97
CA THR H 243 -24.38 27.13 -19.95
C THR H 243 -24.13 26.65 -18.52
N MET H 244 -24.07 27.58 -17.58
CA MET H 244 -23.85 27.18 -16.18
C MET H 244 -25.03 26.38 -15.64
N THR H 245 -26.25 26.70 -16.03
CA THR H 245 -27.40 25.93 -15.59
C THR H 245 -27.32 24.48 -16.10
N THR H 246 -27.06 24.32 -17.40
CA THR H 246 -26.94 22.97 -17.94
C THR H 246 -25.77 22.22 -17.31
N LEU H 247 -24.67 22.93 -17.00
CA LEU H 247 -23.53 22.27 -16.37
C LEU H 247 -23.87 21.81 -14.96
N SER H 248 -24.56 22.66 -14.20
CA SER H 248 -24.99 22.27 -12.86
C SER H 248 -25.88 21.05 -12.92
N ILE H 249 -26.81 21.02 -13.87
CA ILE H 249 -27.70 19.86 -14.00
C ILE H 249 -26.88 18.61 -14.36
N SER H 250 -26.04 18.72 -15.40
CA SER H 250 -25.27 17.60 -15.91
C SER H 250 -24.26 17.06 -14.91
N ALA H 251 -23.83 17.86 -13.94
CA ALA H 251 -22.82 17.38 -13.01
C ALA H 251 -23.36 16.29 -12.08
N ARG H 252 -24.59 16.46 -11.60
CA ARG H 252 -25.19 15.47 -10.71
C ARG H 252 -25.70 14.23 -11.44
N ASN H 253 -25.58 14.18 -12.76
CA ASN H 253 -26.03 13.00 -13.50
C ASN H 253 -25.20 11.76 -13.17
N SER H 254 -24.01 11.92 -12.61
CA SER H 254 -23.15 10.81 -12.25
C SER H 254 -23.27 10.41 -10.79
N LEU H 255 -24.22 10.98 -10.06
CA LEU H 255 -24.36 10.74 -8.63
C LEU H 255 -25.77 10.27 -8.29
N PRO H 256 -25.93 9.56 -7.17
CA PRO H 256 -27.28 9.27 -6.66
C PRO H 256 -27.95 10.53 -6.14
N LYS H 257 -29.26 10.42 -5.97
CA LYS H 257 -30.07 11.56 -5.53
C LYS H 257 -29.90 11.74 -4.03
N VAL H 258 -28.84 12.44 -3.65
CA VAL H 258 -28.45 12.62 -2.25
C VAL H 258 -28.84 14.02 -1.83
N ALA H 259 -29.67 14.10 -0.77
CA ALA H 259 -30.14 15.38 -0.25
C ALA H 259 -29.01 16.38 0.03
N TYR H 260 -27.79 15.92 0.25
CA TYR H 260 -26.72 16.84 0.62
C TYR H 260 -25.97 17.35 -0.60
N ALA H 261 -25.20 18.42 -0.39
CA ALA H 261 -24.45 19.09 -1.43
C ALA H 261 -23.00 18.65 -1.38
N THR H 262 -22.38 18.55 -2.55
CA THR H 262 -21.00 18.11 -2.69
C THR H 262 -20.07 19.30 -2.89
N ALA H 263 -18.77 19.02 -2.91
CA ALA H 263 -17.80 20.05 -3.21
C ALA H 263 -17.95 20.57 -4.63
N MET H 264 -18.20 19.67 -5.58
CA MET H 264 -18.49 20.09 -6.95
C MET H 264 -19.74 20.97 -6.99
N ASP H 265 -20.73 20.65 -6.14
CA ASP H 265 -21.93 21.47 -6.06
C ASP H 265 -21.59 22.90 -5.65
N TRP H 266 -20.76 23.06 -4.61
CA TRP H 266 -20.42 24.39 -4.15
C TRP H 266 -19.60 25.14 -5.20
N PHE H 267 -18.68 24.46 -5.87
CA PHE H 267 -17.91 25.13 -6.93
C PHE H 267 -18.82 25.61 -8.05
N ILE H 268 -19.74 24.75 -8.48
CA ILE H 268 -20.66 25.13 -9.55
C ILE H 268 -21.55 26.28 -9.10
N ALA H 269 -21.97 26.26 -7.83
CA ALA H 269 -22.81 27.35 -7.32
C ALA H 269 -22.06 28.67 -7.32
N VAL H 270 -20.78 28.64 -6.94
CA VAL H 270 -19.99 29.87 -6.92
C VAL H 270 -19.76 30.39 -8.33
N CYS H 271 -19.46 29.49 -9.28
CA CYS H 271 -19.30 29.93 -10.66
C CYS H 271 -20.60 30.51 -11.21
N TYR H 272 -21.73 29.88 -10.86
CA TYR H 272 -23.03 30.40 -11.28
C TYR H 272 -23.29 31.78 -10.69
N ALA H 273 -22.95 31.97 -9.42
CA ALA H 273 -23.10 33.28 -8.79
C ALA H 273 -22.24 34.32 -9.48
N PHE H 274 -21.01 33.97 -9.84
CA PHE H 274 -20.12 34.91 -10.52
C PHE H 274 -20.69 35.31 -11.87
N VAL H 275 -21.18 34.34 -12.64
CA VAL H 275 -21.73 34.64 -13.96
C VAL H 275 -22.97 35.51 -13.84
N PHE H 276 -23.88 35.15 -12.94
CA PHE H 276 -25.10 35.93 -12.76
C PHE H 276 -24.79 37.33 -12.25
N SER H 277 -23.77 37.47 -11.40
CA SER H 277 -23.37 38.80 -10.94
C SER H 277 -22.79 39.63 -12.08
N ALA H 278 -22.03 39.01 -12.98
CA ALA H 278 -21.56 39.72 -14.15
C ALA H 278 -22.73 40.23 -15.00
N LEU H 279 -23.73 39.37 -15.21
CA LEU H 279 -24.89 39.79 -15.98
C LEU H 279 -25.65 40.92 -15.29
N ILE H 280 -25.81 40.82 -13.97
CA ILE H 280 -26.50 41.87 -13.22
C ILE H 280 -25.73 43.17 -13.27
N GLU H 281 -24.39 43.09 -13.25
CA GLU H 281 -23.57 44.29 -13.39
C GLU H 281 -23.81 44.95 -14.74
N PHE H 282 -23.84 44.14 -15.81
CA PHE H 282 -24.12 44.72 -17.12
C PHE H 282 -25.51 45.36 -17.15
N ALA H 283 -26.50 44.70 -16.56
CA ALA H 283 -27.85 45.27 -16.52
C ALA H 283 -27.86 46.59 -15.76
N THR H 284 -27.10 46.67 -14.67
CA THR H 284 -27.05 47.90 -13.88
C THR H 284 -26.41 49.02 -14.68
N VAL H 285 -25.26 48.76 -15.30
CA VAL H 285 -24.62 49.81 -16.09
C VAL H 285 -25.44 50.17 -17.33
N ASN H 286 -26.29 49.25 -17.81
CA ASN H 286 -27.22 49.59 -18.88
C ASN H 286 -28.35 50.48 -18.36
N TYR H 287 -28.71 50.32 -17.08
CA TYR H 287 -29.66 51.24 -16.45
C TYR H 287 -29.12 52.66 -16.41
N PHE H 288 -27.83 52.84 -16.65
CA PHE H 288 -27.21 54.15 -16.74
C PHE H 288 -27.07 54.61 -18.18
N THR H 289 -28.06 54.26 -19.02
CA THR H 289 -28.08 54.69 -20.41
C THR H 289 -28.10 56.20 -20.54
N LYS H 290 -28.51 56.91 -19.47
CA LYS H 290 -28.49 58.37 -19.42
C LYS H 290 -27.12 58.87 -19.83
N ARG H 291 -26.99 60.15 -20.15
CA ARG H 291 -25.73 60.71 -20.65
C ARG H 291 -25.33 60.01 -21.96
N GLY H 292 -26.12 60.29 -23.00
CA GLY H 292 -25.89 59.72 -24.31
C GLY H 292 -24.55 60.06 -24.93
N VAL H 293 -23.67 60.67 -24.15
CA VAL H 293 -22.29 60.95 -24.55
C VAL H 293 -21.54 59.63 -24.50
N GLU H 294 -20.32 59.59 -25.02
CA GLU H 294 -19.49 58.39 -25.04
C GLU H 294 -19.57 57.63 -23.73
N SER H 295 -19.19 58.28 -22.63
CA SER H 295 -19.59 57.90 -21.26
C SER H 295 -19.23 56.45 -20.93
N VAL H 296 -17.93 56.21 -20.81
CA VAL H 296 -17.44 54.90 -20.39
C VAL H 296 -17.57 54.81 -18.87
N SER H 297 -17.95 53.62 -18.38
CA SER H 297 -18.40 53.46 -17.01
C SER H 297 -17.28 52.95 -16.11
N LYS H 298 -17.12 53.60 -14.96
CA LYS H 298 -16.15 53.16 -13.96
C LYS H 298 -16.47 51.78 -13.40
N ILE H 299 -17.75 51.39 -13.43
CA ILE H 299 -18.15 50.09 -12.90
C ILE H 299 -17.46 48.96 -13.67
N ASP H 300 -17.56 48.98 -15.00
CA ASP H 300 -16.89 47.95 -15.80
C ASP H 300 -15.37 48.09 -15.68
N ARG H 301 -14.89 49.33 -15.60
CA ARG H 301 -13.45 49.56 -15.51
C ARG H 301 -12.85 48.89 -14.28
N LEU H 302 -13.58 48.90 -13.17
CA LEU H 302 -13.11 48.22 -11.98
C LEU H 302 -13.47 46.73 -11.95
N SER H 303 -14.58 46.35 -12.60
CA SER H 303 -14.96 44.94 -12.64
C SER H 303 -13.96 44.11 -13.43
N ARG H 304 -13.42 44.67 -14.52
CA ARG H 304 -12.43 43.95 -15.33
C ARG H 304 -11.25 43.46 -14.51
N ILE H 305 -11.05 43.99 -13.30
CA ILE H 305 -10.02 43.53 -12.39
C ILE H 305 -10.63 42.79 -11.19
N ALA H 306 -11.73 43.31 -10.66
CA ALA H 306 -12.33 42.71 -9.47
C ALA H 306 -12.81 41.29 -9.72
N PHE H 307 -13.54 41.09 -10.81
CA PHE H 307 -14.07 39.75 -11.09
C PHE H 307 -12.98 38.71 -11.32
N PRO H 308 -12.01 38.91 -12.22
CA PRO H 308 -10.99 37.86 -12.40
C PRO H 308 -10.16 37.61 -11.16
N LEU H 309 -9.81 38.66 -10.41
CA LEU H 309 -8.98 38.47 -9.22
C LEU H 309 -9.74 37.70 -8.14
N LEU H 310 -11.00 38.05 -7.91
CA LEU H 310 -11.80 37.33 -6.93
C LEU H 310 -11.98 35.87 -7.35
N PHE H 311 -12.25 35.64 -8.64
CA PHE H 311 -12.38 34.26 -9.10
C PHE H 311 -11.09 33.48 -8.93
N GLY H 312 -9.95 34.13 -9.20
CA GLY H 312 -8.68 33.45 -9.05
C GLY H 312 -8.36 33.11 -7.61
N ILE H 313 -8.60 34.05 -6.69
CA ILE H 313 -8.33 33.75 -5.29
C ILE H 313 -9.31 32.70 -4.76
N PHE H 314 -10.55 32.70 -5.25
CA PHE H 314 -11.48 31.66 -4.85
C PHE H 314 -11.02 30.30 -5.35
N ASN H 315 -10.57 30.22 -6.60
CA ASN H 315 -10.02 28.97 -7.11
C ASN H 315 -8.82 28.51 -6.31
N LEU H 316 -7.96 29.47 -5.91
CA LEU H 316 -6.81 29.10 -5.10
C LEU H 316 -7.23 28.49 -3.77
N VAL H 317 -8.19 29.14 -3.09
CA VAL H 317 -8.70 28.59 -1.82
C VAL H 317 -9.28 27.21 -2.05
N TYR H 318 -10.14 27.07 -3.06
CA TYR H 318 -10.78 25.79 -3.36
C TYR H 318 -9.75 24.69 -3.57
N TRP H 319 -8.86 24.87 -4.54
CA TRP H 319 -7.91 23.83 -4.92
C TRP H 319 -6.84 23.62 -3.86
N ALA H 320 -6.57 24.61 -3.00
CA ALA H 320 -5.69 24.36 -1.87
C ALA H 320 -6.38 23.46 -0.85
N THR H 321 -7.67 23.69 -0.62
CA THR H 321 -8.47 22.68 0.05
C THR H 321 -8.66 21.49 -0.89
N TYR H 322 -9.14 20.38 -0.33
CA TYR H 322 -9.47 19.18 -1.09
C TYR H 322 -8.28 18.57 -1.81
N LEU H 323 -7.08 19.13 -1.60
CA LEU H 323 -5.87 18.61 -2.23
C LEU H 323 -4.68 18.68 -1.26
N ARG I 10 5.59 -37.82 -12.61
CA ARG I 10 4.14 -37.79 -12.56
C ARG I 10 3.44 -36.79 -13.49
N PRO I 11 3.85 -35.48 -13.46
CA PRO I 11 2.98 -34.41 -14.01
C PRO I 11 2.29 -34.77 -15.32
N VAL I 12 0.96 -34.72 -15.30
CA VAL I 12 0.18 -35.11 -16.47
C VAL I 12 0.35 -34.05 -17.55
N ASP I 13 0.93 -34.46 -18.68
CA ASP I 13 1.06 -33.57 -19.82
C ASP I 13 -0.29 -33.48 -20.53
N VAL I 14 -0.81 -32.26 -20.65
CA VAL I 14 -2.11 -32.01 -21.27
C VAL I 14 -1.89 -31.21 -22.54
N SER I 15 -2.40 -31.74 -23.65
CA SER I 15 -2.36 -31.03 -24.93
C SER I 15 -3.66 -30.26 -25.09
N VAL I 16 -3.53 -28.98 -25.43
CA VAL I 16 -4.68 -28.08 -25.50
C VAL I 16 -4.74 -27.46 -26.89
N SER I 17 -5.93 -27.46 -27.47
CA SER I 17 -6.21 -26.78 -28.74
C SER I 17 -7.43 -25.90 -28.55
N ILE I 18 -7.33 -24.65 -28.96
CA ILE I 18 -8.39 -23.66 -28.77
C ILE I 18 -8.82 -23.16 -30.15
N PHE I 19 -10.07 -23.39 -30.50
CA PHE I 19 -10.66 -22.86 -31.73
C PHE I 19 -11.47 -21.62 -31.37
N ILE I 20 -11.15 -20.51 -32.02
CA ILE I 20 -11.83 -19.24 -31.78
C ILE I 20 -12.86 -19.05 -32.87
N ASN I 21 -14.14 -19.11 -32.51
CA ASN I 21 -15.21 -18.95 -33.49
C ASN I 21 -15.38 -17.48 -33.87
N LYS I 22 -15.47 -16.60 -32.88
CA LYS I 22 -15.62 -15.18 -33.16
C LYS I 22 -15.28 -14.36 -31.94
N ILE I 23 -14.89 -13.10 -32.19
CA ILE I 23 -14.68 -12.09 -31.17
C ILE I 23 -15.61 -10.93 -31.47
N TYR I 24 -16.29 -10.43 -30.45
CA TYR I 24 -17.28 -9.40 -30.63
C TYR I 24 -17.51 -8.68 -29.31
N GLY I 25 -18.51 -7.81 -29.28
CA GLY I 25 -18.89 -7.14 -28.03
C GLY I 25 -17.75 -6.41 -27.35
N VAL I 26 -16.87 -5.80 -28.13
CA VAL I 26 -15.71 -5.12 -27.56
C VAL I 26 -16.16 -3.81 -26.93
N ASN I 27 -16.33 -3.81 -25.61
CA ASN I 27 -16.80 -2.65 -24.88
C ASN I 27 -15.58 -1.96 -24.29
N THR I 28 -15.16 -0.85 -24.92
CA THR I 28 -13.99 -0.12 -24.46
C THR I 28 -14.23 0.58 -23.13
N LEU I 29 -15.48 0.85 -22.77
CA LEU I 29 -15.74 1.50 -21.49
C LEU I 29 -15.39 0.58 -20.33
N GLU I 30 -15.92 -0.64 -20.34
CA GLU I 30 -15.61 -1.63 -19.32
C GLU I 30 -14.38 -2.46 -19.63
N GLN I 31 -13.77 -2.26 -20.80
CA GLN I 31 -12.56 -2.99 -21.21
C GLN I 31 -12.80 -4.49 -21.27
N THR I 32 -13.98 -4.88 -21.75
CA THR I 32 -14.35 -6.29 -21.90
C THR I 32 -14.56 -6.61 -23.38
N TYR I 33 -14.59 -7.91 -23.67
CA TYR I 33 -14.83 -8.38 -25.02
C TYR I 33 -15.31 -9.81 -24.97
N LYS I 34 -16.32 -10.15 -25.78
CA LYS I 34 -16.91 -11.48 -25.77
C LYS I 34 -16.22 -12.36 -26.81
N VAL I 35 -15.89 -13.58 -26.40
CA VAL I 35 -15.23 -14.56 -27.24
C VAL I 35 -16.07 -15.82 -27.28
N ASP I 36 -16.40 -16.25 -28.49
CA ASP I 36 -17.12 -17.51 -28.74
C ASP I 36 -16.13 -18.46 -29.39
N GLY I 37 -16.03 -19.67 -28.86
CA GLY I 37 -15.13 -20.63 -29.47
C GLY I 37 -15.28 -22.01 -28.88
N TYR I 38 -14.38 -22.89 -29.30
CA TYR I 38 -14.33 -24.26 -28.81
C TYR I 38 -12.98 -24.48 -28.12
N ILE I 39 -12.96 -25.39 -27.17
CA ILE I 39 -11.73 -25.74 -26.45
C ILE I 39 -11.60 -27.25 -26.41
N VAL I 40 -10.39 -27.73 -26.70
CA VAL I 40 -10.06 -29.15 -26.70
C VAL I 40 -8.85 -29.34 -25.80
N ALA I 41 -8.97 -30.28 -24.87
CA ALA I 41 -7.89 -30.61 -23.94
C ALA I 41 -7.67 -32.11 -24.00
N GLN I 42 -6.48 -32.52 -24.44
CA GLN I 42 -6.17 -33.92 -24.65
C GLN I 42 -4.99 -34.31 -23.76
N TRP I 43 -5.12 -35.44 -23.09
CA TRP I 43 -4.00 -36.03 -22.36
C TRP I 43 -4.01 -37.52 -22.59
N THR I 44 -3.04 -38.22 -22.02
CA THR I 44 -2.86 -39.65 -22.23
C THR I 44 -2.89 -40.36 -20.89
N GLY I 45 -3.94 -41.14 -20.65
CA GLY I 45 -4.10 -41.89 -19.43
C GLY I 45 -3.91 -43.38 -19.64
N LYS I 46 -4.41 -44.15 -18.70
CA LYS I 46 -4.32 -45.60 -18.76
C LYS I 46 -5.32 -46.15 -19.77
N PRO I 47 -4.96 -47.18 -20.52
CA PRO I 47 -5.89 -47.74 -21.51
C PRO I 47 -7.17 -48.25 -20.86
N ARG I 48 -8.24 -48.28 -21.65
CA ARG I 48 -9.56 -48.64 -21.17
C ARG I 48 -10.21 -49.56 -22.19
N LYS I 49 -11.41 -50.04 -21.86
CA LYS I 49 -12.14 -50.98 -22.71
C LYS I 49 -13.34 -50.27 -23.30
N THR I 50 -13.23 -49.86 -24.54
CA THR I 50 -14.30 -49.26 -25.30
C THR I 50 -15.11 -50.33 -26.02
N PRO I 51 -16.38 -50.06 -26.33
CA PRO I 51 -17.11 -50.99 -27.20
C PRO I 51 -16.49 -51.04 -28.58
N GLY I 52 -15.86 -52.16 -28.91
CA GLY I 52 -15.05 -52.25 -30.12
C GLY I 52 -13.77 -51.45 -29.97
N ASP I 53 -12.96 -51.49 -31.03
CA ASP I 53 -11.74 -50.70 -31.05
C ASP I 53 -12.03 -49.21 -31.17
N LYS I 54 -13.24 -48.85 -31.59
CA LYS I 54 -13.59 -47.45 -31.78
C LYS I 54 -13.70 -46.73 -30.44
N PRO I 55 -13.34 -45.45 -30.39
CA PRO I 55 -13.37 -44.73 -29.13
C PRO I 55 -14.80 -44.46 -28.66
N LEU I 56 -14.91 -44.25 -27.35
CA LEU I 56 -16.20 -44.02 -26.70
C LEU I 56 -16.47 -42.53 -26.60
N ILE I 57 -17.74 -42.16 -26.73
CA ILE I 57 -18.15 -40.76 -26.70
C ILE I 57 -19.18 -40.58 -25.59
N VAL I 58 -18.96 -39.58 -24.75
CA VAL I 58 -19.81 -39.30 -23.61
C VAL I 58 -20.20 -37.83 -23.69
N GLU I 59 -21.49 -37.55 -23.58
CA GLU I 59 -21.96 -36.18 -23.76
C GLU I 59 -22.43 -35.63 -22.42
N ASN I 60 -22.88 -34.38 -22.45
CA ASN I 60 -22.80 -33.46 -21.32
C ASN I 60 -23.12 -34.10 -19.97
N THR I 61 -24.32 -34.65 -19.83
CA THR I 61 -24.82 -34.88 -18.48
C THR I 61 -24.44 -36.26 -17.99
N GLN I 62 -24.48 -37.26 -18.88
CA GLN I 62 -23.80 -38.52 -18.59
C GLN I 62 -22.36 -38.29 -18.13
N ILE I 63 -21.73 -37.18 -18.57
CA ILE I 63 -20.36 -36.90 -18.13
C ILE I 63 -20.32 -36.88 -16.61
N GLU I 64 -21.35 -36.31 -15.99
CA GLU I 64 -21.47 -36.26 -14.53
C GLU I 64 -21.23 -37.65 -13.93
N ARG I 65 -21.99 -38.65 -14.39
CA ARG I 65 -21.85 -39.99 -13.83
C ARG I 65 -20.40 -40.46 -13.87
N TRP I 66 -19.68 -40.18 -14.96
CA TRP I 66 -18.32 -40.67 -15.07
C TRP I 66 -17.44 -40.02 -14.01
N ILE I 67 -17.58 -38.72 -13.78
CA ILE I 67 -16.81 -38.09 -12.72
C ILE I 67 -17.39 -38.37 -11.35
N ASN I 68 -18.61 -38.89 -11.28
CA ASN I 68 -19.17 -39.29 -9.98
C ASN I 68 -18.63 -40.65 -9.55
N ASN I 69 -18.24 -41.49 -10.49
CA ASN I 69 -17.68 -42.79 -10.19
C ASN I 69 -16.15 -42.78 -10.13
N GLY I 70 -15.52 -41.62 -10.11
CA GLY I 70 -14.09 -41.52 -9.90
C GLY I 70 -13.25 -41.20 -11.12
N LEU I 71 -13.83 -41.04 -12.30
CA LEU I 71 -13.05 -40.67 -13.47
C LEU I 71 -12.47 -39.27 -13.30
N TRP I 72 -11.20 -39.11 -13.66
CA TRP I 72 -10.48 -37.87 -13.42
C TRP I 72 -10.60 -36.96 -14.64
N VAL I 73 -11.40 -35.92 -14.51
CA VAL I 73 -11.54 -34.88 -15.53
C VAL I 73 -11.20 -33.55 -14.88
N PRO I 74 -10.06 -32.94 -15.21
CA PRO I 74 -9.67 -31.70 -14.53
C PRO I 74 -10.51 -30.52 -14.99
N ALA I 75 -10.80 -29.62 -14.05
CA ALA I 75 -11.55 -28.42 -14.34
C ALA I 75 -10.60 -27.31 -14.75
N LEU I 76 -10.85 -26.73 -15.92
CA LEU I 76 -10.08 -25.60 -16.41
C LEU I 76 -10.92 -24.34 -16.29
N GLU I 77 -10.24 -23.19 -16.21
CA GLU I 77 -10.93 -21.93 -15.96
C GLU I 77 -10.19 -20.81 -16.67
N PHE I 78 -10.97 -19.86 -17.19
CA PHE I 78 -10.41 -18.66 -17.78
C PHE I 78 -10.27 -17.61 -16.70
N ILE I 79 -9.13 -16.93 -16.67
CA ILE I 79 -8.86 -15.93 -15.64
C ILE I 79 -9.41 -14.56 -16.04
N ASN I 80 -9.34 -14.21 -17.32
CA ASN I 80 -9.80 -12.89 -17.77
C ASN I 80 -11.31 -12.78 -17.79
N VAL I 81 -12.04 -13.87 -17.55
CA VAL I 81 -13.48 -13.88 -17.75
C VAL I 81 -14.16 -12.98 -16.71
N VAL I 82 -15.29 -12.42 -17.10
CA VAL I 82 -16.13 -11.61 -16.23
C VAL I 82 -17.38 -12.43 -15.95
N GLY I 83 -17.45 -13.00 -14.75
CA GLY I 83 -18.53 -13.92 -14.42
C GLY I 83 -18.25 -15.29 -15.00
N SER I 84 -19.02 -16.25 -14.51
CA SER I 84 -18.89 -17.62 -14.99
C SER I 84 -19.13 -17.65 -16.49
N PRO I 85 -18.17 -18.10 -17.30
CA PRO I 85 -18.36 -18.09 -18.75
C PRO I 85 -19.50 -19.01 -19.15
N ASP I 86 -20.22 -18.59 -20.20
CA ASP I 86 -21.35 -19.37 -20.70
C ASP I 86 -20.83 -20.61 -21.40
N THR I 87 -20.98 -21.76 -20.76
CA THR I 87 -20.50 -23.03 -21.29
C THR I 87 -21.64 -23.74 -22.01
N GLY I 88 -21.40 -24.09 -23.28
CA GLY I 88 -22.40 -24.79 -24.06
C GLY I 88 -22.36 -26.29 -23.82
N ASN I 89 -22.34 -27.07 -24.89
CA ASN I 89 -22.26 -28.52 -24.76
C ASN I 89 -20.81 -28.97 -24.57
N LYS I 90 -20.65 -30.05 -23.81
CA LYS I 90 -19.36 -30.66 -23.56
C LYS I 90 -19.33 -32.09 -24.11
N ARG I 91 -18.14 -32.66 -24.18
CA ARG I 91 -18.01 -34.04 -24.65
C ARG I 91 -16.67 -34.60 -24.21
N LEU I 92 -16.68 -35.91 -23.94
CA LEU I 92 -15.48 -36.68 -23.60
C LEU I 92 -15.31 -37.76 -24.65
N MET I 93 -14.14 -37.79 -25.26
CA MET I 93 -13.72 -38.89 -26.13
C MET I 93 -12.70 -39.73 -25.38
N LEU I 94 -13.04 -41.00 -25.17
CA LEU I 94 -12.21 -41.95 -24.43
C LEU I 94 -11.63 -42.93 -25.43
N PHE I 95 -10.35 -42.96 -25.53
CA PHE I 95 -9.73 -43.84 -26.49
C PHE I 95 -9.31 -45.14 -25.81
N PRO I 96 -9.26 -46.25 -26.57
CA PRO I 96 -8.81 -47.50 -25.95
C PRO I 96 -7.33 -47.47 -25.59
N ASP I 97 -6.51 -46.73 -26.34
CA ASP I 97 -5.09 -46.62 -26.03
C ASP I 97 -4.80 -45.72 -24.83
N GLY I 98 -5.82 -45.14 -24.19
CA GLY I 98 -5.66 -44.43 -22.93
C GLY I 98 -5.91 -42.94 -23.02
N ARG I 99 -5.71 -42.34 -24.18
CA ARG I 99 -5.83 -40.89 -24.30
C ARG I 99 -7.28 -40.43 -24.09
N VAL I 100 -7.44 -39.37 -23.30
CA VAL I 100 -8.74 -38.77 -23.02
C VAL I 100 -8.76 -37.38 -23.64
N ILE I 101 -9.92 -37.00 -24.18
CA ILE I 101 -10.08 -35.73 -24.86
C ILE I 101 -11.36 -35.06 -24.38
N TYR I 102 -11.26 -33.82 -23.93
CA TYR I 102 -12.39 -33.03 -23.47
C TYR I 102 -12.62 -31.88 -24.43
N ASN I 103 -13.80 -31.83 -25.04
CA ASN I 103 -14.11 -30.79 -26.02
C ASN I 103 -15.39 -30.07 -25.59
N ALA I 104 -15.33 -28.74 -25.51
CA ALA I 104 -16.48 -27.98 -25.04
C ALA I 104 -16.52 -26.62 -25.73
N ARG I 105 -17.74 -26.12 -25.95
CA ARG I 105 -17.91 -24.78 -26.48
C ARG I 105 -18.05 -23.78 -25.34
N PHE I 106 -17.41 -22.63 -25.50
CA PHE I 106 -17.43 -21.59 -24.49
C PHE I 106 -17.80 -20.25 -25.12
N LEU I 107 -18.53 -19.45 -24.32
CA LEU I 107 -18.91 -18.08 -24.65
C LEU I 107 -18.57 -17.26 -23.42
N GLY I 108 -17.56 -16.42 -23.50
CA GLY I 108 -17.06 -15.74 -22.32
C GLY I 108 -16.82 -14.26 -22.53
N SER I 109 -17.08 -13.48 -21.49
CA SER I 109 -16.77 -12.06 -21.48
C SER I 109 -15.43 -11.90 -20.77
N PHE I 110 -14.38 -11.67 -21.54
CA PHE I 110 -13.03 -11.57 -21.00
C PHE I 110 -12.61 -10.12 -20.82
N SER I 111 -11.65 -9.92 -19.93
CA SER I 111 -11.16 -8.59 -19.59
C SER I 111 -9.65 -8.54 -19.74
N ASN I 112 -9.14 -7.35 -20.05
CA ASN I 112 -7.71 -7.13 -20.14
C ASN I 112 -7.45 -5.64 -20.02
N ASP I 113 -6.36 -5.28 -19.33
CA ASP I 113 -6.01 -3.88 -19.14
C ASP I 113 -5.71 -3.22 -20.48
N MET I 114 -6.43 -2.14 -20.77
CA MET I 114 -6.26 -1.40 -22.01
C MET I 114 -5.73 -0.01 -21.70
N ASP I 115 -4.84 0.47 -22.57
CA ASP I 115 -4.19 1.76 -22.41
C ASP I 115 -4.68 2.70 -23.49
N PHE I 116 -5.29 3.81 -23.08
CA PHE I 116 -5.95 4.73 -24.01
C PHE I 116 -5.16 6.01 -24.21
N ARG I 117 -3.85 5.99 -23.97
CA ARG I 117 -3.05 7.20 -24.15
C ARG I 117 -2.98 7.60 -25.62
N LEU I 118 -2.88 6.62 -26.52
CA LEU I 118 -2.83 6.89 -27.96
C LEU I 118 -4.20 6.81 -28.61
N PHE I 119 -5.26 6.78 -27.81
CA PHE I 119 -6.62 6.72 -28.33
C PHE I 119 -6.89 7.93 -29.22
N PRO I 120 -7.60 7.76 -30.35
CA PRO I 120 -8.17 6.51 -30.86
C PRO I 120 -7.24 5.74 -31.79
N PHE I 121 -5.96 6.07 -31.76
CA PHE I 121 -4.95 5.37 -32.55
C PHE I 121 -4.27 4.27 -31.75
N ASP I 122 -4.90 3.80 -30.68
CA ASP I 122 -4.27 2.84 -29.78
C ASP I 122 -4.23 1.44 -30.38
N ARG I 123 -3.28 0.66 -29.88
CA ARG I 123 -3.15 -0.76 -30.21
C ARG I 123 -3.38 -1.55 -28.93
N GLN I 124 -4.25 -2.56 -29.01
CA GLN I 124 -4.63 -3.35 -27.84
C GLN I 124 -4.45 -4.83 -28.14
N GLN I 125 -4.71 -5.65 -27.13
CA GLN I 125 -4.58 -7.09 -27.27
C GLN I 125 -5.78 -7.78 -26.64
N PHE I 126 -6.38 -8.70 -27.38
CA PHE I 126 -7.42 -9.56 -26.85
C PHE I 126 -6.74 -10.81 -26.30
N VAL I 127 -6.92 -11.07 -25.01
CA VAL I 127 -6.11 -12.04 -24.29
C VAL I 127 -7.01 -13.09 -23.64
N LEU I 128 -6.59 -14.34 -23.71
CA LEU I 128 -7.20 -15.45 -23.00
C LEU I 128 -6.15 -16.09 -22.10
N GLU I 129 -6.42 -16.11 -20.80
CA GLU I 129 -5.53 -16.71 -19.81
C GLU I 129 -6.25 -17.94 -19.25
N LEU I 130 -5.88 -19.11 -19.75
CA LEU I 130 -6.47 -20.37 -19.32
C LEU I 130 -5.58 -21.03 -18.27
N GLU I 131 -6.22 -21.68 -17.29
CA GLU I 131 -5.47 -22.17 -16.14
C GLU I 131 -6.28 -23.25 -15.44
N PRO I 132 -5.65 -24.34 -15.00
CA PRO I 132 -6.39 -25.37 -14.29
C PRO I 132 -6.71 -24.99 -12.86
N PHE I 133 -7.79 -25.57 -12.37
CA PHE I 133 -8.18 -25.45 -10.97
C PHE I 133 -7.80 -26.73 -10.25
N SER I 134 -7.41 -26.59 -8.98
CA SER I 134 -7.17 -27.70 -8.06
C SER I 134 -5.90 -28.48 -8.34
N TYR I 135 -5.20 -28.19 -9.44
CA TYR I 135 -4.06 -28.99 -9.82
C TYR I 135 -2.88 -28.10 -10.20
N ASN I 136 -1.74 -28.33 -9.53
CA ASN I 136 -0.56 -27.52 -9.72
C ASN I 136 0.26 -28.02 -10.91
N ASN I 137 1.42 -27.41 -11.13
CA ASN I 137 2.29 -27.83 -12.23
C ASN I 137 2.96 -29.17 -11.96
N GLN I 138 3.06 -29.58 -10.69
CA GLN I 138 3.63 -30.88 -10.37
C GLN I 138 2.66 -32.02 -10.61
N GLN I 139 1.38 -31.73 -10.83
CA GLN I 139 0.38 -32.75 -11.16
C GLN I 139 -0.15 -32.62 -12.56
N LEU I 140 -0.39 -31.39 -13.03
CA LEU I 140 -0.91 -31.14 -14.36
C LEU I 140 -0.09 -30.02 -15.00
N ARG I 141 0.40 -30.27 -16.20
CA ARG I 141 1.24 -29.32 -16.91
C ARG I 141 0.77 -29.24 -18.35
N PHE I 142 0.66 -28.01 -18.87
CA PHE I 142 0.27 -27.82 -20.26
C PHE I 142 1.48 -28.07 -21.14
N SER I 143 1.39 -29.11 -21.97
CA SER I 143 2.50 -29.52 -22.81
C SER I 143 2.66 -28.62 -24.02
N ASP I 144 1.62 -28.51 -24.83
CA ASP I 144 1.64 -27.69 -26.04
C ASP I 144 0.32 -26.95 -26.17
N ILE I 145 0.32 -25.94 -27.03
CA ILE I 145 -0.85 -25.14 -27.27
C ILE I 145 -0.96 -24.87 -28.77
N GLN I 146 -2.16 -25.01 -29.31
CA GLN I 146 -2.42 -24.77 -30.73
C GLN I 146 -3.73 -24.01 -30.84
N VAL I 147 -3.68 -22.82 -31.41
CA VAL I 147 -4.86 -21.98 -31.61
C VAL I 147 -5.26 -22.03 -33.08
N TYR I 148 -6.53 -22.26 -33.34
CA TYR I 148 -7.07 -22.35 -34.69
C TYR I 148 -8.08 -21.22 -34.84
N THR I 149 -7.59 -20.04 -35.20
CA THR I 149 -8.42 -18.86 -35.41
C THR I 149 -8.73 -18.63 -36.88
N GLU I 150 -8.77 -19.70 -37.67
CA GLU I 150 -8.96 -19.56 -39.12
C GLU I 150 -10.16 -18.71 -39.49
N ASN I 151 -11.18 -18.68 -38.62
CA ASN I 151 -12.41 -17.97 -38.99
C ASN I 151 -12.24 -16.46 -38.89
N ILE I 152 -11.74 -15.97 -37.76
CA ILE I 152 -11.74 -14.53 -37.51
C ILE I 152 -10.41 -13.90 -37.90
N ASP I 153 -9.32 -14.68 -37.88
CA ASP I 153 -7.99 -14.12 -38.07
C ASP I 153 -7.77 -13.50 -39.44
N ASN I 154 -8.69 -13.73 -40.38
CA ASN I 154 -8.49 -13.23 -41.74
C ASN I 154 -8.80 -11.74 -41.85
N GLU I 155 -9.90 -11.30 -41.25
CA GLU I 155 -10.25 -9.91 -41.55
C GLU I 155 -10.66 -9.09 -40.34
N GLU I 156 -11.41 -9.67 -39.39
CA GLU I 156 -11.88 -8.91 -38.23
C GLU I 156 -12.60 -7.65 -38.69
N ILE I 157 -13.81 -7.79 -39.20
CA ILE I 157 -14.50 -6.68 -39.84
C ILE I 157 -15.36 -5.91 -38.84
N ASP I 158 -15.04 -6.03 -37.56
CA ASP I 158 -15.70 -5.28 -36.50
C ASP I 158 -15.16 -3.85 -36.48
N GLU I 159 -15.45 -3.11 -35.40
CA GLU I 159 -14.83 -1.80 -35.17
C GLU I 159 -13.32 -1.85 -34.97
N TRP I 160 -12.71 -3.04 -35.02
CA TRP I 160 -11.27 -3.19 -34.87
C TRP I 160 -10.68 -3.86 -36.10
N TRP I 161 -9.34 -3.92 -36.13
CA TRP I 161 -8.57 -4.49 -37.22
C TRP I 161 -7.55 -5.46 -36.66
N ILE I 162 -7.51 -6.67 -37.20
CA ILE I 162 -6.58 -7.69 -36.74
C ILE I 162 -5.21 -7.47 -37.38
N ARG I 163 -4.18 -7.37 -36.54
CA ARG I 163 -2.80 -7.16 -36.99
C ARG I 163 -1.98 -8.38 -36.59
N GLY I 164 -1.80 -9.31 -37.52
CA GLY I 164 -0.93 -10.44 -37.29
C GLY I 164 -1.67 -11.69 -36.85
N LYS I 165 -0.91 -12.78 -36.73
CA LYS I 165 -1.40 -14.06 -36.27
C LYS I 165 -1.51 -14.05 -34.75
N ALA I 166 -1.94 -15.18 -34.18
CA ALA I 166 -2.08 -15.27 -32.74
C ALA I 166 -0.74 -15.59 -32.09
N SER I 167 -0.60 -15.17 -30.83
CA SER I 167 0.59 -15.46 -30.05
C SER I 167 0.22 -16.36 -28.87
N THR I 168 1.06 -17.38 -28.63
CA THR I 168 0.83 -18.33 -27.55
C THR I 168 2.02 -18.34 -26.60
N HIS I 169 1.74 -18.56 -25.32
CA HIS I 169 2.80 -18.66 -24.33
C HIS I 169 2.34 -19.54 -23.17
N ILE I 170 3.17 -20.51 -22.79
CA ILE I 170 2.91 -21.35 -21.63
C ILE I 170 3.84 -20.91 -20.51
N SER I 171 3.26 -20.61 -19.34
CA SER I 171 4.00 -20.06 -18.22
C SER I 171 3.59 -20.79 -16.93
N ASP I 172 4.24 -20.43 -15.83
CA ASP I 172 3.95 -20.99 -14.52
C ASP I 172 3.72 -19.86 -13.53
N ILE I 173 2.56 -19.86 -12.89
CA ILE I 173 2.13 -18.78 -12.01
C ILE I 173 2.04 -19.30 -10.58
N ARG I 174 2.59 -18.53 -9.63
CA ARG I 174 2.58 -18.90 -8.22
C ARG I 174 1.48 -18.15 -7.49
N TYR I 175 0.71 -18.87 -6.66
CA TYR I 175 -0.33 -18.28 -5.83
C TYR I 175 0.10 -18.37 -4.37
N ASP I 176 0.14 -17.21 -3.71
CA ASP I 176 0.55 -17.18 -2.30
C ASP I 176 -0.55 -17.61 -1.35
N HIS I 177 -1.81 -17.61 -1.78
CA HIS I 177 -2.89 -17.98 -0.87
C HIS I 177 -3.06 -19.49 -0.75
N LEU I 178 -2.38 -20.28 -1.57
CA LEU I 178 -2.31 -21.72 -1.37
C LEU I 178 -1.03 -22.17 -0.67
N SER I 179 -0.06 -21.27 -0.50
CA SER I 179 1.16 -21.63 0.21
C SER I 179 0.87 -21.99 1.67
N SER I 180 -0.20 -21.43 2.24
CA SER I 180 -0.59 -21.78 3.60
C SER I 180 -1.05 -23.22 3.72
N VAL I 181 -1.36 -23.88 2.60
CA VAL I 181 -1.82 -25.26 2.65
C VAL I 181 -0.88 -26.14 1.83
N GLN I 182 -0.88 -25.98 0.52
CA GLN I 182 0.03 -26.69 -0.38
C GLN I 182 1.43 -26.12 -0.24
N PRO I 183 2.34 -26.78 0.49
CA PRO I 183 3.66 -26.20 0.72
C PRO I 183 4.56 -26.38 -0.49
N ASN I 184 5.10 -25.26 -0.99
CA ASN I 184 6.04 -25.25 -2.12
C ASN I 184 5.48 -25.97 -3.35
N GLN I 185 4.15 -26.08 -3.44
CA GLN I 185 3.51 -26.77 -4.55
C GLN I 185 2.32 -25.97 -5.05
N ASN I 186 2.46 -24.65 -5.11
CA ASN I 186 1.39 -23.76 -5.51
C ASN I 186 1.73 -23.05 -6.82
N GLU I 187 2.27 -23.79 -7.77
CA GLU I 187 2.58 -23.28 -9.10
C GLU I 187 1.64 -23.96 -10.10
N PHE I 188 0.98 -23.15 -10.91
CA PHE I 188 0.00 -23.63 -11.88
C PHE I 188 0.49 -23.32 -13.28
N SER I 189 0.32 -24.28 -14.19
CA SER I 189 0.63 -24.05 -15.59
C SER I 189 -0.48 -23.20 -16.21
N ARG I 190 -0.10 -22.20 -17.00
CA ARG I 190 -1.05 -21.25 -17.55
C ARG I 190 -0.78 -21.06 -19.04
N ILE I 191 -1.83 -21.15 -19.84
CA ILE I 191 -1.78 -20.84 -21.25
C ILE I 191 -2.24 -19.41 -21.46
N THR I 192 -1.51 -18.65 -22.26
CA THR I 192 -1.83 -17.27 -22.54
C THR I 192 -1.85 -17.08 -24.06
N VAL I 193 -3.00 -16.64 -24.57
CA VAL I 193 -3.19 -16.37 -25.98
C VAL I 193 -3.43 -14.88 -26.16
N ARG I 194 -2.64 -14.25 -27.03
CA ARG I 194 -2.73 -12.83 -27.28
C ARG I 194 -2.98 -12.59 -28.75
N ILE I 195 -3.92 -11.70 -29.04
CA ILE I 195 -4.29 -11.32 -30.41
C ILE I 195 -4.16 -9.82 -30.51
N ASP I 196 -3.23 -9.35 -31.32
CA ASP I 196 -3.00 -7.91 -31.48
C ASP I 196 -4.09 -7.31 -32.36
N ALA I 197 -4.53 -6.11 -32.00
CA ALA I 197 -5.58 -5.44 -32.76
C ALA I 197 -5.36 -3.94 -32.69
N VAL I 198 -5.82 -3.25 -33.74
CA VAL I 198 -5.76 -1.80 -33.82
C VAL I 198 -7.17 -1.26 -33.97
N ARG I 199 -7.34 0.01 -33.66
CA ARG I 199 -8.65 0.65 -33.68
C ARG I 199 -8.83 1.42 -34.98
N LYS I 200 -9.97 1.22 -35.62
CA LYS I 200 -10.32 2.01 -36.80
C LYS I 200 -10.97 3.32 -36.37
N ILE I 201 -10.52 4.43 -36.98
CA ILE I 201 -10.84 5.76 -36.51
C ILE I 201 -11.91 6.45 -37.33
N GLY I 202 -12.47 5.77 -38.35
CA GLY I 202 -13.45 6.42 -39.20
C GLY I 202 -14.64 6.96 -38.43
N TYR I 203 -15.21 6.14 -37.56
CA TYR I 203 -16.31 6.61 -36.71
C TYR I 203 -15.88 7.81 -35.89
N PHE I 204 -14.68 7.74 -35.29
CA PHE I 204 -14.22 8.84 -34.45
C PHE I 204 -13.96 10.08 -35.27
N VAL I 205 -13.43 9.91 -36.49
CA VAL I 205 -13.29 11.04 -37.40
C VAL I 205 -14.63 11.72 -37.58
N ILE I 206 -15.62 10.97 -38.09
CA ILE I 206 -16.92 11.55 -38.42
C ILE I 206 -17.60 12.15 -37.19
N GLN I 207 -17.36 11.57 -36.01
CA GLN I 207 -18.10 12.00 -34.83
C GLN I 207 -17.45 13.16 -34.09
N THR I 208 -16.13 13.30 -34.14
CA THR I 208 -15.52 14.40 -33.39
C THR I 208 -14.58 15.26 -34.21
N TYR I 209 -13.80 14.67 -35.12
CA TYR I 209 -12.71 15.42 -35.74
C TYR I 209 -13.26 16.41 -36.77
N LEU I 210 -14.01 15.89 -37.75
CA LEU I 210 -14.64 16.79 -38.72
C LEU I 210 -15.54 17.84 -38.07
N PRO I 211 -16.38 17.51 -37.08
CA PRO I 211 -17.11 18.60 -36.40
C PRO I 211 -16.20 19.64 -35.78
N CYS I 212 -15.11 19.21 -35.12
CA CYS I 212 -14.19 20.18 -34.54
C CYS I 212 -13.52 21.02 -35.61
N ILE I 213 -13.14 20.39 -36.72
CA ILE I 213 -12.47 21.12 -37.80
C ILE I 213 -13.39 22.19 -38.37
N MET I 214 -14.64 21.80 -38.69
CA MET I 214 -15.58 22.77 -39.24
C MET I 214 -15.96 23.82 -38.21
N THR I 215 -15.95 23.49 -36.92
CA THR I 215 -16.22 24.50 -35.90
C THR I 215 -15.09 25.51 -35.84
N VAL I 216 -13.84 25.06 -35.97
CA VAL I 216 -12.71 25.98 -36.02
C VAL I 216 -12.82 26.87 -37.25
N ILE I 217 -13.21 26.29 -38.38
CA ILE I 217 -13.39 27.10 -39.59
C ILE I 217 -14.47 28.16 -39.38
N LEU I 218 -15.60 27.76 -38.80
CA LEU I 218 -16.68 28.70 -38.51
C LEU I 218 -16.21 29.81 -37.57
N SER I 219 -15.41 29.46 -36.56
CA SER I 219 -14.87 30.47 -35.67
C SER I 219 -13.98 31.45 -36.43
N GLN I 220 -13.17 30.94 -37.36
CA GLN I 220 -12.29 31.81 -38.12
C GLN I 220 -13.06 32.70 -39.08
N VAL I 221 -14.25 32.27 -39.50
CA VAL I 221 -15.06 33.07 -40.42
C VAL I 221 -15.34 34.46 -39.88
N SER I 222 -15.34 34.63 -38.55
CA SER I 222 -15.65 35.93 -37.96
C SER I 222 -14.68 37.01 -38.41
N PHE I 223 -13.43 36.66 -38.69
CA PHE I 223 -12.43 37.66 -39.05
C PHE I 223 -12.79 38.40 -40.33
N TRP I 224 -13.51 37.75 -41.25
CA TRP I 224 -13.85 38.35 -42.52
C TRP I 224 -15.04 39.30 -42.44
N LEU I 225 -15.41 39.69 -41.23
CA LEU I 225 -16.32 40.81 -41.00
C LEU I 225 -15.57 41.93 -40.31
N ASN I 226 -15.86 43.17 -40.71
CA ASN I 226 -15.19 44.31 -40.12
C ASN I 226 -15.63 44.48 -38.66
N ARG I 227 -15.08 45.50 -38.00
CA ARG I 227 -15.41 45.74 -36.60
C ARG I 227 -16.71 46.52 -36.50
N GLU I 228 -17.63 46.30 -37.44
CA GLU I 228 -18.86 47.09 -37.51
C GLU I 228 -19.96 46.34 -36.75
N SER I 229 -20.35 45.18 -37.24
CA SER I 229 -21.34 44.35 -36.57
C SER I 229 -20.70 43.65 -35.38
N VAL I 230 -20.86 44.26 -34.21
CA VAL I 230 -20.34 43.70 -32.98
C VAL I 230 -21.11 42.42 -32.65
N PRO I 231 -22.47 42.46 -32.88
CA PRO I 231 -23.19 41.22 -32.53
C PRO I 231 -22.80 40.00 -33.36
N ALA I 232 -22.63 40.18 -34.67
CA ALA I 232 -22.25 39.05 -35.52
C ALA I 232 -21.02 38.32 -34.96
N ARG I 233 -19.95 39.07 -34.69
CA ARG I 233 -18.74 38.43 -34.19
C ARG I 233 -18.92 37.95 -32.75
N THR I 234 -19.76 38.63 -31.96
CA THR I 234 -20.06 38.14 -30.61
C THR I 234 -20.76 36.78 -30.66
N VAL I 235 -21.82 36.67 -31.48
CA VAL I 235 -22.52 35.40 -31.64
C VAL I 235 -21.57 34.33 -32.19
N PHE I 236 -20.75 34.68 -33.18
CA PHE I 236 -19.75 33.73 -33.68
C PHE I 236 -18.91 33.17 -32.54
N GLY I 237 -18.31 34.05 -31.74
CA GLY I 237 -17.42 33.60 -30.69
C GLY I 237 -18.11 32.72 -29.67
N VAL I 238 -19.25 33.18 -29.15
CA VAL I 238 -19.91 32.43 -28.08
C VAL I 238 -20.45 31.10 -28.61
N THR I 239 -21.04 31.12 -29.81
CA THR I 239 -21.53 29.89 -30.43
C THR I 239 -20.42 28.88 -30.60
N THR I 240 -19.27 29.33 -31.11
CA THR I 240 -18.18 28.39 -31.39
C THR I 240 -17.56 27.84 -30.11
N VAL I 241 -17.40 28.69 -29.07
CA VAL I 241 -16.82 28.18 -27.84
C VAL I 241 -17.76 27.19 -27.16
N LEU I 242 -19.06 27.45 -27.19
CA LEU I 242 -20.01 26.50 -26.61
C LEU I 242 -20.04 25.20 -27.41
N THR I 243 -19.95 25.30 -28.74
CA THR I 243 -19.91 24.10 -29.57
C THR I 243 -18.70 23.25 -29.23
N MET I 244 -17.53 23.87 -29.09
CA MET I 244 -16.34 23.10 -28.74
C MET I 244 -16.44 22.51 -27.34
N THR I 245 -17.08 23.22 -26.41
CA THR I 245 -17.27 22.66 -25.07
C THR I 245 -18.12 21.39 -25.13
N THR I 246 -19.26 21.47 -25.81
CA THR I 246 -20.13 20.30 -25.94
C THR I 246 -19.43 19.16 -26.68
N LEU I 247 -18.60 19.51 -27.66
CA LEU I 247 -17.87 18.45 -28.38
C LEU I 247 -16.86 17.76 -27.49
N SER I 248 -16.14 18.53 -26.67
CA SER I 248 -15.19 17.93 -25.74
C SER I 248 -15.90 16.99 -24.77
N ILE I 249 -17.03 17.43 -24.23
CA ILE I 249 -17.77 16.59 -23.28
C ILE I 249 -18.24 15.32 -23.95
N SER I 250 -18.92 15.44 -25.10
CA SER I 250 -19.46 14.26 -25.76
C SER I 250 -18.35 13.34 -26.25
N ALA I 251 -17.16 13.88 -26.52
CA ALA I 251 -16.05 13.05 -26.94
C ALA I 251 -15.48 12.26 -25.77
N ARG I 252 -15.36 12.89 -24.61
CA ARG I 252 -14.87 12.16 -23.45
C ARG I 252 -15.92 11.25 -22.84
N ASN I 253 -17.17 11.36 -23.26
CA ASN I 253 -18.19 10.42 -22.77
C ASN I 253 -18.00 9.01 -23.34
N SER I 254 -17.23 8.85 -24.41
CA SER I 254 -17.07 7.56 -25.05
C SER I 254 -15.89 6.76 -24.51
N LEU I 255 -15.26 7.22 -23.44
CA LEU I 255 -14.11 6.58 -22.83
C LEU I 255 -14.39 6.38 -21.35
N PRO I 256 -13.70 5.45 -20.71
CA PRO I 256 -13.81 5.34 -19.25
C PRO I 256 -13.21 6.55 -18.56
N LYS I 257 -13.58 6.71 -17.30
CA LYS I 257 -13.16 7.88 -16.51
C LYS I 257 -11.72 7.66 -16.04
N VAL I 258 -10.77 8.03 -16.89
CA VAL I 258 -9.36 7.76 -16.63
C VAL I 258 -8.69 9.05 -16.17
N ALA I 259 -7.40 8.98 -15.86
CA ALA I 259 -6.66 10.14 -15.37
C ALA I 259 -5.73 10.75 -16.42
N TYR I 260 -5.29 9.99 -17.41
CA TYR I 260 -4.36 10.52 -18.39
C TYR I 260 -5.10 11.11 -19.59
N ALA I 261 -4.38 11.89 -20.38
CA ALA I 261 -4.93 12.57 -21.53
C ALA I 261 -4.64 11.77 -22.80
N THR I 262 -5.58 11.81 -23.73
CA THR I 262 -5.48 11.08 -24.98
C THR I 262 -5.10 12.02 -26.12
N ALA I 263 -4.87 11.44 -27.30
CA ALA I 263 -4.60 12.26 -28.47
C ALA I 263 -5.82 13.08 -28.85
N MET I 264 -7.01 12.50 -28.75
CA MET I 264 -8.22 13.26 -28.97
C MET I 264 -8.35 14.40 -27.98
N ASP I 265 -7.90 14.18 -26.74
CA ASP I 265 -7.92 15.24 -25.73
C ASP I 265 -7.06 16.42 -26.16
N TRP I 266 -5.84 16.14 -26.62
CA TRP I 266 -4.95 17.23 -27.05
C TRP I 266 -5.50 17.93 -28.28
N PHE I 267 -6.06 17.17 -29.23
CA PHE I 267 -6.65 17.80 -30.41
C PHE I 267 -7.79 18.73 -30.03
N ILE I 268 -8.68 18.26 -29.16
CA ILE I 268 -9.80 19.08 -28.72
C ILE I 268 -9.30 20.31 -27.97
N ALA I 269 -8.25 20.14 -27.17
CA ALA I 269 -7.70 21.28 -26.44
C ALA I 269 -7.14 22.32 -27.38
N VAL I 270 -6.45 21.88 -28.44
CA VAL I 270 -5.89 22.82 -29.40
C VAL I 270 -6.99 23.55 -30.15
N CYS I 271 -8.04 22.82 -30.57
CA CYS I 271 -9.15 23.48 -31.25
C CYS I 271 -9.85 24.48 -30.33
N TYR I 272 -10.03 24.11 -29.06
CA TYR I 272 -10.64 25.02 -28.10
C TYR I 272 -9.79 26.27 -27.90
N ALA I 273 -8.48 26.08 -27.79
CA ALA I 273 -7.58 27.22 -27.65
C ALA I 273 -7.66 28.14 -28.86
N PHE I 274 -7.73 27.56 -30.07
CA PHE I 274 -7.83 28.37 -31.27
C PHE I 274 -9.12 29.18 -31.30
N VAL I 275 -10.25 28.55 -30.94
CA VAL I 275 -11.52 29.25 -30.95
C VAL I 275 -11.53 30.37 -29.92
N PHE I 276 -11.08 30.08 -28.70
CA PHE I 276 -11.05 31.10 -27.67
C PHE I 276 -10.08 32.23 -28.03
N SER I 277 -8.99 31.90 -28.72
CA SER I 277 -8.05 32.93 -29.16
C SER I 277 -8.69 33.83 -30.21
N ALA I 278 -9.48 33.25 -31.12
CA ALA I 278 -10.21 34.05 -32.09
C ALA I 278 -11.18 35.01 -31.39
N LEU I 279 -11.92 34.51 -30.41
CA LEU I 279 -12.85 35.38 -29.68
C LEU I 279 -12.12 36.49 -28.94
N ILE I 280 -10.99 36.16 -28.31
CA ILE I 280 -10.24 37.17 -27.59
C ILE I 280 -9.68 38.20 -28.56
N GLU I 281 -9.29 37.77 -29.75
CA GLU I 281 -8.82 38.70 -30.77
C GLU I 281 -9.92 39.67 -31.17
N PHE I 282 -11.14 39.15 -31.39
CA PHE I 282 -12.25 40.06 -31.71
C PHE I 282 -12.50 41.04 -30.58
N ALA I 283 -12.47 40.56 -29.33
CA ALA I 283 -12.68 41.47 -28.21
C ALA I 283 -11.60 42.54 -28.17
N THR I 284 -10.36 42.17 -28.48
CA THR I 284 -9.26 43.13 -28.48
C THR I 284 -9.47 44.20 -29.55
N VAL I 285 -9.77 43.78 -30.78
CA VAL I 285 -9.99 44.76 -31.84
C VAL I 285 -11.25 45.57 -31.61
N ASN I 286 -12.22 45.03 -30.86
CA ASN I 286 -13.40 45.79 -30.48
C ASN I 286 -13.08 46.83 -29.41
N TYR I 287 -12.11 46.55 -28.54
CA TYR I 287 -11.72 47.58 -27.59
C TYR I 287 -11.15 48.82 -28.27
N PHE I 288 -10.79 48.71 -29.55
CA PHE I 288 -10.30 49.84 -30.32
C PHE I 288 -11.39 50.41 -31.23
N THR I 289 -12.62 49.93 -31.10
CA THR I 289 -13.75 50.44 -31.88
C THR I 289 -14.11 51.88 -31.55
N LYS I 290 -13.68 52.41 -30.40
CA LYS I 290 -14.06 53.76 -29.97
C LYS I 290 -13.93 54.81 -31.05
N ARG I 291 -13.17 54.54 -32.11
CA ARG I 291 -13.01 55.50 -33.19
C ARG I 291 -14.35 55.72 -33.90
N GLY I 292 -14.36 56.64 -34.84
CA GLY I 292 -15.57 56.93 -35.60
C GLY I 292 -15.38 56.70 -37.09
N VAL I 293 -14.30 56.01 -37.44
CA VAL I 293 -14.01 55.70 -38.81
C VAL I 293 -14.43 54.26 -39.09
N GLU I 294 -14.48 53.91 -40.38
CA GLU I 294 -14.84 52.57 -40.84
C GLU I 294 -13.63 51.67 -41.02
N SER I 295 -12.42 52.23 -40.90
CA SER I 295 -11.17 51.59 -41.29
C SER I 295 -11.09 50.14 -40.81
N VAL I 296 -10.78 49.25 -41.74
CA VAL I 296 -10.59 47.84 -41.44
C VAL I 296 -9.19 47.65 -40.88
N SER I 297 -9.06 46.74 -39.92
CA SER I 297 -7.86 46.62 -39.11
C SER I 297 -6.97 45.53 -39.66
N LYS I 298 -5.66 45.83 -39.74
CA LYS I 298 -4.68 44.84 -40.17
C LYS I 298 -4.64 43.62 -39.26
N ILE I 299 -5.14 43.73 -38.03
CA ILE I 299 -5.16 42.58 -37.13
C ILE I 299 -5.94 41.43 -37.77
N ASP I 300 -7.17 41.70 -38.22
CA ASP I 300 -7.94 40.68 -38.92
C ASP I 300 -7.29 40.31 -40.25
N ARG I 301 -6.68 41.28 -40.93
CA ARG I 301 -6.06 40.99 -42.23
C ARG I 301 -4.94 39.97 -42.07
N LEU I 302 -4.21 40.02 -40.96
CA LEU I 302 -3.18 39.02 -40.70
C LEU I 302 -3.73 37.76 -40.06
N SER I 303 -4.85 37.87 -39.32
CA SER I 303 -5.46 36.69 -38.74
C SER I 303 -6.01 35.76 -39.82
N ARG I 304 -6.60 36.34 -40.87
CA ARG I 304 -7.13 35.56 -42.00
C ARG I 304 -6.09 34.65 -42.63
N ILE I 305 -4.81 34.88 -42.35
CA ILE I 305 -3.75 34.00 -42.81
C ILE I 305 -3.15 33.19 -41.66
N ALA I 306 -2.95 33.84 -40.51
CA ALA I 306 -2.32 33.16 -39.37
C ALA I 306 -3.17 32.00 -38.87
N PHE I 307 -4.47 32.24 -38.66
CA PHE I 307 -5.32 31.18 -38.12
C PHE I 307 -5.44 29.98 -39.05
N PRO I 308 -5.80 30.14 -40.34
CA PRO I 308 -5.88 28.95 -41.20
C PRO I 308 -4.54 28.26 -41.37
N LEU I 309 -3.45 29.02 -41.51
CA LEU I 309 -2.14 28.40 -41.70
C LEU I 309 -1.69 27.67 -40.44
N LEU I 310 -1.90 28.28 -39.26
CA LEU I 310 -1.54 27.60 -38.02
C LEU I 310 -2.37 26.34 -37.82
N PHE I 311 -3.68 26.42 -38.07
CA PHE I 311 -4.52 25.24 -37.92
C PHE I 311 -4.12 24.15 -38.91
N GLY I 312 -3.79 24.53 -40.14
CA GLY I 312 -3.39 23.53 -41.13
C GLY I 312 -2.08 22.86 -40.78
N ILE I 313 -1.08 23.63 -40.35
CA ILE I 313 0.19 23.02 -40.00
C ILE I 313 0.04 22.16 -38.73
N PHE I 314 -0.81 22.58 -37.80
CA PHE I 314 -1.05 21.75 -36.62
C PHE I 314 -1.74 20.45 -37.01
N ASN I 315 -2.74 20.52 -37.89
CA ASN I 315 -3.38 19.30 -38.36
C ASN I 315 -2.39 18.39 -39.08
N LEU I 316 -1.49 18.97 -39.87
CA LEU I 316 -0.48 18.16 -40.54
C LEU I 316 0.41 17.45 -39.54
N VAL I 317 0.91 18.18 -38.53
CA VAL I 317 1.75 17.57 -37.51
C VAL I 317 0.99 16.45 -36.79
N TYR I 318 -0.25 16.75 -36.37
CA TYR I 318 -1.07 15.78 -35.67
C TYR I 318 -1.24 14.50 -36.48
N TRP I 319 -1.78 14.62 -37.69
CA TRP I 319 -2.11 13.46 -38.49
C TRP I 319 -0.87 12.74 -39.02
N ALA I 320 0.26 13.44 -39.14
CA ALA I 320 1.51 12.75 -39.46
C ALA I 320 1.98 11.91 -38.27
N THR I 321 1.84 12.45 -37.06
CA THR I 321 1.98 11.63 -35.87
C THR I 321 0.80 10.66 -35.78
N TYR I 322 0.94 9.66 -34.90
CA TYR I 322 -0.12 8.70 -34.62
C TYR I 322 -0.49 7.85 -35.84
N LEU I 323 0.22 8.02 -36.94
CA LEU I 323 -0.05 7.25 -38.15
C LEU I 323 1.25 6.85 -38.84
N ARG J 10 -22.79 -46.82 -41.76
CA ARG J 10 -23.39 -46.36 -40.52
C ARG J 10 -24.23 -45.07 -40.60
N PRO J 11 -23.70 -43.98 -41.23
CA PRO J 11 -24.23 -42.63 -40.95
C PRO J 11 -25.73 -42.51 -40.79
N VAL J 12 -26.13 -42.06 -39.60
CA VAL J 12 -27.55 -41.96 -39.24
C VAL J 12 -28.17 -40.79 -40.00
N ASP J 13 -29.19 -41.08 -40.79
CA ASP J 13 -29.93 -40.03 -41.47
C ASP J 13 -30.86 -39.36 -40.47
N VAL J 14 -30.69 -38.05 -40.29
CA VAL J 14 -31.49 -37.26 -39.36
C VAL J 14 -32.31 -36.27 -40.16
N SER J 15 -33.62 -36.32 -39.98
CA SER J 15 -34.53 -35.36 -40.60
C SER J 15 -34.81 -34.23 -39.62
N VAL J 16 -34.68 -33.00 -40.08
CA VAL J 16 -34.81 -31.82 -39.23
C VAL J 16 -35.89 -30.93 -39.80
N SER J 17 -36.79 -30.49 -38.94
CA SER J 17 -37.83 -29.52 -39.28
C SER J 17 -37.79 -28.40 -38.26
N ILE J 18 -37.77 -27.16 -38.74
CA ILE J 18 -37.65 -25.99 -37.89
C ILE J 18 -38.88 -25.12 -38.12
N PHE J 19 -39.65 -24.92 -37.06
CA PHE J 19 -40.78 -24.00 -37.08
C PHE J 19 -40.31 -22.70 -36.45
N ILE J 20 -40.45 -21.59 -37.18
CA ILE J 20 -40.01 -20.29 -36.71
C ILE J 20 -41.25 -19.57 -36.18
N ASN J 21 -41.30 -19.39 -34.87
CA ASN J 21 -42.45 -18.72 -34.27
C ASN J 21 -42.38 -17.22 -34.48
N LYS J 22 -41.22 -16.61 -34.21
CA LYS J 22 -41.08 -15.17 -34.41
C LYS J 22 -39.61 -14.78 -34.46
N ILE J 23 -39.37 -13.65 -35.12
CA ILE J 23 -38.07 -12.98 -35.15
C ILE J 23 -38.26 -11.58 -34.59
N TYR J 24 -37.37 -11.17 -33.70
CA TYR J 24 -37.49 -9.88 -33.04
C TYR J 24 -36.12 -9.47 -32.53
N GLY J 25 -36.09 -8.41 -31.72
CA GLY J 25 -34.85 -7.96 -31.11
C GLY J 25 -33.74 -7.69 -32.09
N VAL J 26 -34.08 -7.14 -33.26
CA VAL J 26 -33.09 -6.89 -34.30
C VAL J 26 -32.22 -5.71 -33.89
N ASN J 27 -31.05 -6.00 -33.35
CA ASN J 27 -30.13 -4.99 -32.86
C ASN J 27 -29.07 -4.76 -33.94
N THR J 28 -29.18 -3.64 -34.64
CA THR J 28 -28.21 -3.31 -35.69
C THR J 28 -26.84 -2.95 -35.14
N LEU J 29 -26.76 -2.52 -33.88
CA LEU J 29 -25.47 -2.17 -33.29
C LEU J 29 -24.60 -3.40 -33.10
N GLU J 30 -25.12 -4.39 -32.39
CA GLU J 30 -24.40 -5.64 -32.14
C GLU J 30 -24.57 -6.66 -33.26
N GLN J 31 -25.38 -6.35 -34.27
CA GLN J 31 -25.64 -7.26 -35.40
C GLN J 31 -26.22 -8.59 -34.92
N THR J 32 -27.12 -8.52 -33.94
CA THR J 32 -27.79 -9.72 -33.43
C THR J 32 -29.28 -9.62 -33.68
N TYR J 33 -29.94 -10.77 -33.54
CA TYR J 33 -31.39 -10.85 -33.70
C TYR J 33 -31.89 -12.09 -32.97
N LYS J 34 -33.00 -11.97 -32.26
CA LYS J 34 -33.53 -13.07 -31.48
C LYS J 34 -34.58 -13.82 -32.29
N VAL J 35 -34.48 -15.15 -32.28
CA VAL J 35 -35.38 -16.03 -33.01
C VAL J 35 -35.97 -17.02 -32.03
N ASP J 36 -37.29 -17.08 -31.97
CA ASP J 36 -38.02 -18.05 -31.16
C ASP J 36 -38.73 -19.00 -32.10
N GLY J 37 -38.58 -20.30 -31.84
CA GLY J 37 -39.23 -21.27 -32.69
C GLY J 37 -39.13 -22.68 -32.11
N TYR J 38 -39.51 -23.65 -32.94
CA TYR J 38 -39.46 -25.05 -32.56
C TYR J 38 -38.52 -25.80 -33.48
N ILE J 39 -37.92 -26.87 -32.98
CA ILE J 39 -37.01 -27.71 -33.75
C ILE J 39 -37.38 -29.17 -33.53
N VAL J 40 -37.42 -29.92 -34.64
CA VAL J 40 -37.72 -31.34 -34.63
C VAL J 40 -36.58 -32.07 -35.32
N ALA J 41 -36.08 -33.12 -34.69
CA ALA J 41 -35.00 -33.94 -35.24
C ALA J 41 -35.43 -35.39 -35.17
N GLN J 42 -35.56 -36.03 -36.33
CA GLN J 42 -36.06 -37.39 -36.43
C GLN J 42 -35.01 -38.27 -37.06
N TRP J 43 -34.75 -39.43 -36.45
CA TRP J 43 -33.90 -40.45 -37.05
C TRP J 43 -34.54 -41.80 -36.82
N THR J 44 -33.87 -42.86 -37.29
CA THR J 44 -34.41 -44.22 -37.21
C THR J 44 -33.41 -45.08 -36.45
N GLY J 45 -33.81 -45.53 -35.25
CA GLY J 45 -32.98 -46.37 -34.42
C GLY J 45 -33.47 -47.79 -34.35
N LYS J 46 -33.04 -48.49 -33.31
CA LYS J 46 -33.42 -49.87 -33.09
C LYS J 46 -34.85 -49.97 -32.58
N PRO J 47 -35.62 -50.96 -33.03
CA PRO J 47 -37.00 -51.09 -32.56
C PRO J 47 -37.07 -51.32 -31.06
N ARG J 48 -38.19 -50.91 -30.47
CA ARG J 48 -38.39 -50.98 -29.04
C ARG J 48 -39.81 -51.44 -28.77
N LYS J 49 -40.14 -51.62 -27.49
CA LYS J 49 -41.46 -52.08 -27.07
C LYS J 49 -42.17 -50.94 -26.36
N THR J 50 -43.10 -50.30 -27.05
CA THR J 50 -43.92 -49.27 -26.45
C THR J 50 -45.13 -49.90 -25.78
N PRO J 51 -45.73 -49.25 -24.78
CA PRO J 51 -47.02 -49.72 -24.26
C PRO J 51 -48.09 -49.62 -25.33
N GLY J 52 -48.56 -50.77 -25.82
CA GLY J 52 -49.42 -50.77 -26.99
C GLY J 52 -48.63 -50.44 -28.24
N ASP J 53 -49.33 -50.48 -29.37
CA ASP J 53 -48.71 -50.11 -30.63
C ASP J 53 -48.44 -48.61 -30.73
N LYS J 54 -49.13 -47.80 -29.92
CA LYS J 54 -49.00 -46.36 -29.99
C LYS J 54 -47.64 -45.90 -29.45
N PRO J 55 -47.07 -44.85 -30.04
CA PRO J 55 -45.74 -44.39 -29.61
C PRO J 55 -45.75 -43.73 -28.24
N LEU J 56 -44.58 -43.73 -27.63
CA LEU J 56 -44.37 -43.21 -26.28
C LEU J 56 -43.89 -41.77 -26.32
N ILE J 57 -44.30 -40.99 -25.31
CA ILE J 57 -43.96 -39.57 -25.20
C ILE J 57 -43.29 -39.33 -23.87
N VAL J 58 -42.15 -38.64 -23.91
CA VAL J 58 -41.34 -38.36 -22.72
C VAL J 58 -41.06 -36.86 -22.66
N GLU J 59 -41.35 -36.23 -21.50
CA GLU J 59 -41.25 -34.78 -21.37
C GLU J 59 -40.10 -34.39 -20.44
N ASN J 60 -39.01 -33.98 -21.07
CA ASN J 60 -37.77 -33.37 -20.57
C ASN J 60 -37.03 -34.19 -19.51
N THR J 61 -37.75 -34.66 -18.51
CA THR J 61 -37.02 -35.01 -17.30
C THR J 61 -36.76 -36.49 -17.25
N GLN J 62 -37.81 -37.27 -17.48
CA GLN J 62 -37.61 -38.66 -17.86
C GLN J 62 -36.64 -38.77 -19.02
N ILE J 63 -36.50 -37.71 -19.85
CA ILE J 63 -35.57 -37.79 -20.96
C ILE J 63 -34.19 -38.16 -20.43
N GLU J 64 -33.77 -37.50 -19.35
CA GLU J 64 -32.51 -37.83 -18.71
C GLU J 64 -32.45 -39.31 -18.39
N ARG J 65 -33.46 -39.80 -17.66
CA ARG J 65 -33.49 -41.22 -17.32
C ARG J 65 -33.34 -42.10 -18.55
N TRP J 66 -34.00 -41.72 -19.65
CA TRP J 66 -33.92 -42.56 -20.84
C TRP J 66 -32.52 -42.57 -21.42
N ILE J 67 -31.84 -41.42 -21.42
CA ILE J 67 -30.45 -41.40 -21.89
C ILE J 67 -29.52 -41.98 -20.84
N ASN J 68 -30.00 -42.20 -19.61
CA ASN J 68 -29.19 -42.86 -18.60
C ASN J 68 -29.13 -44.36 -18.83
N ASN J 69 -30.14 -44.92 -19.49
CA ASN J 69 -30.17 -46.35 -19.82
C ASN J 69 -29.61 -46.64 -21.20
N GLY J 70 -28.91 -45.70 -21.81
CA GLY J 70 -28.21 -45.95 -23.05
C GLY J 70 -28.85 -45.38 -24.30
N LEU J 71 -29.98 -44.69 -24.17
CA LEU J 71 -30.65 -44.13 -25.33
C LEU J 71 -29.78 -43.07 -25.98
N TRP J 72 -29.68 -43.12 -27.31
CA TRP J 72 -28.80 -42.23 -28.06
C TRP J 72 -29.59 -41.01 -28.52
N VAL J 73 -29.29 -39.86 -27.93
CA VAL J 73 -29.88 -38.59 -28.34
C VAL J 73 -28.73 -37.66 -28.72
N PRO J 74 -28.56 -37.35 -30.01
CA PRO J 74 -27.40 -36.53 -30.41
C PRO J 74 -27.58 -35.07 -30.02
N ALA J 75 -26.47 -34.45 -29.66
CA ALA J 75 -26.46 -33.04 -29.26
C ALA J 75 -26.31 -32.18 -30.50
N LEU J 76 -27.24 -31.26 -30.69
CA LEU J 76 -27.21 -30.29 -31.77
C LEU J 76 -26.84 -28.91 -31.22
N GLU J 77 -26.31 -28.07 -32.10
CA GLU J 77 -25.73 -26.81 -31.66
C GLU J 77 -25.93 -25.75 -32.75
N PHE J 78 -26.25 -24.53 -32.33
CA PHE J 78 -26.35 -23.41 -33.24
C PHE J 78 -25.01 -22.67 -33.30
N ILE J 79 -24.59 -22.33 -34.52
CA ILE J 79 -23.32 -21.64 -34.71
C ILE J 79 -23.46 -20.13 -34.57
N ASN J 80 -24.55 -19.56 -35.10
CA ASN J 80 -24.73 -18.11 -35.04
C ASN J 80 -25.13 -17.63 -33.66
N VAL J 81 -25.43 -18.53 -32.73
CA VAL J 81 -25.99 -18.14 -31.45
C VAL J 81 -24.94 -17.37 -30.63
N VAL J 82 -25.42 -16.44 -29.81
CA VAL J 82 -24.57 -15.68 -28.89
C VAL J 82 -24.94 -16.16 -27.49
N GLY J 83 -24.09 -16.98 -26.91
CA GLY J 83 -24.39 -17.59 -25.64
C GLY J 83 -25.32 -18.79 -25.79
N SER J 84 -25.38 -19.59 -24.72
CA SER J 84 -26.24 -20.76 -24.72
C SER J 84 -27.69 -20.35 -24.93
N PRO J 85 -28.35 -20.82 -25.99
CA PRO J 85 -29.74 -20.43 -26.22
C PRO J 85 -30.65 -20.92 -25.11
N ASP J 86 -31.68 -20.13 -24.82
CA ASP J 86 -32.65 -20.46 -23.79
C ASP J 86 -33.51 -21.61 -24.27
N THR J 87 -33.32 -22.80 -23.71
CA THR J 87 -34.05 -23.99 -24.13
C THR J 87 -35.27 -24.17 -23.24
N GLY J 88 -36.44 -24.23 -23.86
CA GLY J 88 -37.69 -24.42 -23.14
C GLY J 88 -37.96 -25.88 -22.87
N ASN J 89 -39.16 -26.35 -23.21
CA ASN J 89 -39.52 -27.74 -23.00
C ASN J 89 -39.00 -28.60 -24.15
N LYS J 90 -38.63 -29.83 -23.81
CA LYS J 90 -38.17 -30.84 -24.74
C LYS J 90 -39.15 -32.01 -24.73
N ARG J 91 -39.01 -32.89 -25.71
CA ARG J 91 -39.85 -34.07 -25.74
C ARG J 91 -39.22 -35.10 -26.66
N LEU J 92 -39.42 -36.36 -26.29
CA LEU J 92 -38.99 -37.50 -27.09
C LEU J 92 -40.21 -38.31 -27.47
N MET J 93 -40.38 -38.53 -28.76
CA MET J 93 -41.38 -39.45 -29.28
C MET J 93 -40.67 -40.72 -29.74
N LEU J 94 -41.01 -41.84 -29.10
CA LEU J 94 -40.40 -43.13 -29.37
C LEU J 94 -41.40 -44.02 -30.08
N PHE J 95 -41.06 -44.43 -31.29
CA PHE J 95 -41.90 -45.30 -32.09
C PHE J 95 -41.46 -46.75 -31.94
N PRO J 96 -42.38 -47.71 -32.07
CA PRO J 96 -41.99 -49.11 -31.95
C PRO J 96 -41.10 -49.59 -33.09
N ASP J 97 -41.25 -49.03 -34.30
CA ASP J 97 -40.42 -49.43 -35.42
C ASP J 97 -38.99 -48.87 -35.34
N GLY J 98 -38.63 -48.12 -34.30
CA GLY J 98 -37.27 -47.71 -34.06
C GLY J 98 -37.04 -46.22 -34.19
N ARG J 99 -37.85 -45.51 -34.98
CA ARG J 99 -37.61 -44.10 -35.23
C ARG J 99 -37.79 -43.29 -33.95
N VAL J 100 -36.85 -42.39 -33.69
CA VAL J 100 -36.86 -41.51 -32.54
C VAL J 100 -37.03 -40.07 -33.02
N ILE J 101 -37.77 -39.27 -32.26
CA ILE J 101 -38.02 -37.88 -32.60
C ILE J 101 -37.77 -37.02 -31.38
N TYR J 102 -36.92 -36.01 -31.52
CA TYR J 102 -36.60 -35.05 -30.47
C TYR J 102 -37.17 -33.71 -30.87
N ASN J 103 -38.09 -33.18 -30.07
CA ASN J 103 -38.76 -31.92 -30.37
C ASN J 103 -38.56 -30.97 -29.21
N ALA J 104 -38.08 -29.76 -29.50
CA ALA J 104 -37.80 -28.82 -28.44
C ALA J 104 -38.01 -27.40 -28.94
N ARG J 105 -38.46 -26.53 -28.03
CA ARG J 105 -38.59 -25.12 -28.35
C ARG J 105 -37.30 -24.40 -27.98
N PHE J 106 -36.85 -23.52 -28.87
CA PHE J 106 -35.62 -22.78 -28.68
C PHE J 106 -35.88 -21.30 -28.87
N LEU J 107 -35.15 -20.49 -28.10
CA LEU J 107 -35.18 -19.05 -28.24
C LEU J 107 -33.74 -18.57 -28.14
N GLY J 108 -33.18 -18.10 -29.25
CA GLY J 108 -31.76 -17.82 -29.31
C GLY J 108 -31.47 -16.47 -29.95
N SER J 109 -30.40 -15.84 -29.47
CA SER J 109 -29.89 -14.61 -30.04
C SER J 109 -28.78 -14.95 -31.03
N PHE J 110 -29.08 -14.86 -32.32
CA PHE J 110 -28.17 -15.25 -33.38
C PHE J 110 -27.48 -14.02 -33.96
N SER J 111 -26.32 -14.27 -34.56
CA SER J 111 -25.49 -13.23 -35.15
C SER J 111 -25.18 -13.57 -36.60
N ASN J 112 -24.93 -12.53 -37.40
CA ASN J 112 -24.54 -12.71 -38.78
C ASN J 112 -23.86 -11.43 -39.26
N ASP J 113 -22.80 -11.58 -40.06
CA ASP J 113 -22.09 -10.42 -40.57
C ASP J 113 -23.01 -9.60 -41.49
N MET J 114 -23.18 -8.32 -41.15
CA MET J 114 -24.03 -7.42 -41.90
C MET J 114 -23.19 -6.30 -42.50
N ASP J 115 -23.54 -5.90 -43.71
CA ASP J 115 -22.81 -4.87 -44.44
C ASP J 115 -23.71 -3.64 -44.56
N PHE J 116 -23.24 -2.53 -44.00
CA PHE J 116 -24.05 -1.33 -43.87
C PHE J 116 -23.64 -0.23 -44.85
N ARG J 117 -23.04 -0.60 -45.98
CA ARG J 117 -22.60 0.41 -46.94
C ARG J 117 -23.80 1.14 -47.56
N LEU J 118 -24.89 0.43 -47.80
CA LEU J 118 -26.10 1.01 -48.38
C LEU J 118 -27.12 1.46 -47.34
N PHE J 119 -26.72 1.55 -46.08
CA PHE J 119 -27.64 1.97 -45.03
C PHE J 119 -28.18 3.36 -45.34
N PRO J 120 -29.48 3.62 -45.09
CA PRO J 120 -30.47 2.70 -44.53
C PRO J 120 -31.22 1.91 -45.59
N PHE J 121 -30.69 1.88 -46.81
CA PHE J 121 -31.28 1.10 -47.89
C PHE J 121 -30.66 -0.29 -48.00
N ASP J 122 -30.07 -0.79 -46.92
CA ASP J 122 -29.35 -2.05 -46.96
C ASP J 122 -30.31 -3.24 -47.04
N ARG J 123 -29.80 -4.33 -47.57
CA ARG J 123 -30.50 -5.61 -47.64
C ARG J 123 -29.72 -6.60 -46.79
N GLN J 124 -30.40 -7.29 -45.89
CA GLN J 124 -29.71 -8.21 -44.98
C GLN J 124 -30.39 -9.56 -44.98
N GLN J 125 -29.78 -10.51 -44.28
CA GLN J 125 -30.31 -11.86 -44.19
C GLN J 125 -30.19 -12.38 -42.77
N PHE J 126 -31.28 -12.96 -42.27
CA PHE J 126 -31.29 -13.62 -40.97
C PHE J 126 -30.96 -15.10 -41.17
N VAL J 127 -29.92 -15.58 -40.50
CA VAL J 127 -29.33 -16.88 -40.78
C VAL J 127 -29.35 -17.74 -39.52
N LEU J 128 -29.69 -19.01 -39.70
CA LEU J 128 -29.59 -20.03 -38.67
C LEU J 128 -28.67 -21.14 -39.15
N GLU J 129 -27.58 -21.36 -38.44
CA GLU J 129 -26.60 -22.40 -38.78
C GLU J 129 -26.61 -23.47 -37.69
N LEU J 130 -27.28 -24.58 -37.98
CA LEU J 130 -27.39 -25.71 -37.07
C LEU J 130 -26.37 -26.79 -37.45
N GLU J 131 -25.81 -27.46 -36.45
CA GLU J 131 -24.71 -28.39 -36.68
C GLU J 131 -24.61 -29.33 -35.50
N PRO J 132 -24.37 -30.62 -35.71
CA PRO J 132 -24.26 -31.53 -34.57
C PRO J 132 -22.93 -31.39 -33.84
N PHE J 133 -22.97 -31.70 -32.56
CA PHE J 133 -21.78 -31.76 -31.72
C PHE J 133 -21.42 -33.21 -31.46
N SER J 134 -20.11 -33.47 -31.38
CA SER J 134 -19.55 -34.76 -30.97
C SER J 134 -19.68 -35.84 -32.03
N TYR J 135 -20.39 -35.56 -33.11
CA TYR J 135 -20.65 -36.57 -34.14
C TYR J 135 -20.42 -35.95 -35.52
N ASN J 136 -19.54 -36.59 -36.30
CA ASN J 136 -19.16 -36.09 -37.62
C ASN J 136 -20.15 -36.55 -38.68
N ASN J 137 -19.85 -36.22 -39.95
CA ASN J 137 -20.72 -36.61 -41.05
C ASN J 137 -20.67 -38.10 -41.35
N GLN J 138 -19.61 -38.78 -40.93
CA GLN J 138 -19.53 -40.23 -41.10
C GLN J 138 -20.36 -40.99 -40.08
N GLN J 139 -20.86 -40.31 -39.05
CA GLN J 139 -21.73 -40.90 -38.05
C GLN J 139 -23.15 -40.35 -38.10
N LEU J 140 -23.29 -39.05 -38.35
CA LEU J 140 -24.58 -38.39 -38.42
C LEU J 140 -24.63 -37.53 -39.66
N ARG J 141 -25.70 -37.67 -40.44
CA ARG J 141 -25.86 -36.96 -41.70
C ARG J 141 -27.25 -36.36 -41.75
N PHE J 142 -27.34 -35.09 -42.14
CA PHE J 142 -28.63 -34.42 -42.28
C PHE J 142 -29.27 -34.83 -43.60
N SER J 143 -30.41 -35.50 -43.52
CA SER J 143 -31.07 -36.00 -44.72
C SER J 143 -31.80 -34.88 -45.44
N ASP J 144 -32.75 -34.24 -44.77
CA ASP J 144 -33.53 -33.16 -45.36
C ASP J 144 -33.76 -32.09 -44.32
N ILE J 145 -34.17 -30.92 -44.80
CA ILE J 145 -34.48 -29.78 -43.95
C ILE J 145 -35.74 -29.13 -44.49
N GLN J 146 -36.65 -28.80 -43.59
CA GLN J 146 -37.92 -28.18 -43.96
C GLN J 146 -38.21 -27.07 -42.97
N VAL J 147 -38.36 -25.86 -43.47
CA VAL J 147 -38.67 -24.69 -42.64
C VAL J 147 -40.14 -24.36 -42.83
N TYR J 148 -40.85 -24.17 -41.73
CA TYR J 148 -42.28 -23.87 -41.73
C TYR J 148 -42.43 -22.47 -41.14
N THR J 149 -42.29 -21.48 -42.01
CA THR J 149 -42.42 -20.08 -41.65
C THR J 149 -43.82 -19.58 -41.99
N GLU J 150 -44.79 -20.05 -41.21
CA GLU J 150 -46.17 -19.67 -41.48
C GLU J 150 -46.55 -18.38 -40.78
N ASN J 151 -45.94 -18.10 -39.63
CA ASN J 151 -46.26 -16.92 -38.85
C ASN J 151 -45.60 -15.68 -39.44
N ILE J 152 -44.31 -15.79 -39.76
CA ILE J 152 -43.50 -14.64 -40.14
C ILE J 152 -43.51 -14.38 -41.65
N ASP J 153 -43.92 -15.35 -42.47
CA ASP J 153 -43.81 -15.23 -43.92
C ASP J 153 -44.50 -14.01 -44.50
N ASN J 154 -45.29 -13.30 -43.70
CA ASN J 154 -45.98 -12.10 -44.19
C ASN J 154 -44.94 -11.00 -44.28
N GLU J 155 -45.37 -9.75 -44.47
CA GLU J 155 -44.40 -8.69 -44.69
C GLU J 155 -43.41 -8.61 -43.53
N GLU J 156 -43.84 -8.07 -42.39
CA GLU J 156 -43.04 -7.98 -41.17
C GLU J 156 -43.85 -7.18 -40.15
N ILE J 157 -43.33 -7.12 -38.92
CA ILE J 157 -44.02 -6.45 -37.83
C ILE J 157 -43.12 -5.53 -37.02
N ASP J 158 -41.83 -5.44 -37.34
CA ASP J 158 -40.96 -4.52 -36.59
C ASP J 158 -39.75 -4.10 -37.43
N GLU J 159 -39.82 -2.89 -37.99
CA GLU J 159 -38.69 -2.16 -38.56
C GLU J 159 -38.10 -2.79 -39.83
N TRP J 160 -38.55 -3.98 -40.20
CA TRP J 160 -38.04 -4.63 -41.39
C TRP J 160 -39.20 -5.08 -42.25
N TRP J 161 -38.86 -5.61 -43.43
CA TRP J 161 -39.82 -6.23 -44.34
C TRP J 161 -39.21 -7.52 -44.86
N ILE J 162 -39.89 -8.64 -44.65
CA ILE J 162 -39.44 -9.93 -45.15
C ILE J 162 -39.93 -10.07 -46.58
N ARG J 163 -39.01 -10.33 -47.51
CA ARG J 163 -39.35 -10.46 -48.92
C ARG J 163 -39.06 -11.89 -49.36
N GLY J 164 -40.09 -12.73 -49.38
CA GLY J 164 -39.99 -14.09 -49.86
C GLY J 164 -39.84 -15.11 -48.75
N LYS J 165 -39.87 -16.37 -49.16
CA LYS J 165 -39.71 -17.48 -48.24
C LYS J 165 -38.24 -17.70 -47.89
N ALA J 166 -37.99 -18.68 -47.03
CA ALA J 166 -36.65 -19.00 -46.58
C ALA J 166 -35.95 -19.91 -47.58
N SER J 167 -34.62 -19.86 -47.56
CA SER J 167 -33.77 -20.71 -48.36
C SER J 167 -33.03 -21.67 -47.44
N THR J 168 -32.94 -22.93 -47.86
CA THR J 168 -32.31 -23.97 -47.05
C THR J 168 -31.10 -24.51 -47.81
N HIS J 169 -30.06 -24.86 -47.05
CA HIS J 169 -28.85 -25.39 -47.68
C HIS J 169 -28.16 -26.32 -46.70
N ILE J 170 -27.84 -27.54 -47.16
CA ILE J 170 -27.08 -28.49 -46.37
C ILE J 170 -25.66 -28.53 -46.94
N SER J 171 -24.67 -28.32 -46.07
CA SER J 171 -23.28 -28.21 -46.48
C SER J 171 -22.42 -29.06 -45.56
N ASP J 172 -21.12 -29.11 -45.86
CA ASP J 172 -20.15 -29.84 -45.06
C ASP J 172 -19.01 -28.92 -44.70
N ILE J 173 -18.74 -28.77 -43.40
CA ILE J 173 -17.75 -27.83 -42.89
C ILE J 173 -16.63 -28.64 -42.25
N ARG J 174 -15.39 -28.32 -42.60
CA ARG J 174 -14.23 -29.01 -42.06
C ARG J 174 -13.59 -28.18 -40.96
N TYR J 175 -13.27 -28.83 -39.84
CA TYR J 175 -12.62 -28.20 -38.70
C TYR J 175 -11.20 -28.75 -38.56
N ASP J 176 -10.21 -27.86 -38.58
CA ASP J 176 -8.83 -28.28 -38.41
C ASP J 176 -8.46 -28.53 -36.96
N HIS J 177 -9.24 -28.02 -36.00
CA HIS J 177 -8.91 -28.20 -34.60
C HIS J 177 -9.32 -29.55 -34.04
N LEU J 178 -10.05 -30.36 -34.80
CA LEU J 178 -10.27 -31.75 -34.46
C LEU J 178 -9.33 -32.71 -35.18
N SER J 179 -8.55 -32.21 -36.16
CA SER J 179 -7.63 -33.07 -36.87
C SER J 179 -6.56 -33.66 -35.96
N SER J 180 -6.22 -32.97 -34.87
CA SER J 180 -5.28 -33.53 -33.91
C SER J 180 -5.86 -34.75 -33.19
N VAL J 181 -7.18 -34.91 -33.20
CA VAL J 181 -7.83 -36.04 -32.56
C VAL J 181 -8.66 -36.87 -33.52
N GLN J 182 -9.11 -36.31 -34.63
CA GLN J 182 -9.90 -37.02 -35.65
C GLN J 182 -9.15 -36.92 -36.97
N PRO J 183 -8.37 -37.92 -37.35
CA PRO J 183 -7.61 -37.82 -38.61
C PRO J 183 -8.50 -38.09 -39.80
N ASN J 184 -8.54 -37.13 -40.73
CA ASN J 184 -9.32 -37.23 -41.97
C ASN J 184 -10.80 -37.50 -41.70
N GLN J 185 -11.28 -37.20 -40.50
CA GLN J 185 -12.67 -37.44 -40.12
C GLN J 185 -13.22 -36.25 -39.34
N ASN J 186 -12.86 -35.04 -39.75
CA ASN J 186 -13.23 -33.83 -39.04
C ASN J 186 -14.14 -32.94 -39.88
N GLU J 187 -15.09 -33.57 -40.58
CA GLU J 187 -16.07 -32.86 -41.39
C GLU J 187 -17.46 -33.06 -40.79
N PHE J 188 -18.18 -31.96 -40.58
CA PHE J 188 -19.49 -31.96 -39.96
C PHE J 188 -20.54 -31.45 -40.96
N SER J 189 -21.71 -32.09 -40.94
CA SER J 189 -22.84 -31.63 -41.75
C SER J 189 -23.49 -30.42 -41.09
N ARG J 190 -23.85 -29.43 -41.90
CA ARG J 190 -24.40 -28.17 -41.39
C ARG J 190 -25.66 -27.79 -42.15
N ILE J 191 -26.71 -27.45 -41.41
CA ILE J 191 -27.96 -26.91 -41.96
C ILE J 191 -27.90 -25.39 -41.89
N THR J 192 -28.29 -24.73 -42.98
CA THR J 192 -28.30 -23.28 -43.05
C THR J 192 -29.66 -22.81 -43.54
N VAL J 193 -30.32 -21.98 -42.75
CA VAL J 193 -31.61 -21.39 -43.06
C VAL J 193 -31.43 -19.89 -43.21
N ARG J 194 -31.85 -19.33 -44.33
CA ARG J 194 -31.66 -17.92 -44.63
C ARG J 194 -33.00 -17.26 -44.94
N ILE J 195 -33.23 -16.08 -44.36
CA ILE J 195 -34.44 -15.30 -44.61
C ILE J 195 -34.00 -13.89 -45.00
N ASP J 196 -34.27 -13.50 -46.24
CA ASP J 196 -33.89 -12.18 -46.73
C ASP J 196 -34.85 -11.11 -46.20
N ALA J 197 -34.30 -9.94 -45.88
CA ALA J 197 -35.10 -8.85 -45.33
C ALA J 197 -34.53 -7.52 -45.80
N VAL J 198 -35.42 -6.53 -45.87
CA VAL J 198 -35.06 -5.15 -46.22
C VAL J 198 -35.48 -4.25 -45.07
N ARG J 199 -34.90 -3.05 -45.04
CA ARG J 199 -35.12 -2.11 -43.96
C ARG J 199 -36.17 -1.08 -44.35
N LYS J 200 -37.12 -0.82 -43.45
CA LYS J 200 -38.09 0.25 -43.65
C LYS J 200 -37.48 1.58 -43.25
N ILE J 201 -37.64 2.59 -44.11
CA ILE J 201 -36.91 3.85 -43.97
C ILE J 201 -37.75 4.96 -43.38
N GLY J 202 -39.03 4.71 -43.07
CA GLY J 202 -39.88 5.78 -42.58
C GLY J 202 -39.33 6.47 -41.35
N TYR J 203 -38.93 5.68 -40.35
CA TYR J 203 -38.32 6.24 -39.15
C TYR J 203 -37.10 7.08 -39.50
N PHE J 204 -36.23 6.55 -40.37
CA PHE J 204 -35.02 7.27 -40.71
C PHE J 204 -35.34 8.52 -41.53
N VAL J 205 -36.33 8.44 -42.41
CA VAL J 205 -36.80 9.63 -43.13
C VAL J 205 -37.17 10.72 -42.12
N ILE J 206 -38.15 10.43 -41.26
CA ILE J 206 -38.67 11.41 -40.31
C ILE J 206 -37.57 11.92 -39.38
N GLN J 207 -36.60 11.08 -39.04
CA GLN J 207 -35.62 11.48 -38.04
C GLN J 207 -34.42 12.23 -38.61
N THR J 208 -34.03 11.97 -39.85
CA THR J 208 -32.85 12.68 -40.36
C THR J 208 -33.08 13.38 -41.69
N TYR J 209 -33.84 12.78 -42.60
CA TYR J 209 -33.90 13.30 -43.96
C TYR J 209 -34.73 14.57 -44.02
N LEU J 210 -35.98 14.50 -43.56
CA LEU J 210 -36.80 15.71 -43.47
C LEU J 210 -36.13 16.79 -42.63
N PRO J 211 -35.54 16.51 -41.46
CA PRO J 211 -34.80 17.58 -40.76
C PRO J 211 -33.68 18.17 -41.59
N CYS J 212 -32.87 17.35 -42.26
CA CYS J 212 -31.78 17.88 -43.06
C CYS J 212 -32.30 18.72 -44.22
N ILE J 213 -33.35 18.25 -44.89
CA ILE J 213 -33.90 18.99 -46.02
C ILE J 213 -34.44 20.34 -45.57
N MET J 214 -35.23 20.34 -44.49
CA MET J 214 -35.77 21.60 -43.99
C MET J 214 -34.67 22.51 -43.46
N THR J 215 -33.56 21.94 -42.96
CA THR J 215 -32.44 22.77 -42.54
C THR J 215 -31.77 23.43 -43.74
N VAL J 216 -31.64 22.69 -44.84
CA VAL J 216 -31.09 23.29 -46.06
C VAL J 216 -32.01 24.40 -46.56
N ILE J 217 -33.32 24.18 -46.49
CA ILE J 217 -34.27 25.22 -46.87
C ILE J 217 -34.10 26.45 -45.99
N LEU J 218 -34.00 26.24 -44.67
CA LEU J 218 -33.79 27.34 -43.75
C LEU J 218 -32.51 28.10 -44.04
N SER J 219 -31.43 27.37 -44.36
CA SER J 219 -30.18 28.03 -44.72
C SER J 219 -30.35 28.87 -45.98
N GLN J 220 -31.09 28.36 -46.95
CA GLN J 220 -31.29 29.09 -48.20
C GLN J 220 -32.17 30.32 -47.99
N VAL J 221 -33.04 30.29 -46.98
CA VAL J 221 -33.91 31.44 -46.71
C VAL J 221 -33.11 32.71 -46.47
N SER J 222 -31.85 32.57 -46.02
CA SER J 222 -31.02 33.75 -45.75
C SER J 222 -30.84 34.62 -46.98
N PHE J 223 -30.85 34.01 -48.17
CA PHE J 223 -30.63 34.78 -49.40
C PHE J 223 -31.70 35.84 -49.60
N TRP J 224 -32.92 35.60 -49.12
CA TRP J 224 -34.02 36.53 -49.30
C TRP J 224 -34.00 37.68 -48.30
N LEU J 225 -32.88 37.88 -47.63
CA LEU J 225 -32.60 39.11 -46.89
C LEU J 225 -31.47 39.84 -47.58
N ASN J 226 -31.58 41.16 -47.69
CA ASN J 226 -30.52 41.90 -48.36
C ASN J 226 -29.26 41.90 -47.50
N ARG J 227 -28.18 42.47 -48.05
CA ARG J 227 -26.94 42.53 -47.28
C ARG J 227 -26.93 43.69 -46.29
N GLU J 228 -28.06 43.95 -45.63
CA GLU J 228 -28.12 45.10 -44.74
C GLU J 228 -27.97 44.62 -43.31
N SER J 229 -28.95 43.87 -42.85
CA SER J 229 -28.91 43.25 -41.53
C SER J 229 -28.00 42.04 -41.58
N VAL J 230 -26.74 42.27 -41.22
CA VAL J 230 -25.74 41.21 -41.18
C VAL J 230 -26.07 40.19 -40.09
N PRO J 231 -26.56 40.72 -38.90
CA PRO J 231 -26.83 39.73 -37.85
C PRO J 231 -27.90 38.68 -38.19
N ALA J 232 -29.01 39.10 -38.81
CA ALA J 232 -30.06 38.14 -39.14
C ALA J 232 -29.51 36.99 -39.96
N ARG J 233 -28.82 37.29 -41.06
CA ARG J 233 -28.28 36.24 -41.90
C ARG J 233 -27.13 35.51 -41.23
N THR J 234 -26.40 36.19 -40.34
CA THR J 234 -25.40 35.55 -39.50
C THR J 234 -26.03 34.49 -38.61
N VAL J 235 -27.13 34.85 -37.94
CA VAL J 235 -27.88 33.89 -37.12
C VAL J 235 -28.35 32.73 -37.97
N PHE J 236 -28.91 33.02 -39.14
CA PHE J 236 -29.30 31.96 -40.07
C PHE J 236 -28.16 30.98 -40.30
N GLY J 237 -27.00 31.51 -40.72
CA GLY J 237 -25.90 30.64 -41.08
C GLY J 237 -25.41 29.80 -39.91
N VAL J 238 -25.16 30.43 -38.77
CA VAL J 238 -24.60 29.69 -37.64
C VAL J 238 -25.61 28.67 -37.11
N THR J 239 -26.88 29.06 -37.03
CA THR J 239 -27.92 28.14 -36.59
C THR J 239 -27.99 26.93 -37.50
N THR J 240 -27.95 27.15 -38.82
CA THR J 240 -28.09 26.03 -39.75
C THR J 240 -26.87 25.12 -39.71
N VAL J 241 -25.67 25.69 -39.65
CA VAL J 241 -24.48 24.84 -39.61
C VAL J 241 -24.43 24.04 -38.32
N LEU J 242 -24.83 24.66 -37.20
CA LEU J 242 -24.85 23.92 -35.94
C LEU J 242 -25.90 22.81 -35.98
N THR J 243 -27.06 23.10 -36.56
CA THR J 243 -28.10 22.08 -36.69
C THR J 243 -27.61 20.91 -37.52
N MET J 244 -26.97 21.20 -38.65
CA MET J 244 -26.46 20.12 -39.49
C MET J 244 -25.35 19.34 -38.82
N THR J 245 -24.52 20.00 -38.02
CA THR J 245 -23.49 19.28 -37.27
C THR J 245 -24.12 18.30 -36.29
N THR J 246 -25.10 18.79 -35.51
CA THR J 246 -25.78 17.91 -34.57
C THR J 246 -26.52 16.78 -35.28
N LEU J 247 -27.07 17.05 -36.46
CA LEU J 247 -27.77 16.01 -37.21
C LEU J 247 -26.81 14.94 -37.70
N SER J 248 -25.65 15.36 -38.23
CA SER J 248 -24.64 14.40 -38.65
C SER J 248 -24.20 13.53 -37.48
N ILE J 249 -23.99 14.15 -36.31
CA ILE J 249 -23.57 13.38 -35.15
C ILE J 249 -24.65 12.37 -34.76
N SER J 250 -25.89 12.84 -34.60
CA SER J 250 -26.98 11.99 -34.13
C SER J 250 -27.36 10.89 -35.13
N ALA J 251 -27.05 11.07 -36.42
CA ALA J 251 -27.48 10.06 -37.39
C ALA J 251 -26.67 8.77 -37.25
N ARG J 252 -25.36 8.86 -37.08
CA ARG J 252 -24.56 7.66 -36.94
C ARG J 252 -24.66 7.04 -35.54
N ASN J 253 -25.37 7.69 -34.62
CA ASN J 253 -25.54 7.11 -33.28
C ASN J 253 -26.38 5.84 -33.30
N SER J 254 -27.15 5.60 -34.36
CA SER J 254 -27.99 4.42 -34.47
C SER J 254 -27.30 3.27 -35.18
N LEU J 255 -26.02 3.39 -35.46
CA LEU J 255 -25.23 2.41 -36.18
C LEU J 255 -24.02 2.02 -35.34
N PRO J 256 -23.45 0.85 -35.59
CA PRO J 256 -22.19 0.51 -34.93
C PRO J 256 -21.06 1.41 -35.41
N LYS J 257 -19.98 1.41 -34.63
CA LYS J 257 -18.83 2.28 -34.89
C LYS J 257 -17.99 1.65 -35.99
N VAL J 258 -18.39 1.93 -37.24
CA VAL J 258 -17.76 1.29 -38.40
C VAL J 258 -16.82 2.30 -39.05
N ALA J 259 -16.14 1.89 -40.11
CA ALA J 259 -15.20 2.74 -40.82
C ALA J 259 -15.67 3.24 -42.17
N TYR J 260 -16.61 2.55 -42.80
CA TYR J 260 -17.04 2.94 -44.13
C TYR J 260 -18.22 3.91 -44.04
N ALA J 261 -18.49 4.57 -45.17
CA ALA J 261 -19.52 5.58 -45.25
C ALA J 261 -20.78 4.98 -45.85
N THR J 262 -21.94 5.44 -45.37
CA THR J 262 -23.23 4.96 -45.82
C THR J 262 -23.83 5.99 -46.78
N ALA J 263 -24.98 5.63 -47.35
CA ALA J 263 -25.69 6.59 -48.20
C ALA J 263 -26.18 7.77 -47.38
N MET J 264 -26.66 7.51 -46.15
CA MET J 264 -27.02 8.59 -45.26
C MET J 264 -25.84 9.48 -44.95
N ASP J 265 -24.65 8.89 -44.82
CA ASP J 265 -23.45 9.69 -44.58
C ASP J 265 -23.19 10.67 -45.72
N TRP J 266 -23.24 10.17 -46.96
CA TRP J 266 -23.00 11.04 -48.11
C TRP J 266 -24.09 12.09 -48.26
N PHE J 267 -25.35 11.72 -48.00
CA PHE J 267 -26.43 12.70 -48.06
C PHE J 267 -26.23 13.82 -47.04
N ILE J 268 -25.88 13.44 -45.81
CA ILE J 268 -25.63 14.44 -44.77
C ILE J 268 -24.44 15.30 -45.16
N ALA J 269 -23.41 14.69 -45.77
CA ALA J 269 -22.25 15.45 -46.19
C ALA J 269 -22.61 16.49 -47.25
N VAL J 270 -23.47 16.11 -48.19
CA VAL J 270 -23.88 17.04 -49.24
C VAL J 270 -24.72 18.17 -48.64
N CYS J 271 -25.64 17.84 -47.74
CA CYS J 271 -26.45 18.89 -47.10
C CYS J 271 -25.56 19.84 -46.29
N TYR J 272 -24.58 19.29 -45.57
CA TYR J 272 -23.66 20.10 -44.80
C TYR J 272 -22.85 21.01 -45.71
N ALA J 273 -22.38 20.47 -46.84
CA ALA J 273 -21.63 21.27 -47.80
C ALA J 273 -22.49 22.40 -48.36
N PHE J 274 -23.75 22.12 -48.66
CA PHE J 274 -24.63 23.16 -49.19
C PHE J 274 -24.87 24.26 -48.16
N VAL J 275 -25.11 23.89 -46.90
CA VAL J 275 -25.34 24.90 -45.87
C VAL J 275 -24.10 25.75 -45.66
N PHE J 276 -22.93 25.10 -45.57
CA PHE J 276 -21.70 25.83 -45.38
C PHE J 276 -21.39 26.73 -46.56
N SER J 277 -21.74 26.28 -47.76
CA SER J 277 -21.53 27.11 -48.95
C SER J 277 -22.46 28.31 -48.95
N ALA J 278 -23.70 28.14 -48.48
CA ALA J 278 -24.60 29.29 -48.34
C ALA J 278 -24.04 30.31 -47.38
N LEU J 279 -23.52 29.85 -46.23
CA LEU J 279 -22.93 30.78 -45.26
C LEU J 279 -21.72 31.48 -45.86
N ILE J 280 -20.87 30.75 -46.58
CA ILE J 280 -19.69 31.33 -47.18
C ILE J 280 -20.07 32.34 -48.26
N GLU J 281 -21.15 32.06 -48.99
CA GLU J 281 -21.64 33.02 -49.99
C GLU J 281 -22.09 34.31 -49.32
N PHE J 282 -22.85 34.20 -48.23
CA PHE J 282 -23.26 35.42 -47.52
C PHE J 282 -22.05 36.20 -47.01
N ALA J 283 -21.07 35.50 -46.46
CA ALA J 283 -19.85 36.18 -45.99
C ALA J 283 -19.13 36.87 -47.15
N THR J 284 -19.10 36.22 -48.31
CA THR J 284 -18.45 36.80 -49.49
C THR J 284 -19.17 38.06 -49.95
N VAL J 285 -20.49 38.01 -50.06
CA VAL J 285 -21.22 39.19 -50.49
C VAL J 285 -21.13 40.29 -49.44
N ASN J 286 -20.88 39.94 -48.18
CA ASN J 286 -20.59 40.99 -47.20
C ASN J 286 -19.20 41.56 -47.40
N TYR J 287 -18.25 40.74 -47.90
CA TYR J 287 -16.92 41.24 -48.24
C TYR J 287 -16.94 42.24 -49.38
N PHE J 288 -18.01 42.30 -50.18
CA PHE J 288 -18.09 43.26 -51.27
C PHE J 288 -18.90 44.49 -50.90
N THR J 289 -19.25 44.65 -49.63
CA THR J 289 -19.91 45.86 -49.18
C THR J 289 -19.03 47.10 -49.32
N LYS J 290 -17.71 46.92 -49.44
CA LYS J 290 -16.77 48.04 -49.53
C LYS J 290 -17.15 48.98 -50.67
N ARG J 291 -17.92 50.02 -50.32
CA ARG J 291 -18.48 51.05 -51.20
C ARG J 291 -19.40 51.91 -50.34
N GLY J 292 -20.00 52.95 -50.91
CA GLY J 292 -20.91 53.76 -50.12
C GLY J 292 -22.32 53.72 -50.64
N VAL J 293 -22.56 52.82 -51.60
CA VAL J 293 -23.88 52.51 -52.09
C VAL J 293 -24.29 51.17 -51.51
N GLU J 294 -25.57 50.82 -51.64
CA GLU J 294 -26.00 49.52 -51.14
C GLU J 294 -25.89 48.47 -52.23
N SER J 295 -26.49 48.74 -53.39
CA SER J 295 -26.28 47.95 -54.61
C SER J 295 -26.48 46.46 -54.37
N VAL J 296 -27.76 46.10 -54.17
CA VAL J 296 -28.12 44.69 -54.00
C VAL J 296 -27.42 43.86 -55.06
N SER J 297 -26.94 42.69 -54.65
CA SER J 297 -25.97 41.93 -55.43
C SER J 297 -26.63 40.84 -56.25
N LYS J 298 -26.20 40.74 -57.51
CA LYS J 298 -26.65 39.66 -58.39
C LYS J 298 -26.27 38.30 -57.84
N ILE J 299 -25.30 38.23 -56.94
CA ILE J 299 -24.88 36.94 -56.36
C ILE J 299 -26.07 36.27 -55.67
N ASP J 300 -26.74 36.99 -54.78
CA ASP J 300 -27.92 36.42 -54.13
C ASP J 300 -29.05 36.19 -55.12
N ARG J 301 -29.18 37.09 -56.10
CA ARG J 301 -30.26 36.96 -57.08
C ARG J 301 -30.14 35.66 -57.85
N LEU J 302 -28.91 35.23 -58.16
CA LEU J 302 -28.71 33.96 -58.83
C LEU J 302 -28.63 32.80 -57.85
N SER J 303 -28.20 33.04 -56.62
CA SER J 303 -28.12 31.96 -55.63
C SER J 303 -29.50 31.45 -55.26
N ARG J 304 -30.48 32.36 -55.11
CA ARG J 304 -31.84 31.95 -54.76
C ARG J 304 -32.41 30.93 -55.74
N ILE J 305 -31.79 30.78 -56.91
CA ILE J 305 -32.20 29.78 -57.88
C ILE J 305 -31.18 28.65 -57.97
N ALA J 306 -29.88 28.97 -57.95
CA ALA J 306 -28.85 27.96 -58.10
C ALA J 306 -28.87 26.97 -56.94
N PHE J 307 -28.89 27.48 -55.70
CA PHE J 307 -28.87 26.58 -54.55
C PHE J 307 -30.12 25.69 -54.47
N PRO J 308 -31.35 26.22 -54.53
CA PRO J 308 -32.51 25.32 -54.47
C PRO J 308 -32.59 24.37 -55.66
N LEU J 309 -32.26 24.83 -56.87
CA LEU J 309 -32.33 23.96 -58.04
C LEU J 309 -31.27 22.86 -57.95
N LEU J 310 -30.06 23.20 -57.53
CA LEU J 310 -29.02 22.19 -57.35
C LEU J 310 -29.44 21.19 -56.27
N PHE J 311 -30.02 21.68 -55.18
CA PHE J 311 -30.48 20.77 -54.13
C PHE J 311 -31.58 19.85 -54.64
N GLY J 312 -32.49 20.38 -55.48
CA GLY J 312 -33.55 19.55 -56.01
C GLY J 312 -33.05 18.49 -56.96
N ILE J 313 -32.14 18.86 -57.86
CA ILE J 313 -31.61 17.85 -58.78
C ILE J 313 -30.75 16.85 -58.03
N PHE J 314 -30.07 17.27 -56.97
CA PHE J 314 -29.34 16.32 -56.14
C PHE J 314 -30.28 15.36 -55.45
N ASN J 315 -31.41 15.86 -54.94
CA ASN J 315 -32.41 14.97 -54.35
C ASN J 315 -32.94 13.99 -55.38
N LEU J 316 -33.16 14.46 -56.61
CA LEU J 316 -33.63 13.56 -57.66
C LEU J 316 -32.63 12.45 -57.93
N VAL J 317 -31.36 12.80 -58.11
CA VAL J 317 -30.32 11.80 -58.34
C VAL J 317 -30.25 10.82 -57.18
N TYR J 318 -30.20 11.34 -55.95
CA TYR J 318 -30.12 10.50 -54.75
C TYR J 318 -31.27 9.51 -54.69
N TRP J 319 -32.50 10.02 -54.69
CA TRP J 319 -33.65 9.14 -54.49
C TRP J 319 -33.91 8.23 -55.69
N ALA J 320 -33.44 8.60 -56.88
CA ALA J 320 -33.49 7.67 -58.00
C ALA J 320 -32.48 6.54 -57.82
N THR J 321 -31.28 6.88 -57.35
CA THR J 321 -30.35 5.86 -56.90
C THR J 321 -30.87 5.19 -55.63
N TYR J 322 -30.27 4.06 -55.27
CA TYR J 322 -30.57 3.34 -54.03
C TYR J 322 -32.01 2.85 -53.99
N LEU J 323 -32.76 3.04 -55.08
CA LEU J 323 -34.15 2.63 -55.12
C LEU J 323 -34.51 2.04 -56.48
#